data_8ZBZ
#
_entry.id   8ZBZ
#
_cell.length_a   1.00
_cell.length_b   1.00
_cell.length_c   1.00
_cell.angle_alpha   90.00
_cell.angle_beta   90.00
_cell.angle_gamma   90.00
#
_symmetry.space_group_name_H-M   'P 1'
#
loop_
_entity.id
_entity.type
_entity.pdbx_description
1 polymer 'Spike glycoprotein'
2 polymer 'Light chain of D1F6 Fab'
3 polymer 'Heavy chain of D1F6 Fab'
4 branched 2-acetamido-2-deoxy-beta-D-glucopyranose-(1-4)-2-acetamido-2-deoxy-beta-D-glucopyranose
5 branched beta-D-mannopyranose-(1-4)-2-acetamido-2-deoxy-beta-D-glucopyranose-(1-4)-2-acetamido-2-deoxy-beta-D-glucopyranose
6 non-polymer 2-acetamido-2-deoxy-beta-D-glucopyranose
#
loop_
_entity_poly.entity_id
_entity_poly.type
_entity_poly.pdbx_seq_one_letter_code
_entity_poly.pdbx_strand_id
1 'polypeptide(L)'
;QCVNLITRTQSYTNSFTRGVYYPDKVFRSSVLHSTQDLFLPFFSNVTWFHAIHVSGTNGTKRFDNPVLPFNDGVYFASTE
KSNIIRGWIFGTTLDSKTQSLLIVNNATNVVIKVCEFQFCNDPFLDVYYHKNNKSWMESEFRVYSSANNCTFEYVSQPFL
MDLEGKQGNFKNLREFVFKNIDGYFKIYSKHTPINLGRDLPQGFSALEPLVDLPIGINITRFQTLLALHRSYLTPGDSSS
GWTAGAAAYYVGYLQPRTFLLKYNENGTITDAVDCALDPLSETKCTLKSFTVEKGIYQTSNFRVQPTESIVRFPNITNLC
PFDEVFNATRFASVYAWNRKRISNCVADYSVLYNFAPFFAFKCYGVSPTKLNDLCFTNVYADSFVIRGNEVSQIAPGQTG
NIADYNYKLPDDFTGCVIAWNSNKLDSKVGGNYNYLYRLFRKSNLKPFERDISTEIYQAGNKPCNGVAGFNCYFPLRSYG
FRPTYGVGHQPYRVVVLSFELLHAPATVCGPKKSTNLVKNKCVNFNFNGLTGTGVLTESNKKFLPFQQFGRDIADTTDAV
RDPQTLEILDITPCSFGGVSVITPGTNTSNQVAVLYQGVNCTEVPVAIHADQLTPTWRVYSTGSNVFQTRAGCLIGAEYV
NNSYECDIPIGAGICASYQTQTKSRSVASQSIIAYTMSLGAENSVAYSNNSIAIPTNFTISVTTEILPVSMTKTSVDCTM
YICGDSTECSNLLLQYGSFCTQLKRALTGIAVEQDKNTQEVFAQVKQIYKTPPIKYFGGFNFSQILPDPSKPSKRSPIED
LLFNKVTLADAGFIKQYGDCLGDIAARDLICAQKFNGLTVLPPLLTDEMIAQYTSALLAGTITSGWTFGAGPALQIPFPM
QMAYRFNGIGVTQNVLYENQKLIANQFNSAIGKIQDSLSSTPSALGKLQDVVNHNAQALNTLVKQLSSKFGAISSVLNDI
LSRLDPPEAEVQIDRLITGRLQSLQTYVTQQLIRAAEIRASANLAATKMSECVLGQSKRVDFCGKGYHLMSFPQSAPHGV
VFLHVTYVPAQEKNFTTAPAICHDGKAHFPREGVFVSNGTHWFVTQRNFYEPQIITTDNTFVSGNCDVVIGIVNNTVYDP
LQPELDSFKEELDKYFKNHTSPDVDLGDISGINASVVNIQKEIDRLNEVAKNLNESLIDLQELGKYEQYIKGSGRENLYF
QGGGGSGYIPEAPRDGQAYVRKDGEWVLLSTFLGHHHHHH
;
A,B,C
2 'polypeptide(L)'
;QPVLTQPPSASGPPGQSVSISCSGSRSNIGTNFVYWYQQLPGAAPKLLIYKNDQRPSGVPERFFGSKSGTSASLAISGLR
SEDEVDYYCAAWDDSLSGHVFGAGTKVTVLGTKLTVLGQPKAAPSVTLFPPSSEELQANKATLVCLISDFYPGAVTVAWK
ADSSPVKAGVETTTPSKQSNNKYAASSYLSLTPEQWKSHRSYSCQVTHEGSTVEKTVAPTECS
;
D,M,N
3 'polypeptide(L)'
;EVQLVQSGAEVKKPGASVKVSCKASGYIFSDYNIHWVRQAPGQGLEWMGWISPDSDDTNYAQSFQGRVTMTRDTSITTVY
MELSSLRSDDTAVYFCARSVGYCSLNSCQRWMWFDTWGQGALVTVSSASTKGPSVFPLAPSSKSTSGGTAALGCLVKDYF
PEPVTVSWNSGALTSGVHTFPAVLQSSGLYSLSSVVTVPSSSLGTQTYICNVNHKPSNTKVDKKVEPKSC
;
E,Q,R
#
loop_
_chem_comp.id
_chem_comp.type
_chem_comp.name
_chem_comp.formula
BMA D-saccharide, beta linking beta-D-mannopyranose 'C6 H12 O6'
NAG D-saccharide, beta linking 2-acetamido-2-deoxy-beta-D-glucopyranose 'C8 H15 N O6'
#
# COMPACT_ATOMS: atom_id res chain seq x y z
N SER A 11 -21.06 -23.03 46.32
CA SER A 11 -22.41 -23.22 45.78
C SER A 11 -22.61 -22.40 44.51
N TYR A 12 -23.85 -22.36 44.03
CA TYR A 12 -24.21 -21.63 42.83
C TYR A 12 -25.12 -20.47 43.20
N THR A 13 -24.72 -19.25 42.79
CA THR A 13 -25.52 -18.05 42.99
C THR A 13 -25.70 -17.35 41.66
N ASN A 14 -26.88 -16.76 41.45
CA ASN A 14 -27.21 -16.14 40.18
C ASN A 14 -26.89 -14.66 40.21
N SER A 15 -26.17 -14.19 39.20
CA SER A 15 -25.86 -12.77 39.08
C SER A 15 -27.10 -12.00 38.64
N PHE A 16 -27.24 -10.78 39.15
CA PHE A 16 -28.39 -9.93 38.85
C PHE A 16 -28.01 -8.70 38.06
N THR A 17 -27.05 -7.91 38.55
CA THR A 17 -26.71 -6.63 37.93
C THR A 17 -25.21 -6.44 37.71
N ARG A 18 -24.35 -7.05 38.52
CA ARG A 18 -22.91 -6.83 38.47
C ARG A 18 -22.32 -7.33 37.15
N GLY A 19 -21.25 -6.66 36.73
CA GLY A 19 -20.55 -7.02 35.52
C GLY A 19 -20.60 -6.00 34.41
N VAL A 20 -20.71 -4.72 34.72
CA VAL A 20 -20.74 -3.66 33.71
C VAL A 20 -19.67 -2.64 34.06
N TYR A 21 -18.75 -2.40 33.12
CA TYR A 21 -17.67 -1.43 33.30
C TYR A 21 -17.64 -0.50 32.11
N TYR A 22 -16.85 0.57 32.23
CA TYR A 22 -16.75 1.55 31.17
C TYR A 22 -15.93 0.99 30.01
N PRO A 23 -16.48 0.96 28.79
CA PRO A 23 -15.69 0.45 27.65
C PRO A 23 -14.45 1.27 27.33
N ASP A 24 -14.50 2.57 27.54
CA ASP A 24 -13.38 3.45 27.22
C ASP A 24 -13.52 4.72 28.04
N LYS A 25 -12.43 5.50 28.08
CA LYS A 25 -12.41 6.77 28.82
C LYS A 25 -13.03 7.89 27.98
N VAL A 26 -14.32 7.76 27.72
CA VAL A 26 -15.08 8.72 26.93
C VAL A 26 -16.22 9.26 27.77
N PHE A 27 -16.78 10.39 27.30
CA PHE A 27 -17.87 11.07 27.98
C PHE A 27 -19.07 11.16 27.06
N ARG A 28 -20.26 10.85 27.59
CA ARG A 28 -21.50 11.02 26.86
C ARG A 28 -22.52 11.65 27.79
N SER A 29 -23.26 12.63 27.29
CA SER A 29 -24.21 13.40 28.10
C SER A 29 -25.60 12.82 27.89
N SER A 30 -25.91 11.77 28.67
CA SER A 30 -27.21 11.09 28.67
C SER A 30 -27.60 10.60 27.27
N VAL A 31 -26.64 10.00 26.58
CA VAL A 31 -26.83 9.51 25.21
C VAL A 31 -26.80 7.99 25.24
N LEU A 32 -27.85 7.37 24.72
CA LEU A 32 -27.89 5.91 24.61
C LEU A 32 -26.89 5.43 23.57
N HIS A 33 -26.15 4.38 23.92
CA HIS A 33 -25.10 3.87 23.06
C HIS A 33 -25.04 2.35 23.16
N SER A 34 -24.67 1.71 22.06
CA SER A 34 -24.51 0.26 21.98
C SER A 34 -23.04 -0.07 21.77
N THR A 35 -22.48 -0.92 22.63
CA THR A 35 -21.08 -1.28 22.58
C THR A 35 -20.94 -2.79 22.72
N GLN A 36 -20.11 -3.38 21.86
CA GLN A 36 -19.87 -4.83 21.85
C GLN A 36 -18.44 -5.09 22.31
N ASP A 37 -18.28 -5.38 23.60
CA ASP A 37 -16.97 -5.73 24.16
C ASP A 37 -17.08 -7.01 24.99
N LEU A 38 -16.02 -7.35 25.70
CA LEU A 38 -16.03 -8.51 26.61
C LEU A 38 -16.77 -8.12 27.87
N PHE A 39 -17.92 -8.75 28.10
CA PHE A 39 -18.84 -8.35 29.17
C PHE A 39 -19.36 -9.59 29.88
N LEU A 40 -19.89 -9.36 31.09
CA LEU A 40 -20.51 -10.42 31.88
C LEU A 40 -21.97 -10.57 31.47
N PRO A 41 -22.40 -11.78 31.07
CA PRO A 41 -23.80 -11.95 30.63
C PRO A 41 -24.77 -11.85 31.79
N PHE A 42 -25.84 -11.10 31.59
CA PHE A 42 -26.84 -10.90 32.63
C PHE A 42 -27.63 -12.18 32.88
N PHE A 43 -28.08 -12.34 34.13
CA PHE A 43 -28.90 -13.47 34.60
C PHE A 43 -28.21 -14.81 34.37
N SER A 44 -26.88 -14.84 34.47
CA SER A 44 -26.10 -16.06 34.39
C SER A 44 -25.45 -16.31 35.74
N ASN A 45 -25.54 -17.55 36.21
CA ASN A 45 -25.06 -17.88 37.55
C ASN A 45 -23.54 -17.84 37.60
N VAL A 46 -23.01 -17.42 38.76
CA VAL A 46 -21.58 -17.37 39.00
C VAL A 46 -21.26 -18.30 40.17
N THR A 47 -19.97 -18.56 40.36
CA THR A 47 -19.51 -19.53 41.34
C THR A 47 -19.29 -18.86 42.70
N TRP A 48 -19.89 -19.45 43.73
CA TRP A 48 -19.64 -19.06 45.12
C TRP A 48 -18.81 -20.18 45.74
N PHE A 49 -17.54 -19.89 46.00
CA PHE A 49 -16.58 -20.90 46.42
C PHE A 49 -16.35 -20.86 47.92
N HIS A 50 -16.41 -22.04 48.55
CA HIS A 50 -16.14 -22.18 49.98
C HIS A 50 -15.13 -23.29 50.24
N ALA A 51 -14.36 -23.67 49.22
CA ALA A 51 -13.41 -24.76 49.33
C ALA A 51 -12.05 -24.25 49.80
N ILE A 52 -11.24 -25.17 50.31
CA ILE A 52 -9.90 -24.84 50.79
C ILE A 52 -8.84 -25.58 49.99
N PRO A 66 -6.94 -24.45 45.41
CA PRO A 66 -7.23 -25.26 44.22
C PRO A 66 -6.78 -24.59 42.94
N VAL A 67 -7.20 -25.14 41.79
CA VAL A 67 -6.85 -24.61 40.48
C VAL A 67 -8.13 -24.15 39.79
N LEU A 68 -8.10 -22.93 39.27
CA LEU A 68 -9.25 -22.35 38.60
C LEU A 68 -8.91 -21.95 37.18
N PRO A 69 -9.78 -22.24 36.21
CA PRO A 69 -9.52 -21.82 34.83
C PRO A 69 -9.85 -20.34 34.62
N PHE A 70 -9.45 -19.84 33.45
CA PHE A 70 -9.59 -18.42 33.13
C PHE A 70 -10.03 -18.29 31.67
N ASN A 71 -11.22 -17.77 31.45
CA ASN A 71 -11.70 -17.45 30.12
C ASN A 71 -11.31 -16.02 29.75
N ASP A 72 -11.82 -15.55 28.63
CA ASP A 72 -11.54 -14.18 28.18
C ASP A 72 -12.32 -13.21 29.06
N GLY A 73 -11.63 -12.63 30.04
CA GLY A 73 -12.26 -11.78 31.03
C GLY A 73 -12.80 -12.56 32.20
N VAL A 74 -12.47 -12.13 33.42
CA VAL A 74 -12.87 -12.83 34.64
C VAL A 74 -13.49 -11.83 35.61
N TYR A 75 -14.52 -12.27 36.32
CA TYR A 75 -15.16 -11.46 37.35
C TYR A 75 -14.71 -11.93 38.73
N PHE A 76 -14.47 -10.97 39.62
CA PHE A 76 -14.04 -11.25 40.99
C PHE A 76 -14.88 -10.41 41.94
N ALA A 77 -15.21 -11.00 43.10
CA ALA A 77 -15.94 -10.30 44.14
C ALA A 77 -15.64 -10.97 45.47
N SER A 78 -15.53 -10.15 46.52
CA SER A 78 -15.22 -10.66 47.85
C SER A 78 -15.75 -9.68 48.89
N THR A 79 -15.88 -10.17 50.11
CA THR A 79 -16.37 -9.36 51.22
C THR A 79 -15.30 -8.38 51.69
N ILE A 84 -10.83 -7.51 53.87
CA ILE A 84 -10.46 -8.50 54.87
C ILE A 84 -9.57 -9.56 54.24
N ILE A 85 -9.82 -9.86 52.96
CA ILE A 85 -9.05 -10.84 52.20
C ILE A 85 -8.36 -10.12 51.05
N ARG A 86 -7.04 -10.30 50.96
CA ARG A 86 -6.24 -9.60 49.97
C ARG A 86 -5.27 -10.57 49.32
N GLY A 87 -4.81 -10.21 48.12
CA GLY A 87 -3.84 -11.02 47.40
C GLY A 87 -4.44 -11.76 46.22
N TRP A 88 -3.72 -11.79 45.10
CA TRP A 88 -4.17 -12.47 43.90
C TRP A 88 -3.00 -13.20 43.25
N ILE A 89 -3.32 -14.24 42.50
CA ILE A 89 -2.34 -15.03 41.77
C ILE A 89 -2.73 -15.03 40.29
N PHE A 90 -1.80 -14.61 39.43
CA PHE A 90 -2.03 -14.62 38.00
C PHE A 90 -0.77 -15.12 37.29
N GLY A 91 -0.96 -15.69 36.12
CA GLY A 91 0.13 -16.24 35.34
C GLY A 91 -0.40 -17.24 34.33
N THR A 92 0.50 -18.11 33.87
CA THR A 92 0.15 -19.13 32.90
C THR A 92 0.28 -20.53 33.47
N THR A 93 1.45 -20.91 34.00
CA THR A 93 1.67 -22.24 34.55
C THR A 93 2.23 -22.19 35.97
N LEU A 94 2.33 -21.00 36.58
CA LEU A 94 2.77 -20.80 37.97
C LEU A 94 4.15 -21.39 38.24
N ASP A 95 5.08 -21.25 37.29
CA ASP A 95 6.43 -21.75 37.44
C ASP A 95 7.43 -20.68 37.01
N SER A 96 8.71 -21.03 37.10
CA SER A 96 9.79 -20.14 36.72
C SER A 96 10.15 -20.23 35.25
N LYS A 97 9.42 -21.03 34.47
CA LYS A 97 9.69 -21.17 33.04
C LYS A 97 8.92 -20.16 32.20
N THR A 98 8.09 -19.33 32.82
CA THR A 98 7.31 -18.33 32.08
C THR A 98 6.99 -17.17 33.01
N GLN A 99 6.46 -16.11 32.42
CA GLN A 99 6.11 -14.92 33.18
C GLN A 99 4.87 -15.15 34.05
N SER A 100 4.83 -14.47 35.18
CA SER A 100 3.71 -14.56 36.11
C SER A 100 3.51 -13.22 36.79
N LEU A 101 2.30 -13.01 37.32
CA LEU A 101 1.93 -11.77 37.97
C LEU A 101 1.73 -12.02 39.46
N LEU A 102 2.33 -11.15 40.28
CA LEU A 102 2.20 -11.21 41.73
C LEU A 102 1.84 -9.81 42.22
N ILE A 103 0.65 -9.66 42.81
CA ILE A 103 0.19 -8.38 43.34
C ILE A 103 -0.20 -8.57 44.79
N VAL A 104 0.32 -7.68 45.65
CA VAL A 104 0.05 -7.71 47.09
C VAL A 104 -0.27 -6.29 47.54
N ASN A 105 -1.42 -6.12 48.19
CA ASN A 105 -1.84 -4.83 48.76
C ASN A 105 -2.27 -5.11 50.20
N ASN A 106 -1.35 -5.03 51.14
CA ASN A 106 -1.64 -5.45 52.51
C ASN A 106 -2.36 -4.35 53.30
N ALA A 107 -1.66 -3.26 53.60
CA ALA A 107 -2.29 -2.15 54.31
C ALA A 107 -1.87 -0.76 53.84
N THR A 108 -0.76 -0.60 53.14
CA THR A 108 -0.22 0.72 52.84
C THR A 108 0.13 0.95 51.38
N ASN A 109 0.37 -0.10 50.60
CA ASN A 109 0.76 0.06 49.21
C ASN A 109 0.42 -1.21 48.43
N VAL A 110 0.33 -1.06 47.12
CA VAL A 110 0.11 -2.18 46.21
C VAL A 110 1.33 -2.33 45.31
N VAL A 111 1.77 -3.56 45.12
CA VAL A 111 2.91 -3.86 44.27
C VAL A 111 2.41 -4.60 43.03
N ILE A 112 3.09 -4.38 41.91
CA ILE A 112 2.82 -5.08 40.66
C ILE A 112 4.15 -5.63 40.18
N LYS A 113 4.28 -6.96 40.19
CA LYS A 113 5.52 -7.64 39.82
C LYS A 113 5.25 -8.60 38.67
N VAL A 114 6.02 -8.47 37.60
CA VAL A 114 6.04 -9.46 36.52
C VAL A 114 7.45 -10.01 36.42
N CYS A 115 7.57 -11.33 36.57
CA CYS A 115 8.84 -12.04 36.61
C CYS A 115 8.54 -13.53 36.48
N GLU A 116 9.57 -14.35 36.68
CA GLU A 116 9.41 -15.80 36.77
C GLU A 116 9.66 -16.24 38.21
N PHE A 117 8.74 -17.04 38.74
CA PHE A 117 8.83 -17.48 40.13
C PHE A 117 8.00 -18.74 40.30
N GLN A 118 8.38 -19.56 41.27
CA GLN A 118 7.69 -20.81 41.56
C GLN A 118 6.72 -20.59 42.72
N PHE A 119 5.48 -21.00 42.52
CA PHE A 119 4.43 -20.86 43.52
C PHE A 119 4.09 -22.22 44.13
N CYS A 120 3.42 -22.18 45.27
CA CYS A 120 2.98 -23.38 45.95
C CYS A 120 1.56 -23.74 45.51
N ASN A 121 1.11 -24.93 45.95
CA ASN A 121 -0.24 -25.38 45.61
C ASN A 121 -1.30 -24.54 46.33
N ASP A 122 -1.10 -24.28 47.62
CA ASP A 122 -2.04 -23.48 48.42
C ASP A 122 -1.29 -22.45 49.27
N PRO A 123 -0.74 -21.41 48.64
CA PRO A 123 -0.04 -20.38 49.41
C PRO A 123 -1.01 -19.41 50.07
N PHE A 124 -0.56 -18.83 51.18
CA PHE A 124 -1.37 -17.86 51.91
C PHE A 124 -0.42 -16.89 52.63
N LEU A 125 -0.97 -16.10 53.53
CA LEU A 125 -0.22 -15.14 54.32
C LEU A 125 -0.40 -15.44 55.80
N ASP A 126 0.49 -14.89 56.62
CA ASP A 126 0.43 -15.07 58.06
C ASP A 126 0.22 -13.74 58.77
N GLU A 138 0.62 -10.03 59.60
CA GLU A 138 1.62 -9.10 59.12
C GLU A 138 2.95 -9.33 59.83
N SER A 139 3.29 -10.60 60.07
CA SER A 139 4.54 -10.95 60.74
C SER A 139 5.36 -11.90 59.89
N GLU A 140 4.69 -12.80 59.18
CA GLU A 140 5.35 -13.77 58.32
C GLU A 140 4.65 -13.81 56.96
N PHE A 141 5.41 -14.20 55.94
CA PHE A 141 4.89 -14.30 54.58
C PHE A 141 5.25 -15.68 54.03
N ARG A 142 4.24 -16.51 53.83
CA ARG A 142 4.42 -17.87 53.31
C ARG A 142 3.85 -18.01 51.90
N VAL A 143 3.95 -16.94 51.10
CA VAL A 143 3.48 -16.98 49.72
C VAL A 143 4.39 -17.79 48.82
N TYR A 144 5.67 -17.94 49.20
CA TYR A 144 6.62 -18.70 48.40
C TYR A 144 6.90 -20.06 49.05
N PHE A 152 9.01 -5.82 36.28
CA PHE A 152 9.29 -4.57 36.96
C PHE A 152 8.49 -4.46 38.25
N GLU A 153 8.71 -3.38 39.01
CA GLU A 153 8.02 -3.14 40.26
C GLU A 153 7.37 -1.76 40.21
N TYR A 154 6.09 -1.70 40.57
CA TYR A 154 5.34 -0.44 40.59
C TYR A 154 4.58 -0.34 41.90
N VAL A 155 4.62 0.84 42.51
CA VAL A 155 3.94 1.11 43.78
C VAL A 155 2.88 2.18 43.55
N SER A 156 1.72 1.99 44.16
CA SER A 156 0.59 2.90 43.98
C SER A 156 -0.20 2.99 45.27
N GLN A 157 -1.36 3.63 45.20
CA GLN A 157 -2.23 3.89 46.34
C GLN A 157 -2.94 2.59 46.79
N PRO A 158 -3.28 2.49 48.07
CA PRO A 158 -4.03 1.32 48.54
C PRO A 158 -5.45 1.30 47.98
N PHE A 159 -5.98 0.08 47.89
CA PHE A 159 -7.34 -0.13 47.40
C PHE A 159 -8.40 0.18 48.45
N LEU A 160 -8.03 0.28 49.73
CA LEU A 160 -8.98 0.56 50.78
C LEU A 160 -9.34 2.05 50.81
N LYS A 171 -22.26 -2.92 55.00
CA LYS A 171 -20.89 -2.45 54.81
C LYS A 171 -20.46 -2.58 53.35
N ASN A 172 -19.23 -2.17 53.06
CA ASN A 172 -18.77 -2.01 51.68
C ASN A 172 -18.60 -3.36 50.99
N LEU A 173 -18.89 -3.36 49.69
CA LEU A 173 -18.77 -4.56 48.85
C LEU A 173 -17.63 -4.35 47.86
N ARG A 174 -16.75 -5.35 47.77
CA ARG A 174 -15.60 -5.31 46.88
C ARG A 174 -15.84 -6.21 45.69
N GLU A 175 -15.65 -5.68 44.48
CA GLU A 175 -15.76 -6.45 43.26
C GLU A 175 -14.67 -6.02 42.29
N PHE A 176 -14.22 -6.96 41.46
CA PHE A 176 -13.13 -6.73 40.53
C PHE A 176 -13.43 -7.39 39.19
N VAL A 177 -12.94 -6.77 38.12
CA VAL A 177 -12.96 -7.35 36.79
C VAL A 177 -11.57 -7.17 36.19
N PHE A 178 -10.95 -8.27 35.79
CA PHE A 178 -9.59 -8.25 35.26
C PHE A 178 -9.62 -8.78 33.82
N LYS A 179 -9.42 -7.88 32.86
CA LYS A 179 -9.42 -8.22 31.44
C LYS A 179 -8.03 -7.96 30.87
N ASN A 180 -7.50 -8.93 30.12
CA ASN A 180 -6.15 -8.84 29.57
C ASN A 180 -6.19 -9.23 28.09
N ILE A 181 -6.43 -8.24 27.23
CA ILE A 181 -6.35 -8.41 25.79
C ILE A 181 -5.41 -7.35 25.22
N ASP A 182 -4.88 -7.64 24.03
CA ASP A 182 -4.01 -6.75 23.27
C ASP A 182 -2.76 -6.34 24.05
N GLY A 183 -2.28 -7.21 24.94
CA GLY A 183 -1.08 -6.92 25.69
C GLY A 183 -1.25 -5.92 26.82
N TYR A 184 -2.48 -5.59 27.19
CA TYR A 184 -2.75 -4.65 28.27
C TYR A 184 -3.63 -5.34 29.31
N PHE A 185 -3.18 -5.32 30.56
CA PHE A 185 -3.94 -5.92 31.67
C PHE A 185 -4.77 -4.83 32.32
N LYS A 186 -6.09 -4.88 32.08
CA LYS A 186 -7.00 -3.88 32.62
C LYS A 186 -7.41 -4.24 34.05
N ILE A 187 -7.57 -3.22 34.88
CA ILE A 187 -8.02 -3.38 36.26
C ILE A 187 -9.23 -2.48 36.47
N TYR A 188 -10.32 -3.07 36.95
CA TYR A 188 -11.55 -2.34 37.25
C TYR A 188 -11.97 -2.64 38.68
N SER A 189 -12.29 -1.60 39.44
CA SER A 189 -12.69 -1.77 40.84
C SER A 189 -13.56 -0.60 41.28
N LYS A 190 -14.45 -0.88 42.23
CA LYS A 190 -15.30 0.12 42.85
C LYS A 190 -15.80 -0.42 44.18
N HIS A 191 -15.76 0.41 45.22
CA HIS A 191 -16.28 0.05 46.53
C HIS A 191 -17.68 0.64 46.68
N THR A 192 -18.65 -0.23 46.99
CA THR A 192 -20.05 0.19 47.11
C THR A 192 -20.61 -0.35 48.42
N PRO A 193 -21.15 0.51 49.29
CA PRO A 193 -21.76 0.03 50.52
C PRO A 193 -23.18 -0.49 50.29
N ILE A 194 -23.64 -1.29 51.25
CA ILE A 194 -24.99 -1.85 51.18
C ILE A 194 -25.89 -1.18 52.21
N ASP A 199 -24.71 -13.13 49.46
CA ASP A 199 -25.80 -12.16 49.46
C ASP A 199 -25.48 -10.97 48.56
N LEU A 200 -25.68 -11.15 47.26
CA LEU A 200 -25.42 -10.07 46.31
C LEU A 200 -26.53 -9.02 46.42
N PRO A 201 -26.19 -7.76 46.62
CA PRO A 201 -27.23 -6.73 46.75
C PRO A 201 -27.90 -6.42 45.43
N GLN A 202 -29.11 -5.89 45.52
CA GLN A 202 -29.91 -5.51 44.36
C GLN A 202 -29.82 -4.01 44.15
N GLY A 203 -29.61 -3.60 42.90
CA GLY A 203 -29.44 -2.21 42.57
C GLY A 203 -28.36 -1.99 41.52
N PHE A 204 -28.56 -1.00 40.64
CA PHE A 204 -27.62 -0.77 39.56
C PHE A 204 -26.38 -0.04 40.04
N SER A 205 -25.23 -0.42 39.48
CA SER A 205 -23.97 0.25 39.73
C SER A 205 -23.04 0.01 38.56
N ALA A 206 -22.26 1.04 38.22
CA ALA A 206 -21.29 0.97 37.14
C ALA A 206 -19.88 0.87 37.74
N LEU A 207 -19.12 -0.10 37.27
CA LEU A 207 -17.82 -0.42 37.85
C LEU A 207 -16.77 0.55 37.31
N GLU A 208 -16.11 1.27 38.22
CA GLU A 208 -15.14 2.29 37.82
C GLU A 208 -13.84 1.64 37.34
N PRO A 209 -13.15 2.26 36.38
CA PRO A 209 -11.87 1.70 35.91
C PRO A 209 -10.67 2.21 36.69
N LEU A 210 -9.76 1.31 37.02
CA LEU A 210 -8.49 1.66 37.65
C LEU A 210 -7.42 1.82 36.57
N VAL A 211 -6.15 1.88 37.00
CA VAL A 211 -5.06 2.10 36.06
C VAL A 211 -4.81 0.84 35.23
N ASP A 212 -4.04 1.01 34.15
CA ASP A 212 -3.72 -0.06 33.22
C ASP A 212 -2.21 -0.24 33.13
N LEU A 213 -1.78 -1.50 33.16
CA LEU A 213 -0.36 -1.84 33.08
C LEU A 213 -0.11 -2.70 31.86
N PRO A 214 0.81 -2.30 30.95
CA PRO A 214 1.12 -3.11 29.76
C PRO A 214 2.06 -4.28 30.05
N ILE A 215 1.48 -5.37 30.56
CA ILE A 215 2.26 -6.56 30.86
C ILE A 215 2.69 -7.25 29.57
N GLY A 216 1.76 -7.39 28.63
CA GLY A 216 2.05 -7.98 27.33
C GLY A 216 2.40 -9.45 27.33
N ILE A 217 1.75 -10.25 28.19
CA ILE A 217 1.90 -11.69 28.20
C ILE A 217 0.52 -12.32 28.16
N ASN A 218 0.49 -13.64 28.04
CA ASN A 218 -0.75 -14.39 28.07
C ASN A 218 -1.13 -14.79 29.50
N ILE A 219 -2.43 -14.98 29.72
CA ILE A 219 -2.95 -15.45 31.00
C ILE A 219 -3.80 -16.68 30.74
N THR A 220 -3.47 -17.78 31.40
CA THR A 220 -4.17 -19.05 31.23
C THR A 220 -4.91 -19.50 32.48
N ARG A 221 -4.26 -19.46 33.64
CA ARG A 221 -4.88 -19.89 34.88
C ARG A 221 -4.61 -18.84 35.96
N PHE A 222 -5.52 -18.76 36.92
CA PHE A 222 -5.41 -17.78 37.99
C PHE A 222 -5.88 -18.40 39.30
N GLN A 223 -5.40 -17.83 40.40
CA GLN A 223 -5.76 -18.28 41.75
C GLN A 223 -5.94 -17.06 42.64
N THR A 224 -6.19 -17.31 43.92
CA THR A 224 -6.38 -16.26 44.91
C THR A 224 -5.55 -16.53 46.14
N LEU A 225 -5.43 -15.51 46.99
CA LEU A 225 -4.68 -15.58 48.24
C LEU A 225 -5.60 -15.28 49.41
N LEU A 226 -5.31 -15.92 50.54
CA LEU A 226 -6.07 -15.72 51.77
C LEU A 226 -5.24 -14.90 52.76
N ALA A 227 -5.90 -13.96 53.43
CA ALA A 227 -5.24 -13.06 54.36
C ALA A 227 -5.50 -13.54 55.78
N LEU A 228 -4.43 -13.70 56.55
CA LEU A 228 -4.51 -14.12 57.94
C LEU A 228 -3.69 -13.17 58.82
N HIS A 229 -4.11 -13.06 60.07
CA HIS A 229 -3.42 -12.19 61.02
C HIS A 229 -2.91 -12.98 62.23
N ALA A 246 -11.31 -21.94 55.28
CA ALA A 246 -11.03 -20.81 54.40
C ALA A 246 -12.22 -19.86 54.34
N ALA A 247 -12.06 -18.75 53.63
CA ALA A 247 -13.10 -17.75 53.47
C ALA A 247 -13.90 -18.01 52.20
N ALA A 248 -14.78 -17.08 51.85
CA ALA A 248 -15.62 -17.20 50.68
C ALA A 248 -15.31 -16.08 49.69
N TYR A 249 -15.44 -16.40 48.40
CA TYR A 249 -15.18 -15.43 47.34
C TYR A 249 -16.03 -15.80 46.13
N TYR A 250 -16.25 -14.82 45.26
CA TYR A 250 -17.09 -14.98 44.08
C TYR A 250 -16.23 -14.84 42.84
N VAL A 251 -16.38 -15.80 41.92
CA VAL A 251 -15.65 -15.80 40.65
C VAL A 251 -16.67 -16.00 39.53
N GLY A 252 -16.69 -15.06 38.57
CA GLY A 252 -17.54 -15.15 37.41
C GLY A 252 -16.76 -15.33 36.13
N TYR A 253 -17.49 -15.20 35.02
CA TYR A 253 -16.90 -15.36 33.70
C TYR A 253 -17.58 -14.40 32.73
N LEU A 254 -16.88 -14.11 31.64
CA LEU A 254 -17.30 -13.10 30.66
C LEU A 254 -17.57 -13.77 29.31
N GLN A 255 -18.22 -13.00 28.43
CA GLN A 255 -18.58 -13.46 27.09
C GLN A 255 -18.78 -12.25 26.19
N PRO A 256 -18.23 -12.25 24.97
CA PRO A 256 -18.39 -11.09 24.07
C PRO A 256 -19.82 -10.96 23.57
N ARG A 257 -20.47 -9.86 23.95
CA ARG A 257 -21.86 -9.61 23.59
C ARG A 257 -22.10 -8.11 23.56
N THR A 258 -23.32 -7.72 23.18
CA THR A 258 -23.68 -6.32 23.01
C THR A 258 -24.49 -5.82 24.19
N PHE A 259 -24.08 -4.67 24.72
CA PHE A 259 -24.81 -3.99 25.78
C PHE A 259 -25.31 -2.64 25.28
N LEU A 260 -26.47 -2.23 25.80
CA LEU A 260 -26.93 -0.85 25.64
C LEU A 260 -26.70 -0.11 26.96
N LEU A 261 -25.98 1.00 26.88
CA LEU A 261 -25.59 1.77 28.06
C LEU A 261 -26.22 3.15 28.02
N LYS A 262 -26.81 3.56 29.13
CA LYS A 262 -27.37 4.89 29.27
C LYS A 262 -26.51 5.70 30.22
N TYR A 263 -26.11 6.89 29.79
CA TYR A 263 -25.30 7.79 30.59
C TYR A 263 -26.20 8.83 31.27
N ASN A 264 -25.58 9.77 31.97
CA ASN A 264 -26.29 10.86 32.62
C ASN A 264 -25.74 12.19 32.13
N GLU A 265 -26.37 13.28 32.59
CA GLU A 265 -25.87 14.61 32.28
C GLU A 265 -24.57 14.92 33.02
N ASN A 266 -24.32 14.24 34.14
CA ASN A 266 -23.04 14.38 34.84
C ASN A 266 -21.95 13.46 34.28
N GLY A 267 -22.32 12.50 33.44
CA GLY A 267 -21.36 11.56 32.89
C GLY A 267 -21.23 10.29 33.70
N THR A 268 -22.37 9.76 34.16
CA THR A 268 -22.40 8.56 34.98
C THR A 268 -23.38 7.55 34.38
N ILE A 269 -22.94 6.31 34.25
CA ILE A 269 -23.77 5.24 33.72
C ILE A 269 -24.78 4.85 34.80
N THR A 270 -26.06 5.11 34.53
CA THR A 270 -27.11 4.83 35.50
C THR A 270 -28.06 3.71 35.09
N ASP A 271 -27.94 3.19 33.86
CA ASP A 271 -28.81 2.11 33.43
C ASP A 271 -28.12 1.36 32.28
N ALA A 272 -28.32 0.05 32.26
CA ALA A 272 -27.78 -0.80 31.20
C ALA A 272 -28.65 -2.04 31.06
N VAL A 273 -28.57 -2.68 29.89
CA VAL A 273 -29.36 -3.86 29.60
C VAL A 273 -28.65 -4.67 28.53
N ASP A 274 -28.86 -5.97 28.55
CA ASP A 274 -28.35 -6.89 27.53
C ASP A 274 -29.49 -7.30 26.60
N CYS A 275 -29.17 -7.41 25.31
CA CYS A 275 -30.17 -7.77 24.30
C CYS A 275 -29.81 -9.11 23.64
N ALA A 276 -29.49 -10.11 24.46
CA ALA A 276 -29.24 -11.45 23.98
C ALA A 276 -29.96 -12.53 24.80
N LEU A 277 -30.83 -12.14 25.73
CA LEU A 277 -31.51 -13.10 26.59
C LEU A 277 -33.04 -12.98 26.55
N ASP A 278 -33.59 -11.80 26.29
CA ASP A 278 -35.02 -11.61 26.28
C ASP A 278 -35.47 -10.97 24.97
N PRO A 279 -36.59 -11.43 24.40
CA PRO A 279 -37.13 -10.76 23.19
C PRO A 279 -37.51 -9.31 23.42
N LEU A 280 -37.99 -8.96 24.61
CA LEU A 280 -38.34 -7.56 24.90
C LEU A 280 -37.08 -6.69 24.98
N SER A 281 -36.03 -7.20 25.62
CA SER A 281 -34.77 -6.47 25.68
C SER A 281 -34.11 -6.38 24.32
N GLU A 282 -34.26 -7.42 23.50
CA GLU A 282 -33.78 -7.38 22.12
C GLU A 282 -34.57 -6.37 21.30
N THR A 283 -35.87 -6.23 21.58
CA THR A 283 -36.69 -5.21 20.92
C THR A 283 -36.25 -3.81 21.31
N LYS A 284 -35.94 -3.61 22.60
CA LYS A 284 -35.38 -2.33 23.04
C LYS A 284 -33.99 -2.10 22.46
N CYS A 285 -33.29 -3.17 22.13
CA CYS A 285 -31.89 -3.08 21.71
C CYS A 285 -31.76 -2.47 20.32
N THR A 286 -32.73 -2.73 19.45
CA THR A 286 -32.74 -2.17 18.10
C THR A 286 -33.49 -0.84 18.02
N LEU A 287 -34.02 -0.35 19.15
CA LEU A 287 -34.72 0.92 19.18
C LEU A 287 -33.96 2.00 19.95
N LYS A 288 -32.82 1.67 20.54
CA LYS A 288 -31.94 2.60 21.25
C LYS A 288 -32.64 3.30 22.41
N SER A 289 -33.61 2.62 23.03
CA SER A 289 -34.34 3.19 24.17
C SER A 289 -34.97 2.05 24.96
N PHE A 290 -35.04 2.24 26.27
CA PHE A 290 -35.74 1.27 27.13
C PHE A 290 -37.25 1.47 27.10
N THR A 291 -37.73 2.60 26.60
CA THR A 291 -39.16 2.86 26.48
C THR A 291 -39.61 2.49 25.07
N VAL A 292 -40.60 1.62 24.98
CA VAL A 292 -41.11 1.14 23.71
C VAL A 292 -42.61 1.41 23.63
N GLU A 293 -43.11 1.54 22.41
CA GLU A 293 -44.51 1.80 22.15
C GLU A 293 -45.17 0.57 21.54
N LYS A 294 -46.47 0.68 21.29
CA LYS A 294 -47.22 -0.41 20.69
C LYS A 294 -46.86 -0.57 19.22
N GLY A 295 -46.82 -1.82 18.76
CA GLY A 295 -46.52 -2.13 17.37
C GLY A 295 -45.58 -3.31 17.25
N ILE A 296 -45.36 -3.72 16.00
CA ILE A 296 -44.50 -4.84 15.67
C ILE A 296 -43.14 -4.31 15.26
N TYR A 297 -42.09 -4.85 15.87
CA TYR A 297 -40.72 -4.44 15.58
C TYR A 297 -39.91 -5.67 15.14
N GLN A 298 -39.17 -5.52 14.04
CA GLN A 298 -38.33 -6.58 13.52
C GLN A 298 -36.92 -6.39 14.07
N THR A 299 -36.44 -7.39 14.80
CA THR A 299 -35.16 -7.29 15.51
C THR A 299 -34.09 -8.19 14.92
N SER A 300 -34.35 -9.50 14.81
CA SER A 300 -33.36 -10.46 14.36
C SER A 300 -34.05 -11.52 13.51
N ASN A 301 -33.33 -12.60 13.24
CA ASN A 301 -33.82 -13.69 12.40
C ASN A 301 -33.97 -14.97 13.21
N PHE A 302 -34.72 -15.91 12.65
CA PHE A 302 -34.94 -17.22 13.26
C PHE A 302 -34.17 -18.27 12.45
N ARG A 303 -33.38 -19.09 13.15
CA ARG A 303 -32.53 -20.06 12.49
C ARG A 303 -32.21 -21.19 13.46
N VAL A 304 -32.18 -22.42 12.95
CA VAL A 304 -31.77 -23.58 13.72
C VAL A 304 -30.36 -23.98 13.33
N GLN A 305 -29.52 -24.27 14.33
CA GLN A 305 -28.12 -24.58 14.09
C GLN A 305 -27.95 -26.00 13.57
N PRO A 306 -26.94 -26.23 12.72
CA PRO A 306 -26.64 -27.61 12.30
C PRO A 306 -26.09 -28.43 13.46
N THR A 307 -26.46 -29.70 13.50
CA THR A 307 -26.09 -30.55 14.63
C THR A 307 -24.72 -31.20 14.43
N GLU A 308 -24.56 -32.01 13.39
CA GLU A 308 -23.29 -32.65 13.09
C GLU A 308 -22.81 -32.24 11.70
N SER A 309 -21.75 -32.89 11.23
CA SER A 309 -21.22 -32.70 9.88
C SER A 309 -21.09 -34.06 9.21
N ILE A 310 -21.50 -34.13 7.95
CA ILE A 310 -21.44 -35.36 7.16
C ILE A 310 -20.52 -35.14 5.97
N VAL A 311 -19.58 -36.04 5.78
CA VAL A 311 -18.64 -36.00 4.66
C VAL A 311 -18.71 -37.33 3.93
N ARG A 312 -18.93 -37.27 2.61
CA ARG A 312 -18.93 -38.45 1.76
C ARG A 312 -17.90 -38.23 0.65
N PHE A 313 -16.86 -39.06 0.65
CA PHE A 313 -15.78 -39.01 -0.31
C PHE A 313 -15.81 -40.23 -1.21
N PRO A 314 -15.29 -40.12 -2.45
CA PRO A 314 -15.23 -41.29 -3.33
C PRO A 314 -14.38 -42.41 -2.76
N ASN A 315 -14.82 -43.65 -2.98
CA ASN A 315 -14.13 -44.83 -2.48
C ASN A 315 -13.02 -45.21 -3.47
N ILE A 316 -11.89 -44.53 -3.32
CA ILE A 316 -10.71 -44.79 -4.13
C ILE A 316 -9.50 -44.97 -3.19
N THR A 317 -8.73 -46.04 -3.42
CA THR A 317 -7.52 -46.33 -2.67
C THR A 317 -6.45 -46.73 -3.69
N ASN A 318 -5.69 -45.75 -4.18
CA ASN A 318 -4.69 -46.02 -5.20
C ASN A 318 -3.33 -45.40 -4.94
N LEU A 319 -3.20 -44.52 -3.92
CA LEU A 319 -1.92 -44.01 -3.44
C LEU A 319 -1.13 -43.28 -4.54
N CYS A 320 -1.67 -42.08 -4.89
CA CYS A 320 -1.20 -41.15 -5.92
C CYS A 320 0.32 -41.06 -6.01
N PRO A 321 0.89 -41.09 -7.22
CA PRO A 321 2.35 -41.17 -7.36
C PRO A 321 3.07 -39.83 -7.16
N PHE A 322 2.92 -39.27 -5.95
CA PHE A 322 3.70 -38.09 -5.60
C PHE A 322 5.15 -38.44 -5.28
N ASP A 323 5.37 -39.61 -4.67
CA ASP A 323 6.73 -40.03 -4.33
C ASP A 323 7.55 -40.33 -5.58
N GLU A 324 6.93 -40.90 -6.61
CA GLU A 324 7.65 -41.21 -7.83
C GLU A 324 8.03 -39.95 -8.60
N VAL A 325 7.15 -38.94 -8.60
CA VAL A 325 7.44 -37.71 -9.33
C VAL A 325 8.34 -36.78 -8.52
N PHE A 326 8.39 -36.94 -7.19
CA PHE A 326 9.21 -36.06 -6.37
C PHE A 326 10.58 -36.68 -6.06
N ASN A 327 10.61 -37.93 -5.63
CA ASN A 327 11.87 -38.62 -5.36
C ASN A 327 12.43 -39.21 -6.65
N ALA A 328 12.81 -38.32 -7.57
CA ALA A 328 13.38 -38.67 -8.86
C ALA A 328 14.80 -38.15 -8.95
N THR A 329 15.70 -38.95 -9.52
CA THR A 329 17.10 -38.58 -9.61
C THR A 329 17.39 -37.61 -10.76
N ARG A 330 16.43 -37.36 -11.64
CA ARG A 330 16.65 -36.45 -12.76
C ARG A 330 15.32 -35.82 -13.18
N PHE A 331 15.38 -34.55 -13.55
CA PHE A 331 14.25 -33.81 -14.08
C PHE A 331 14.53 -33.37 -15.52
N ALA A 332 13.47 -32.92 -16.18
CA ALA A 332 13.59 -32.35 -17.51
C ALA A 332 14.11 -30.92 -17.43
N SER A 333 14.53 -30.40 -18.59
CA SER A 333 15.09 -29.06 -18.66
C SER A 333 13.99 -28.01 -18.50
N VAL A 334 14.42 -26.76 -18.30
CA VAL A 334 13.47 -25.66 -18.11
C VAL A 334 12.76 -25.35 -19.42
N TYR A 335 13.49 -25.33 -20.53
CA TYR A 335 12.88 -25.06 -21.84
C TYR A 335 12.22 -26.29 -22.44
N ALA A 336 12.45 -27.47 -21.88
CA ALA A 336 11.89 -28.73 -22.36
C ALA A 336 11.20 -29.48 -21.23
N TRP A 337 10.36 -28.77 -20.49
CA TRP A 337 9.68 -29.35 -19.34
C TRP A 337 8.63 -30.37 -19.80
N ASN A 338 8.55 -31.48 -19.06
CA ASN A 338 7.57 -32.53 -19.34
C ASN A 338 6.33 -32.33 -18.47
N ARG A 339 5.24 -32.97 -18.88
CA ARG A 339 3.96 -32.86 -18.20
C ARG A 339 3.51 -34.22 -17.69
N LYS A 340 3.01 -34.24 -16.46
CA LYS A 340 2.48 -35.44 -15.83
C LYS A 340 1.11 -35.14 -15.25
N ARG A 341 0.21 -36.13 -15.32
CA ARG A 341 -1.16 -35.98 -14.84
C ARG A 341 -1.39 -36.96 -13.70
N ILE A 342 -1.97 -36.46 -12.61
CA ILE A 342 -2.31 -37.27 -11.45
C ILE A 342 -3.82 -37.24 -11.28
N SER A 343 -4.44 -38.41 -11.37
CA SER A 343 -5.89 -38.52 -11.27
C SER A 343 -6.26 -39.94 -10.88
N ASN A 344 -7.52 -40.10 -10.46
CA ASN A 344 -8.11 -41.39 -10.10
C ASN A 344 -7.33 -42.10 -9.00
N CYS A 345 -6.89 -41.35 -8.00
CA CYS A 345 -6.20 -41.92 -6.86
C CYS A 345 -6.50 -41.08 -5.63
N VAL A 346 -6.07 -41.57 -4.47
CA VAL A 346 -6.23 -40.86 -3.21
C VAL A 346 -4.95 -40.08 -2.92
N ALA A 347 -5.10 -38.79 -2.62
CA ALA A 347 -3.99 -37.87 -2.47
C ALA A 347 -3.84 -37.50 -0.99
N ASP A 348 -2.77 -37.96 -0.37
CA ASP A 348 -2.43 -37.60 1.01
C ASP A 348 -1.41 -36.47 0.97
N TYR A 349 -1.83 -35.27 1.36
CA TYR A 349 -0.96 -34.11 1.35
C TYR A 349 -0.24 -33.93 2.68
N SER A 350 0.38 -34.99 3.16
CA SER A 350 1.14 -34.96 4.41
C SER A 350 2.53 -35.57 4.31
N VAL A 351 2.83 -36.31 3.23
CA VAL A 351 4.18 -36.82 2.99
C VAL A 351 5.04 -35.78 2.29
N LEU A 352 4.49 -34.59 2.04
CA LEU A 352 5.16 -33.58 1.24
C LEU A 352 6.31 -32.88 1.97
N TYR A 353 6.41 -33.03 3.29
CA TYR A 353 7.29 -32.18 4.08
C TYR A 353 8.61 -32.84 4.46
N ASN A 354 8.90 -34.06 3.99
CA ASN A 354 10.13 -34.77 4.35
C ASN A 354 11.26 -34.51 3.37
N PHE A 355 11.27 -33.37 2.68
CA PHE A 355 12.26 -33.04 1.66
C PHE A 355 12.87 -31.68 1.95
N ALA A 356 13.33 -31.48 3.21
CA ALA A 356 14.06 -30.32 3.74
C ALA A 356 13.15 -29.10 3.86
N PRO A 357 13.51 -28.08 4.64
CA PRO A 357 12.75 -26.83 4.64
C PRO A 357 12.73 -26.18 3.26
N PHE A 358 11.61 -25.57 2.94
CA PHE A 358 11.33 -25.10 1.58
C PHE A 358 11.38 -23.58 1.49
N PHE A 359 11.66 -23.10 0.29
CA PHE A 359 11.55 -21.69 -0.06
C PHE A 359 10.25 -21.37 -0.79
N ALA A 360 9.16 -22.03 -0.39
CA ALA A 360 7.92 -22.04 -1.16
C ALA A 360 6.75 -22.12 -0.19
N PHE A 361 5.60 -22.57 -0.70
CA PHE A 361 4.28 -22.70 -0.06
C PHE A 361 3.56 -21.37 0.04
N LYS A 362 4.09 -20.32 -0.60
CA LYS A 362 3.34 -19.08 -0.80
C LYS A 362 2.33 -19.32 -1.91
N CYS A 363 1.07 -19.56 -1.54
CA CYS A 363 0.08 -20.08 -2.46
C CYS A 363 -1.00 -19.03 -2.73
N TYR A 364 -1.34 -18.85 -4.00
CA TYR A 364 -2.34 -17.90 -4.45
C TYR A 364 -3.54 -18.69 -4.99
N GLY A 365 -4.73 -18.39 -4.49
CA GLY A 365 -5.93 -19.09 -4.89
C GLY A 365 -6.17 -20.39 -4.17
N VAL A 366 -5.28 -20.79 -3.27
CA VAL A 366 -5.46 -22.01 -2.49
C VAL A 366 -4.74 -21.82 -1.16
N SER A 367 -5.28 -22.44 -0.10
CA SER A 367 -4.72 -22.32 1.23
C SER A 367 -3.72 -23.43 1.46
N PRO A 368 -2.44 -23.12 1.73
CA PRO A 368 -1.47 -24.19 2.03
C PRO A 368 -1.74 -24.91 3.34
N THR A 369 -2.40 -24.25 4.30
CA THR A 369 -2.71 -24.91 5.56
C THR A 369 -3.86 -25.89 5.43
N LYS A 370 -4.80 -25.64 4.53
CA LYS A 370 -5.96 -26.49 4.31
C LYS A 370 -5.82 -27.13 2.92
N LEU A 371 -5.27 -28.33 2.88
CA LEU A 371 -5.01 -29.02 1.63
C LEU A 371 -5.72 -30.36 1.50
N ASN A 372 -6.51 -30.77 2.49
CA ASN A 372 -7.17 -32.06 2.48
C ASN A 372 -8.69 -31.99 2.47
N ASP A 373 -9.28 -30.93 2.99
CA ASP A 373 -10.74 -30.85 3.06
C ASP A 373 -11.34 -30.58 1.69
N LEU A 374 -10.76 -29.68 0.92
CA LEU A 374 -11.26 -29.37 -0.42
C LEU A 374 -10.94 -30.51 -1.38
N CYS A 375 -11.80 -30.70 -2.37
CA CYS A 375 -11.62 -31.72 -3.39
C CYS A 375 -11.72 -31.11 -4.78
N PHE A 376 -10.83 -31.55 -5.66
CA PHE A 376 -10.76 -31.04 -7.03
C PHE A 376 -10.30 -32.19 -7.93
N THR A 377 -9.91 -31.86 -9.15
CA THR A 377 -9.47 -32.87 -10.11
C THR A 377 -8.57 -32.20 -11.15
N ASN A 378 -8.00 -33.05 -12.00
CA ASN A 378 -7.16 -32.64 -13.14
C ASN A 378 -5.95 -31.81 -12.69
N VAL A 379 -5.08 -32.48 -11.93
CA VAL A 379 -3.85 -31.86 -11.42
C VAL A 379 -2.71 -32.20 -12.35
N TYR A 380 -2.00 -31.16 -12.82
CA TYR A 380 -0.86 -31.31 -13.71
C TYR A 380 0.39 -30.77 -13.02
N ALA A 381 1.48 -31.55 -13.08
CA ALA A 381 2.72 -31.19 -12.42
C ALA A 381 3.87 -31.20 -13.43
N ASP A 382 4.72 -30.18 -13.36
CA ASP A 382 5.90 -30.07 -14.20
C ASP A 382 7.13 -29.90 -13.32
N SER A 383 8.27 -30.32 -13.84
CA SER A 383 9.52 -30.31 -13.08
C SER A 383 10.60 -29.57 -13.87
N PHE A 384 11.28 -28.64 -13.21
CA PHE A 384 12.40 -27.91 -13.79
C PHE A 384 13.26 -27.39 -12.63
N VAL A 385 14.19 -26.48 -12.96
CA VAL A 385 15.08 -25.88 -11.97
C VAL A 385 15.03 -24.37 -12.12
N ILE A 386 15.44 -23.68 -11.04
CA ILE A 386 15.47 -22.22 -11.01
C ILE A 386 16.83 -21.78 -10.49
N ARG A 387 17.19 -20.52 -10.78
CA ARG A 387 18.50 -20.01 -10.40
C ARG A 387 18.59 -19.77 -8.90
N GLY A 388 17.58 -19.13 -8.32
CA GLY A 388 17.60 -18.82 -6.90
C GLY A 388 17.27 -17.38 -6.59
N ASN A 389 17.72 -16.45 -7.44
CA ASN A 389 17.39 -15.04 -7.27
C ASN A 389 15.99 -14.69 -7.74
N GLU A 390 15.33 -15.60 -8.44
CA GLU A 390 13.99 -15.36 -8.98
C GLU A 390 13.05 -16.51 -8.62
N VAL A 391 13.08 -16.92 -7.35
CA VAL A 391 12.15 -17.92 -6.85
C VAL A 391 10.73 -17.36 -6.87
N SER A 392 10.56 -16.11 -6.45
CA SER A 392 9.27 -15.46 -6.45
C SER A 392 8.79 -15.07 -7.84
N GLN A 393 9.63 -15.21 -8.87
CA GLN A 393 9.22 -14.91 -10.23
C GLN A 393 8.19 -15.91 -10.77
N ILE A 394 8.08 -17.08 -10.15
CA ILE A 394 7.03 -18.04 -10.54
C ILE A 394 5.78 -17.63 -9.76
N ALA A 395 5.05 -16.69 -10.35
CA ALA A 395 3.87 -16.12 -9.72
C ALA A 395 3.01 -15.48 -10.80
N PRO A 396 1.68 -15.48 -10.64
CA PRO A 396 0.83 -14.76 -11.59
C PRO A 396 1.02 -13.26 -11.46
N GLY A 397 1.01 -12.58 -12.61
CA GLY A 397 1.18 -11.14 -12.65
C GLY A 397 2.61 -10.66 -12.75
N GLN A 398 3.59 -11.56 -12.66
CA GLN A 398 4.99 -11.18 -12.76
C GLN A 398 5.52 -11.53 -14.14
N THR A 399 6.15 -10.56 -14.79
CA THR A 399 6.66 -10.74 -16.15
C THR A 399 7.99 -10.01 -16.28
N GLY A 400 9.07 -10.76 -16.45
CA GLY A 400 10.39 -10.19 -16.69
C GLY A 400 11.11 -10.91 -17.79
N ASN A 401 12.32 -11.40 -17.51
CA ASN A 401 13.06 -12.26 -18.42
C ASN A 401 12.89 -13.73 -18.06
N ILE A 402 12.91 -14.04 -16.77
CA ILE A 402 12.66 -15.39 -16.29
C ILE A 402 11.15 -15.62 -16.23
N ALA A 403 10.73 -16.84 -16.58
CA ALA A 403 9.31 -17.25 -16.66
C ALA A 403 8.53 -16.37 -17.65
N ASP A 404 9.18 -15.96 -18.73
CA ASP A 404 8.53 -15.23 -19.80
C ASP A 404 8.83 -15.90 -21.14
N TYR A 405 10.00 -16.54 -21.22
CA TYR A 405 10.41 -17.26 -22.41
C TYR A 405 10.58 -18.76 -22.19
N ASN A 406 10.50 -19.23 -20.95
CA ASN A 406 10.65 -20.65 -20.64
C ASN A 406 9.35 -21.27 -20.17
N TYR A 407 8.73 -20.71 -19.12
CA TYR A 407 7.46 -21.23 -18.61
C TYR A 407 6.69 -20.04 -18.02
N LYS A 408 5.79 -19.48 -18.84
CA LYS A 408 4.99 -18.35 -18.40
C LYS A 408 3.80 -18.83 -17.58
N LEU A 409 3.62 -18.23 -16.41
CA LEU A 409 2.51 -18.58 -15.53
C LEU A 409 1.32 -17.67 -15.80
N PRO A 410 0.13 -18.22 -16.06
CA PRO A 410 -1.04 -17.38 -16.34
C PRO A 410 -1.50 -16.64 -15.09
N ASP A 411 -2.22 -15.54 -15.33
CA ASP A 411 -2.76 -14.75 -14.23
C ASP A 411 -3.80 -15.53 -13.44
N ASP A 412 -4.69 -16.25 -14.14
CA ASP A 412 -5.68 -17.10 -13.48
C ASP A 412 -5.11 -18.52 -13.44
N PHE A 413 -4.44 -18.84 -12.34
CA PHE A 413 -3.77 -20.13 -12.19
C PHE A 413 -4.24 -20.91 -10.98
N THR A 414 -4.67 -20.22 -9.92
CA THR A 414 -5.15 -20.75 -8.62
C THR A 414 -4.38 -22.00 -8.15
N GLY A 415 -3.05 -21.90 -8.22
CA GLY A 415 -2.17 -22.97 -7.77
C GLY A 415 -0.87 -22.37 -7.30
N CYS A 416 0.06 -23.25 -6.91
CA CYS A 416 1.34 -22.81 -6.37
C CYS A 416 2.37 -23.90 -6.56
N VAL A 417 3.59 -23.63 -6.08
CA VAL A 417 4.76 -24.46 -6.34
C VAL A 417 5.32 -24.99 -5.02
N ILE A 418 6.22 -25.94 -5.14
CA ILE A 418 7.08 -26.38 -4.05
C ILE A 418 8.52 -26.35 -4.53
N ALA A 419 9.42 -25.86 -3.66
CA ALA A 419 10.80 -25.63 -4.05
C ALA A 419 11.67 -25.56 -2.81
N TRP A 420 12.86 -26.14 -2.89
CA TRP A 420 13.85 -26.07 -1.82
C TRP A 420 15.24 -26.19 -2.41
N ASN A 421 16.23 -25.91 -1.57
CA ASN A 421 17.62 -25.87 -2.03
C ASN A 421 18.13 -27.27 -2.37
N SER A 422 18.91 -27.36 -3.44
CA SER A 422 19.54 -28.60 -3.89
C SER A 422 21.04 -28.46 -3.68
N ASN A 423 21.55 -29.05 -2.60
CA ASN A 423 22.97 -29.00 -2.30
C ASN A 423 23.68 -30.33 -2.52
N LYS A 424 22.95 -31.44 -2.65
CA LYS A 424 23.55 -32.74 -2.89
C LYS A 424 22.83 -33.56 -3.95
N LEU A 425 21.67 -33.14 -4.44
CA LEU A 425 20.93 -33.93 -5.42
C LEU A 425 21.61 -33.92 -6.78
N ASP A 426 22.01 -32.74 -7.25
CA ASP A 426 22.64 -32.61 -8.56
C ASP A 426 23.87 -31.72 -8.58
N SER A 427 24.11 -30.92 -7.54
CA SER A 427 25.31 -30.10 -7.49
C SER A 427 26.51 -30.97 -7.15
N LYS A 428 27.57 -30.85 -7.96
CA LYS A 428 28.76 -31.67 -7.80
C LYS A 428 29.98 -30.78 -7.65
N VAL A 429 31.08 -31.38 -7.19
CA VAL A 429 32.34 -30.65 -7.07
C VAL A 429 32.89 -30.29 -8.45
N GLY A 430 32.61 -31.10 -9.46
CA GLY A 430 33.01 -30.81 -10.82
C GLY A 430 32.03 -30.00 -11.63
N GLY A 431 30.92 -29.58 -11.04
CA GLY A 431 29.92 -28.81 -11.74
C GLY A 431 28.87 -29.66 -12.41
N ASN A 432 27.84 -28.99 -12.92
CA ASN A 432 26.73 -29.65 -13.59
C ASN A 432 26.19 -28.73 -14.67
N TYR A 433 26.17 -29.21 -15.91
CA TYR A 433 25.72 -28.44 -17.06
C TYR A 433 24.55 -29.17 -17.76
N ASN A 434 23.69 -29.80 -16.97
CA ASN A 434 22.59 -30.59 -17.54
C ASN A 434 21.49 -29.70 -18.11
N TYR A 435 21.13 -28.63 -17.41
CA TYR A 435 19.94 -27.86 -17.75
C TYR A 435 20.29 -26.66 -18.63
N LEU A 436 19.39 -26.36 -19.56
CA LEU A 436 19.51 -25.22 -20.45
C LEU A 436 18.25 -24.35 -20.33
N TYR A 437 18.26 -23.21 -21.01
CA TYR A 437 17.12 -22.31 -20.99
C TYR A 437 17.12 -21.48 -22.27
N ARG A 438 15.99 -20.85 -22.55
CA ARG A 438 15.78 -20.09 -23.77
C ARG A 438 16.16 -18.64 -23.54
N LEU A 439 17.08 -18.13 -24.36
CA LEU A 439 17.52 -16.73 -24.23
C LEU A 439 16.56 -15.79 -24.95
N PHE A 440 16.43 -15.95 -26.27
CA PHE A 440 15.69 -15.02 -27.10
C PHE A 440 14.44 -15.68 -27.68
N ARG A 441 13.39 -14.88 -27.84
CA ARG A 441 12.16 -15.32 -28.47
C ARG A 441 11.55 -14.15 -29.24
N LYS A 442 10.78 -14.48 -30.28
CA LYS A 442 10.15 -13.44 -31.08
C LYS A 442 9.10 -12.67 -30.29
N SER A 443 8.32 -13.37 -29.47
CA SER A 443 7.29 -12.74 -28.64
C SER A 443 7.19 -13.49 -27.33
N ASN A 444 6.24 -13.09 -26.51
CA ASN A 444 6.02 -13.75 -25.22
C ASN A 444 5.37 -15.11 -25.43
N LEU A 445 5.90 -16.11 -24.75
CA LEU A 445 5.37 -17.47 -24.86
C LEU A 445 4.03 -17.57 -24.16
N LYS A 446 3.06 -18.20 -24.82
CA LYS A 446 1.75 -18.40 -24.21
C LYS A 446 1.85 -19.41 -23.06
N PRO A 447 1.11 -19.20 -21.97
CA PRO A 447 1.13 -20.16 -20.87
C PRO A 447 0.55 -21.51 -21.29
N PHE A 448 1.04 -22.56 -20.61
CA PHE A 448 0.65 -23.96 -20.85
C PHE A 448 0.90 -24.37 -22.31
N GLU A 449 2.02 -23.93 -22.87
CA GLU A 449 2.42 -24.26 -24.24
C GLU A 449 3.86 -24.74 -24.23
N ARG A 450 4.06 -26.03 -24.41
CA ARG A 450 5.41 -26.59 -24.49
C ARG A 450 6.03 -26.23 -25.83
N ASP A 451 7.26 -25.72 -25.81
CA ASP A 451 7.93 -25.25 -27.01
C ASP A 451 9.37 -25.75 -27.02
N ILE A 452 9.92 -25.85 -28.24
CA ILE A 452 11.31 -26.25 -28.45
C ILE A 452 11.97 -25.21 -29.35
N SER A 453 13.23 -24.91 -29.07
CA SER A 453 13.97 -23.89 -29.82
C SER A 453 15.42 -24.32 -29.95
N THR A 454 15.87 -24.50 -31.20
CA THR A 454 17.25 -24.85 -31.48
C THR A 454 17.78 -23.96 -32.61
N GLU A 455 16.87 -23.40 -33.41
CA GLU A 455 17.23 -22.59 -34.56
C GLU A 455 17.83 -21.25 -34.11
N ILE A 456 18.54 -20.62 -35.03
CA ILE A 456 19.35 -19.43 -34.71
C ILE A 456 18.46 -18.19 -34.72
N TYR A 457 18.47 -17.44 -33.63
CA TYR A 457 17.73 -16.19 -33.55
C TYR A 457 18.53 -15.05 -34.17
N GLN A 458 17.81 -14.11 -34.77
CA GLN A 458 18.42 -12.98 -35.46
C GLN A 458 17.95 -11.67 -34.85
N ALA A 459 18.83 -10.67 -34.88
CA ALA A 459 18.55 -9.34 -34.34
C ALA A 459 18.58 -8.29 -35.45
N GLY A 460 18.04 -8.64 -36.62
CA GLY A 460 18.02 -7.71 -37.72
C GLY A 460 17.21 -8.25 -38.88
N ASN A 461 17.20 -7.49 -39.96
CA ASN A 461 16.45 -7.85 -41.16
C ASN A 461 17.27 -8.68 -42.14
N LYS A 462 18.54 -8.92 -41.86
CA LYS A 462 19.36 -9.73 -42.75
C LYS A 462 18.94 -11.21 -42.64
N PRO A 463 19.09 -11.98 -43.72
CA PRO A 463 18.75 -13.40 -43.66
C PRO A 463 19.76 -14.17 -42.81
N CYS A 464 19.25 -14.92 -41.84
CA CYS A 464 20.11 -15.67 -40.93
C CYS A 464 19.31 -16.85 -40.38
N ASN A 465 19.64 -18.05 -40.83
CA ASN A 465 19.02 -19.28 -40.35
C ASN A 465 19.98 -20.18 -39.58
N GLY A 466 21.25 -20.24 -39.99
CA GLY A 466 22.23 -21.01 -39.26
C GLY A 466 23.61 -20.38 -39.29
N VAL A 467 23.68 -19.11 -39.67
CA VAL A 467 24.96 -18.44 -39.88
C VAL A 467 25.45 -17.86 -38.56
N ALA A 468 26.71 -18.14 -38.23
CA ALA A 468 27.35 -17.62 -37.04
C ALA A 468 28.45 -16.63 -37.45
N GLY A 469 29.18 -16.13 -36.45
CA GLY A 469 30.19 -15.13 -36.70
C GLY A 469 29.64 -13.75 -36.99
N PHE A 470 28.40 -13.49 -36.60
CA PHE A 470 27.74 -12.21 -36.86
C PHE A 470 26.90 -11.87 -35.64
N ASN A 471 25.97 -10.93 -35.81
CA ASN A 471 25.08 -10.52 -34.74
C ASN A 471 24.04 -11.57 -34.37
N CYS A 472 23.92 -12.64 -35.15
CA CYS A 472 23.01 -13.73 -34.82
C CYS A 472 23.47 -14.44 -33.56
N TYR A 473 22.57 -14.58 -32.59
CA TYR A 473 22.89 -15.10 -31.27
C TYR A 473 22.20 -16.44 -31.06
N PHE A 474 22.89 -17.36 -30.41
CA PHE A 474 22.29 -18.65 -30.06
C PHE A 474 21.30 -18.45 -28.92
N PRO A 475 20.07 -18.94 -29.03
CA PRO A 475 19.06 -18.64 -27.99
C PRO A 475 19.11 -19.57 -26.79
N LEU A 476 20.19 -20.33 -26.64
CA LEU A 476 20.35 -21.24 -25.52
C LEU A 476 21.69 -21.00 -24.84
N ARG A 477 21.74 -21.29 -23.54
CA ARG A 477 22.95 -21.15 -22.75
C ARG A 477 22.95 -22.22 -21.67
N SER A 478 24.15 -22.65 -21.29
CA SER A 478 24.32 -23.77 -20.37
C SER A 478 24.39 -23.25 -18.93
N TYR A 479 23.57 -23.85 -18.06
CA TYR A 479 23.63 -23.55 -16.64
C TYR A 479 24.90 -24.11 -16.03
N GLY A 480 25.60 -23.27 -15.25
CA GLY A 480 26.75 -23.75 -14.50
C GLY A 480 26.44 -23.90 -13.03
N PHE A 481 26.24 -25.14 -12.59
CA PHE A 481 25.84 -25.42 -11.21
C PHE A 481 27.10 -25.70 -10.40
N ARG A 482 27.56 -24.71 -9.65
CA ARG A 482 28.77 -24.81 -8.85
C ARG A 482 28.47 -24.40 -7.41
N PRO A 483 29.17 -24.98 -6.45
CA PRO A 483 28.99 -24.56 -5.04
C PRO A 483 29.57 -23.18 -4.74
N THR A 484 30.37 -22.60 -5.63
CA THR A 484 30.96 -21.30 -5.37
C THR A 484 29.94 -20.16 -5.47
N TYR A 485 28.80 -20.39 -6.14
CA TYR A 485 27.72 -19.41 -6.20
C TYR A 485 26.69 -19.81 -5.16
N GLY A 486 26.74 -19.18 -3.98
CA GLY A 486 25.83 -19.54 -2.91
C GLY A 486 24.38 -19.20 -3.21
N VAL A 487 24.12 -18.01 -3.73
CA VAL A 487 22.76 -17.56 -3.98
C VAL A 487 22.60 -17.28 -5.47
N GLY A 488 23.69 -16.87 -6.13
CA GLY A 488 23.59 -16.38 -7.50
C GLY A 488 23.22 -17.44 -8.51
N HIS A 489 23.80 -18.63 -8.39
CA HIS A 489 23.53 -19.71 -9.34
C HIS A 489 23.59 -21.02 -8.58
N GLN A 490 22.43 -21.60 -8.30
CA GLN A 490 22.34 -22.83 -7.51
C GLN A 490 21.16 -23.63 -8.02
N PRO A 491 21.29 -24.95 -8.15
CA PRO A 491 20.13 -25.76 -8.53
C PRO A 491 19.07 -25.79 -7.44
N TYR A 492 17.82 -25.88 -7.86
CA TYR A 492 16.69 -25.92 -6.94
C TYR A 492 15.70 -26.98 -7.39
N ARG A 493 15.01 -27.57 -6.42
CA ARG A 493 14.05 -28.63 -6.69
C ARG A 493 12.63 -28.04 -6.75
N VAL A 494 12.41 -27.23 -7.78
CA VAL A 494 11.15 -26.53 -7.95
C VAL A 494 10.22 -27.36 -8.84
N VAL A 495 8.97 -27.54 -8.38
CA VAL A 495 7.94 -28.26 -9.11
C VAL A 495 6.65 -27.45 -9.02
N VAL A 496 6.03 -27.18 -10.15
CA VAL A 496 4.80 -26.39 -10.21
C VAL A 496 3.60 -27.34 -10.17
N LEU A 497 2.57 -26.95 -9.43
CA LEU A 497 1.32 -27.70 -9.34
C LEU A 497 0.20 -26.81 -9.81
N SER A 498 -0.66 -27.35 -10.69
CA SER A 498 -1.78 -26.62 -11.26
C SER A 498 -3.10 -27.25 -10.81
N PHE A 499 -4.04 -26.39 -10.43
CA PHE A 499 -5.36 -26.83 -9.99
C PHE A 499 -6.43 -26.00 -10.68
N GLU A 500 -7.58 -26.62 -10.92
CA GLU A 500 -8.71 -25.92 -11.53
C GLU A 500 -10.01 -26.45 -10.93
N LEU A 501 -10.97 -25.55 -10.74
CA LEU A 501 -12.29 -25.93 -10.22
C LEU A 501 -13.28 -26.08 -11.37
N LEU A 502 -13.00 -27.05 -12.23
CA LEU A 502 -13.86 -27.32 -13.38
C LEU A 502 -15.06 -28.16 -12.98
N HIS A 503 -16.08 -28.17 -13.84
CA HIS A 503 -17.29 -28.96 -13.62
C HIS A 503 -17.02 -30.41 -14.04
N ALA A 504 -16.25 -31.09 -13.21
CA ALA A 504 -15.83 -32.47 -13.43
C ALA A 504 -15.98 -33.22 -12.12
N PRO A 505 -16.18 -34.53 -12.17
CA PRO A 505 -16.21 -35.33 -10.93
C PRO A 505 -14.87 -35.27 -10.20
N ALA A 506 -14.93 -35.25 -8.87
CA ALA A 506 -13.72 -35.15 -8.06
C ALA A 506 -12.95 -36.47 -8.08
N THR A 507 -11.64 -36.38 -8.28
CA THR A 507 -10.79 -37.56 -8.35
C THR A 507 -9.75 -37.61 -7.25
N VAL A 508 -8.99 -36.54 -7.04
CA VAL A 508 -7.86 -36.55 -6.12
C VAL A 508 -8.09 -35.51 -5.03
N CYS A 509 -8.10 -35.95 -3.78
CA CYS A 509 -8.13 -35.12 -2.58
C CYS A 509 -7.81 -35.99 -1.37
N GLY A 510 -8.04 -35.45 -0.18
CA GLY A 510 -7.56 -36.00 1.06
C GLY A 510 -8.11 -37.38 1.42
N PRO A 511 -7.32 -38.14 2.19
CA PRO A 511 -7.71 -39.52 2.52
C PRO A 511 -8.67 -39.63 3.70
N LYS A 512 -9.33 -38.54 4.07
CA LYS A 512 -10.23 -38.54 5.22
C LYS A 512 -11.44 -39.43 4.94
N LYS A 513 -11.76 -40.31 5.89
CA LYS A 513 -12.79 -41.31 5.71
C LYS A 513 -14.18 -40.68 5.74
N SER A 514 -15.13 -41.35 5.11
CA SER A 514 -16.51 -40.91 5.08
C SER A 514 -17.26 -41.39 6.32
N THR A 515 -18.55 -41.07 6.38
CA THR A 515 -19.40 -41.44 7.51
C THR A 515 -20.71 -42.02 6.97
N ASN A 516 -21.60 -42.37 7.90
CA ASN A 516 -22.89 -42.91 7.53
C ASN A 516 -23.85 -41.80 7.11
N LEU A 517 -24.66 -42.07 6.08
CA LEU A 517 -25.63 -41.10 5.61
C LEU A 517 -26.73 -40.90 6.63
N VAL A 518 -27.14 -39.64 6.81
CA VAL A 518 -28.18 -39.27 7.76
C VAL A 518 -29.21 -38.42 7.04
N LYS A 519 -30.47 -38.56 7.44
CA LYS A 519 -31.58 -37.86 6.81
C LYS A 519 -32.37 -37.09 7.87
N ASN A 520 -33.23 -36.18 7.37
CA ASN A 520 -34.21 -35.43 8.15
C ASN A 520 -33.58 -34.53 9.20
N LYS A 521 -32.33 -34.11 9.00
CA LYS A 521 -31.66 -33.15 9.88
C LYS A 521 -30.80 -32.24 9.02
N CYS A 522 -31.03 -30.92 9.12
CA CYS A 522 -30.26 -29.99 8.29
C CYS A 522 -28.88 -29.77 8.91
N VAL A 523 -27.84 -30.12 8.14
CA VAL A 523 -26.45 -30.06 8.57
C VAL A 523 -25.62 -29.52 7.41
N ASN A 524 -24.31 -29.44 7.63
CA ASN A 524 -23.37 -29.07 6.57
C ASN A 524 -22.82 -30.34 5.93
N PHE A 525 -22.87 -30.41 4.61
CA PHE A 525 -22.47 -31.60 3.86
C PHE A 525 -21.28 -31.27 2.97
N ASN A 526 -20.38 -32.26 2.82
CA ASN A 526 -19.23 -32.17 1.95
C ASN A 526 -19.34 -33.27 0.91
N PHE A 527 -20.03 -32.97 -0.20
CA PHE A 527 -20.27 -33.93 -1.27
C PHE A 527 -19.35 -33.60 -2.44
N ASN A 528 -18.25 -34.36 -2.56
CA ASN A 528 -17.26 -34.21 -3.63
C ASN A 528 -16.69 -32.80 -3.68
N GLY A 529 -16.43 -32.23 -2.50
CA GLY A 529 -15.88 -30.90 -2.41
C GLY A 529 -16.88 -29.77 -2.49
N LEU A 530 -18.18 -30.07 -2.59
CA LEU A 530 -19.21 -29.04 -2.64
C LEU A 530 -19.70 -28.74 -1.23
N THR A 531 -19.54 -27.49 -0.81
CA THR A 531 -19.92 -27.08 0.54
C THR A 531 -21.30 -26.44 0.51
N GLY A 532 -22.18 -26.87 1.42
CA GLY A 532 -23.52 -26.32 1.50
C GLY A 532 -24.19 -26.74 2.79
N THR A 533 -25.24 -26.00 3.14
CA THR A 533 -26.02 -26.25 4.35
C THR A 533 -27.46 -26.54 3.95
N GLY A 534 -27.99 -27.65 4.45
CA GLY A 534 -29.35 -28.04 4.15
C GLY A 534 -29.66 -29.41 4.69
N VAL A 535 -30.90 -29.83 4.49
CA VAL A 535 -31.38 -31.13 4.94
C VAL A 535 -31.32 -32.11 3.77
N LEU A 536 -30.99 -33.36 4.08
CA LEU A 536 -30.87 -34.42 3.09
C LEU A 536 -32.11 -35.31 3.17
N THR A 537 -32.86 -35.38 2.07
CA THR A 537 -34.06 -36.20 1.99
C THR A 537 -34.04 -36.99 0.69
N GLU A 538 -34.91 -37.99 0.61
CA GLU A 538 -35.04 -38.79 -0.60
C GLU A 538 -35.65 -37.94 -1.71
N SER A 539 -35.00 -37.94 -2.87
CA SER A 539 -35.38 -37.08 -3.97
C SER A 539 -36.20 -37.86 -5.00
N ASN A 540 -37.27 -37.24 -5.48
CA ASN A 540 -38.09 -37.80 -6.54
C ASN A 540 -37.57 -37.43 -7.93
N LYS A 541 -36.51 -36.65 -8.02
CA LYS A 541 -35.94 -36.26 -9.30
C LYS A 541 -35.18 -37.43 -9.90
N LYS A 542 -35.71 -38.01 -10.97
CA LYS A 542 -35.08 -39.11 -11.67
C LYS A 542 -34.78 -38.69 -13.09
N PHE A 543 -33.51 -38.81 -13.49
CA PHE A 543 -33.05 -38.43 -14.82
C PHE A 543 -32.15 -39.52 -15.37
N LEU A 544 -31.66 -39.32 -16.59
CA LEU A 544 -30.74 -40.26 -17.21
C LEU A 544 -29.40 -40.21 -16.48
N PRO A 545 -28.81 -41.35 -16.12
CA PRO A 545 -27.55 -41.31 -15.36
C PRO A 545 -26.35 -40.91 -16.19
N PHE A 546 -26.27 -39.63 -16.55
CA PHE A 546 -25.10 -39.10 -17.25
C PHE A 546 -24.64 -37.74 -16.74
N GLN A 547 -25.28 -37.19 -15.71
CA GLN A 547 -24.89 -35.92 -15.12
C GLN A 547 -24.58 -36.10 -13.64
N GLN A 548 -23.59 -35.34 -13.16
CA GLN A 548 -23.13 -35.49 -11.79
C GLN A 548 -24.09 -34.81 -10.81
N PHE A 549 -24.26 -33.50 -10.94
CA PHE A 549 -25.15 -32.74 -10.08
C PHE A 549 -25.82 -31.65 -10.90
N GLY A 550 -26.96 -31.16 -10.39
CA GLY A 550 -27.76 -30.19 -11.09
C GLY A 550 -27.94 -28.90 -10.30
N ARG A 551 -28.55 -27.92 -10.98
CA ARG A 551 -28.81 -26.61 -10.39
C ARG A 551 -30.29 -26.27 -10.49
N ASP A 552 -30.65 -25.02 -10.19
CA ASP A 552 -32.03 -24.59 -10.19
C ASP A 552 -32.10 -23.19 -10.78
N ILE A 553 -33.23 -22.52 -10.58
CA ILE A 553 -33.37 -21.12 -11.00
C ILE A 553 -32.42 -20.24 -10.20
N ALA A 554 -32.27 -20.52 -8.92
CA ALA A 554 -31.42 -19.74 -8.03
C ALA A 554 -29.93 -20.03 -8.19
N ASP A 555 -29.57 -20.95 -9.09
CA ASP A 555 -28.18 -21.37 -9.33
C ASP A 555 -27.52 -21.88 -8.05
N THR A 556 -28.28 -22.65 -7.27
CA THR A 556 -27.82 -23.25 -6.04
C THR A 556 -27.76 -24.77 -6.19
N THR A 557 -27.45 -25.44 -5.09
CA THR A 557 -27.34 -26.90 -5.07
C THR A 557 -28.67 -27.49 -4.60
N ASP A 558 -29.29 -28.30 -5.46
CA ASP A 558 -30.54 -28.96 -5.12
C ASP A 558 -30.55 -30.46 -5.40
N ALA A 559 -29.68 -30.94 -6.28
CA ALA A 559 -29.58 -32.37 -6.58
C ALA A 559 -28.13 -32.82 -6.43
N VAL A 560 -27.93 -33.96 -5.80
CA VAL A 560 -26.59 -34.49 -5.53
C VAL A 560 -26.58 -35.98 -5.90
N ARG A 561 -25.39 -36.48 -6.18
CA ARG A 561 -25.18 -37.89 -6.49
C ARG A 561 -23.82 -38.30 -5.94
N ASP A 562 -23.82 -38.91 -4.75
CA ASP A 562 -22.58 -39.41 -4.18
C ASP A 562 -22.07 -40.61 -4.98
N PRO A 563 -20.76 -40.69 -5.24
CA PRO A 563 -20.25 -41.73 -6.14
C PRO A 563 -20.11 -43.10 -5.50
N GLN A 564 -20.21 -43.22 -4.17
CA GLN A 564 -20.07 -44.52 -3.53
C GLN A 564 -21.25 -45.43 -3.85
N THR A 565 -22.48 -44.91 -3.73
CA THR A 565 -23.68 -45.65 -4.10
C THR A 565 -24.58 -44.64 -4.83
N LEU A 566 -24.97 -44.97 -6.05
CA LEU A 566 -25.62 -44.01 -6.94
C LEU A 566 -27.11 -43.90 -6.61
N GLU A 567 -27.45 -42.92 -5.77
CA GLU A 567 -28.83 -42.52 -5.54
C GLU A 567 -28.90 -41.00 -5.50
N ILE A 568 -30.10 -40.48 -5.75
CA ILE A 568 -30.34 -39.05 -5.80
C ILE A 568 -30.95 -38.60 -4.48
N LEU A 569 -30.38 -37.56 -3.87
CA LEU A 569 -30.85 -37.01 -2.62
C LEU A 569 -31.27 -35.55 -2.82
N ASP A 570 -32.30 -35.14 -2.08
CA ASP A 570 -32.85 -33.80 -2.20
C ASP A 570 -32.22 -32.87 -1.17
N ILE A 571 -31.98 -31.62 -1.58
CA ILE A 571 -31.38 -30.61 -0.73
C ILE A 571 -32.31 -29.40 -0.70
N THR A 572 -32.66 -28.96 0.51
CA THR A 572 -33.42 -27.73 0.70
C THR A 572 -33.04 -27.15 2.05
N PRO A 573 -32.99 -25.83 2.20
CA PRO A 573 -32.65 -25.24 3.50
C PRO A 573 -33.74 -25.47 4.54
N CYS A 574 -33.31 -25.48 5.80
CA CYS A 574 -34.22 -25.61 6.94
C CYS A 574 -34.73 -24.23 7.34
N SER A 575 -35.26 -24.12 8.56
CA SER A 575 -35.99 -22.94 9.01
C SER A 575 -35.17 -21.65 8.90
N PHE A 576 -35.80 -20.61 8.39
CA PHE A 576 -35.14 -19.33 8.15
C PHE A 576 -36.18 -18.22 8.33
N GLY A 577 -35.74 -16.99 8.09
CA GLY A 577 -36.62 -15.83 8.13
C GLY A 577 -36.46 -15.03 9.41
N GLY A 578 -37.02 -13.82 9.38
CA GLY A 578 -36.95 -12.95 10.52
C GLY A 578 -37.93 -13.34 11.62
N VAL A 579 -37.66 -12.80 12.82
CA VAL A 579 -38.51 -13.03 13.98
C VAL A 579 -38.90 -11.68 14.58
N SER A 580 -40.16 -11.54 14.95
CA SER A 580 -40.69 -10.33 15.54
C SER A 580 -41.36 -10.66 16.88
N VAL A 581 -41.72 -9.61 17.61
CA VAL A 581 -42.30 -9.75 18.94
C VAL A 581 -43.65 -9.04 18.96
N ILE A 582 -44.42 -9.33 20.00
CA ILE A 582 -45.69 -8.66 20.28
C ILE A 582 -45.62 -8.13 21.70
N THR A 583 -45.79 -6.81 21.84
CA THR A 583 -45.68 -6.21 23.17
C THR A 583 -46.51 -4.92 23.25
N PRO A 584 -47.10 -4.63 24.42
CA PRO A 584 -47.71 -3.32 24.62
C PRO A 584 -46.69 -2.29 25.08
N GLY A 585 -47.16 -1.12 25.51
CA GLY A 585 -46.25 -0.14 26.08
C GLY A 585 -45.63 -0.65 27.37
N THR A 586 -44.36 -0.28 27.57
CA THR A 586 -43.63 -0.76 28.73
C THR A 586 -44.08 -0.11 30.04
N ASN A 587 -44.83 1.00 29.95
CA ASN A 587 -45.32 1.66 31.16
C ASN A 587 -46.43 0.86 31.84
N THR A 588 -47.15 0.02 31.11
CA THR A 588 -48.26 -0.73 31.66
C THR A 588 -47.84 -2.10 32.19
N SER A 589 -47.29 -2.95 31.31
CA SER A 589 -46.93 -4.30 31.68
C SER A 589 -45.76 -4.76 30.83
N ASN A 590 -45.27 -5.98 31.11
CA ASN A 590 -44.13 -6.55 30.40
C ASN A 590 -44.47 -7.90 29.78
N GLN A 591 -45.76 -8.20 29.60
CA GLN A 591 -46.19 -9.47 29.01
C GLN A 591 -45.96 -9.39 27.50
N VAL A 592 -44.93 -10.09 27.03
CA VAL A 592 -44.55 -10.07 25.63
C VAL A 592 -44.86 -11.42 25.00
N ALA A 593 -44.85 -11.45 23.67
CA ALA A 593 -45.12 -12.67 22.90
C ALA A 593 -44.11 -12.78 21.77
N VAL A 594 -43.89 -14.02 21.32
CA VAL A 594 -42.95 -14.32 20.26
C VAL A 594 -43.73 -14.72 19.01
N LEU A 595 -43.45 -14.07 17.89
CA LEU A 595 -44.14 -14.31 16.63
C LEU A 595 -43.14 -14.84 15.62
N TYR A 596 -43.52 -15.91 14.92
CA TYR A 596 -42.69 -16.52 13.89
C TYR A 596 -43.33 -16.27 12.53
N GLN A 597 -42.54 -15.84 11.56
CA GLN A 597 -43.03 -15.40 10.27
C GLN A 597 -42.74 -16.46 9.21
N GLY A 598 -43.79 -16.95 8.55
CA GLY A 598 -43.65 -17.78 7.38
C GLY A 598 -43.31 -19.24 7.62
N VAL A 599 -42.34 -19.50 8.50
CA VAL A 599 -41.83 -20.85 8.69
C VAL A 599 -42.85 -21.70 9.45
N ASN A 600 -42.99 -22.96 9.03
CA ASN A 600 -43.81 -23.91 9.75
C ASN A 600 -43.24 -24.15 11.15
N CYS A 601 -44.12 -24.27 12.13
CA CYS A 601 -43.73 -24.37 13.53
C CYS A 601 -43.79 -25.79 14.07
N THR A 602 -43.65 -26.80 13.20
CA THR A 602 -43.43 -28.16 13.68
C THR A 602 -42.07 -28.25 14.37
N GLU A 603 -41.07 -27.57 13.83
CA GLU A 603 -39.76 -27.44 14.44
C GLU A 603 -39.63 -26.07 15.10
N VAL A 604 -38.78 -26.00 16.12
CA VAL A 604 -38.56 -24.75 16.85
C VAL A 604 -37.16 -24.74 17.44
N ASN A 625 -50.68 -22.53 24.58
CA ASN A 625 -49.50 -21.71 24.33
C ASN A 625 -49.22 -21.60 22.84
N VAL A 626 -49.08 -22.73 22.17
CA VAL A 626 -48.78 -22.75 20.75
C VAL A 626 -50.08 -22.62 19.96
N PHE A 627 -50.14 -21.62 19.09
CA PHE A 627 -51.30 -21.39 18.23
C PHE A 627 -50.83 -21.23 16.80
N GLN A 628 -51.48 -21.93 15.87
CA GLN A 628 -51.08 -21.95 14.47
C GLN A 628 -51.89 -20.91 13.70
N THR A 629 -51.17 -20.02 12.99
CA THR A 629 -51.76 -18.98 12.18
C THR A 629 -51.42 -19.22 10.71
N ARG A 630 -51.88 -18.30 9.85
CA ARG A 630 -51.54 -18.37 8.44
C ARG A 630 -50.10 -17.92 8.20
N ALA A 631 -49.65 -16.87 8.89
CA ALA A 631 -48.32 -16.32 8.72
C ALA A 631 -47.29 -16.97 9.65
N GLY A 632 -47.53 -18.21 10.08
CA GLY A 632 -46.64 -18.90 11.00
C GLY A 632 -47.38 -19.35 12.25
N CYS A 633 -46.72 -19.20 13.40
CA CYS A 633 -47.32 -19.53 14.68
C CYS A 633 -47.01 -18.42 15.68
N LEU A 634 -47.84 -18.35 16.71
CA LEU A 634 -47.74 -17.33 17.75
C LEU A 634 -47.46 -18.00 19.08
N ILE A 635 -46.47 -17.49 19.80
CA ILE A 635 -46.04 -18.04 21.08
C ILE A 635 -46.16 -16.96 22.13
N GLY A 636 -46.87 -17.25 23.22
CA GLY A 636 -47.00 -16.35 24.34
C GLY A 636 -48.42 -15.92 24.65
N ALA A 637 -49.36 -16.11 23.72
CA ALA A 637 -50.74 -15.71 23.91
C ALA A 637 -51.68 -16.83 23.51
N GLU A 638 -52.89 -16.79 24.05
CA GLU A 638 -53.91 -17.80 23.78
C GLU A 638 -54.94 -17.23 22.80
N TYR A 639 -55.37 -18.08 21.86
CA TYR A 639 -56.36 -17.68 20.88
C TYR A 639 -57.76 -17.81 21.46
N VAL A 640 -58.61 -16.81 21.18
CA VAL A 640 -59.98 -16.78 21.65
C VAL A 640 -60.91 -16.70 20.45
N ASN A 641 -62.15 -17.14 20.67
CA ASN A 641 -63.16 -17.18 19.62
C ASN A 641 -64.03 -15.93 19.57
N ASN A 642 -63.78 -14.96 20.44
CA ASN A 642 -64.60 -13.75 20.48
C ASN A 642 -64.05 -12.73 19.48
N SER A 643 -64.59 -11.51 19.53
CA SER A 643 -64.20 -10.46 18.62
C SER A 643 -63.84 -9.21 19.41
N TYR A 644 -62.77 -8.53 18.99
CA TYR A 644 -62.31 -7.31 19.64
C TYR A 644 -61.74 -6.37 18.60
N GLU A 645 -61.69 -5.09 18.96
CA GLU A 645 -61.15 -4.07 18.06
C GLU A 645 -59.65 -4.27 17.87
N CYS A 646 -59.19 -4.13 16.63
CA CYS A 646 -57.79 -4.37 16.32
C CYS A 646 -56.92 -3.21 16.79
N ASP A 647 -55.86 -3.55 17.51
CA ASP A 647 -54.88 -2.57 17.97
C ASP A 647 -53.49 -2.82 17.41
N ILE A 648 -53.02 -4.06 17.48
CA ILE A 648 -51.70 -4.44 16.97
C ILE A 648 -51.90 -5.28 15.71
N PRO A 649 -51.52 -4.78 14.53
CA PRO A 649 -51.65 -5.58 13.31
C PRO A 649 -50.65 -6.73 13.30
N ILE A 650 -51.11 -7.88 12.82
CA ILE A 650 -50.27 -9.08 12.74
C ILE A 650 -50.17 -9.52 11.30
N GLY A 651 -51.33 -9.79 10.68
CA GLY A 651 -51.36 -10.25 9.31
C GLY A 651 -52.35 -11.38 9.10
N ALA A 652 -52.96 -11.43 7.92
CA ALA A 652 -53.95 -12.44 7.52
C ALA A 652 -55.13 -12.49 8.49
N GLY A 653 -55.59 -11.32 8.93
CA GLY A 653 -56.77 -11.25 9.76
C GLY A 653 -56.56 -11.56 11.22
N ILE A 654 -55.35 -11.39 11.74
CA ILE A 654 -55.04 -11.63 13.14
C ILE A 654 -54.70 -10.30 13.81
N CYS A 655 -55.25 -10.09 14.99
CA CYS A 655 -54.95 -8.91 15.79
C CYS A 655 -54.79 -9.31 17.26
N ALA A 656 -53.94 -8.58 17.96
CA ALA A 656 -53.62 -8.90 19.35
C ALA A 656 -53.81 -7.67 20.22
N SER A 657 -54.19 -7.90 21.48
CA SER A 657 -54.34 -6.84 22.46
C SER A 657 -54.10 -7.41 23.86
N TYR A 658 -53.75 -6.53 24.78
CA TYR A 658 -53.46 -6.90 26.16
C TYR A 658 -54.53 -6.30 27.06
N GLN A 659 -55.16 -7.13 27.89
CA GLN A 659 -56.20 -6.68 28.80
C GLN A 659 -55.79 -6.92 30.25
N SER A 671 -53.55 -10.23 30.60
CA SER A 671 -52.76 -11.13 29.77
C SER A 671 -52.91 -10.79 28.29
N ILE A 672 -51.97 -11.26 27.47
CA ILE A 672 -51.98 -11.03 26.04
C ILE A 672 -52.80 -12.13 25.36
N ILE A 673 -53.64 -11.74 24.41
CA ILE A 673 -54.50 -12.66 23.67
C ILE A 673 -54.43 -12.31 22.19
N ALA A 674 -54.92 -13.24 21.36
CA ALA A 674 -55.01 -13.03 19.93
C ALA A 674 -56.41 -13.40 19.47
N TYR A 675 -56.88 -12.71 18.43
CA TYR A 675 -58.23 -12.90 17.93
C TYR A 675 -58.29 -12.56 16.45
N THR A 676 -59.37 -13.00 15.81
CA THR A 676 -59.59 -12.68 14.41
C THR A 676 -60.01 -11.22 14.25
N MET A 677 -59.96 -10.75 13.00
CA MET A 677 -60.33 -9.38 12.71
C MET A 677 -61.83 -9.19 12.84
N SER A 678 -62.23 -8.17 13.61
CA SER A 678 -63.64 -7.82 13.78
C SER A 678 -63.91 -6.54 13.01
N LEU A 679 -64.86 -6.61 12.08
CA LEU A 679 -65.14 -5.47 11.20
C LEU A 679 -66.33 -4.67 11.72
N GLY A 680 -66.13 -4.07 12.89
CA GLY A 680 -67.21 -3.32 13.51
C GLY A 680 -68.31 -4.23 14.04
N ALA A 681 -69.55 -3.78 13.88
CA ALA A 681 -70.72 -4.53 14.29
C ALA A 681 -71.64 -4.74 13.10
N GLU A 682 -72.26 -5.92 13.03
CA GLU A 682 -73.18 -6.22 11.95
C GLU A 682 -74.47 -5.44 12.13
N ASN A 683 -74.92 -4.77 11.07
CA ASN A 683 -76.13 -3.95 11.13
C ASN A 683 -76.74 -3.89 9.74
N SER A 684 -77.93 -4.46 9.60
CA SER A 684 -78.68 -4.44 8.35
C SER A 684 -79.94 -3.60 8.55
N VAL A 685 -80.03 -2.48 7.83
CA VAL A 685 -81.19 -1.62 7.96
C VAL A 685 -82.38 -2.26 7.24
N ALA A 686 -83.58 -1.92 7.69
CA ALA A 686 -84.79 -2.48 7.10
C ALA A 686 -85.03 -1.89 5.72
N TYR A 687 -85.33 -2.77 4.76
CA TYR A 687 -85.58 -2.36 3.38
C TYR A 687 -86.91 -2.94 2.93
N SER A 688 -87.69 -2.12 2.22
CA SER A 688 -88.98 -2.54 1.70
C SER A 688 -89.26 -1.77 0.42
N ASN A 689 -90.41 -2.07 -0.19
CA ASN A 689 -90.81 -1.38 -1.42
C ASN A 689 -91.19 0.07 -1.18
N ASN A 690 -91.62 0.41 0.05
CA ASN A 690 -92.02 1.78 0.36
C ASN A 690 -91.62 2.06 1.81
N SER A 691 -90.43 2.64 1.98
CA SER A 691 -89.95 3.02 3.31
C SER A 691 -88.92 4.12 3.13
N ILE A 692 -89.28 5.36 3.47
CA ILE A 692 -88.38 6.50 3.37
C ILE A 692 -87.93 6.90 4.76
N ALA A 693 -86.67 7.34 4.85
CA ALA A 693 -86.10 7.83 6.10
C ALA A 693 -85.64 9.27 5.90
N ILE A 694 -86.26 10.20 6.61
CA ILE A 694 -85.88 11.60 6.57
C ILE A 694 -85.57 12.05 8.00
N PRO A 695 -84.38 12.59 8.25
CA PRO A 695 -84.04 13.00 9.63
C PRO A 695 -84.84 14.20 10.09
N THR A 696 -84.93 14.35 11.41
CA THR A 696 -85.65 15.46 12.02
C THR A 696 -84.75 16.37 12.85
N ASN A 697 -83.47 16.05 12.98
CA ASN A 697 -82.54 16.85 13.77
C ASN A 697 -81.14 16.70 13.17
N PHE A 698 -80.28 17.65 13.51
CA PHE A 698 -78.91 17.65 13.02
C PHE A 698 -77.97 18.10 14.13
N THR A 699 -76.71 17.68 14.01
CA THR A 699 -75.66 18.03 14.96
C THR A 699 -74.46 18.54 14.19
N ILE A 700 -73.94 19.70 14.58
CA ILE A 700 -72.78 20.30 13.94
C ILE A 700 -71.53 19.81 14.64
N SER A 701 -70.64 19.16 13.89
CA SER A 701 -69.40 18.63 14.42
C SER A 701 -68.24 19.04 13.54
N VAL A 702 -67.07 19.20 14.16
CA VAL A 702 -65.85 19.61 13.47
C VAL A 702 -64.77 18.58 13.74
N THR A 703 -64.00 18.25 12.71
CA THR A 703 -62.92 17.27 12.79
C THR A 703 -61.57 17.97 12.57
N THR A 704 -60.51 17.18 12.62
CA THR A 704 -59.15 17.68 12.45
C THR A 704 -58.45 16.88 11.36
N GLU A 705 -57.82 17.58 10.42
CA GLU A 705 -57.07 16.97 9.33
C GLU A 705 -55.66 17.55 9.33
N ILE A 706 -54.66 16.66 9.21
CA ILE A 706 -53.25 17.02 9.32
C ILE A 706 -52.58 16.68 8.00
N LEU A 707 -51.84 17.65 7.44
CA LEU A 707 -51.13 17.46 6.18
C LEU A 707 -49.77 18.16 6.22
N PRO A 708 -48.67 17.43 6.07
CA PRO A 708 -47.36 18.08 6.03
C PRO A 708 -47.16 18.86 4.73
N VAL A 709 -46.33 19.90 4.81
CA VAL A 709 -46.10 20.74 3.64
C VAL A 709 -44.60 20.94 3.41
N SER A 710 -43.78 20.70 4.43
CA SER A 710 -42.38 21.07 4.33
C SER A 710 -41.53 20.26 5.29
N MET A 711 -40.23 20.25 5.00
CA MET A 711 -39.18 19.79 5.91
C MET A 711 -38.18 20.94 6.11
N THR A 712 -37.09 20.63 6.79
CA THR A 712 -36.01 21.61 6.93
C THR A 712 -35.16 21.61 5.67
N LYS A 713 -34.83 22.82 5.20
CA LYS A 713 -34.00 22.94 4.00
C LYS A 713 -32.55 22.61 4.33
N THR A 714 -31.99 21.65 3.62
CA THR A 714 -30.65 21.16 3.89
C THR A 714 -29.70 21.53 2.76
N SER A 715 -28.49 21.98 3.13
CA SER A 715 -27.42 22.25 2.19
C SER A 715 -26.19 21.46 2.62
N VAL A 716 -25.56 20.78 1.67
CA VAL A 716 -24.41 19.93 1.94
C VAL A 716 -23.17 20.54 1.29
N ASP A 717 -22.07 20.55 2.03
CA ASP A 717 -20.78 20.96 1.49
C ASP A 717 -20.09 19.73 0.92
N CYS A 718 -19.36 19.92 -0.18
CA CYS A 718 -18.74 18.76 -0.82
C CYS A 718 -17.47 18.35 -0.08
N THR A 719 -16.44 19.20 -0.11
CA THR A 719 -15.12 18.80 0.37
C THR A 719 -15.06 18.73 1.89
N MET A 720 -15.62 19.74 2.57
CA MET A 720 -15.51 19.84 4.01
C MET A 720 -16.23 18.69 4.71
N TYR A 721 -17.39 18.29 4.19
CA TYR A 721 -18.04 17.10 4.73
C TYR A 721 -17.32 15.84 4.29
N ILE A 722 -16.84 15.79 3.04
CA ILE A 722 -16.46 14.50 2.48
C ILE A 722 -15.12 14.06 3.06
N CYS A 723 -14.31 15.00 3.57
CA CYS A 723 -13.10 14.67 4.30
C CYS A 723 -12.72 15.88 5.16
N GLY A 724 -11.92 15.61 6.19
CA GLY A 724 -11.54 16.67 7.11
C GLY A 724 -10.18 17.27 6.89
N ASP A 725 -10.14 18.44 6.22
CA ASP A 725 -8.97 19.31 6.13
C ASP A 725 -7.75 18.62 5.54
N SER A 726 -7.94 17.93 4.42
CA SER A 726 -6.85 17.24 3.73
C SER A 726 -6.78 17.72 2.28
N THR A 727 -5.56 18.08 1.84
CA THR A 727 -5.34 18.51 0.47
C THR A 727 -5.30 17.35 -0.51
N GLU A 728 -5.17 16.11 -0.02
CA GLU A 728 -5.22 14.96 -0.91
C GLU A 728 -6.61 14.78 -1.52
N CYS A 729 -7.65 15.22 -0.81
CA CYS A 729 -8.98 15.27 -1.41
C CYS A 729 -9.02 16.25 -2.59
N SER A 730 -8.38 17.42 -2.42
CA SER A 730 -8.28 18.36 -3.53
C SER A 730 -7.38 17.83 -4.65
N ASN A 731 -6.49 16.89 -4.34
CA ASN A 731 -5.64 16.30 -5.37
C ASN A 731 -6.41 15.27 -6.19
N LEU A 732 -6.96 14.24 -5.52
CA LEU A 732 -7.52 13.10 -6.25
C LEU A 732 -9.03 13.20 -6.46
N LEU A 733 -9.76 13.89 -5.59
CA LEU A 733 -11.20 14.05 -5.77
C LEU A 733 -11.50 14.97 -6.96
N LEU A 734 -10.63 15.96 -7.21
CA LEU A 734 -10.81 16.83 -8.38
C LEU A 734 -10.65 16.07 -9.68
N GLN A 735 -9.70 15.14 -9.76
CA GLN A 735 -9.54 14.29 -10.92
C GLN A 735 -10.43 13.05 -10.88
N TYR A 736 -11.18 12.86 -9.79
CA TYR A 736 -12.16 11.78 -9.74
C TYR A 736 -13.36 12.06 -10.63
N GLY A 737 -13.64 13.32 -10.92
CA GLY A 737 -14.75 13.71 -11.79
C GLY A 737 -15.59 14.79 -11.16
N SER A 738 -16.37 15.43 -12.02
CA SER A 738 -17.32 16.48 -11.59
C SER A 738 -18.59 15.82 -11.07
N PHE A 739 -18.49 15.33 -9.83
CA PHE A 739 -19.56 14.53 -9.24
C PHE A 739 -20.47 15.37 -8.34
N CYS A 740 -19.90 16.05 -7.34
CA CYS A 740 -20.69 16.71 -6.32
C CYS A 740 -21.21 18.08 -6.75
N THR A 741 -20.85 18.56 -7.95
CA THR A 741 -21.50 19.75 -8.49
C THR A 741 -22.97 19.49 -8.79
N GLN A 742 -23.27 18.33 -9.38
CA GLN A 742 -24.65 17.93 -9.59
C GLN A 742 -25.36 17.69 -8.28
N LEU A 743 -24.63 17.27 -7.24
CA LEU A 743 -25.23 17.11 -5.92
C LEU A 743 -25.72 18.45 -5.37
N LYS A 744 -24.87 19.48 -5.47
CA LYS A 744 -25.27 20.81 -5.02
C LYS A 744 -26.40 21.37 -5.87
N ARG A 745 -26.37 21.10 -7.18
CA ARG A 745 -27.46 21.52 -8.06
C ARG A 745 -28.78 20.86 -7.68
N ALA A 746 -28.74 19.56 -7.36
CA ALA A 746 -29.95 18.85 -6.95
C ALA A 746 -30.48 19.36 -5.62
N LEU A 747 -29.58 19.62 -4.66
CA LEU A 747 -30.02 20.14 -3.37
C LEU A 747 -30.61 21.54 -3.49
N THR A 748 -30.03 22.40 -4.33
CA THR A 748 -30.62 23.71 -4.58
C THR A 748 -31.94 23.59 -5.32
N GLY A 749 -32.08 22.56 -6.16
CA GLY A 749 -33.37 22.30 -6.81
C GLY A 749 -34.44 21.91 -5.83
N ILE A 750 -34.08 21.07 -4.85
CA ILE A 750 -35.03 20.75 -3.77
C ILE A 750 -35.39 21.99 -2.98
N ALA A 751 -34.40 22.84 -2.69
CA ALA A 751 -34.66 24.06 -1.92
C ALA A 751 -35.61 24.99 -2.66
N VAL A 752 -35.36 25.21 -3.97
CA VAL A 752 -36.21 26.13 -4.72
C VAL A 752 -37.59 25.51 -4.96
N GLU A 753 -37.66 24.18 -5.09
CA GLU A 753 -38.95 23.53 -5.25
C GLU A 753 -39.80 23.63 -3.98
N GLN A 754 -39.17 23.45 -2.82
CA GLN A 754 -39.87 23.61 -1.55
C GLN A 754 -40.31 25.05 -1.33
N ASP A 755 -39.46 26.01 -1.71
CA ASP A 755 -39.83 27.43 -1.59
C ASP A 755 -41.01 27.75 -2.49
N LYS A 756 -40.99 27.27 -3.73
CA LYS A 756 -42.08 27.52 -4.66
C LYS A 756 -43.37 26.84 -4.20
N ASN A 757 -43.25 25.62 -3.65
CA ASN A 757 -44.42 24.92 -3.14
C ASN A 757 -45.03 25.65 -1.94
N THR A 758 -44.19 26.14 -1.03
CA THR A 758 -44.70 26.87 0.13
C THR A 758 -45.35 28.18 -0.29
N GLN A 759 -44.76 28.88 -1.26
CA GLN A 759 -45.36 30.10 -1.79
C GLN A 759 -46.68 29.82 -2.48
N GLU A 760 -46.76 28.69 -3.19
CA GLU A 760 -48.01 28.32 -3.87
C GLU A 760 -49.11 27.98 -2.87
N VAL A 761 -48.78 27.24 -1.81
CA VAL A 761 -49.82 26.81 -0.89
C VAL A 761 -50.24 27.94 0.05
N PHE A 762 -49.34 28.87 0.37
CA PHE A 762 -49.69 29.88 1.36
C PHE A 762 -50.20 31.18 0.73
N ALA A 763 -49.51 31.68 -0.30
CA ALA A 763 -49.90 32.95 -0.92
C ALA A 763 -51.01 32.69 -1.94
N GLN A 764 -52.21 32.48 -1.41
CA GLN A 764 -53.39 32.33 -2.26
C GLN A 764 -53.96 33.67 -2.70
N VAL A 765 -53.92 34.68 -1.83
CA VAL A 765 -54.39 36.02 -2.14
C VAL A 765 -53.27 37.01 -1.81
N LYS A 766 -53.29 38.14 -2.51
CA LYS A 766 -52.25 39.16 -2.36
C LYS A 766 -52.72 40.33 -1.50
N GLN A 767 -53.87 40.23 -0.86
CA GLN A 767 -54.41 41.29 -0.01
C GLN A 767 -54.43 40.79 1.43
N ILE A 768 -53.85 41.56 2.34
CA ILE A 768 -53.81 41.21 3.76
C ILE A 768 -55.11 41.71 4.39
N TYR A 769 -56.02 40.79 4.68
CA TYR A 769 -57.27 41.14 5.33
C TYR A 769 -57.10 41.09 6.84
N LYS A 770 -57.58 42.13 7.53
CA LYS A 770 -57.49 42.22 8.97
C LYS A 770 -58.82 41.82 9.61
N THR A 771 -58.77 41.49 10.89
CA THR A 771 -59.97 41.13 11.62
C THR A 771 -60.85 42.37 11.82
N PRO A 772 -62.17 42.18 11.82
CA PRO A 772 -63.08 43.30 12.13
C PRO A 772 -62.87 43.82 13.54
N PRO A 773 -63.03 45.13 13.76
CA PRO A 773 -62.88 45.66 15.13
C PRO A 773 -63.94 45.16 16.10
N ILE A 774 -65.11 44.77 15.60
CA ILE A 774 -66.16 44.23 16.45
C ILE A 774 -66.04 42.70 16.46
N LYS A 775 -65.87 42.14 17.64
CA LYS A 775 -65.71 40.69 17.77
C LYS A 775 -67.04 39.94 17.76
N TYR A 776 -68.17 40.64 17.79
CA TYR A 776 -69.46 40.00 17.73
C TYR A 776 -69.72 39.49 16.33
N PHE A 777 -70.01 38.20 16.20
CA PHE A 777 -70.14 37.54 14.90
C PHE A 777 -71.53 36.92 14.75
N GLY A 778 -72.56 37.68 15.13
CA GLY A 778 -73.93 37.20 15.02
C GLY A 778 -74.27 36.03 15.94
N GLY A 779 -73.83 36.08 17.18
CA GLY A 779 -74.09 35.03 18.13
C GLY A 779 -73.06 33.90 18.13
N PHE A 780 -72.08 33.94 17.24
CA PHE A 780 -71.04 32.92 17.17
C PHE A 780 -69.80 33.43 17.89
N ASN A 781 -69.38 32.69 18.92
CA ASN A 781 -68.19 33.06 19.68
C ASN A 781 -66.95 32.65 18.92
N PHE A 782 -66.13 33.63 18.52
CA PHE A 782 -64.88 33.38 17.80
C PHE A 782 -63.77 34.13 18.55
N SER A 783 -63.21 33.48 19.57
CA SER A 783 -62.07 34.00 20.31
C SER A 783 -60.96 32.99 20.50
N GLN A 784 -61.28 31.69 20.50
CA GLN A 784 -60.26 30.65 20.57
C GLN A 784 -59.41 30.61 19.31
N ILE A 785 -59.97 31.00 18.17
CA ILE A 785 -59.29 30.86 16.89
C ILE A 785 -58.78 32.20 16.36
N LEU A 786 -59.44 33.30 16.71
CA LEU A 786 -58.97 34.60 16.27
C LEU A 786 -57.70 34.99 17.05
N PRO A 787 -56.70 35.58 16.37
CA PRO A 787 -55.43 35.90 17.05
C PRO A 787 -55.58 37.12 17.94
N ASP A 788 -55.62 36.90 19.24
CA ASP A 788 -55.66 37.97 20.22
C ASP A 788 -54.26 38.59 20.38
N PRO A 789 -54.18 39.89 20.68
CA PRO A 789 -52.88 40.54 20.87
C PRO A 789 -52.23 40.30 22.22
N SER A 790 -52.75 39.37 23.03
CA SER A 790 -52.11 39.05 24.31
C SER A 790 -50.75 38.39 24.10
N LYS A 791 -50.65 37.48 23.13
CA LYS A 791 -49.39 36.82 22.81
C LYS A 791 -48.52 37.74 21.96
N PRO A 792 -47.26 37.97 22.34
CA PRO A 792 -46.38 38.82 21.52
C PRO A 792 -46.06 38.25 20.15
N SER A 793 -46.25 36.94 19.94
CA SER A 793 -45.97 36.31 18.66
C SER A 793 -47.13 36.42 17.67
N LYS A 794 -48.24 37.06 18.08
CA LYS A 794 -49.44 37.24 17.26
C LYS A 794 -50.00 35.89 16.80
N ARG A 795 -50.27 35.02 17.77
CA ARG A 795 -50.75 33.67 17.49
C ARG A 795 -51.96 33.37 18.36
N SER A 796 -52.91 32.62 17.80
CA SER A 796 -54.03 32.13 18.56
C SER A 796 -53.56 31.05 19.54
N PRO A 797 -54.31 30.81 20.63
CA PRO A 797 -53.93 29.73 21.55
C PRO A 797 -53.98 28.34 20.93
N ILE A 798 -54.70 28.15 19.83
CA ILE A 798 -54.73 26.85 19.17
C ILE A 798 -53.35 26.49 18.60
N GLU A 799 -52.76 27.42 17.83
CA GLU A 799 -51.42 27.16 17.31
C GLU A 799 -50.35 27.27 18.39
N ASP A 800 -50.60 28.02 19.47
CA ASP A 800 -49.68 28.00 20.60
C ASP A 800 -49.65 26.64 21.27
N LEU A 801 -50.81 26.02 21.47
CA LEU A 801 -50.87 24.67 22.01
C LEU A 801 -50.25 23.67 21.04
N LEU A 802 -50.46 23.88 19.74
CA LEU A 802 -49.85 23.01 18.73
C LEU A 802 -48.33 23.11 18.74
N PHE A 803 -47.80 24.32 18.90
CA PHE A 803 -46.35 24.50 19.00
C PHE A 803 -45.80 23.94 20.30
N ASN A 804 -46.59 23.99 21.38
CA ASN A 804 -46.19 23.35 22.62
C ASN A 804 -46.17 21.83 22.48
N LYS A 805 -47.10 21.28 21.69
CA LYS A 805 -47.14 19.83 21.48
C LYS A 805 -45.95 19.33 20.67
N VAL A 806 -45.59 20.05 19.62
CA VAL A 806 -44.49 19.62 18.74
C VAL A 806 -43.17 20.06 19.36
N THR A 807 -42.12 19.28 19.11
CA THR A 807 -40.79 19.59 19.63
C THR A 807 -40.19 20.79 18.92
N ASN A 836 -18.53 17.87 11.24
CA ASN A 836 -19.82 18.43 10.84
C ASN A 836 -19.85 18.73 9.35
N GLY A 837 -19.76 20.02 9.00
CA GLY A 837 -19.78 20.43 7.61
C GLY A 837 -21.15 20.50 6.98
N LEU A 838 -22.22 20.34 7.76
CA LEU A 838 -23.58 20.38 7.25
C LEU A 838 -24.31 21.58 7.81
N THR A 839 -25.04 22.28 6.94
CA THR A 839 -25.81 23.47 7.31
C THR A 839 -27.28 23.24 7.02
N VAL A 840 -28.13 23.83 7.86
CA VAL A 840 -29.58 23.76 7.70
C VAL A 840 -30.04 25.13 7.25
N LEU A 841 -30.56 25.21 6.02
CA LEU A 841 -30.98 26.49 5.48
C LEU A 841 -32.32 26.91 6.08
N PRO A 842 -32.43 28.13 6.60
CA PRO A 842 -33.71 28.59 7.14
C PRO A 842 -34.70 28.83 6.01
N PRO A 843 -35.99 28.59 6.23
CA PRO A 843 -36.98 28.84 5.20
C PRO A 843 -37.19 30.32 4.95
N LEU A 844 -37.62 30.64 3.72
CA LEU A 844 -37.92 32.02 3.37
C LEU A 844 -39.15 32.52 4.12
N LEU A 845 -40.23 31.75 4.10
CA LEU A 845 -41.48 32.16 4.73
C LEU A 845 -41.38 31.87 6.22
N THR A 846 -41.06 32.91 6.99
CA THR A 846 -40.98 32.80 8.44
C THR A 846 -42.37 32.66 9.05
N ASP A 847 -42.41 32.22 10.31
CA ASP A 847 -43.66 31.75 10.90
C ASP A 847 -44.64 32.87 11.25
N GLU A 848 -44.15 34.07 11.57
CA GLU A 848 -45.07 35.12 11.96
C GLU A 848 -45.85 35.68 10.77
N MET A 849 -45.22 35.80 9.60
CA MET A 849 -46.00 36.22 8.44
C MET A 849 -46.80 35.07 7.84
N ILE A 850 -46.41 33.82 8.13
CA ILE A 850 -47.30 32.69 7.85
C ILE A 850 -48.57 32.79 8.69
N ALA A 851 -48.41 33.15 9.98
CA ALA A 851 -49.58 33.38 10.83
C ALA A 851 -50.40 34.56 10.34
N GLN A 852 -49.73 35.60 9.82
CA GLN A 852 -50.45 36.73 9.22
C GLN A 852 -51.25 36.30 8.00
N TYR A 853 -50.67 35.43 7.15
CA TYR A 853 -51.39 34.91 5.99
C TYR A 853 -52.60 34.09 6.41
N THR A 854 -52.44 33.24 7.44
CA THR A 854 -53.56 32.44 7.92
C THR A 854 -54.65 33.32 8.52
N SER A 855 -54.25 34.39 9.21
CA SER A 855 -55.23 35.35 9.73
C SER A 855 -55.95 36.08 8.59
N ALA A 856 -55.23 36.39 7.51
CA ALA A 856 -55.85 37.04 6.36
C ALA A 856 -56.88 36.13 5.69
N LEU A 857 -56.53 34.85 5.49
CA LEU A 857 -57.50 33.91 4.92
C LEU A 857 -58.67 33.67 5.87
N LEU A 858 -58.40 33.63 7.18
CA LEU A 858 -59.48 33.49 8.16
C LEU A 858 -60.43 34.68 8.10
N ALA A 859 -59.89 35.89 7.97
CA ALA A 859 -60.74 37.07 7.82
C ALA A 859 -61.54 37.03 6.53
N GLY A 860 -60.89 36.64 5.43
CA GLY A 860 -61.58 36.58 4.15
C GLY A 860 -62.67 35.52 4.10
N THR A 861 -62.57 34.50 4.96
CA THR A 861 -63.66 33.54 5.09
C THR A 861 -64.68 33.92 6.16
N ILE A 862 -64.32 34.72 7.16
CA ILE A 862 -65.23 34.96 8.27
C ILE A 862 -66.08 36.21 8.07
N THR A 863 -65.60 37.19 7.29
CA THR A 863 -66.38 38.41 7.07
C THR A 863 -66.60 38.77 5.61
N SER A 864 -65.90 38.15 4.67
CA SER A 864 -66.08 38.47 3.26
C SER A 864 -66.97 37.45 2.54
N GLY A 865 -67.56 36.51 3.28
CA GLY A 865 -68.43 35.52 2.68
C GLY A 865 -67.64 34.49 1.86
N TRP A 866 -68.37 33.82 0.98
CA TRP A 866 -67.77 32.80 0.12
C TRP A 866 -67.26 33.36 -1.20
N THR A 867 -67.41 34.67 -1.44
CA THR A 867 -66.96 35.31 -2.67
C THR A 867 -65.91 36.36 -2.31
N PHE A 868 -64.65 35.92 -2.19
CA PHE A 868 -63.54 36.84 -2.04
C PHE A 868 -62.30 36.40 -2.81
N GLY A 869 -62.34 35.29 -3.53
CA GLY A 869 -61.25 34.87 -4.38
C GLY A 869 -61.28 35.39 -5.80
N ALA A 870 -62.30 36.18 -6.14
CA ALA A 870 -62.46 36.74 -7.48
C ALA A 870 -62.50 38.25 -7.35
N GLY A 871 -61.32 38.88 -7.44
CA GLY A 871 -61.21 40.31 -7.40
C GLY A 871 -61.48 40.91 -6.04
N PRO A 872 -62.30 41.96 -6.00
CA PRO A 872 -62.54 42.67 -4.73
C PRO A 872 -63.39 41.85 -3.76
N ALA A 873 -63.25 42.19 -2.48
CA ALA A 873 -64.01 41.53 -1.42
C ALA A 873 -65.43 42.04 -1.39
N LEU A 874 -66.32 41.24 -0.80
CA LEU A 874 -67.73 41.58 -0.67
C LEU A 874 -68.12 41.47 0.81
N GLN A 875 -68.58 42.57 1.39
CA GLN A 875 -69.03 42.58 2.78
C GLN A 875 -70.36 41.84 2.88
N ILE A 876 -70.33 40.62 3.41
CA ILE A 876 -71.51 39.77 3.53
C ILE A 876 -71.70 39.47 5.02
N PRO A 877 -72.90 39.63 5.56
CA PRO A 877 -73.13 39.27 6.97
C PRO A 877 -73.00 37.77 7.21
N PHE A 878 -72.56 37.45 8.44
CA PHE A 878 -72.26 36.06 8.78
C PHE A 878 -73.48 35.13 8.81
N PRO A 879 -74.63 35.50 9.41
CA PRO A 879 -75.80 34.59 9.29
C PRO A 879 -76.28 34.37 7.87
N MET A 880 -76.18 35.38 7.00
CA MET A 880 -76.55 35.16 5.61
C MET A 880 -75.52 34.29 4.90
N GLN A 881 -74.25 34.37 5.31
CA GLN A 881 -73.25 33.44 4.78
C GLN A 881 -73.55 32.01 5.20
N MET A 882 -73.98 31.81 6.45
CA MET A 882 -74.45 30.49 6.88
C MET A 882 -75.67 30.04 6.07
N ALA A 883 -76.60 30.95 5.79
CA ALA A 883 -77.77 30.60 5.00
C ALA A 883 -77.38 30.18 3.59
N TYR A 884 -76.45 30.91 2.96
CA TYR A 884 -75.99 30.56 1.62
C TYR A 884 -75.25 29.22 1.61
N ARG A 885 -74.41 29.00 2.62
CA ARG A 885 -73.69 27.74 2.69
C ARG A 885 -74.64 26.57 2.91
N PHE A 886 -75.54 26.70 3.87
CA PHE A 886 -76.50 25.64 4.14
C PHE A 886 -77.34 25.39 2.90
N ASN A 887 -77.61 26.45 2.15
CA ASN A 887 -78.35 26.27 0.91
C ASN A 887 -77.60 25.29 0.05
N GLY A 888 -76.27 25.37 0.09
CA GLY A 888 -75.46 24.49 -0.72
C GLY A 888 -75.35 23.06 -0.23
N ILE A 889 -76.15 22.69 0.76
CA ILE A 889 -76.14 21.31 1.23
C ILE A 889 -77.55 20.73 1.24
N GLY A 890 -78.37 21.12 0.27
CA GLY A 890 -79.72 20.60 0.19
C GLY A 890 -80.51 20.92 1.43
N VAL A 891 -80.26 22.08 2.02
CA VAL A 891 -81.00 22.49 3.21
C VAL A 891 -81.50 23.91 3.01
N THR A 892 -82.78 24.06 2.72
CA THR A 892 -83.35 25.38 2.52
C THR A 892 -82.89 26.33 3.62
N GLN A 893 -82.59 27.57 3.24
CA GLN A 893 -81.98 28.54 4.15
C GLN A 893 -82.94 29.04 5.23
N ASN A 894 -84.23 28.70 5.16
CA ASN A 894 -85.20 29.18 6.13
C ASN A 894 -85.04 28.54 7.52
N VAL A 895 -84.21 27.50 7.64
CA VAL A 895 -84.11 26.76 8.89
C VAL A 895 -83.06 27.30 9.85
N LEU A 896 -82.28 28.29 9.43
CA LEU A 896 -81.17 28.78 10.26
C LEU A 896 -81.64 29.66 11.41
N TYR A 897 -82.71 30.43 11.21
CA TYR A 897 -83.11 31.47 12.16
C TYR A 897 -84.10 30.98 13.19
N GLU A 898 -84.43 29.68 13.21
CA GLU A 898 -85.31 29.13 14.23
C GLU A 898 -84.55 28.41 15.35
N ASN A 899 -83.29 28.05 15.12
CA ASN A 899 -82.45 27.44 16.16
C ASN A 899 -81.04 28.03 16.11
N GLN A 900 -80.96 29.36 15.98
CA GLN A 900 -79.67 30.03 15.89
C GLN A 900 -78.88 29.90 17.20
N LYS A 901 -79.56 30.04 18.34
CA LYS A 901 -78.90 29.86 19.63
C LYS A 901 -78.44 28.42 19.81
N LEU A 902 -79.24 27.46 19.35
CA LEU A 902 -78.88 26.05 19.47
C LEU A 902 -77.66 25.71 18.64
N ILE A 903 -77.62 26.18 17.38
CA ILE A 903 -76.45 25.87 16.54
C ILE A 903 -75.23 26.65 17.01
N ALA A 904 -75.41 27.84 17.59
CA ALA A 904 -74.28 28.57 18.16
C ALA A 904 -73.71 27.83 19.37
N ASN A 905 -74.57 27.30 20.24
CA ASN A 905 -74.12 26.53 21.38
C ASN A 905 -73.44 25.23 20.93
N GLN A 906 -73.97 24.59 19.89
CA GLN A 906 -73.34 23.38 19.35
C GLN A 906 -71.98 23.69 18.75
N PHE A 907 -71.85 24.84 18.07
CA PHE A 907 -70.56 25.25 17.51
C PHE A 907 -69.54 25.52 18.62
N ASN A 908 -69.97 26.20 19.69
CA ASN A 908 -69.08 26.46 20.80
C ASN A 908 -68.66 25.17 21.51
N SER A 909 -69.60 24.24 21.67
CA SER A 909 -69.29 22.94 22.28
C SER A 909 -68.33 22.13 21.42
N ALA A 910 -68.50 22.18 20.09
CA ALA A 910 -67.59 21.47 19.20
C ALA A 910 -66.20 22.10 19.20
N ILE A 911 -66.13 23.43 19.30
CA ILE A 911 -64.84 24.11 19.39
C ILE A 911 -64.12 23.72 20.67
N GLY A 912 -64.86 23.69 21.79
CA GLY A 912 -64.25 23.23 23.04
C GLY A 912 -63.85 21.77 23.00
N LYS A 913 -64.63 20.94 22.31
CA LYS A 913 -64.32 19.52 22.19
C LYS A 913 -63.04 19.30 21.39
N ILE A 914 -62.87 20.02 20.27
CA ILE A 914 -61.65 19.83 19.51
C ILE A 914 -60.46 20.51 20.20
N GLN A 915 -60.70 21.56 20.99
CA GLN A 915 -59.64 22.14 21.79
C GLN A 915 -59.13 21.14 22.83
N ASP A 916 -60.05 20.39 23.46
CA ASP A 916 -59.65 19.34 24.37
C ASP A 916 -58.97 18.18 23.63
N SER A 917 -59.47 17.83 22.45
CA SER A 917 -58.96 16.67 21.73
C SER A 917 -57.59 16.93 21.12
N LEU A 918 -57.25 18.20 20.84
CA LEU A 918 -55.93 18.51 20.31
C LEU A 918 -54.83 18.23 21.33
N SER A 919 -55.09 18.49 22.60
CA SER A 919 -54.13 18.23 23.67
C SER A 919 -54.44 16.95 24.44
N SER A 920 -55.45 16.19 24.02
CA SER A 920 -55.79 14.95 24.71
C SER A 920 -54.71 13.90 24.56
N THR A 921 -54.16 13.76 23.36
CA THR A 921 -53.13 12.77 23.08
C THR A 921 -52.02 13.41 22.24
N PRO A 922 -50.78 12.97 22.41
CA PRO A 922 -49.70 13.44 21.55
C PRO A 922 -49.53 12.67 20.25
N SER A 923 -50.40 11.69 19.98
CA SER A 923 -50.30 10.88 18.76
C SER A 923 -51.20 11.37 17.64
N ALA A 924 -51.90 12.49 17.83
CA ALA A 924 -52.81 13.01 16.82
C ALA A 924 -52.11 13.84 15.75
N LEU A 925 -50.80 14.08 15.89
CA LEU A 925 -50.06 14.88 14.91
C LEU A 925 -48.95 14.06 14.27
N GLY A 926 -49.21 12.76 14.05
CA GLY A 926 -48.14 11.81 13.80
C GLY A 926 -47.33 12.08 12.54
N LYS A 927 -47.94 12.74 11.55
CA LYS A 927 -47.24 13.09 10.33
C LYS A 927 -46.11 14.08 10.60
N LEU A 928 -46.36 15.07 11.47
CA LEU A 928 -45.38 16.13 11.70
C LEU A 928 -44.15 15.61 12.43
N GLN A 929 -44.34 14.93 13.57
CA GLN A 929 -43.19 14.36 14.26
C GLN A 929 -42.61 13.19 13.47
N ASP A 930 -43.41 12.56 12.59
CA ASP A 930 -42.88 11.53 11.72
C ASP A 930 -41.84 12.09 10.75
N VAL A 931 -42.18 13.17 10.04
CA VAL A 931 -41.24 13.74 9.08
C VAL A 931 -40.08 14.41 9.81
N VAL A 932 -40.33 15.01 10.99
CA VAL A 932 -39.25 15.61 11.77
C VAL A 932 -38.29 14.53 12.27
N ASN A 933 -38.81 13.41 12.74
CA ASN A 933 -37.97 12.31 13.20
C ASN A 933 -37.21 11.67 12.05
N HIS A 934 -37.83 11.57 10.87
CA HIS A 934 -37.13 11.03 9.72
C HIS A 934 -35.99 11.94 9.27
N ASN A 935 -36.21 13.25 9.28
CA ASN A 935 -35.14 14.19 8.95
C ASN A 935 -34.01 14.14 9.99
N ALA A 936 -34.37 14.09 11.27
CA ALA A 936 -33.36 14.03 12.33
C ALA A 936 -32.57 12.72 12.26
N GLN A 937 -33.25 11.61 11.96
CA GLN A 937 -32.56 10.33 11.84
C GLN A 937 -31.69 10.28 10.59
N ALA A 938 -32.12 10.94 9.51
CA ALA A 938 -31.28 11.03 8.32
C ALA A 938 -30.01 11.81 8.60
N LEU A 939 -30.13 12.94 9.32
CA LEU A 939 -28.94 13.69 9.70
C LEU A 939 -28.06 12.90 10.67
N ASN A 940 -28.69 12.16 11.60
CA ASN A 940 -27.94 11.38 12.58
C ASN A 940 -27.16 10.25 11.92
N THR A 941 -27.78 9.53 10.98
CA THR A 941 -27.02 8.51 10.26
C THR A 941 -26.04 9.10 9.27
N LEU A 942 -26.29 10.33 8.79
CA LEU A 942 -25.34 11.01 7.93
C LEU A 942 -24.05 11.32 8.67
N VAL A 943 -24.17 11.82 9.90
CA VAL A 943 -22.97 12.08 10.70
C VAL A 943 -22.43 10.82 11.37
N LYS A 944 -23.25 9.77 11.49
CA LYS A 944 -22.76 8.51 12.05
C LYS A 944 -21.94 7.73 11.04
N GLN A 945 -22.31 7.80 9.75
CA GLN A 945 -21.59 7.06 8.73
C GLN A 945 -20.21 7.62 8.46
N LEU A 946 -19.92 8.83 8.93
CA LEU A 946 -18.59 9.41 8.79
C LEU A 946 -17.56 8.69 9.66
N SER A 947 -17.99 8.23 10.84
CA SER A 947 -17.06 7.67 11.82
C SER A 947 -16.66 6.23 11.51
N SER A 948 -17.30 5.57 10.55
CA SER A 948 -16.97 4.20 10.22
C SER A 948 -15.77 4.15 9.28
N LYS A 949 -14.94 3.12 9.45
CA LYS A 949 -13.72 2.96 8.66
C LYS A 949 -13.98 2.39 7.27
N PHE A 950 -15.16 1.80 7.05
CA PHE A 950 -15.57 1.23 5.75
C PHE A 950 -14.60 0.16 5.26
N GLY A 951 -14.11 -0.67 6.19
CA GLY A 951 -13.19 -1.73 5.84
C GLY A 951 -11.76 -1.31 5.65
N ALA A 952 -11.44 -0.04 5.89
CA ALA A 952 -10.06 0.44 5.79
C ALA A 952 -9.36 0.24 7.14
N ILE A 953 -8.16 0.80 7.27
CA ILE A 953 -7.41 0.66 8.52
C ILE A 953 -8.06 1.47 9.63
N SER A 954 -8.43 2.71 9.34
CA SER A 954 -9.03 3.59 10.34
C SER A 954 -9.86 4.66 9.64
N SER A 955 -10.72 5.31 10.43
CA SER A 955 -11.59 6.37 9.93
C SER A 955 -10.92 7.73 9.88
N VAL A 956 -9.73 7.87 10.47
CA VAL A 956 -9.07 9.16 10.52
C VAL A 956 -8.49 9.51 9.15
N LEU A 957 -8.33 10.80 8.88
CA LEU A 957 -7.83 11.30 7.61
C LEU A 957 -6.40 11.80 7.69
N ASN A 958 -6.11 12.72 8.61
CA ASN A 958 -4.77 13.30 8.70
C ASN A 958 -3.79 12.34 9.34
N ASP A 959 -4.23 11.61 10.38
CA ASP A 959 -3.32 10.73 11.11
C ASP A 959 -2.97 9.48 10.31
N ILE A 960 -3.87 9.03 9.44
CA ILE A 960 -3.60 7.83 8.64
C ILE A 960 -2.56 8.10 7.56
N LEU A 961 -2.32 9.36 7.21
CA LEU A 961 -1.30 9.67 6.22
C LEU A 961 0.10 9.58 6.80
N SER A 962 0.24 9.83 8.12
CA SER A 962 1.55 9.80 8.74
C SER A 962 2.06 8.37 8.92
N ARG A 963 1.18 7.46 9.34
CA ARG A 963 1.60 6.10 9.66
C ARG A 963 1.57 5.16 8.46
N LEU A 964 1.04 5.59 7.31
CA LEU A 964 0.99 4.76 6.12
C LEU A 964 1.65 5.48 4.95
N ASP A 965 2.32 4.70 4.09
CA ASP A 965 2.94 5.24 2.91
C ASP A 965 1.89 5.64 1.86
N PRO A 966 2.16 6.68 1.08
CA PRO A 966 1.19 7.17 0.08
C PRO A 966 0.78 6.13 -0.97
N PRO A 967 1.65 5.18 -1.40
CA PRO A 967 1.15 4.14 -2.33
C PRO A 967 -0.03 3.31 -1.81
N GLU A 968 -0.08 3.02 -0.51
CA GLU A 968 -1.25 2.37 0.05
C GLU A 968 -2.24 3.35 0.67
N ALA A 969 -1.77 4.55 1.04
CA ALA A 969 -2.68 5.57 1.53
C ALA A 969 -3.65 6.02 0.44
N GLU A 970 -3.21 6.02 -0.82
CA GLU A 970 -4.14 6.37 -1.90
C GLU A 970 -5.19 5.29 -2.08
N VAL A 971 -4.83 4.02 -1.84
CA VAL A 971 -5.81 2.94 -1.88
C VAL A 971 -6.83 3.10 -0.75
N GLN A 972 -6.35 3.41 0.45
CA GLN A 972 -7.25 3.61 1.60
C GLN A 972 -8.17 4.81 1.38
N ILE A 973 -7.62 5.91 0.84
CA ILE A 973 -8.42 7.10 0.57
C ILE A 973 -9.41 6.83 -0.55
N ASP A 974 -9.03 6.01 -1.54
CA ASP A 974 -9.95 5.65 -2.62
C ASP A 974 -11.12 4.84 -2.09
N ARG A 975 -10.84 3.87 -1.22
CA ARG A 975 -11.92 3.09 -0.60
C ARG A 975 -12.84 3.98 0.24
N LEU A 976 -12.24 4.87 1.04
CA LEU A 976 -13.04 5.75 1.88
C LEU A 976 -13.87 6.74 1.07
N ILE A 977 -13.29 7.29 -0.01
CA ILE A 977 -13.99 8.27 -0.83
C ILE A 977 -15.13 7.60 -1.58
N THR A 978 -14.96 6.35 -2.03
CA THR A 978 -16.04 5.65 -2.71
C THR A 978 -17.16 5.29 -1.75
N GLY A 979 -16.82 4.82 -0.54
CA GLY A 979 -17.84 4.50 0.43
C GLY A 979 -18.63 5.72 0.89
N ARG A 980 -17.94 6.83 1.14
CA ARG A 980 -18.63 8.05 1.56
C ARG A 980 -19.45 8.64 0.43
N LEU A 981 -18.99 8.51 -0.82
CA LEU A 981 -19.82 8.93 -1.96
C LEU A 981 -21.07 8.07 -2.08
N GLN A 982 -20.96 6.77 -1.81
CA GLN A 982 -22.13 5.90 -1.80
C GLN A 982 -23.12 6.29 -0.70
N SER A 983 -22.60 6.62 0.49
CA SER A 983 -23.46 7.05 1.59
C SER A 983 -24.16 8.36 1.27
N LEU A 984 -23.44 9.32 0.68
CA LEU A 984 -24.04 10.57 0.27
C LEU A 984 -25.08 10.37 -0.82
N GLN A 985 -24.82 9.43 -1.75
CA GLN A 985 -25.80 9.12 -2.79
C GLN A 985 -27.06 8.52 -2.21
N THR A 986 -26.93 7.64 -1.21
CA THR A 986 -28.10 7.09 -0.54
C THR A 986 -28.90 8.18 0.18
N TYR A 987 -28.18 9.09 0.86
CA TYR A 987 -28.84 10.18 1.58
C TYR A 987 -29.58 11.10 0.61
N VAL A 988 -28.98 11.43 -0.53
CA VAL A 988 -29.66 12.34 -1.45
C VAL A 988 -30.76 11.62 -2.22
N THR A 989 -30.66 10.30 -2.43
CA THR A 989 -31.79 9.57 -3.01
C THR A 989 -32.99 9.59 -2.07
N GLN A 990 -32.74 9.41 -0.78
CA GLN A 990 -33.81 9.55 0.22
C GLN A 990 -34.35 10.98 0.23
N GLN A 991 -33.47 11.97 0.08
CA GLN A 991 -33.92 13.37 0.07
C GLN A 991 -34.81 13.66 -1.15
N LEU A 992 -34.43 13.18 -2.33
CA LEU A 992 -35.26 13.40 -3.52
C LEU A 992 -36.61 12.69 -3.42
N ILE A 993 -36.63 11.44 -2.94
CA ILE A 993 -37.92 10.75 -2.87
C ILE A 993 -38.81 11.37 -1.79
N ARG A 994 -38.22 11.82 -0.67
CA ARG A 994 -39.02 12.47 0.36
C ARG A 994 -39.53 13.82 -0.11
N ALA A 995 -38.72 14.55 -0.88
CA ALA A 995 -39.16 15.82 -1.46
C ALA A 995 -40.30 15.60 -2.45
N ALA A 996 -40.21 14.54 -3.26
CA ALA A 996 -41.28 14.25 -4.21
C ALA A 996 -42.59 13.87 -3.51
N GLU A 997 -42.50 13.02 -2.48
CA GLU A 997 -43.70 12.63 -1.73
C GLU A 997 -44.30 13.82 -0.99
N ILE A 998 -43.46 14.65 -0.37
CA ILE A 998 -43.95 15.83 0.34
C ILE A 998 -44.53 16.83 -0.64
N ARG A 999 -43.94 16.96 -1.83
CA ARG A 999 -44.48 17.85 -2.86
C ARG A 999 -45.85 17.38 -3.35
N ALA A 1000 -46.03 16.06 -3.52
CA ALA A 1000 -47.35 15.55 -3.91
C ALA A 1000 -48.39 15.77 -2.81
N SER A 1001 -48.01 15.49 -1.56
CA SER A 1001 -48.93 15.70 -0.44
C SER A 1001 -49.26 17.17 -0.26
N ALA A 1002 -48.29 18.05 -0.50
CA ALA A 1002 -48.51 19.49 -0.40
C ALA A 1002 -49.30 20.04 -1.57
N ASN A 1003 -49.19 19.41 -2.75
CA ASN A 1003 -50.06 19.79 -3.86
C ASN A 1003 -51.51 19.40 -3.56
N LEU A 1004 -51.71 18.24 -2.94
CA LEU A 1004 -53.04 17.87 -2.47
C LEU A 1004 -53.53 18.84 -1.39
N ALA A 1005 -52.64 19.24 -0.49
CA ALA A 1005 -52.98 20.21 0.55
C ALA A 1005 -53.33 21.57 -0.04
N ALA A 1006 -52.64 21.97 -1.11
CA ALA A 1006 -52.96 23.23 -1.77
C ALA A 1006 -54.27 23.15 -2.54
N THR A 1007 -54.58 21.98 -3.10
CA THR A 1007 -55.89 21.78 -3.71
C THR A 1007 -57.00 21.87 -2.67
N LYS A 1008 -56.77 21.31 -1.48
CA LYS A 1008 -57.72 21.47 -0.38
C LYS A 1008 -57.78 22.92 0.11
N MET A 1009 -56.64 23.61 0.04
CA MET A 1009 -56.58 25.02 0.42
C MET A 1009 -57.44 25.88 -0.50
N SER A 1010 -57.39 25.59 -1.80
CA SER A 1010 -58.17 26.30 -2.80
C SER A 1010 -59.58 25.74 -2.98
N GLU A 1011 -59.90 24.61 -2.35
CA GLU A 1011 -61.20 23.98 -2.51
C GLU A 1011 -62.06 24.01 -1.26
N CYS A 1012 -61.50 23.71 -0.09
CA CYS A 1012 -62.27 23.75 1.15
C CYS A 1012 -62.40 25.15 1.73
N VAL A 1013 -61.35 25.95 1.68
CA VAL A 1013 -61.34 27.27 2.28
C VAL A 1013 -62.02 28.30 1.39
N LEU A 1014 -61.68 28.33 0.11
CA LEU A 1014 -62.29 29.24 -0.84
C LEU A 1014 -63.69 28.75 -1.17
N GLY A 1015 -64.69 29.33 -0.51
CA GLY A 1015 -66.07 28.97 -0.77
C GLY A 1015 -66.44 27.60 -0.23
N GLN A 1016 -67.55 27.08 -0.76
CA GLN A 1016 -68.08 25.79 -0.38
C GLN A 1016 -67.87 24.79 -1.50
N SER A 1017 -67.48 23.56 -1.13
CA SER A 1017 -67.27 22.48 -2.07
C SER A 1017 -68.39 21.47 -1.91
N LYS A 1018 -69.07 21.16 -3.02
CA LYS A 1018 -70.21 20.25 -2.97
C LYS A 1018 -69.76 18.79 -2.94
N ARG A 1019 -68.52 18.50 -3.31
CA ARG A 1019 -68.05 17.13 -3.42
C ARG A 1019 -68.00 16.44 -2.05
N VAL A 1020 -68.43 15.18 -2.05
CA VAL A 1020 -68.70 14.47 -0.80
C VAL A 1020 -67.39 14.04 -0.16
N ASP A 1021 -67.29 14.23 1.16
CA ASP A 1021 -66.21 13.85 2.07
C ASP A 1021 -64.79 14.07 1.53
N PHE A 1022 -64.60 15.17 0.78
CA PHE A 1022 -63.26 15.59 0.40
C PHE A 1022 -62.65 16.59 1.38
N CYS A 1023 -63.48 17.27 2.16
CA CYS A 1023 -63.04 18.24 3.16
C CYS A 1023 -63.69 17.82 4.48
N GLY A 1024 -63.04 16.90 5.19
CA GLY A 1024 -63.62 16.34 6.40
C GLY A 1024 -64.57 15.21 6.10
N LYS A 1025 -65.18 14.71 7.18
CA LYS A 1025 -66.11 13.59 7.09
C LYS A 1025 -67.53 14.10 6.90
N GLY A 1026 -68.21 13.62 5.86
CA GLY A 1026 -69.55 14.05 5.57
C GLY A 1026 -69.59 15.24 4.64
N TYR A 1027 -70.74 15.92 4.63
CA TYR A 1027 -70.90 17.12 3.82
C TYR A 1027 -70.05 18.25 4.38
N HIS A 1028 -69.37 18.95 3.48
CA HIS A 1028 -68.49 20.05 3.87
C HIS A 1028 -69.19 21.39 3.64
N LEU A 1029 -69.10 22.26 4.64
CA LEU A 1029 -69.64 23.62 4.53
C LEU A 1029 -68.52 24.65 4.49
N MET A 1030 -67.64 24.66 5.49
CA MET A 1030 -66.54 25.62 5.53
C MET A 1030 -65.40 25.02 6.33
N SER A 1031 -64.23 25.65 6.22
CA SER A 1031 -63.04 25.15 6.88
C SER A 1031 -62.23 26.33 7.42
N PHE A 1032 -61.54 26.09 8.53
CA PHE A 1032 -60.73 27.12 9.19
C PHE A 1032 -59.29 26.65 9.32
N PRO A 1033 -58.40 27.06 8.43
CA PRO A 1033 -56.99 26.65 8.56
C PRO A 1033 -56.21 27.49 9.55
N GLN A 1034 -55.26 26.87 10.24
CA GLN A 1034 -54.38 27.57 11.18
C GLN A 1034 -52.92 27.30 10.83
N SER A 1035 -52.06 28.21 11.24
CA SER A 1035 -50.63 28.08 10.98
C SER A 1035 -50.02 26.96 11.81
N ALA A 1036 -49.19 26.14 11.17
CA ALA A 1036 -48.50 25.04 11.81
C ALA A 1036 -47.06 24.99 11.35
N PRO A 1037 -46.14 24.54 12.20
CA PRO A 1037 -44.74 24.39 11.76
C PRO A 1037 -44.59 23.18 10.85
N HIS A 1038 -44.06 23.43 9.65
CA HIS A 1038 -43.82 22.41 8.62
C HIS A 1038 -45.08 21.64 8.26
N GLY A 1039 -46.21 22.33 8.22
CA GLY A 1039 -47.47 21.68 7.89
C GLY A 1039 -48.61 22.65 8.04
N VAL A 1040 -49.83 22.13 7.81
CA VAL A 1040 -51.06 22.88 8.02
C VAL A 1040 -52.03 21.99 8.78
N VAL A 1041 -52.97 22.63 9.47
CA VAL A 1041 -54.03 21.92 10.18
C VAL A 1041 -55.37 22.43 9.66
N PHE A 1042 -56.35 21.53 9.63
CA PHE A 1042 -57.65 21.81 9.04
C PHE A 1042 -58.77 21.53 10.04
N LEU A 1043 -59.74 22.44 10.10
CA LEU A 1043 -61.02 22.20 10.73
C LEU A 1043 -62.07 22.04 9.64
N HIS A 1044 -63.18 21.37 9.97
CA HIS A 1044 -64.19 21.05 8.96
C HIS A 1044 -65.58 21.15 9.60
N VAL A 1045 -66.25 22.28 9.36
CA VAL A 1045 -67.62 22.45 9.83
C VAL A 1045 -68.53 21.60 8.94
N THR A 1046 -69.07 20.52 9.49
CA THR A 1046 -69.83 19.54 8.73
C THR A 1046 -71.28 19.51 9.17
N TYR A 1047 -72.07 18.72 8.47
CA TYR A 1047 -73.51 18.58 8.71
C TYR A 1047 -73.82 17.10 8.91
N VAL A 1048 -74.06 16.72 10.16
CA VAL A 1048 -74.37 15.33 10.50
C VAL A 1048 -75.77 15.25 11.06
N PRO A 1049 -76.77 14.84 10.27
CA PRO A 1049 -78.13 14.69 10.81
C PRO A 1049 -78.24 13.46 11.71
N ALA A 1050 -79.25 13.48 12.56
CA ALA A 1050 -79.51 12.38 13.50
C ALA A 1050 -80.99 12.39 13.86
N GLN A 1051 -81.35 11.53 14.82
CA GLN A 1051 -82.73 11.35 15.30
C GLN A 1051 -83.67 10.97 14.16
N GLU A 1052 -83.39 9.81 13.58
CA GLU A 1052 -84.12 9.34 12.41
C GLU A 1052 -85.49 8.81 12.79
N LYS A 1053 -86.50 9.17 12.00
CA LYS A 1053 -87.88 8.74 12.20
C LYS A 1053 -88.39 8.04 10.95
N ASN A 1054 -89.12 6.95 11.14
CA ASN A 1054 -89.66 6.19 10.02
C ASN A 1054 -90.81 6.93 9.36
N PHE A 1055 -90.90 6.79 8.03
CA PHE A 1055 -91.93 7.46 7.25
C PHE A 1055 -92.27 6.62 6.03
N THR A 1056 -93.43 6.92 5.44
CA THR A 1056 -93.89 6.29 4.21
C THR A 1056 -94.01 7.34 3.11
N THR A 1057 -93.88 6.89 1.87
CA THR A 1057 -93.83 7.80 0.72
C THR A 1057 -94.61 7.19 -0.44
N ALA A 1058 -94.46 7.80 -1.62
CA ALA A 1058 -95.02 7.33 -2.88
C ALA A 1058 -94.25 7.96 -4.02
N PRO A 1059 -93.99 7.23 -5.10
CA PRO A 1059 -93.30 7.83 -6.26
C PRO A 1059 -94.06 8.98 -6.91
N ALA A 1060 -95.39 8.90 -6.95
CA ALA A 1060 -96.20 9.95 -7.57
C ALA A 1060 -97.61 9.88 -6.99
N ILE A 1061 -98.44 10.84 -7.40
CA ILE A 1061 -99.82 10.93 -6.97
C ILE A 1061 -100.72 11.05 -8.20
N CYS A 1062 -101.72 10.18 -8.29
CA CYS A 1062 -102.70 10.20 -9.36
C CYS A 1062 -103.96 10.91 -8.87
N HIS A 1063 -104.35 11.97 -9.59
CA HIS A 1063 -105.51 12.75 -9.19
C HIS A 1063 -106.12 13.40 -10.43
N ASP A 1064 -107.42 13.20 -10.63
CA ASP A 1064 -108.18 13.74 -11.77
C ASP A 1064 -107.58 13.31 -13.11
N GLY A 1065 -107.12 12.06 -13.18
CA GLY A 1065 -106.60 11.52 -14.42
C GLY A 1065 -105.26 12.06 -14.85
N LYS A 1066 -104.48 12.62 -13.92
CA LYS A 1066 -103.16 13.13 -14.25
C LYS A 1066 -102.20 12.85 -13.10
N ALA A 1067 -100.92 12.81 -13.41
CA ALA A 1067 -99.90 12.50 -12.43
C ALA A 1067 -99.39 13.77 -11.75
N HIS A 1068 -98.88 13.60 -10.53
CA HIS A 1068 -98.32 14.70 -9.75
C HIS A 1068 -96.91 14.35 -9.33
N PHE A 1069 -96.01 15.34 -9.45
CA PHE A 1069 -94.61 15.16 -9.09
C PHE A 1069 -94.13 16.42 -8.38
N PRO A 1070 -93.37 16.29 -7.30
CA PRO A 1070 -92.88 17.48 -6.59
C PRO A 1070 -91.81 18.21 -7.40
N ARG A 1071 -91.85 19.54 -7.31
CA ARG A 1071 -90.89 20.36 -8.05
C ARG A 1071 -89.50 20.29 -7.41
N GLU A 1072 -89.43 20.40 -6.08
CA GLU A 1072 -88.16 20.24 -5.38
C GLU A 1072 -88.23 19.32 -4.17
N GLY A 1073 -89.40 19.10 -3.59
CA GLY A 1073 -89.55 18.29 -2.40
C GLY A 1073 -89.75 16.82 -2.70
N VAL A 1074 -90.37 16.12 -1.76
CA VAL A 1074 -90.64 14.70 -1.90
C VAL A 1074 -91.90 14.37 -1.11
N PHE A 1075 -92.72 13.46 -1.65
CA PHE A 1075 -93.94 13.05 -0.97
C PHE A 1075 -93.61 12.23 0.27
N VAL A 1076 -94.32 12.51 1.37
CA VAL A 1076 -94.06 11.85 2.64
C VAL A 1076 -95.37 11.80 3.42
N SER A 1077 -95.54 10.75 4.22
CA SER A 1077 -96.74 10.61 5.04
C SER A 1077 -96.42 9.81 6.29
N ASN A 1078 -97.26 10.01 7.31
CA ASN A 1078 -97.21 9.25 8.54
C ASN A 1078 -98.42 8.34 8.72
N GLY A 1079 -99.60 8.81 8.32
CA GLY A 1079 -100.83 8.05 8.43
C GLY A 1079 -101.76 8.31 7.26
N THR A 1080 -103.01 8.64 7.55
CA THR A 1080 -103.97 8.95 6.50
C THR A 1080 -103.72 10.31 5.85
N HIS A 1081 -102.89 11.15 6.46
CA HIS A 1081 -102.58 12.47 5.92
C HIS A 1081 -101.21 12.45 5.25
N TRP A 1082 -101.10 13.16 4.13
CA TRP A 1082 -99.88 13.21 3.35
C TRP A 1082 -99.33 14.64 3.35
N PHE A 1083 -98.01 14.75 3.22
CA PHE A 1083 -97.33 16.04 3.23
C PHE A 1083 -96.15 15.99 2.27
N VAL A 1084 -95.39 17.08 2.22
CA VAL A 1084 -94.16 17.16 1.44
C VAL A 1084 -93.06 17.68 2.34
N THR A 1085 -91.81 17.35 1.99
CA THR A 1085 -90.66 17.74 2.79
C THR A 1085 -89.42 17.74 1.90
N GLN A 1086 -88.32 18.24 2.46
CA GLN A 1086 -87.05 18.32 1.77
C GLN A 1086 -86.25 17.05 2.01
N ARG A 1087 -84.97 17.05 1.62
CA ARG A 1087 -84.12 15.88 1.82
C ARG A 1087 -83.73 15.69 3.29
N ASN A 1088 -83.54 16.78 4.02
CA ASN A 1088 -83.12 16.70 5.42
C ASN A 1088 -83.96 17.66 6.26
N PHE A 1089 -84.04 17.34 7.55
CA PHE A 1089 -84.80 18.09 8.55
C PHE A 1089 -86.27 18.18 8.13
N TYR A 1090 -86.93 17.02 8.23
CA TYR A 1090 -88.33 16.79 7.89
C TYR A 1090 -89.25 17.92 8.37
N GLU A 1091 -89.98 18.50 7.42
CA GLU A 1091 -90.87 19.63 7.70
C GLU A 1091 -92.12 19.45 6.84
N PRO A 1092 -93.23 19.02 7.44
CA PRO A 1092 -94.44 18.74 6.66
C PRO A 1092 -95.09 20.02 6.14
N GLN A 1093 -95.58 19.96 4.91
CA GLN A 1093 -96.28 21.06 4.28
C GLN A 1093 -97.44 20.53 3.47
N ILE A 1094 -98.47 21.37 3.32
CA ILE A 1094 -99.66 20.99 2.55
C ILE A 1094 -99.32 20.98 1.07
N ILE A 1095 -99.76 19.94 0.36
CA ILE A 1095 -99.49 19.80 -1.07
C ILE A 1095 -100.26 20.88 -1.83
N THR A 1096 -99.53 21.74 -2.53
CA THR A 1096 -100.11 22.80 -3.34
C THR A 1096 -99.61 22.66 -4.77
N THR A 1097 -100.00 23.62 -5.61
CA THR A 1097 -99.64 23.61 -7.02
C THR A 1097 -98.34 24.34 -7.33
N ASP A 1098 -97.75 25.03 -6.34
CA ASP A 1098 -96.51 25.76 -6.58
C ASP A 1098 -95.27 24.90 -6.35
N ASN A 1099 -95.34 23.94 -5.43
CA ASN A 1099 -94.23 23.02 -5.19
C ASN A 1099 -94.37 21.71 -5.94
N THR A 1100 -95.42 21.57 -6.77
CA THR A 1100 -95.64 20.37 -7.56
C THR A 1100 -95.98 20.77 -8.99
N PHE A 1101 -95.97 19.79 -9.88
CA PHE A 1101 -96.31 20.00 -11.27
C PHE A 1101 -96.98 18.75 -11.82
N VAL A 1102 -97.39 18.81 -13.08
CA VAL A 1102 -98.11 17.73 -13.74
C VAL A 1102 -97.26 17.23 -14.92
N SER A 1103 -97.20 15.91 -15.08
CA SER A 1103 -96.42 15.31 -16.16
C SER A 1103 -97.13 14.03 -16.60
N GLY A 1104 -97.96 14.13 -17.64
CA GLY A 1104 -98.63 12.97 -18.19
C GLY A 1104 -99.77 12.48 -17.31
N ASN A 1105 -100.23 11.28 -17.64
CA ASN A 1105 -101.33 10.63 -16.93
C ASN A 1105 -100.79 9.61 -15.92
N CYS A 1106 -101.70 9.07 -15.12
CA CYS A 1106 -101.36 8.10 -14.08
C CYS A 1106 -101.87 6.72 -14.50
N ASP A 1107 -101.09 6.05 -15.33
CA ASP A 1107 -101.36 4.67 -15.71
C ASP A 1107 -100.14 3.76 -15.59
N VAL A 1108 -98.94 4.27 -15.92
CA VAL A 1108 -97.75 3.44 -16.00
C VAL A 1108 -96.88 3.54 -14.75
N VAL A 1109 -97.10 4.55 -13.90
CA VAL A 1109 -96.30 4.74 -12.70
C VAL A 1109 -96.67 3.64 -11.70
N ILE A 1110 -95.68 2.86 -11.29
CA ILE A 1110 -95.92 1.76 -10.35
C ILE A 1110 -95.85 2.29 -8.92
N GLY A 1111 -96.68 1.72 -8.05
CA GLY A 1111 -96.71 2.14 -6.66
C GLY A 1111 -97.43 3.44 -6.41
N ILE A 1112 -98.16 3.96 -7.38
CA ILE A 1112 -98.82 5.26 -7.24
C ILE A 1112 -100.11 5.08 -6.43
N VAL A 1113 -100.44 6.09 -5.63
CA VAL A 1113 -101.56 6.02 -4.71
C VAL A 1113 -102.37 7.31 -4.84
N ASN A 1114 -103.68 7.19 -4.58
CA ASN A 1114 -104.56 8.34 -4.58
C ASN A 1114 -104.22 9.31 -3.46
N ASN A 1115 -104.35 10.61 -3.75
CA ASN A 1115 -104.26 11.65 -2.74
C ASN A 1115 -104.90 12.92 -3.29
N THR A 1116 -105.71 13.57 -2.47
CA THR A 1116 -106.29 14.84 -2.84
C THR A 1116 -105.24 15.95 -2.76
N VAL A 1117 -105.43 17.00 -3.56
CA VAL A 1117 -104.50 18.11 -3.63
C VAL A 1117 -105.25 19.39 -3.28
N TYR A 1118 -104.63 20.23 -2.44
CA TYR A 1118 -105.19 21.52 -2.06
C TYR A 1118 -104.66 22.57 -3.04
N ASP A 1119 -105.51 23.00 -3.96
CA ASP A 1119 -105.11 23.99 -4.95
C ASP A 1119 -105.35 25.38 -4.42
N PRO A 1120 -104.34 26.26 -4.40
CA PRO A 1120 -104.57 27.63 -3.95
C PRO A 1120 -105.44 28.40 -4.93
N LEU A 1121 -106.01 29.50 -4.42
CA LEU A 1121 -106.89 30.47 -5.10
C LEU A 1121 -108.27 29.88 -5.43
N GLN A 1122 -108.51 28.60 -5.11
CA GLN A 1122 -109.84 28.02 -5.34
C GLN A 1122 -110.94 28.66 -4.49
N PRO A 1123 -110.80 28.85 -3.16
CA PRO A 1123 -111.91 29.48 -2.42
C PRO A 1123 -112.08 30.97 -2.70
N GLU A 1124 -111.06 31.64 -3.25
CA GLU A 1124 -111.17 33.05 -3.61
C GLU A 1124 -111.56 33.15 -5.08
N LEU A 1125 -112.85 32.95 -5.34
CA LEU A 1125 -113.36 32.95 -6.71
C LEU A 1125 -114.52 33.93 -6.85
N ASP A 1126 -115.24 34.19 -5.77
CA ASP A 1126 -116.41 35.05 -5.78
C ASP A 1126 -116.21 36.29 -4.90
N SER A 1127 -115.01 36.85 -4.92
CA SER A 1127 -114.71 38.05 -4.14
C SER A 1127 -113.91 39.05 -4.95
N SER B 11 7.09 54.66 -12.71
CA SER B 11 5.71 55.08 -12.85
C SER B 11 4.77 53.89 -12.76
N TYR B 12 3.53 54.15 -12.36
CA TYR B 12 2.52 53.11 -12.20
C TYR B 12 1.28 53.46 -13.00
N THR B 13 0.70 52.45 -13.65
CA THR B 13 -0.52 52.62 -14.43
C THR B 13 -1.30 51.31 -14.37
N ASN B 14 -2.36 51.21 -15.19
CA ASN B 14 -3.24 50.05 -15.17
C ASN B 14 -3.54 49.59 -16.58
N SER B 15 -3.79 48.29 -16.72
CA SER B 15 -4.21 47.68 -17.97
C SER B 15 -5.63 47.15 -17.83
N PHE B 16 -6.36 47.14 -18.95
CA PHE B 16 -7.79 46.83 -18.91
C PHE B 16 -8.08 45.33 -19.08
N THR B 17 -7.73 44.77 -20.25
CA THR B 17 -8.06 43.38 -20.53
C THR B 17 -6.99 42.63 -21.29
N ARG B 18 -5.84 43.22 -21.57
CA ARG B 18 -4.81 42.53 -22.34
C ARG B 18 -3.97 41.62 -21.43
N GLY B 19 -3.55 40.49 -21.99
CA GLY B 19 -2.75 39.53 -21.25
C GLY B 19 -3.20 38.09 -21.41
N VAL B 20 -4.17 37.86 -22.28
CA VAL B 20 -4.71 36.53 -22.52
C VAL B 20 -3.93 35.88 -23.65
N TYR B 21 -3.86 34.55 -23.63
CA TYR B 21 -3.14 33.80 -24.64
C TYR B 21 -3.75 32.40 -24.75
N TYR B 22 -3.40 31.71 -25.83
CA TYR B 22 -3.82 30.32 -26.01
C TYR B 22 -3.04 29.43 -25.04
N PRO B 23 -3.70 28.73 -24.13
CA PRO B 23 -2.97 27.89 -23.16
C PRO B 23 -2.73 26.46 -23.60
N ASP B 24 -3.27 26.03 -24.74
CA ASP B 24 -3.14 24.64 -25.16
C ASP B 24 -3.18 24.63 -26.69
N LYS B 25 -2.63 23.56 -27.28
CA LYS B 25 -2.40 23.49 -28.71
C LYS B 25 -3.52 22.76 -29.46
N VAL B 26 -4.78 22.98 -29.09
CA VAL B 26 -5.89 22.36 -29.79
C VAL B 26 -6.78 23.43 -30.40
N PHE B 27 -7.84 23.00 -31.09
CA PHE B 27 -8.79 23.89 -31.73
C PHE B 27 -10.18 23.63 -31.15
N ARG B 28 -10.87 24.70 -30.78
CA ARG B 28 -12.24 24.62 -30.31
C ARG B 28 -13.08 25.69 -31.00
N SER B 29 -14.27 25.30 -31.45
CA SER B 29 -15.17 26.19 -32.17
C SER B 29 -16.40 26.47 -31.31
N SER B 30 -16.45 27.67 -30.73
CA SER B 30 -17.55 28.12 -29.85
C SER B 30 -17.76 27.16 -28.67
N VAL B 31 -16.67 26.80 -28.00
CA VAL B 31 -16.69 25.85 -26.89
C VAL B 31 -16.27 26.59 -25.62
N LEU B 32 -17.09 26.48 -24.58
CA LEU B 32 -16.70 27.00 -23.27
C LEU B 32 -15.62 26.12 -22.68
N HIS B 33 -14.54 26.74 -22.21
CA HIS B 33 -13.38 26.00 -21.71
C HIS B 33 -12.88 26.64 -20.43
N SER B 34 -12.49 25.80 -19.47
CA SER B 34 -11.93 26.25 -18.21
C SER B 34 -10.65 25.48 -17.93
N THR B 35 -9.57 26.21 -17.64
CA THR B 35 -8.28 25.60 -17.34
C THR B 35 -7.49 26.53 -16.44
N GLN B 36 -6.48 25.97 -15.78
CA GLN B 36 -5.62 26.74 -14.89
C GLN B 36 -4.16 26.61 -15.35
N ASP B 37 -3.47 27.74 -15.33
CA ASP B 37 -2.06 27.87 -15.71
C ASP B 37 -1.61 29.25 -15.22
N LEU B 38 -0.41 29.66 -15.61
CA LEU B 38 0.09 30.97 -15.24
C LEU B 38 -0.41 32.02 -16.23
N PHE B 39 -1.25 32.93 -15.76
CA PHE B 39 -1.76 34.02 -16.58
C PHE B 39 -1.52 35.35 -15.89
N LEU B 40 -1.74 36.43 -16.64
CA LEU B 40 -1.73 37.78 -16.07
C LEU B 40 -3.13 38.12 -15.59
N PRO B 41 -3.32 38.46 -14.31
CA PRO B 41 -4.66 38.79 -13.82
C PRO B 41 -5.19 40.08 -14.43
N PHE B 42 -6.51 40.17 -14.51
CA PHE B 42 -7.15 41.36 -15.05
C PHE B 42 -7.07 42.51 -14.06
N PHE B 43 -6.92 43.73 -14.62
CA PHE B 43 -6.77 44.98 -13.85
C PHE B 43 -5.59 44.90 -12.88
N SER B 44 -4.50 44.30 -13.33
CA SER B 44 -3.32 44.12 -12.50
C SER B 44 -2.41 45.35 -12.55
N ASN B 45 -1.62 45.51 -11.50
CA ASN B 45 -0.66 46.60 -11.44
C ASN B 45 0.49 46.34 -12.41
N VAL B 46 0.82 47.34 -13.23
CA VAL B 46 1.90 47.24 -14.19
C VAL B 46 2.86 48.40 -13.96
N THR B 47 4.15 48.15 -14.16
CA THR B 47 5.20 49.12 -13.87
C THR B 47 5.64 49.78 -15.18
N TRP B 48 5.16 51.00 -15.40
CA TRP B 48 5.63 51.79 -16.53
C TRP B 48 7.00 52.37 -16.22
N PHE B 49 7.96 52.14 -17.11
CA PHE B 49 9.35 52.50 -16.87
C PHE B 49 9.81 53.55 -17.88
N HIS B 50 10.43 54.62 -17.37
CA HIS B 50 11.00 55.65 -18.21
C HIS B 50 12.43 56.01 -17.81
N ALA B 51 13.03 55.27 -16.88
CA ALA B 51 14.39 55.56 -16.45
C ALA B 51 15.40 55.17 -17.52
N ILE B 52 16.45 55.96 -17.65
CA ILE B 52 17.50 55.70 -18.64
C ILE B 52 18.83 55.50 -17.93
N PRO B 66 17.62 48.87 -15.22
CA PRO B 66 18.65 48.03 -14.62
C PRO B 66 18.31 46.54 -14.67
N VAL B 67 18.22 45.90 -13.51
CA VAL B 67 17.92 44.48 -13.40
C VAL B 67 16.60 44.33 -12.65
N LEU B 68 15.67 43.58 -13.23
CA LEU B 68 14.34 43.40 -12.67
C LEU B 68 14.17 41.98 -12.15
N PRO B 69 13.42 41.79 -11.07
CA PRO B 69 13.14 40.43 -10.59
C PRO B 69 12.23 39.67 -11.55
N PHE B 70 12.44 38.36 -11.59
CA PHE B 70 11.70 37.48 -12.48
C PHE B 70 11.22 36.26 -11.73
N ASN B 71 9.91 35.98 -11.81
CA ASN B 71 9.34 34.78 -11.21
C ASN B 71 8.05 34.39 -11.91
N ASP B 72 7.90 33.09 -12.17
CA ASP B 72 6.68 32.47 -12.72
C ASP B 72 6.27 33.08 -14.06
N GLY B 73 7.23 33.58 -14.83
CA GLY B 73 6.92 34.22 -16.10
C GLY B 73 6.45 35.65 -15.94
N VAL B 74 6.76 36.51 -16.92
CA VAL B 74 6.38 37.91 -16.88
C VAL B 74 5.77 38.29 -18.22
N TYR B 75 5.06 39.42 -18.22
CA TYR B 75 4.40 39.95 -19.40
C TYR B 75 5.14 41.22 -19.83
N PHE B 76 5.54 41.26 -21.10
CA PHE B 76 6.32 42.37 -21.65
C PHE B 76 5.55 43.01 -22.80
N ALA B 77 5.49 44.34 -22.81
CA ALA B 77 4.79 45.07 -23.86
C ALA B 77 5.43 46.43 -24.01
N SER B 78 5.85 46.76 -25.23
CA SER B 78 6.45 48.05 -25.53
C SER B 78 5.66 48.74 -26.63
N THR B 79 5.35 50.03 -26.41
CA THR B 79 4.61 50.80 -27.41
C THR B 79 5.45 51.06 -28.65
N GLU B 80 6.74 51.34 -28.47
CA GLU B 80 7.63 51.60 -29.59
C GLU B 80 8.18 50.29 -30.14
N ASN B 83 13.12 47.56 -33.83
CA ASN B 83 13.63 48.91 -34.05
C ASN B 83 14.59 49.32 -32.93
N ILE B 84 14.18 50.29 -32.13
CA ILE B 84 15.02 50.73 -31.01
C ILE B 84 15.07 49.67 -29.92
N ILE B 85 13.94 49.02 -29.65
CA ILE B 85 13.91 47.97 -28.64
C ILE B 85 14.66 46.73 -29.14
N ARG B 86 15.12 45.92 -28.19
CA ARG B 86 15.89 44.72 -28.50
C ARG B 86 15.39 43.53 -27.69
N GLY B 87 16.15 42.45 -27.69
CA GLY B 87 15.75 41.23 -27.00
C GLY B 87 16.00 41.28 -25.51
N TRP B 88 16.09 40.09 -24.92
CA TRP B 88 16.19 39.96 -23.47
C TRP B 88 17.24 38.90 -23.13
N ILE B 89 17.74 38.97 -21.90
CA ILE B 89 18.72 38.02 -21.37
C ILE B 89 18.17 37.44 -20.07
N PHE B 90 18.16 36.12 -19.97
CA PHE B 90 17.58 35.41 -18.84
C PHE B 90 18.65 34.61 -18.11
N GLY B 91 18.66 34.70 -16.79
CA GLY B 91 19.63 34.00 -15.99
C GLY B 91 19.29 34.09 -14.51
N THR B 92 20.10 33.42 -13.70
CA THR B 92 19.92 33.41 -12.26
C THR B 92 20.97 34.26 -11.55
N THR B 93 22.25 34.00 -11.79
CA THR B 93 23.32 34.76 -11.17
C THR B 93 23.78 35.94 -12.03
N LEU B 94 23.50 35.88 -13.34
CA LEU B 94 23.96 36.86 -14.33
C LEU B 94 25.49 36.98 -14.32
N ASP B 95 26.13 35.83 -14.46
CA ASP B 95 27.58 35.72 -14.43
C ASP B 95 27.96 34.48 -15.22
N SER B 96 29.25 34.36 -15.54
CA SER B 96 29.76 33.23 -16.32
C SER B 96 29.75 31.91 -15.55
N LYS B 97 29.48 31.94 -14.24
CA LYS B 97 29.43 30.72 -13.45
C LYS B 97 28.23 29.85 -13.85
N THR B 98 27.04 30.43 -13.78
CA THR B 98 25.81 29.70 -14.10
C THR B 98 25.43 29.90 -15.56
N GLN B 99 24.46 29.10 -16.01
CA GLN B 99 23.98 29.18 -17.38
C GLN B 99 23.06 30.37 -17.56
N SER B 100 23.19 31.04 -18.71
CA SER B 100 22.39 32.23 -19.01
C SER B 100 21.89 32.15 -20.45
N LEU B 101 20.80 32.87 -20.71
CA LEU B 101 20.19 32.93 -22.03
C LEU B 101 20.67 34.17 -22.78
N LEU B 102 20.42 34.18 -24.09
CA LEU B 102 20.73 35.32 -24.93
C LEU B 102 19.74 35.37 -26.09
N ILE B 103 18.92 36.42 -26.11
CA ILE B 103 17.97 36.64 -27.19
C ILE B 103 18.25 38.03 -27.77
N VAL B 104 18.62 38.06 -29.05
CA VAL B 104 18.87 39.31 -29.76
C VAL B 104 18.18 39.26 -31.12
N ASN B 105 18.02 40.42 -31.73
CA ASN B 105 17.36 40.54 -33.02
C ASN B 105 17.99 41.68 -33.81
N ASN B 106 17.93 41.57 -35.14
CA ASN B 106 18.29 42.70 -36.00
C ASN B 106 17.32 42.86 -37.17
N ALA B 107 16.05 42.47 -36.98
CA ALA B 107 14.95 42.57 -37.94
C ALA B 107 15.19 41.76 -39.22
N THR B 108 16.21 40.91 -39.25
CA THR B 108 16.45 40.01 -40.37
C THR B 108 16.43 38.56 -39.95
N ASN B 109 17.11 38.21 -38.87
CA ASN B 109 17.12 36.85 -38.34
C ASN B 109 17.28 36.92 -36.82
N VAL B 110 16.88 35.85 -36.15
CA VAL B 110 17.01 35.73 -34.70
C VAL B 110 17.89 34.54 -34.37
N VAL B 111 18.60 34.64 -33.26
CA VAL B 111 19.45 33.56 -32.77
C VAL B 111 19.10 33.30 -31.30
N ILE B 112 19.37 32.07 -30.86
CA ILE B 112 19.24 31.68 -29.47
C ILE B 112 20.58 31.11 -29.04
N LYS B 113 21.25 31.80 -28.11
CA LYS B 113 22.58 31.42 -27.67
C LYS B 113 22.52 31.03 -26.19
N VAL B 114 22.92 29.80 -25.88
CA VAL B 114 22.98 29.31 -24.51
C VAL B 114 24.42 28.88 -24.27
N CYS B 115 25.24 29.82 -23.78
CA CYS B 115 26.65 29.57 -23.54
C CYS B 115 27.08 30.40 -22.33
N GLU B 116 28.37 30.31 -22.00
CA GLU B 116 28.94 31.14 -20.94
C GLU B 116 29.06 32.59 -21.43
N PHE B 117 28.69 33.53 -20.57
CA PHE B 117 28.64 34.93 -20.95
C PHE B 117 29.04 35.81 -19.76
N GLN B 118 29.73 36.91 -20.06
CA GLN B 118 30.01 37.96 -19.10
C GLN B 118 29.12 39.15 -19.40
N PHE B 119 28.77 39.90 -18.35
CA PHE B 119 27.76 40.93 -18.47
C PHE B 119 28.23 42.22 -17.80
N CYS B 120 27.69 43.34 -18.28
CA CYS B 120 27.93 44.65 -17.69
C CYS B 120 26.71 45.10 -16.89
N ASN B 121 26.81 46.31 -16.32
CA ASN B 121 25.70 46.85 -15.54
C ASN B 121 24.51 47.21 -16.43
N ASP B 122 24.77 47.94 -17.52
CA ASP B 122 23.71 48.36 -18.45
C ASP B 122 24.11 48.13 -19.90
N PRO B 123 24.16 46.87 -20.33
CA PRO B 123 24.58 46.58 -21.70
C PRO B 123 23.52 46.99 -22.72
N PHE B 124 23.99 47.26 -23.94
CA PHE B 124 23.13 47.69 -25.02
C PHE B 124 23.78 47.27 -26.34
N LEU B 125 23.15 47.66 -27.45
CA LEU B 125 23.63 47.33 -28.79
C LEU B 125 23.85 48.61 -29.58
N ASP B 126 24.97 48.68 -30.29
CA ASP B 126 25.30 49.84 -31.11
C ASP B 126 25.18 49.51 -32.59
N SER B 139 26.39 47.85 -35.34
CA SER B 139 26.79 46.51 -35.72
C SER B 139 27.52 45.81 -34.57
N GLU B 140 28.39 46.55 -33.90
CA GLU B 140 29.14 46.00 -32.77
C GLU B 140 28.24 45.85 -31.54
N PHE B 141 28.63 44.93 -30.66
CA PHE B 141 27.90 44.66 -29.44
C PHE B 141 28.75 45.03 -28.22
N ARG B 142 28.07 45.39 -27.15
CA ARG B 142 28.71 45.81 -25.89
C ARG B 142 28.16 44.98 -24.74
N VAL B 143 28.06 43.68 -24.93
CA VAL B 143 27.55 42.76 -23.91
C VAL B 143 28.67 41.91 -23.32
N TYR B 144 29.36 41.14 -24.16
CA TYR B 144 30.44 40.28 -23.69
C TYR B 144 31.68 40.44 -24.56
N PHE B 152 23.51 25.06 -27.82
CA PHE B 152 22.14 25.29 -28.28
C PHE B 152 22.09 26.46 -29.26
N GLU B 153 21.40 26.26 -30.38
CA GLU B 153 21.28 27.28 -31.41
C GLU B 153 19.91 27.14 -32.08
N TYR B 154 19.26 28.27 -32.33
CA TYR B 154 17.94 28.27 -32.96
C TYR B 154 17.83 29.50 -33.83
N VAL B 155 17.68 29.30 -35.14
CA VAL B 155 17.56 30.38 -36.11
C VAL B 155 16.21 30.27 -36.79
N SER B 156 15.47 31.38 -36.83
CA SER B 156 14.14 31.40 -37.43
C SER B 156 13.85 32.82 -37.90
N GLN B 157 12.57 33.08 -38.21
CA GLN B 157 12.15 34.38 -38.71
C GLN B 157 12.25 35.43 -37.61
N PRO B 158 12.51 36.69 -37.99
CA PRO B 158 12.62 37.75 -36.98
C PRO B 158 11.30 38.05 -36.29
N PHE B 159 11.41 38.52 -35.05
CA PHE B 159 10.25 38.79 -34.21
C PHE B 159 9.59 40.12 -34.53
N LEU B 160 10.22 40.97 -35.34
CA LEU B 160 9.65 42.28 -35.67
C LEU B 160 9.02 42.25 -37.06
N LYS B 171 2.51 54.54 -32.62
CA LYS B 171 2.93 53.44 -33.48
C LYS B 171 1.99 52.26 -33.34
N ASN B 172 2.56 51.06 -33.22
CA ASN B 172 1.80 49.83 -33.08
C ASN B 172 2.16 49.15 -31.77
N LEU B 173 1.16 48.59 -31.10
CA LEU B 173 1.36 47.95 -29.81
C LEU B 173 1.82 46.51 -30.01
N ARG B 174 2.88 46.13 -29.31
CA ARG B 174 3.42 44.79 -29.34
C ARG B 174 3.29 44.13 -27.97
N GLU B 175 3.07 42.82 -27.97
CA GLU B 175 2.86 42.07 -26.75
C GLU B 175 3.76 40.85 -26.73
N PHE B 176 4.32 40.55 -25.56
CA PHE B 176 5.19 39.39 -25.39
C PHE B 176 4.93 38.77 -24.03
N VAL B 177 4.68 37.47 -24.01
CA VAL B 177 4.44 36.72 -22.78
C VAL B 177 5.48 35.62 -22.69
N PHE B 178 6.18 35.56 -21.56
CA PHE B 178 7.27 34.60 -21.36
C PHE B 178 6.87 33.59 -20.30
N LYS B 179 7.28 32.34 -20.50
CA LYS B 179 6.92 31.26 -19.60
C LYS B 179 8.05 30.23 -19.57
N ASN B 180 8.25 29.63 -18.39
CA ASN B 180 9.28 28.60 -18.19
C ASN B 180 8.73 27.59 -17.18
N ILE B 181 8.18 26.49 -17.70
CA ILE B 181 7.61 25.45 -16.86
C ILE B 181 7.77 24.10 -17.56
N ASP B 182 8.08 23.08 -16.76
CA ASP B 182 8.21 21.68 -17.21
C ASP B 182 9.29 21.53 -18.28
N GLY B 183 10.33 22.35 -18.16
CA GLY B 183 11.44 22.30 -19.09
C GLY B 183 11.17 22.97 -20.42
N TYR B 184 10.00 23.60 -20.56
CA TYR B 184 9.60 24.23 -21.80
C TYR B 184 9.65 25.74 -21.65
N PHE B 185 10.29 26.42 -22.60
CA PHE B 185 10.36 27.87 -22.64
C PHE B 185 9.53 28.35 -23.84
N LYS B 186 8.38 28.95 -23.57
CA LYS B 186 7.43 29.32 -24.61
C LYS B 186 7.45 30.82 -24.82
N ILE B 187 7.35 31.24 -26.09
CA ILE B 187 7.36 32.63 -26.48
C ILE B 187 6.03 32.95 -27.18
N TYR B 188 5.39 34.02 -26.75
CA TYR B 188 4.14 34.48 -27.33
C TYR B 188 4.35 35.86 -27.95
N SER B 189 3.77 36.07 -29.12
CA SER B 189 3.92 37.33 -29.83
C SER B 189 2.69 37.60 -30.68
N LYS B 190 2.36 38.89 -30.80
CA LYS B 190 1.22 39.34 -31.59
C LYS B 190 1.40 40.82 -31.89
N HIS B 191 1.18 41.21 -33.14
CA HIS B 191 1.28 42.59 -33.57
C HIS B 191 -0.12 43.19 -33.70
N THR B 192 -0.35 44.31 -33.03
CA THR B 192 -1.65 44.96 -33.04
C THR B 192 -1.51 46.47 -33.19
N PRO B 193 -1.84 47.05 -34.33
CA PRO B 193 -1.78 48.50 -34.48
C PRO B 193 -3.04 49.19 -33.97
N ILE B 194 -2.85 50.44 -33.56
CA ILE B 194 -3.97 51.23 -33.05
C ILE B 194 -4.21 52.44 -33.96
N LEU B 200 -2.42 53.13 -21.92
CA LEU B 200 -2.63 51.97 -22.78
C LEU B 200 -3.95 52.10 -23.53
N PRO B 201 -3.93 51.78 -24.83
CA PRO B 201 -5.15 51.85 -25.63
C PRO B 201 -6.10 50.71 -25.28
N GLN B 202 -7.34 50.84 -25.76
CA GLN B 202 -8.38 49.85 -25.53
C GLN B 202 -8.48 48.92 -26.72
N GLY B 203 -8.33 47.63 -26.48
CA GLY B 203 -8.40 46.63 -27.54
C GLY B 203 -8.21 45.22 -27.01
N PHE B 204 -8.86 44.24 -27.66
CA PHE B 204 -8.79 42.85 -27.25
C PHE B 204 -8.23 42.02 -28.38
N SER B 205 -7.29 41.14 -28.05
CA SER B 205 -6.67 40.25 -29.04
C SER B 205 -6.20 38.99 -28.31
N ALA B 206 -5.41 38.17 -29.00
CA ALA B 206 -4.89 36.93 -28.44
C ALA B 206 -3.40 36.82 -28.76
N LEU B 207 -2.71 36.04 -27.94
CA LEU B 207 -1.28 35.80 -28.10
C LEU B 207 -1.07 34.35 -28.49
N GLU B 208 -0.35 34.13 -29.60
CA GLU B 208 -0.14 32.79 -30.13
C GLU B 208 1.25 32.28 -29.79
N PRO B 209 1.41 30.96 -29.57
CA PRO B 209 2.74 30.42 -29.30
C PRO B 209 3.63 30.40 -30.53
N LEU B 210 4.61 31.31 -30.57
CA LEU B 210 5.50 31.40 -31.73
C LEU B 210 6.65 30.41 -31.64
N VAL B 211 7.46 30.52 -30.59
CA VAL B 211 8.67 29.73 -30.44
C VAL B 211 8.64 29.01 -29.10
N ASP B 212 8.85 27.69 -29.12
CA ASP B 212 9.02 26.90 -27.93
C ASP B 212 10.46 26.40 -27.84
N LEU B 213 11.02 26.40 -26.64
CA LEU B 213 12.41 26.05 -26.43
C LEU B 213 12.53 25.06 -25.28
N PRO B 214 13.15 23.90 -25.48
CA PRO B 214 13.36 22.94 -24.38
C PRO B 214 14.68 23.16 -23.65
N ILE B 215 14.80 24.32 -22.99
CA ILE B 215 16.03 24.66 -22.27
C ILE B 215 15.97 24.06 -20.88
N GLY B 216 14.99 24.49 -20.08
CA GLY B 216 14.75 23.93 -18.76
C GLY B 216 15.85 24.17 -17.73
N ILE B 217 16.13 25.44 -17.43
CA ILE B 217 17.08 25.80 -16.39
C ILE B 217 16.45 26.83 -15.47
N ASN B 218 17.06 27.00 -14.30
CA ASN B 218 16.52 27.90 -13.28
C ASN B 218 16.79 29.35 -13.67
N ILE B 219 15.72 30.13 -13.84
CA ILE B 219 15.80 31.52 -14.23
C ILE B 219 15.05 32.36 -13.19
N THR B 220 15.70 33.40 -12.69
CA THR B 220 15.06 34.28 -11.70
C THR B 220 15.35 35.76 -11.89
N ARG B 221 16.06 36.17 -12.94
CA ARG B 221 16.42 37.56 -13.14
C ARG B 221 16.01 38.01 -14.53
N PHE B 222 15.73 39.30 -14.66
CA PHE B 222 15.23 39.88 -15.90
C PHE B 222 15.90 41.23 -16.10
N GLN B 223 16.29 41.52 -17.35
CA GLN B 223 16.78 42.84 -17.72
C GLN B 223 16.18 43.20 -19.08
N THR B 224 16.46 44.42 -19.54
CA THR B 224 15.91 44.92 -20.78
C THR B 224 17.02 45.52 -21.63
N LEU B 225 17.08 45.11 -22.89
CA LEU B 225 18.06 45.62 -23.85
C LEU B 225 17.42 46.66 -24.76
N LEU B 226 18.27 47.55 -25.29
CA LEU B 226 17.83 48.59 -26.20
C LEU B 226 18.99 48.97 -27.11
N ALA B 227 18.66 49.58 -28.23
CA ALA B 227 19.66 50.02 -29.19
C ALA B 227 20.05 51.47 -28.92
N LEU B 228 21.28 51.81 -29.31
CA LEU B 228 21.81 53.16 -29.13
C LEU B 228 22.74 53.48 -30.29
N HIS B 229 22.97 54.77 -30.49
CA HIS B 229 23.86 55.24 -31.54
C HIS B 229 24.84 56.26 -30.97
N ARG B 230 26.03 56.29 -31.55
CA ARG B 230 27.09 57.19 -31.12
C ARG B 230 27.64 57.95 -32.32
N SER B 231 28.19 59.14 -32.04
CA SER B 231 28.76 59.98 -33.08
C SER B 231 30.11 59.45 -33.55
N ALA B 247 12.81 55.45 -24.67
CA ALA B 247 11.78 54.46 -24.91
C ALA B 247 11.08 54.07 -23.61
N ALA B 248 10.01 53.30 -23.74
CA ALA B 248 9.24 52.86 -22.59
C ALA B 248 8.63 51.50 -22.88
N TYR B 249 8.31 50.77 -21.81
CA TYR B 249 7.76 49.42 -21.93
C TYR B 249 6.96 49.11 -20.69
N TYR B 250 6.14 48.06 -20.77
CA TYR B 250 5.28 47.63 -19.69
C TYR B 250 5.74 46.27 -19.17
N VAL B 251 5.77 46.14 -17.85
CA VAL B 251 6.19 44.91 -17.19
C VAL B 251 5.07 44.44 -16.28
N GLY B 252 4.61 43.21 -16.49
CA GLY B 252 3.56 42.63 -15.67
C GLY B 252 3.86 41.21 -15.25
N TYR B 253 3.57 40.88 -14.00
CA TYR B 253 3.87 39.56 -13.46
C TYR B 253 2.72 38.60 -13.77
N LEU B 254 2.92 37.33 -13.43
CA LEU B 254 1.96 36.27 -13.72
C LEU B 254 1.60 35.54 -12.43
N GLN B 255 0.32 35.20 -12.30
CA GLN B 255 -0.19 34.46 -11.16
C GLN B 255 -1.07 33.32 -11.64
N PRO B 256 -1.08 32.18 -10.92
CA PRO B 256 -1.91 31.05 -11.36
C PRO B 256 -3.37 31.19 -10.93
N ARG B 257 -4.28 31.11 -11.90
CA ARG B 257 -5.71 31.18 -11.64
C ARG B 257 -6.44 30.50 -12.79
N THR B 258 -7.76 30.63 -12.81
CA THR B 258 -8.61 29.97 -13.81
C THR B 258 -9.35 31.02 -14.62
N PHE B 259 -9.31 30.89 -15.94
CA PHE B 259 -10.01 31.77 -16.86
C PHE B 259 -11.19 31.04 -17.51
N LEU B 260 -11.99 31.81 -18.23
CA LEU B 260 -13.04 31.28 -19.11
C LEU B 260 -12.75 31.74 -20.53
N LEU B 261 -12.81 30.79 -21.47
CA LEU B 261 -12.50 31.07 -22.87
C LEU B 261 -13.75 30.84 -23.71
N LYS B 262 -14.11 31.83 -24.52
CA LYS B 262 -15.25 31.75 -25.42
C LYS B 262 -14.74 31.90 -26.85
N TYR B 263 -14.88 30.83 -27.63
CA TYR B 263 -14.45 30.83 -29.01
C TYR B 263 -15.61 31.24 -29.92
N ASN B 264 -15.43 31.10 -31.22
CA ASN B 264 -16.47 31.38 -32.20
C ASN B 264 -16.37 30.32 -33.30
N GLU B 265 -17.13 30.52 -34.38
CA GLU B 265 -17.08 29.59 -35.50
C GLU B 265 -15.77 29.68 -36.27
N ASN B 266 -15.08 30.82 -36.22
CA ASN B 266 -13.77 30.92 -36.85
C ASN B 266 -12.72 30.20 -36.01
N GLY B 267 -12.78 30.33 -34.70
CA GLY B 267 -11.84 29.65 -33.83
C GLY B 267 -10.83 30.58 -33.17
N THR B 268 -11.20 31.84 -32.99
CA THR B 268 -10.36 32.83 -32.33
C THR B 268 -10.93 33.14 -30.95
N ILE B 269 -10.27 34.05 -30.25
CA ILE B 269 -10.67 34.47 -28.91
C ILE B 269 -11.51 35.73 -29.05
N THR B 270 -12.79 35.63 -28.66
CA THR B 270 -13.70 36.76 -28.72
C THR B 270 -13.66 37.57 -27.43
N ASP B 271 -13.79 36.90 -26.29
CA ASP B 271 -13.71 37.55 -24.99
C ASP B 271 -13.34 36.52 -23.94
N ALA B 272 -12.59 36.96 -22.94
CA ALA B 272 -12.17 36.09 -21.84
C ALA B 272 -12.34 36.84 -20.53
N VAL B 273 -12.72 36.11 -19.49
CA VAL B 273 -12.97 36.69 -18.17
C VAL B 273 -12.21 35.91 -17.10
N ASP B 274 -11.68 36.62 -16.12
CA ASP B 274 -10.98 35.97 -15.03
C ASP B 274 -11.94 35.84 -13.88
N CYS B 275 -12.12 34.64 -13.37
CA CYS B 275 -13.07 34.43 -12.30
C CYS B 275 -12.39 34.41 -10.94
N ALA B 276 -11.17 34.93 -10.89
CA ALA B 276 -10.46 35.02 -9.62
C ALA B 276 -10.42 36.47 -9.21
N LEU B 277 -11.45 37.23 -9.58
CA LEU B 277 -11.45 38.66 -9.30
C LEU B 277 -12.60 39.13 -8.43
N ASP B 278 -13.84 39.01 -8.92
CA ASP B 278 -14.98 39.54 -8.17
C ASP B 278 -16.11 38.54 -7.94
N PRO B 279 -17.03 38.88 -7.04
CA PRO B 279 -18.17 37.99 -6.86
C PRO B 279 -18.82 37.67 -8.20
N LEU B 280 -19.11 38.70 -8.98
CA LEU B 280 -19.74 38.48 -10.28
C LEU B 280 -18.86 37.63 -11.19
N SER B 281 -17.54 37.76 -11.04
CA SER B 281 -16.62 36.86 -11.72
C SER B 281 -16.82 35.42 -11.28
N GLU B 282 -17.08 35.21 -9.98
CA GLU B 282 -17.39 33.87 -9.49
C GLU B 282 -18.69 33.34 -10.07
N THR B 283 -19.70 34.21 -10.19
CA THR B 283 -20.98 33.80 -10.76
C THR B 283 -20.83 33.39 -12.22
N LYS B 284 -20.09 34.17 -13.00
CA LYS B 284 -19.88 33.80 -14.40
C LYS B 284 -18.88 32.66 -14.55
N CYS B 285 -18.08 32.37 -13.51
CA CYS B 285 -17.23 31.19 -13.53
C CYS B 285 -18.04 29.93 -13.30
N THR B 286 -18.99 29.96 -12.36
CA THR B 286 -19.75 28.75 -12.03
C THR B 286 -20.94 28.52 -12.95
N LEU B 287 -21.30 29.50 -13.79
CA LEU B 287 -22.39 29.34 -14.74
C LEU B 287 -21.90 29.10 -16.17
N LYS B 288 -20.63 29.39 -16.45
CA LYS B 288 -20.02 29.25 -17.78
C LYS B 288 -20.79 30.05 -18.84
N SER B 289 -21.23 31.24 -18.47
CA SER B 289 -21.98 32.10 -19.39
C SER B 289 -21.74 33.55 -19.01
N PHE B 290 -21.62 34.41 -20.02
CA PHE B 290 -21.42 35.84 -19.77
C PHE B 290 -22.68 36.47 -19.20
N THR B 291 -23.84 36.20 -19.81
CA THR B 291 -25.10 36.73 -19.32
C THR B 291 -25.69 35.77 -18.29
N VAL B 292 -26.02 36.30 -17.11
CA VAL B 292 -26.57 35.51 -16.02
C VAL B 292 -27.96 36.04 -15.72
N GLU B 293 -28.86 35.14 -15.34
CA GLU B 293 -30.23 35.52 -15.06
C GLU B 293 -30.36 36.12 -13.66
N LYS B 294 -31.45 36.84 -13.45
CA LYS B 294 -31.74 37.48 -12.17
C LYS B 294 -32.19 36.41 -11.17
N GLY B 295 -31.28 36.02 -10.28
CA GLY B 295 -31.59 34.97 -9.35
C GLY B 295 -30.52 34.82 -8.28
N ILE B 296 -30.55 33.66 -7.63
CA ILE B 296 -29.65 33.35 -6.51
C ILE B 296 -28.81 32.15 -6.91
N TYR B 297 -27.49 32.26 -6.72
CA TYR B 297 -26.56 31.21 -7.12
C TYR B 297 -25.56 30.96 -6.00
N GLN B 298 -25.02 29.74 -5.99
CA GLN B 298 -23.98 29.35 -5.05
C GLN B 298 -22.72 29.03 -5.86
N THR B 299 -21.62 29.71 -5.54
CA THR B 299 -20.40 29.60 -6.31
C THR B 299 -19.19 29.11 -5.53
N SER B 300 -19.17 29.26 -4.21
CA SER B 300 -18.00 28.87 -3.42
C SER B 300 -18.46 28.61 -1.99
N ASN B 301 -17.50 28.25 -1.14
CA ASN B 301 -17.74 27.98 0.28
C ASN B 301 -16.71 28.75 1.09
N PHE B 302 -17.17 29.73 1.86
CA PHE B 302 -16.26 30.54 2.66
C PHE B 302 -15.72 29.75 3.85
N ARG B 303 -14.42 29.91 4.10
CA ARG B 303 -13.78 29.25 5.23
C ARG B 303 -12.53 30.03 5.61
N VAL B 304 -12.08 29.81 6.85
CA VAL B 304 -10.85 30.40 7.35
C VAL B 304 -9.91 29.28 7.78
N GLN B 305 -8.61 29.46 7.51
CA GLN B 305 -7.54 28.51 7.76
C GLN B 305 -7.00 28.65 9.18
N PRO B 306 -6.48 27.57 9.76
CA PRO B 306 -5.80 27.69 11.05
C PRO B 306 -4.50 28.48 10.92
N THR B 307 -4.13 29.14 12.01
CA THR B 307 -2.97 30.03 12.02
C THR B 307 -1.70 29.31 12.45
N GLU B 308 -1.69 28.76 13.66
CA GLU B 308 -0.51 28.11 14.22
C GLU B 308 -0.86 26.67 14.63
N SER B 309 0.17 25.91 14.96
CA SER B 309 0.01 24.51 15.35
C SER B 309 0.11 24.37 16.86
N ILE B 310 -0.73 23.50 17.43
CA ILE B 310 -0.77 23.26 18.87
C ILE B 310 -0.63 21.77 19.12
N VAL B 311 0.33 21.40 19.96
CA VAL B 311 0.52 20.02 20.39
C VAL B 311 0.46 19.97 21.92
N ARG B 312 -0.12 18.90 22.46
CA ARG B 312 -0.31 18.78 23.90
C ARG B 312 -0.01 17.36 24.35
N PHE B 313 0.84 17.23 25.35
CA PHE B 313 1.21 15.96 25.97
C PHE B 313 1.37 16.19 27.46
N PRO B 314 1.23 15.13 28.29
CA PRO B 314 1.37 15.32 29.75
C PRO B 314 2.76 15.74 30.21
N ASN B 315 2.90 15.96 31.51
CA ASN B 315 4.16 16.43 32.08
C ASN B 315 5.27 15.39 31.90
N ILE B 316 6.44 15.86 31.49
CA ILE B 316 7.57 14.97 31.23
C ILE B 316 8.32 14.70 32.53
N THR B 317 7.87 13.71 33.27
CA THR B 317 8.47 13.30 34.54
C THR B 317 8.97 11.87 34.43
N ASN B 318 9.60 11.40 35.52
CA ASN B 318 10.16 10.05 35.66
C ASN B 318 11.18 9.78 34.55
N LEU B 319 12.28 10.51 34.63
CA LEU B 319 13.35 10.38 33.65
C LEU B 319 14.07 9.04 33.81
N CYS B 320 14.65 8.56 32.72
CA CYS B 320 15.39 7.31 32.73
C CYS B 320 16.71 7.49 33.50
N PRO B 321 17.29 6.39 34.01
CA PRO B 321 18.55 6.50 34.75
C PRO B 321 19.80 6.61 33.88
N PHE B 322 19.61 7.00 32.61
CA PHE B 322 20.75 7.15 31.69
C PHE B 322 21.73 8.21 32.18
N ASP B 323 21.24 9.24 32.88
CA ASP B 323 22.15 10.20 33.52
C ASP B 323 22.95 9.54 34.64
N GLU B 324 22.32 8.66 35.41
CA GLU B 324 23.03 7.93 36.47
C GLU B 324 24.01 6.91 35.92
N VAL B 325 23.79 6.43 34.68
CA VAL B 325 24.72 5.48 34.07
C VAL B 325 26.07 6.12 33.83
N PHE B 326 26.08 7.33 33.25
CA PHE B 326 27.34 8.00 32.94
C PHE B 326 28.00 8.57 34.19
N ASN B 327 27.21 9.03 35.15
CA ASN B 327 27.80 9.71 36.31
C ASN B 327 28.29 8.80 37.44
N ALA B 328 28.08 7.50 37.31
CA ALA B 328 28.48 6.58 38.37
C ALA B 328 29.98 6.67 38.62
N THR B 329 30.36 6.69 39.90
CA THR B 329 31.77 6.84 40.25
C THR B 329 32.55 5.54 40.04
N ARG B 330 31.89 4.39 40.16
CA ARG B 330 32.55 3.10 40.10
C ARG B 330 31.97 2.32 38.93
N PHE B 331 32.76 2.14 37.88
CA PHE B 331 32.36 1.35 36.72
C PHE B 331 32.86 -0.08 36.85
N ALA B 332 32.36 -0.94 35.98
CA ALA B 332 32.64 -2.37 36.02
C ALA B 332 33.68 -2.74 34.97
N SER B 333 34.09 -4.01 34.99
CA SER B 333 35.08 -4.52 34.08
C SER B 333 34.44 -4.92 32.75
N VAL B 334 35.26 -5.38 31.81
CA VAL B 334 34.77 -5.72 30.48
C VAL B 334 33.98 -7.03 30.50
N TYR B 335 34.38 -7.99 31.34
CA TYR B 335 33.69 -9.28 31.34
C TYR B 335 32.55 -9.30 32.35
N ALA B 336 32.70 -8.61 33.48
CA ALA B 336 31.66 -8.57 34.50
C ALA B 336 30.85 -7.28 34.33
N TRP B 337 30.14 -7.22 33.21
CA TRP B 337 29.31 -6.06 32.91
C TRP B 337 27.91 -6.25 33.47
N ASN B 338 27.39 -5.20 34.10
CA ASN B 338 26.05 -5.23 34.67
C ASN B 338 25.01 -4.73 33.66
N ARG B 339 23.78 -5.21 33.83
CA ARG B 339 22.70 -4.92 32.91
C ARG B 339 21.57 -4.25 33.67
N LYS B 340 21.07 -3.14 33.13
CA LYS B 340 20.02 -2.35 33.77
C LYS B 340 18.81 -2.24 32.85
N ARG B 341 17.62 -2.36 33.43
CA ARG B 341 16.39 -2.25 32.67
C ARG B 341 16.00 -0.79 32.50
N ILE B 342 15.68 -0.41 31.26
CA ILE B 342 15.25 0.94 30.94
C ILE B 342 13.79 0.82 30.48
N SER B 343 12.86 1.00 31.40
CA SER B 343 11.44 0.87 31.09
C SER B 343 10.65 1.84 31.97
N ASN B 344 9.45 2.17 31.50
CA ASN B 344 8.50 3.06 32.20
C ASN B 344 9.09 4.43 32.48
N CYS B 345 9.93 4.93 31.57
CA CYS B 345 10.48 6.27 31.69
C CYS B 345 10.45 6.96 30.33
N VAL B 346 11.10 8.11 30.20
CA VAL B 346 11.17 8.86 28.95
C VAL B 346 12.62 9.03 28.55
N ALA B 347 12.93 8.73 27.29
CA ALA B 347 14.31 8.69 26.82
C ALA B 347 14.71 10.06 26.29
N ASP B 348 15.13 10.92 27.22
CA ASP B 348 15.63 12.24 26.86
C ASP B 348 17.13 12.12 26.54
N TYR B 349 17.50 12.55 25.33
CA TYR B 349 18.88 12.48 24.87
C TYR B 349 19.67 13.74 25.17
N SER B 350 19.19 14.57 26.12
CA SER B 350 19.91 15.78 26.48
C SER B 350 21.18 15.47 27.27
N VAL B 351 21.23 14.30 27.91
CA VAL B 351 22.42 13.91 28.67
C VAL B 351 23.59 13.57 27.73
N LEU B 352 23.30 13.25 26.47
CA LEU B 352 24.35 12.93 25.51
C LEU B 352 25.15 14.15 25.08
N TYR B 353 24.57 15.35 25.15
CA TYR B 353 25.19 16.54 24.62
C TYR B 353 25.99 17.34 25.66
N ASN B 354 25.51 17.41 26.90
CA ASN B 354 26.14 18.25 27.92
C ASN B 354 27.19 17.50 28.73
N PHE B 355 27.77 16.42 28.19
CA PHE B 355 28.79 15.68 28.89
C PHE B 355 30.08 15.68 28.08
N ALA B 356 30.46 16.87 27.57
CA ALA B 356 31.65 17.18 26.77
C ALA B 356 31.61 16.52 25.39
N PRO B 357 32.36 17.03 24.42
CA PRO B 357 32.48 16.32 23.13
C PRO B 357 33.12 14.95 23.32
N PHE B 358 32.62 13.97 22.58
CA PHE B 358 33.09 12.60 22.67
C PHE B 358 34.13 12.33 21.59
N PHE B 359 35.18 11.60 21.96
CA PHE B 359 36.24 11.28 21.01
C PHE B 359 35.75 10.33 19.92
N ALA B 360 35.08 9.25 20.31
CA ALA B 360 34.62 8.24 19.37
C ALA B 360 33.10 8.13 19.46
N PHE B 361 32.41 8.97 18.72
CA PHE B 361 30.97 8.89 18.56
C PHE B 361 30.56 8.04 17.37
N LYS B 362 31.52 7.53 16.61
CA LYS B 362 31.25 6.72 15.44
C LYS B 362 30.54 5.42 15.80
N CYS B 363 29.47 5.10 15.07
CA CYS B 363 28.64 3.96 15.38
C CYS B 363 27.85 3.54 14.14
N TYR B 364 27.36 2.31 14.16
CA TYR B 364 26.60 1.75 13.05
C TYR B 364 25.18 1.50 13.51
N GLY B 365 24.22 2.07 12.79
CA GLY B 365 22.82 1.87 13.11
C GLY B 365 22.04 3.15 12.87
N VAL B 366 20.94 3.28 13.62
CA VAL B 366 20.05 4.43 13.49
C VAL B 366 20.71 5.66 14.09
N SER B 367 20.64 6.78 13.37
CA SER B 367 21.20 8.02 13.87
C SER B 367 20.42 8.53 15.08
N PRO B 368 21.10 9.05 16.10
CA PRO B 368 20.38 9.53 17.30
C PRO B 368 19.61 10.81 17.09
N THR B 369 19.83 11.52 15.98
CA THR B 369 19.15 12.79 15.74
C THR B 369 17.67 12.60 15.40
N LYS B 370 17.28 11.42 14.93
CA LYS B 370 15.89 11.14 14.55
C LYS B 370 15.24 10.15 15.50
N LEU B 371 15.69 10.14 16.75
CA LEU B 371 15.10 9.30 17.80
C LEU B 371 14.23 10.12 18.76
N ASN B 372 13.76 11.29 18.32
CA ASN B 372 12.95 12.13 19.19
C ASN B 372 11.55 11.57 19.38
N ASP B 373 10.93 11.05 18.32
CA ASP B 373 9.59 10.49 18.40
C ASP B 373 9.54 9.00 18.06
N LEU B 374 10.68 8.38 17.77
CA LEU B 374 10.72 6.96 17.44
C LEU B 374 10.70 6.17 18.75
N CYS B 375 9.50 5.93 19.27
CA CYS B 375 9.34 5.17 20.49
C CYS B 375 9.65 3.69 20.25
N PHE B 376 10.33 3.08 21.20
CA PHE B 376 10.74 1.69 21.12
C PHE B 376 9.98 0.87 22.16
N THR B 377 10.28 -0.43 22.20
CA THR B 377 9.63 -1.37 23.12
C THR B 377 10.54 -1.85 24.23
N ASN B 378 11.74 -2.33 23.89
CA ASN B 378 12.67 -2.88 24.86
C ASN B 378 14.07 -2.37 24.57
N VAL B 379 14.80 -2.00 25.62
CA VAL B 379 16.14 -1.45 25.48
C VAL B 379 16.92 -1.76 26.77
N TYR B 380 18.21 -2.04 26.61
CA TYR B 380 19.10 -2.30 27.73
C TYR B 380 20.40 -1.53 27.53
N ALA B 381 21.09 -1.27 28.64
CA ALA B 381 22.34 -0.52 28.62
C ALA B 381 23.37 -1.19 29.51
N ASP B 382 24.64 -1.02 29.14
CA ASP B 382 25.76 -1.54 29.91
C ASP B 382 27.03 -0.80 29.51
N SER B 383 27.97 -0.71 30.44
CA SER B 383 29.20 0.06 30.25
C SER B 383 30.40 -0.75 30.71
N PHE B 384 31.56 -0.43 30.12
CA PHE B 384 32.82 -1.10 30.44
C PHE B 384 33.96 -0.18 30.05
N VAL B 385 35.15 -0.47 30.60
CA VAL B 385 36.35 0.34 30.39
C VAL B 385 37.40 -0.54 29.72
N ILE B 386 37.84 -0.14 28.53
CA ILE B 386 38.75 -0.94 27.73
C ILE B 386 39.85 -0.01 27.18
N ARG B 387 40.98 -0.61 26.79
CA ARG B 387 42.07 0.12 26.18
C ARG B 387 41.63 0.86 24.92
N GLY B 388 42.15 2.09 24.75
CA GLY B 388 41.78 2.91 23.61
C GLY B 388 42.38 2.48 22.30
N ASN B 389 43.36 1.57 22.32
CA ASN B 389 43.88 1.01 21.07
C ASN B 389 42.89 0.05 20.41
N GLU B 390 41.92 -0.47 21.16
CA GLU B 390 40.88 -1.34 20.62
C GLU B 390 39.49 -0.76 20.81
N VAL B 391 39.38 0.56 20.99
CA VAL B 391 38.05 1.18 21.09
C VAL B 391 37.39 1.21 19.72
N SER B 392 38.17 1.15 18.64
CA SER B 392 37.61 1.00 17.30
C SER B 392 37.27 -0.45 16.98
N GLN B 393 37.68 -1.38 17.85
CA GLN B 393 37.36 -2.79 17.69
C GLN B 393 36.05 -3.18 18.37
N ILE B 394 35.30 -2.20 18.88
CA ILE B 394 33.97 -2.46 19.42
C ILE B 394 32.95 -1.95 18.41
N ALA B 395 32.54 -2.83 17.50
CA ALA B 395 31.62 -2.48 16.42
C ALA B 395 30.92 -3.73 15.95
N PRO B 396 29.67 -3.63 15.50
CA PRO B 396 28.96 -4.82 15.00
C PRO B 396 29.57 -5.38 13.72
N GLY B 397 29.95 -6.65 13.75
CA GLY B 397 30.53 -7.30 12.58
C GLY B 397 32.03 -7.35 12.53
N GLN B 398 32.73 -7.00 13.61
CA GLN B 398 34.18 -7.02 13.66
C GLN B 398 34.64 -7.93 14.78
N THR B 399 35.73 -8.65 14.56
CA THR B 399 36.26 -9.60 15.53
C THR B 399 37.71 -9.24 15.86
N GLY B 400 38.14 -9.66 17.04
CA GLY B 400 39.48 -9.36 17.48
C GLY B 400 39.81 -10.11 18.76
N ASN B 401 40.90 -9.69 19.41
CA ASN B 401 41.31 -10.32 20.66
C ASN B 401 40.38 -9.98 21.82
N ILE B 402 39.67 -8.85 21.74
CA ILE B 402 38.74 -8.43 22.78
C ILE B 402 37.30 -8.56 22.33
N ALA B 403 37.01 -8.27 21.06
CA ALA B 403 35.65 -8.34 20.54
C ALA B 403 35.14 -9.76 20.39
N ASP B 404 35.99 -10.78 20.55
CA ASP B 404 35.57 -12.17 20.47
C ASP B 404 35.64 -12.92 21.80
N TYR B 405 36.38 -12.40 22.77
CA TYR B 405 36.56 -13.08 24.05
C TYR B 405 36.07 -12.27 25.25
N ASN B 406 35.72 -11.00 25.08
CA ASN B 406 35.31 -10.17 26.21
C ASN B 406 33.93 -9.56 25.98
N TYR B 407 33.64 -9.18 24.74
CA TYR B 407 32.33 -8.60 24.41
C TYR B 407 32.05 -8.90 22.94
N LYS B 408 31.17 -9.86 22.69
CA LYS B 408 30.88 -10.28 21.32
C LYS B 408 29.85 -9.34 20.69
N LEU B 409 30.17 -8.86 19.50
CA LEU B 409 29.28 -7.95 18.77
C LEU B 409 28.70 -8.68 17.56
N PRO B 410 27.41 -9.00 17.56
CA PRO B 410 26.81 -9.64 16.38
C PRO B 410 26.58 -8.63 15.25
N ASP B 411 26.35 -9.18 14.06
CA ASP B 411 26.09 -8.33 12.89
C ASP B 411 24.72 -7.65 12.99
N ASP B 412 23.76 -8.28 13.66
CA ASP B 412 22.43 -7.71 13.88
C ASP B 412 22.30 -7.12 15.27
N PHE B 413 23.37 -6.51 15.78
CA PHE B 413 23.38 -5.96 17.14
C PHE B 413 22.39 -4.79 17.26
N THR B 414 22.36 -3.91 16.26
CA THR B 414 21.49 -2.72 16.20
C THR B 414 21.69 -1.83 17.43
N GLY B 415 22.90 -1.31 17.56
CA GLY B 415 23.22 -0.43 18.67
C GLY B 415 24.43 0.42 18.34
N CYS B 416 24.66 1.42 19.19
CA CYS B 416 25.73 2.38 18.98
C CYS B 416 26.63 2.47 20.20
N VAL B 417 27.93 2.65 19.95
CA VAL B 417 28.94 2.74 20.99
C VAL B 417 29.22 4.20 21.29
N ILE B 418 29.42 4.52 22.58
CA ILE B 418 29.77 5.85 23.03
C ILE B 418 31.08 5.75 23.80
N ALA B 419 32.07 6.56 23.41
CA ALA B 419 33.39 6.52 24.01
C ALA B 419 33.88 7.93 24.30
N TRP B 420 34.58 8.07 25.42
CA TRP B 420 35.17 9.35 25.81
C TRP B 420 36.34 9.08 26.74
N ASN B 421 37.16 10.10 26.94
CA ASN B 421 38.36 10.01 27.77
C ASN B 421 38.13 10.73 29.09
N SER B 422 38.43 10.07 30.20
CA SER B 422 38.30 10.62 31.54
C SER B 422 39.62 10.37 32.28
N ASN B 423 40.54 11.32 32.16
CA ASN B 423 41.87 11.19 32.76
C ASN B 423 41.97 11.84 34.13
N LYS B 424 40.88 12.40 34.66
CA LYS B 424 40.93 13.09 35.94
C LYS B 424 39.97 12.53 36.99
N LEU B 425 38.97 11.76 36.59
CA LEU B 425 37.98 11.24 37.54
C LEU B 425 38.29 9.85 38.05
N ASP B 426 39.07 9.06 37.31
CA ASP B 426 39.36 7.68 37.73
C ASP B 426 40.85 7.39 37.65
N SER B 427 41.58 8.12 36.81
CA SER B 427 43.01 7.93 36.68
C SER B 427 43.72 8.52 37.89
N LYS B 428 44.58 7.71 38.52
CA LYS B 428 45.28 8.08 39.74
C LYS B 428 46.79 7.93 39.52
N VAL B 429 47.55 8.81 40.17
CA VAL B 429 49.01 8.73 40.08
C VAL B 429 49.53 7.52 40.87
N GLY B 430 48.82 7.11 41.93
CA GLY B 430 49.24 5.96 42.70
C GLY B 430 48.95 4.62 42.03
N GLY B 431 47.98 4.58 41.13
CA GLY B 431 47.62 3.34 40.45
C GLY B 431 46.19 2.92 40.70
N ASN B 432 45.65 2.08 39.81
CA ASN B 432 44.28 1.61 39.94
C ASN B 432 44.16 0.29 39.19
N TYR B 433 44.04 -0.82 39.93
CA TYR B 433 43.92 -2.15 39.34
C TYR B 433 42.50 -2.69 39.42
N ASN B 434 41.50 -1.81 39.58
CA ASN B 434 40.12 -2.25 39.72
C ASN B 434 39.53 -2.81 38.44
N TYR B 435 40.15 -2.55 37.29
CA TYR B 435 39.65 -3.01 36.00
C TYR B 435 40.62 -4.04 35.44
N LEU B 436 40.10 -5.21 35.11
CA LEU B 436 40.91 -6.32 34.61
C LEU B 436 40.24 -6.92 33.38
N TYR B 437 41.05 -7.54 32.53
CA TYR B 437 40.58 -8.14 31.29
C TYR B 437 40.99 -9.60 31.23
N ARG B 438 40.20 -10.41 30.52
CA ARG B 438 40.49 -11.81 30.32
C ARG B 438 40.77 -12.05 28.84
N LEU B 439 41.93 -12.65 28.55
CA LEU B 439 42.32 -12.94 27.18
C LEU B 439 42.47 -14.43 26.88
N PHE B 440 42.61 -15.27 27.90
CA PHE B 440 42.75 -16.71 27.69
C PHE B 440 41.37 -17.35 27.70
N ARG B 441 40.90 -17.74 26.52
CA ARG B 441 39.59 -18.36 26.36
C ARG B 441 39.72 -19.59 25.48
N LYS B 442 38.97 -20.64 25.82
CA LYS B 442 39.02 -21.90 25.09
C LYS B 442 37.76 -22.15 24.27
N SER B 443 36.90 -21.15 24.11
CA SER B 443 35.65 -21.32 23.37
C SER B 443 35.29 -20.00 22.71
N ASN B 444 34.05 -19.90 22.23
CA ASN B 444 33.55 -18.72 21.56
C ASN B 444 32.51 -18.04 22.44
N LEU B 445 32.52 -16.70 22.44
CA LEU B 445 31.63 -15.92 23.27
C LEU B 445 30.32 -15.65 22.54
N LYS B 446 29.19 -15.78 23.26
CA LYS B 446 27.88 -15.50 22.72
C LYS B 446 27.43 -14.10 23.11
N PRO B 447 26.67 -13.42 22.24
CA PRO B 447 26.19 -12.08 22.58
C PRO B 447 25.16 -12.09 23.69
N PHE B 448 25.12 -10.99 24.45
CA PHE B 448 24.13 -10.73 25.50
C PHE B 448 24.13 -11.79 26.59
N GLU B 449 25.33 -12.14 27.07
CA GLU B 449 25.47 -13.03 28.22
C GLU B 449 26.77 -12.73 28.93
N ARG B 450 26.80 -12.98 30.23
CA ARG B 450 27.92 -12.66 31.10
C ARG B 450 28.54 -13.93 31.64
N ASP B 451 29.87 -13.95 31.72
CA ASP B 451 30.60 -15.07 32.29
C ASP B 451 31.76 -14.55 33.11
N ILE B 452 32.17 -15.34 34.10
CA ILE B 452 33.29 -14.99 34.97
C ILE B 452 34.23 -16.20 35.02
N SER B 453 35.52 -15.93 35.22
CA SER B 453 36.55 -16.95 35.23
C SER B 453 37.27 -16.93 36.59
N THR B 454 36.69 -17.65 37.56
CA THR B 454 37.35 -17.82 38.84
C THR B 454 38.41 -18.91 38.78
N GLU B 455 38.20 -19.92 37.94
CA GLU B 455 39.11 -21.05 37.83
C GLU B 455 40.38 -20.64 37.09
N ILE B 456 41.36 -21.54 37.09
CA ILE B 456 42.65 -21.32 36.47
C ILE B 456 42.62 -21.86 35.05
N TYR B 457 42.99 -21.04 34.08
CA TYR B 457 43.00 -21.46 32.68
C TYR B 457 44.08 -22.51 32.45
N GLN B 458 43.77 -23.47 31.58
CA GLN B 458 44.68 -24.57 31.26
C GLN B 458 45.21 -24.37 29.85
N ALA B 459 46.49 -24.02 29.74
CA ALA B 459 47.15 -23.84 28.45
C ALA B 459 48.00 -25.05 28.05
N GLY B 460 47.96 -26.12 28.83
CA GLY B 460 48.75 -27.31 28.54
C GLY B 460 48.09 -28.54 29.11
N ASN B 461 48.90 -29.43 29.70
CA ASN B 461 48.42 -30.66 30.33
C ASN B 461 49.03 -30.75 31.73
N LYS B 462 48.35 -30.14 32.71
CA LYS B 462 48.80 -30.14 34.09
C LYS B 462 47.60 -29.96 35.00
N PRO B 463 47.41 -30.84 35.99
CA PRO B 463 46.29 -30.66 36.93
C PRO B 463 46.52 -29.51 37.88
N CYS B 464 45.78 -28.41 37.68
CA CYS B 464 45.93 -27.21 38.50
C CYS B 464 44.56 -26.74 38.95
N ASN B 465 44.28 -26.85 40.24
CA ASN B 465 43.04 -26.39 40.85
C ASN B 465 43.35 -25.49 42.04
N GLY B 466 44.27 -24.55 41.84
CA GLY B 466 44.71 -23.68 42.91
C GLY B 466 46.20 -23.47 42.93
N VAL B 467 46.90 -24.00 41.91
CA VAL B 467 48.35 -23.84 41.79
C VAL B 467 48.67 -23.33 40.39
N ALA B 468 49.79 -22.63 40.27
CA ALA B 468 50.25 -22.10 39.00
C ALA B 468 51.27 -23.03 38.38
N GLY B 469 51.90 -22.58 37.29
CA GLY B 469 52.90 -23.37 36.62
C GLY B 469 53.26 -22.77 35.28
N PHE B 470 53.93 -23.57 34.45
CA PHE B 470 54.30 -23.14 33.10
C PHE B 470 53.13 -23.15 32.13
N ASN B 471 52.01 -23.77 32.49
CA ASN B 471 50.82 -23.78 31.64
C ASN B 471 49.54 -23.41 32.38
N CYS B 472 49.51 -23.45 33.72
CA CYS B 472 48.33 -23.10 34.48
C CYS B 472 48.31 -21.59 34.74
N TYR B 473 48.07 -20.84 33.66
CA TYR B 473 48.05 -19.40 33.73
C TYR B 473 46.75 -18.90 34.35
N PHE B 474 46.87 -17.85 35.15
CA PHE B 474 45.68 -17.18 35.68
C PHE B 474 44.99 -16.42 34.54
N PRO B 475 43.67 -16.54 34.41
CA PRO B 475 42.98 -15.88 33.29
C PRO B 475 42.81 -14.38 33.43
N LEU B 476 43.30 -13.77 34.51
CA LEU B 476 43.17 -12.34 34.74
C LEU B 476 44.54 -11.70 34.62
N ARG B 477 44.64 -10.69 33.76
CA ARG B 477 45.90 -9.98 33.52
C ARG B 477 45.76 -8.53 33.99
N SER B 478 46.83 -8.02 34.60
CA SER B 478 46.80 -6.69 35.19
C SER B 478 46.88 -5.61 34.12
N TYR B 479 46.18 -4.49 34.39
CA TYR B 479 46.27 -3.30 33.56
C TYR B 479 46.92 -2.13 34.29
N GLY B 480 46.35 -1.68 35.41
CA GLY B 480 46.86 -0.53 36.11
C GLY B 480 46.59 0.80 35.44
N PHE B 481 46.37 1.84 36.25
CA PHE B 481 46.13 3.20 35.75
C PHE B 481 47.29 4.08 36.20
N ARG B 482 48.19 4.40 35.27
CA ARG B 482 49.27 5.37 35.47
C ARG B 482 49.08 6.55 34.52
N PRO B 483 49.29 7.80 34.99
CA PRO B 483 49.25 8.98 34.12
C PRO B 483 50.56 9.24 33.37
N THR B 484 51.13 8.19 32.79
CA THR B 484 52.35 8.33 32.00
C THR B 484 52.30 7.59 30.67
N TYR B 485 51.20 6.88 30.37
CA TYR B 485 51.07 6.17 29.12
C TYR B 485 50.59 7.11 28.02
N GLY B 486 50.51 6.58 26.80
CA GLY B 486 50.01 7.33 25.69
C GLY B 486 48.49 7.46 25.72
N VAL B 487 47.97 8.30 24.82
CA VAL B 487 46.53 8.54 24.76
C VAL B 487 45.79 7.28 24.36
N GLY B 488 46.34 6.50 23.42
CA GLY B 488 45.76 5.22 23.08
C GLY B 488 45.84 4.22 24.20
N HIS B 489 46.96 4.23 24.94
CA HIS B 489 47.09 3.34 26.08
C HIS B 489 46.29 3.82 27.29
N GLN B 490 45.90 5.10 27.32
CA GLN B 490 44.98 5.57 28.34
C GLN B 490 43.61 4.93 28.15
N PRO B 491 42.94 4.55 29.23
CA PRO B 491 41.67 3.83 29.10
C PRO B 491 40.56 4.73 28.56
N TYR B 492 39.67 4.12 27.78
CA TYR B 492 38.47 4.78 27.27
C TYR B 492 37.25 4.10 27.85
N ARG B 493 36.18 4.88 28.02
CA ARG B 493 34.98 4.42 28.72
C ARG B 493 33.91 4.17 27.67
N VAL B 494 33.58 2.90 27.44
CA VAL B 494 32.70 2.49 26.37
C VAL B 494 31.38 2.05 26.98
N VAL B 495 30.31 2.74 26.63
CA VAL B 495 28.94 2.37 26.99
C VAL B 495 28.16 2.15 25.70
N VAL B 496 27.39 1.07 25.67
CA VAL B 496 26.68 0.66 24.46
C VAL B 496 25.22 0.37 24.82
N LEU B 497 24.34 0.59 23.85
CA LEU B 497 22.92 0.34 24.00
C LEU B 497 22.47 -0.74 23.04
N SER B 498 21.44 -1.49 23.43
CA SER B 498 20.89 -2.55 22.60
C SER B 498 19.39 -2.32 22.45
N PHE B 499 18.91 -2.35 21.22
CA PHE B 499 17.50 -2.14 20.92
C PHE B 499 16.85 -3.47 20.56
N GLU B 500 15.74 -3.78 21.21
CA GLU B 500 15.01 -5.03 20.99
C GLU B 500 13.57 -4.69 20.66
N LEU B 501 13.05 -5.32 19.60
CA LEU B 501 11.69 -5.09 19.15
C LEU B 501 10.97 -6.43 19.02
N LEU B 502 9.65 -6.34 18.83
CA LEU B 502 8.76 -7.50 18.65
C LEU B 502 8.84 -8.46 19.82
N HIS B 503 8.94 -7.91 21.04
CA HIS B 503 9.02 -8.71 22.25
C HIS B 503 8.12 -8.22 23.38
N ALA B 504 7.71 -6.96 23.37
CA ALA B 504 6.94 -6.38 24.48
C ALA B 504 6.20 -5.17 23.95
N PRO B 505 5.15 -4.72 24.66
CA PRO B 505 4.53 -3.43 24.32
C PRO B 505 5.47 -2.27 24.64
N ALA B 506 5.03 -1.08 24.21
CA ALA B 506 5.86 0.12 24.35
C ALA B 506 5.98 0.52 25.82
N THR B 507 7.21 0.72 26.27
CA THR B 507 7.50 1.11 27.65
C THR B 507 8.19 2.45 27.75
N VAL B 508 9.20 2.70 26.91
CA VAL B 508 9.96 3.94 26.92
C VAL B 508 9.90 4.57 25.53
N CYS B 509 9.63 5.87 25.48
CA CYS B 509 9.58 6.63 24.25
C CYS B 509 10.45 7.87 24.39
N GLY B 510 10.39 8.75 23.39
CA GLY B 510 11.18 9.97 23.39
C GLY B 510 10.41 11.16 23.91
N PRO B 511 10.99 12.36 23.78
CA PRO B 511 10.31 13.57 24.25
C PRO B 511 9.16 13.96 23.33
N LYS B 512 8.36 14.91 23.80
CA LYS B 512 7.16 15.36 23.09
C LYS B 512 7.20 16.82 22.70
N LYS B 513 7.72 17.70 23.56
CA LYS B 513 7.86 19.14 23.33
C LYS B 513 6.52 19.79 23.02
N SER B 514 5.65 19.78 24.02
CA SER B 514 4.35 20.42 23.91
C SER B 514 4.49 21.94 23.94
N THR B 515 3.40 22.64 23.65
CA THR B 515 3.40 24.09 23.59
C THR B 515 2.33 24.68 24.51
N ASN B 516 2.10 25.98 24.43
CA ASN B 516 1.15 26.66 25.29
C ASN B 516 -0.27 26.45 24.74
N LEU B 517 -1.25 27.10 25.38
CA LEU B 517 -2.65 26.95 25.04
C LEU B 517 -3.20 28.28 24.52
N VAL B 518 -3.93 28.22 23.41
CA VAL B 518 -4.54 29.40 22.83
C VAL B 518 -6.05 29.26 22.90
N LYS B 519 -6.74 30.40 22.92
CA LYS B 519 -8.18 30.45 23.07
C LYS B 519 -8.79 31.33 21.97
N ASN B 520 -10.08 31.09 21.72
CA ASN B 520 -10.96 31.88 20.86
C ASN B 520 -10.54 31.89 19.39
N LYS B 521 -9.70 30.95 18.95
CA LYS B 521 -9.29 30.85 17.56
C LYS B 521 -9.21 29.39 17.17
N CYS B 522 -9.68 29.07 15.96
CA CYS B 522 -9.68 27.70 15.49
C CYS B 522 -8.30 27.32 14.92
N VAL B 523 -7.60 26.43 15.61
CA VAL B 523 -6.30 25.93 15.17
C VAL B 523 -6.30 24.41 15.32
N ASN B 524 -5.38 23.76 14.61
CA ASN B 524 -5.23 22.32 14.74
C ASN B 524 -4.58 21.99 16.08
N PHE B 525 -5.05 20.89 16.69
CA PHE B 525 -4.60 20.49 18.01
C PHE B 525 -4.14 19.03 17.98
N ASN B 526 -3.33 18.67 18.98
CA ASN B 526 -2.85 17.30 19.16
C ASN B 526 -3.04 16.95 20.63
N PHE B 527 -4.21 16.41 20.96
CA PHE B 527 -4.57 16.05 22.33
C PHE B 527 -4.52 14.53 22.44
N ASN B 528 -3.35 14.01 22.85
CA ASN B 528 -3.10 12.57 23.03
C ASN B 528 -3.37 11.80 21.74
N GLY B 529 -2.95 12.36 20.60
CA GLY B 529 -3.12 11.73 19.31
C GLY B 529 -4.34 12.18 18.54
N LEU B 530 -5.21 12.99 19.14
CA LEU B 530 -6.39 13.47 18.43
C LEU B 530 -6.00 14.51 17.38
N THR B 531 -6.58 14.37 16.19
CA THR B 531 -6.30 15.25 15.07
C THR B 531 -7.57 15.98 14.69
N GLY B 532 -7.47 17.29 14.50
CA GLY B 532 -8.61 18.10 14.11
C GLY B 532 -8.39 19.55 14.45
N THR B 533 -9.26 20.38 13.90
CA THR B 533 -9.22 21.83 14.12
C THR B 533 -10.52 22.28 14.77
N GLY B 534 -10.40 23.30 15.62
CA GLY B 534 -11.56 23.83 16.31
C GLY B 534 -11.16 24.90 17.29
N VAL B 535 -12.17 25.63 17.75
CA VAL B 535 -11.96 26.70 18.73
C VAL B 535 -11.90 26.11 20.12
N LEU B 536 -10.84 26.42 20.85
CA LEU B 536 -10.67 25.96 22.22
C LEU B 536 -11.27 27.00 23.17
N THR B 537 -12.41 26.66 23.78
CA THR B 537 -13.13 27.57 24.66
C THR B 537 -13.37 26.89 25.99
N GLU B 538 -13.29 27.67 27.07
CA GLU B 538 -13.50 27.14 28.41
C GLU B 538 -14.93 26.66 28.59
N SER B 539 -15.09 25.52 29.27
CA SER B 539 -16.36 24.85 29.39
C SER B 539 -16.99 25.12 30.74
N ASN B 540 -18.11 24.44 31.01
CA ASN B 540 -18.79 24.50 32.31
C ASN B 540 -19.06 23.12 32.90
N LYS B 541 -19.02 22.05 32.11
CA LYS B 541 -19.27 20.72 32.62
C LYS B 541 -18.02 20.19 33.35
N LYS B 542 -18.24 19.13 34.13
CA LYS B 542 -17.17 18.48 34.87
C LYS B 542 -17.07 17.02 34.45
N PHE B 543 -15.88 16.46 34.60
CA PHE B 543 -15.58 15.10 34.19
C PHE B 543 -15.15 14.27 35.39
N LEU B 544 -15.42 12.97 35.32
CA LEU B 544 -14.83 12.04 36.27
C LEU B 544 -13.32 11.97 36.04
N PRO B 545 -12.53 11.65 37.08
CA PRO B 545 -11.07 11.70 36.91
C PRO B 545 -10.48 10.49 36.19
N PHE B 546 -11.10 10.05 35.09
CA PHE B 546 -10.43 9.10 34.20
C PHE B 546 -10.67 9.34 32.72
N GLN B 547 -11.63 10.17 32.31
CA GLN B 547 -11.80 10.45 30.89
C GLN B 547 -10.68 11.38 30.38
N GLN B 548 -10.55 11.41 29.07
CA GLN B 548 -9.64 12.32 28.37
C GLN B 548 -10.33 13.15 27.32
N PHE B 549 -11.35 12.61 26.64
CA PHE B 549 -12.09 13.35 25.63
C PHE B 549 -13.52 12.82 25.59
N GLY B 550 -14.45 13.73 25.26
CA GLY B 550 -15.85 13.40 25.16
C GLY B 550 -16.34 13.40 23.72
N ARG B 551 -17.59 12.96 23.56
CA ARG B 551 -18.23 12.90 22.25
C ARG B 551 -19.70 13.27 22.42
N ASP B 552 -20.47 13.04 21.36
CA ASP B 552 -21.89 13.39 21.32
C ASP B 552 -22.61 12.32 20.50
N ILE B 553 -23.85 12.61 20.11
CA ILE B 553 -24.59 11.71 19.23
C ILE B 553 -23.92 11.63 17.87
N ALA B 554 -23.39 12.76 17.39
CA ALA B 554 -22.69 12.81 16.11
C ALA B 554 -21.34 12.12 16.14
N ASP B 555 -20.86 11.73 17.32
CA ASP B 555 -19.57 11.04 17.52
C ASP B 555 -18.41 11.88 16.99
N THR B 556 -18.32 13.12 17.48
CA THR B 556 -17.24 14.03 17.14
C THR B 556 -16.62 14.56 18.42
N THR B 557 -15.33 14.92 18.33
CA THR B 557 -14.61 15.44 19.48
C THR B 557 -15.10 16.86 19.77
N ASP B 558 -15.83 17.01 20.87
CA ASP B 558 -16.36 18.30 21.29
C ASP B 558 -15.81 18.78 22.62
N ALA B 559 -15.40 17.87 23.50
CA ALA B 559 -14.82 18.23 24.78
C ALA B 559 -13.57 17.39 25.00
N VAL B 560 -12.54 18.00 25.59
CA VAL B 560 -11.27 17.33 25.83
C VAL B 560 -10.65 17.91 27.09
N ARG B 561 -9.90 17.07 27.82
CA ARG B 561 -9.15 17.49 28.98
C ARG B 561 -7.70 17.71 28.59
N ASP B 562 -7.13 18.83 29.05
CA ASP B 562 -5.74 19.13 28.75
C ASP B 562 -4.82 18.18 29.53
N PRO B 563 -3.69 17.79 28.95
CA PRO B 563 -2.78 16.89 29.66
C PRO B 563 -1.81 17.62 30.58
N GLN B 564 -1.54 18.90 30.29
CA GLN B 564 -0.62 19.67 31.10
C GLN B 564 -1.24 20.12 32.42
N THR B 565 -2.54 20.44 32.40
CA THR B 565 -3.22 20.95 33.59
C THR B 565 -4.56 20.24 33.78
N LEU B 566 -5.41 20.77 34.66
CA LEU B 566 -6.69 20.16 35.00
C LEU B 566 -7.85 21.09 34.66
N GLU B 567 -7.84 21.69 33.47
CA GLU B 567 -8.89 22.58 33.01
C GLU B 567 -9.58 21.97 31.81
N ILE B 568 -10.89 21.76 31.91
CA ILE B 568 -11.65 21.13 30.83
C ILE B 568 -12.01 22.18 29.80
N LEU B 569 -11.72 21.87 28.53
CA LEU B 569 -11.96 22.77 27.40
C LEU B 569 -13.09 22.23 26.52
N ASP B 570 -13.35 22.95 25.43
CA ASP B 570 -14.34 22.54 24.43
C ASP B 570 -13.72 22.62 23.04
N ILE B 571 -14.23 21.79 22.15
CA ILE B 571 -13.86 21.80 20.74
C ILE B 571 -15.09 22.17 19.93
N THR B 572 -15.06 23.35 19.30
CA THR B 572 -16.13 23.81 18.43
C THR B 572 -15.49 24.32 17.14
N PRO B 573 -15.96 23.88 15.98
CA PRO B 573 -15.43 24.42 14.73
C PRO B 573 -15.81 25.89 14.55
N CYS B 574 -14.92 26.64 13.92
CA CYS B 574 -15.13 28.06 13.69
C CYS B 574 -16.01 28.26 12.45
N SER B 575 -16.03 29.49 11.94
CA SER B 575 -17.00 29.89 10.93
C SER B 575 -16.80 29.14 9.62
N PHE B 576 -17.91 28.66 9.05
CA PHE B 576 -17.91 27.89 7.82
C PHE B 576 -19.27 27.99 7.18
N GLY B 577 -19.34 27.62 5.92
CA GLY B 577 -20.59 27.61 5.16
C GLY B 577 -20.40 28.15 3.77
N GLY B 578 -21.34 27.80 2.89
CA GLY B 578 -21.27 28.27 1.52
C GLY B 578 -21.63 29.74 1.40
N VAL B 579 -21.08 30.38 0.38
CA VAL B 579 -21.33 31.80 0.11
C VAL B 579 -22.39 31.91 -0.96
N SER B 580 -23.21 32.95 -0.87
CA SER B 580 -24.28 33.20 -1.83
C SER B 580 -24.12 34.59 -2.42
N VAL B 581 -24.76 34.80 -3.57
CA VAL B 581 -24.65 36.04 -4.31
C VAL B 581 -26.03 36.60 -4.59
N ILE B 582 -26.09 37.92 -4.78
CA ILE B 582 -27.31 38.62 -5.17
C ILE B 582 -26.98 39.53 -6.35
N THR B 583 -27.67 39.32 -7.47
CA THR B 583 -27.45 40.13 -8.66
C THR B 583 -28.77 40.26 -9.41
N PRO B 584 -28.99 41.40 -10.08
CA PRO B 584 -30.18 41.55 -10.93
C PRO B 584 -29.99 41.18 -12.39
N GLY B 585 -28.85 40.60 -12.75
CA GLY B 585 -28.59 40.26 -14.14
C GLY B 585 -27.67 41.26 -14.81
N THR B 586 -26.92 40.78 -15.81
CA THR B 586 -25.97 41.63 -16.51
C THR B 586 -26.64 42.57 -17.51
N ASN B 587 -27.90 42.31 -17.87
CA ASN B 587 -28.59 43.15 -18.83
C ASN B 587 -29.12 44.44 -18.21
N THR B 588 -29.10 44.57 -16.89
CA THR B 588 -29.59 45.77 -16.22
C THR B 588 -28.45 46.56 -15.58
N SER B 589 -27.65 45.93 -14.73
CA SER B 589 -26.54 46.60 -14.07
C SER B 589 -25.43 45.58 -13.84
N ASN B 590 -24.44 45.97 -13.04
CA ASN B 590 -23.33 45.09 -12.71
C ASN B 590 -23.02 45.03 -11.22
N GLN B 591 -23.75 45.76 -10.39
CA GLN B 591 -23.53 45.72 -8.95
C GLN B 591 -24.02 44.40 -8.37
N VAL B 592 -23.22 43.83 -7.47
CA VAL B 592 -23.53 42.58 -6.82
C VAL B 592 -23.40 42.75 -5.31
N ALA B 593 -24.10 41.88 -4.58
CA ALA B 593 -24.08 41.89 -3.12
C ALA B 593 -23.71 40.51 -2.63
N VAL B 594 -22.56 40.39 -1.97
CA VAL B 594 -22.11 39.11 -1.44
C VAL B 594 -22.87 38.81 -0.15
N LEU B 595 -23.30 37.56 0.00
CA LEU B 595 -24.07 37.12 1.14
C LEU B 595 -23.40 35.91 1.76
N TYR B 596 -23.09 36.00 3.05
CA TYR B 596 -22.54 34.89 3.82
C TYR B 596 -23.69 34.26 4.62
N GLN B 597 -24.00 33.01 4.32
CA GLN B 597 -25.18 32.36 4.86
C GLN B 597 -24.81 31.50 6.06
N GLY B 598 -25.45 31.76 7.20
CA GLY B 598 -25.18 31.00 8.40
C GLY B 598 -23.87 31.32 9.08
N VAL B 599 -23.26 32.46 8.76
CA VAL B 599 -21.97 32.86 9.30
C VAL B 599 -22.14 34.18 10.03
N ASN B 600 -21.70 34.22 11.29
CA ASN B 600 -21.62 35.47 12.05
C ASN B 600 -20.33 36.16 11.62
N CYS B 601 -20.47 37.11 10.69
CA CYS B 601 -19.31 37.69 10.02
C CYS B 601 -18.65 38.81 10.83
N THR B 602 -18.28 38.52 12.07
CA THR B 602 -17.43 39.43 12.82
C THR B 602 -15.97 39.35 12.41
N GLU B 603 -15.59 38.31 11.66
CA GLU B 603 -14.26 38.16 11.12
C GLU B 603 -14.34 37.63 9.70
N VAL B 604 -13.51 38.18 8.82
CA VAL B 604 -13.51 37.77 7.43
C VAL B 604 -12.10 37.84 6.85
N ASN B 625 -22.79 48.86 3.36
CA ASN B 625 -22.55 48.53 4.76
C ASN B 625 -22.81 47.05 5.03
N VAL B 626 -22.93 46.69 6.30
CA VAL B 626 -23.16 45.32 6.72
C VAL B 626 -24.47 45.26 7.47
N PHE B 627 -25.38 44.40 7.02
CA PHE B 627 -26.67 44.18 7.65
C PHE B 627 -26.76 42.73 8.09
N GLN B 628 -27.01 42.50 9.38
CA GLN B 628 -27.03 41.17 9.96
C GLN B 628 -28.48 40.72 10.13
N THR B 629 -28.84 39.62 9.47
CA THR B 629 -30.16 39.03 9.53
C THR B 629 -30.09 37.67 10.20
N ARG B 630 -31.25 37.00 10.25
CA ARG B 630 -31.32 35.69 10.89
C ARG B 630 -30.69 34.58 10.04
N ALA B 631 -30.83 34.67 8.72
CA ALA B 631 -30.28 33.68 7.81
C ALA B 631 -28.84 33.96 7.42
N GLY B 632 -28.25 35.03 7.94
CA GLY B 632 -26.89 35.40 7.59
C GLY B 632 -26.72 36.90 7.51
N CYS B 633 -25.53 37.35 7.14
CA CYS B 633 -25.23 38.77 7.01
C CYS B 633 -24.96 39.11 5.56
N LEU B 634 -25.43 40.28 5.13
CA LEU B 634 -25.30 40.71 3.75
C LEU B 634 -24.42 41.95 3.69
N ILE B 635 -23.54 42.00 2.70
CA ILE B 635 -22.62 43.13 2.50
C ILE B 635 -22.91 43.73 1.13
N GLY B 636 -23.14 45.03 1.10
CA GLY B 636 -23.33 45.76 -0.14
C GLY B 636 -24.70 46.33 -0.40
N ALA B 637 -25.61 46.29 0.58
CA ALA B 637 -26.92 46.88 0.43
C ALA B 637 -27.36 47.43 1.77
N GLU B 638 -28.39 48.28 1.74
CA GLU B 638 -28.89 48.94 2.93
C GLU B 638 -30.33 48.53 3.18
N TYR B 639 -30.73 48.63 4.44
CA TYR B 639 -32.09 48.27 4.85
C TYR B 639 -33.04 49.45 4.68
N VAL B 640 -34.24 49.15 4.21
CA VAL B 640 -35.29 50.16 3.98
C VAL B 640 -36.46 49.83 4.89
N ASN B 641 -36.96 50.85 5.58
CA ASN B 641 -38.04 50.64 6.55
C ASN B 641 -39.35 50.26 5.86
N ASN B 642 -39.66 50.89 4.73
CA ASN B 642 -40.89 50.61 4.02
C ASN B 642 -40.73 49.34 3.18
N SER B 643 -41.75 49.01 2.40
CA SER B 643 -41.80 47.75 1.66
C SER B 643 -42.06 48.00 0.18
N TYR B 644 -41.49 47.14 -0.65
CA TYR B 644 -41.70 47.15 -2.09
C TYR B 644 -41.94 45.73 -2.58
N GLU B 645 -42.58 45.61 -3.74
CA GLU B 645 -42.72 44.32 -4.39
C GLU B 645 -41.37 43.85 -4.90
N CYS B 646 -41.08 42.56 -4.72
CA CYS B 646 -39.76 42.02 -4.99
C CYS B 646 -39.88 40.61 -5.54
N ASP B 647 -38.81 40.17 -6.22
CA ASP B 647 -38.77 38.81 -6.74
C ASP B 647 -37.41 38.14 -6.60
N ILE B 648 -36.52 38.64 -5.74
CA ILE B 648 -35.28 37.96 -5.40
C ILE B 648 -35.33 37.62 -3.91
N PRO B 649 -35.70 36.40 -3.55
CA PRO B 649 -35.73 36.01 -2.13
C PRO B 649 -34.35 35.66 -1.60
N ILE B 650 -34.19 35.88 -0.29
CA ILE B 650 -32.95 35.57 0.42
C ILE B 650 -33.16 34.51 1.49
N GLY B 651 -34.03 34.79 2.44
CA GLY B 651 -34.33 33.85 3.52
C GLY B 651 -34.61 34.58 4.80
N ALA B 652 -35.32 33.89 5.70
CA ALA B 652 -35.71 34.40 7.02
C ALA B 652 -36.49 35.72 6.93
N GLY B 653 -37.38 35.81 5.93
CA GLY B 653 -38.33 36.88 5.85
C GLY B 653 -37.86 38.18 5.21
N ILE B 654 -36.66 38.22 4.66
CA ILE B 654 -36.18 39.41 3.96
C ILE B 654 -36.22 39.15 2.47
N CYS B 655 -36.12 40.23 1.71
CA CYS B 655 -36.17 40.15 0.25
C CYS B 655 -35.49 41.38 -0.34
N ALA B 656 -34.72 41.16 -1.40
CA ALA B 656 -33.95 42.22 -2.04
C ALA B 656 -34.42 42.42 -3.47
N SER B 657 -34.19 43.63 -3.98
CA SER B 657 -34.53 43.98 -5.36
C SER B 657 -33.70 45.21 -5.73
N TYR B 658 -33.92 45.71 -6.94
CA TYR B 658 -33.23 46.90 -7.42
C TYR B 658 -34.16 48.11 -7.33
N GLN B 659 -33.57 49.27 -7.09
CA GLN B 659 -34.33 50.52 -6.95
C GLN B 659 -34.91 50.95 -8.30
N SER B 671 -26.32 50.43 -5.95
CA SER B 671 -27.68 50.95 -6.03
C SER B 671 -28.70 49.84 -5.78
N ILE B 672 -28.32 48.87 -4.97
CA ILE B 672 -29.19 47.75 -4.63
C ILE B 672 -29.58 47.87 -3.16
N ILE B 673 -30.79 47.39 -2.83
CA ILE B 673 -31.34 47.48 -1.50
C ILE B 673 -31.91 46.13 -1.09
N ALA B 674 -32.03 45.94 0.23
CA ALA B 674 -32.67 44.76 0.80
C ALA B 674 -33.62 45.22 1.90
N TYR B 675 -34.76 44.55 2.00
CA TYR B 675 -35.81 44.98 2.93
C TYR B 675 -36.66 43.77 3.30
N THR B 676 -37.72 44.04 4.07
CA THR B 676 -38.63 42.99 4.50
C THR B 676 -39.49 42.53 3.33
N MET B 677 -39.78 41.23 3.28
CA MET B 677 -40.61 40.68 2.21
C MET B 677 -42.02 41.27 2.26
N SER B 678 -42.51 41.68 1.08
CA SER B 678 -43.80 42.35 0.99
C SER B 678 -44.94 41.36 1.18
N LEU B 679 -45.89 41.73 2.04
CA LEU B 679 -47.07 40.91 2.27
C LEU B 679 -48.23 41.26 1.37
N GLY B 680 -48.12 42.35 0.59
CA GLY B 680 -49.23 42.80 -0.24
C GLY B 680 -49.79 44.13 0.21
N ALA B 681 -51.11 44.27 0.17
CA ALA B 681 -51.79 45.50 0.58
C ALA B 681 -52.73 45.18 1.74
N GLU B 682 -52.64 45.99 2.79
CA GLU B 682 -53.52 45.84 3.95
C GLU B 682 -54.83 46.55 3.67
N ASN B 683 -55.91 45.79 3.53
CA ASN B 683 -57.22 46.34 3.20
C ASN B 683 -58.19 46.08 4.36
N SER B 684 -58.90 47.11 4.76
CA SER B 684 -59.89 46.99 5.83
C SER B 684 -61.19 46.43 5.27
N VAL B 685 -62.09 46.06 6.18
CA VAL B 685 -63.39 45.50 5.81
C VAL B 685 -64.45 46.12 6.71
N ALA B 686 -65.59 46.47 6.11
CA ALA B 686 -66.70 47.08 6.85
C ALA B 686 -67.72 46.01 7.24
N TYR B 687 -67.36 45.26 8.28
CA TYR B 687 -68.24 44.20 8.76
C TYR B 687 -69.41 44.79 9.54
N SER B 688 -70.62 44.37 9.18
CA SER B 688 -71.83 44.81 9.87
C SER B 688 -72.92 43.79 9.61
N ASN B 689 -73.94 43.82 10.47
CA ASN B 689 -75.12 42.97 10.33
C ASN B 689 -76.28 43.69 9.63
N ASN B 690 -76.00 44.79 8.94
CA ASN B 690 -77.01 45.53 8.21
C ASN B 690 -76.65 45.78 6.75
N SER B 691 -75.37 45.81 6.41
CA SER B 691 -74.93 46.12 5.05
C SER B 691 -74.54 44.85 4.30
N ILE B 692 -74.90 44.81 3.02
CA ILE B 692 -74.57 43.70 2.13
C ILE B 692 -73.93 44.28 0.88
N ALA B 693 -73.05 43.49 0.26
CA ALA B 693 -72.37 43.88 -0.96
C ALA B 693 -72.90 43.05 -2.12
N ILE B 694 -73.42 43.72 -3.14
CA ILE B 694 -73.98 43.07 -4.33
C ILE B 694 -73.27 43.64 -5.55
N PRO B 695 -72.63 42.81 -6.38
CA PRO B 695 -71.96 43.34 -7.57
C PRO B 695 -72.95 43.85 -8.61
N THR B 696 -72.51 44.84 -9.38
CA THR B 696 -73.34 45.48 -10.40
C THR B 696 -72.83 45.22 -11.81
N ASN B 697 -71.53 45.39 -12.04
CA ASN B 697 -70.93 45.25 -13.36
C ASN B 697 -69.90 44.13 -13.32
N PHE B 698 -69.88 43.31 -14.38
CA PHE B 698 -68.97 42.17 -14.47
C PHE B 698 -68.05 42.33 -15.67
N THR B 699 -66.87 41.73 -15.56
CA THR B 699 -65.88 41.77 -16.63
C THR B 699 -65.35 40.36 -16.85
N ILE B 700 -64.78 40.15 -18.04
CA ILE B 700 -64.23 38.87 -18.44
C ILE B 700 -62.74 39.04 -18.71
N SER B 701 -61.93 38.23 -18.04
CA SER B 701 -60.48 38.28 -18.17
C SER B 701 -59.94 36.87 -18.38
N VAL B 702 -58.80 36.80 -19.06
CA VAL B 702 -58.17 35.53 -19.41
C VAL B 702 -56.78 35.48 -18.78
N THR B 703 -56.41 34.30 -18.26
CA THR B 703 -55.13 34.07 -17.61
C THR B 703 -54.47 32.84 -18.17
N THR B 704 -53.13 32.84 -18.20
CA THR B 704 -52.37 31.69 -18.67
C THR B 704 -52.24 30.64 -17.57
N GLU B 705 -52.10 29.38 -18.00
CA GLU B 705 -51.80 28.28 -17.08
C GLU B 705 -51.12 27.19 -17.89
N ILE B 706 -49.88 26.87 -17.54
CA ILE B 706 -49.04 25.97 -18.31
C ILE B 706 -48.67 24.78 -17.42
N LEU B 707 -48.88 23.57 -17.94
CA LEU B 707 -48.53 22.35 -17.24
C LEU B 707 -47.71 21.46 -18.17
N PRO B 708 -46.58 20.90 -17.72
CA PRO B 708 -45.79 20.03 -18.58
C PRO B 708 -46.47 18.70 -18.82
N VAL B 709 -46.08 18.05 -19.92
CA VAL B 709 -46.67 16.77 -20.31
C VAL B 709 -45.61 15.68 -20.30
N SER B 710 -44.55 15.86 -21.10
CA SER B 710 -43.52 14.84 -21.22
C SER B 710 -42.22 15.50 -21.69
N MET B 711 -41.12 14.77 -21.52
CA MET B 711 -39.82 15.19 -22.02
C MET B 711 -39.43 14.32 -23.21
N THR B 712 -38.28 14.62 -23.80
CA THR B 712 -37.75 13.79 -24.88
C THR B 712 -37.29 12.45 -24.31
N LYS B 713 -37.75 11.37 -24.94
CA LYS B 713 -37.41 10.03 -24.46
C LYS B 713 -35.97 9.70 -24.85
N THR B 714 -35.20 9.22 -23.87
CA THR B 714 -33.78 8.91 -24.06
C THR B 714 -33.52 7.45 -23.72
N SER B 715 -32.72 6.80 -24.56
CA SER B 715 -32.30 5.43 -24.35
C SER B 715 -30.80 5.33 -24.55
N VAL B 716 -30.13 4.57 -23.68
CA VAL B 716 -28.68 4.40 -23.76
C VAL B 716 -28.35 2.96 -24.10
N ASP B 717 -27.08 2.69 -24.38
CA ASP B 717 -26.60 1.35 -24.71
C ASP B 717 -25.49 0.98 -23.74
N CYS B 718 -25.49 -0.29 -23.32
CA CYS B 718 -24.49 -0.75 -22.37
C CYS B 718 -23.10 -0.85 -23.00
N THR B 719 -23.03 -1.40 -24.21
CA THR B 719 -21.73 -1.71 -24.80
C THR B 719 -21.02 -0.46 -25.31
N MET B 720 -21.72 0.39 -26.06
CA MET B 720 -21.03 1.47 -26.78
C MET B 720 -20.64 2.60 -25.82
N TYR B 721 -21.49 2.87 -24.83
CA TYR B 721 -21.17 3.90 -23.84
C TYR B 721 -19.93 3.56 -23.02
N ILE B 722 -19.70 2.27 -22.76
CA ILE B 722 -18.51 1.85 -22.04
C ILE B 722 -17.26 2.07 -22.91
N CYS B 723 -17.30 1.60 -24.15
CA CYS B 723 -16.17 1.73 -25.06
C CYS B 723 -16.67 1.58 -26.49
N GLY B 724 -15.84 2.03 -27.43
CA GLY B 724 -16.22 2.02 -28.83
C GLY B 724 -16.31 0.65 -29.46
N ASP B 725 -15.17 -0.03 -29.63
CA ASP B 725 -15.16 -1.32 -30.31
C ASP B 725 -14.22 -2.31 -29.64
N SER B 726 -14.07 -2.23 -28.32
CA SER B 726 -13.18 -3.12 -27.59
C SER B 726 -13.97 -4.33 -27.08
N THR B 727 -13.48 -5.54 -27.41
CA THR B 727 -14.13 -6.76 -26.96
C THR B 727 -13.84 -7.07 -25.50
N GLU B 728 -12.85 -6.41 -24.90
CA GLU B 728 -12.58 -6.59 -23.47
C GLU B 728 -13.74 -6.06 -22.63
N CYS B 729 -14.40 -5.00 -23.08
CA CYS B 729 -15.59 -4.50 -22.40
C CYS B 729 -16.69 -5.55 -22.40
N SER B 730 -16.88 -6.22 -23.54
CA SER B 730 -17.87 -7.28 -23.63
C SER B 730 -17.51 -8.46 -22.73
N ASN B 731 -16.23 -8.83 -22.67
CA ASN B 731 -15.83 -9.95 -21.81
C ASN B 731 -16.05 -9.62 -20.34
N LEU B 732 -15.67 -8.40 -19.93
CA LEU B 732 -15.89 -7.94 -18.56
C LEU B 732 -17.38 -7.89 -18.20
N LEU B 733 -18.22 -7.37 -19.11
CA LEU B 733 -19.65 -7.30 -18.83
C LEU B 733 -20.32 -8.67 -18.84
N LEU B 734 -19.78 -9.64 -19.60
CA LEU B 734 -20.32 -10.99 -19.52
C LEU B 734 -19.91 -11.68 -18.22
N GLN B 735 -18.66 -11.48 -17.76
CA GLN B 735 -18.25 -12.19 -16.56
C GLN B 735 -18.79 -11.50 -15.30
N TYR B 736 -19.22 -10.23 -15.40
CA TYR B 736 -20.11 -9.68 -14.38
C TYR B 736 -21.46 -10.39 -14.37
N GLY B 737 -22.07 -10.55 -15.54
CA GLY B 737 -23.44 -11.02 -15.64
C GLY B 737 -24.35 -9.95 -16.23
N SER B 738 -25.48 -9.71 -15.57
CA SER B 738 -26.47 -8.73 -16.04
C SER B 738 -26.59 -7.63 -14.98
N PHE B 739 -26.01 -6.47 -15.27
CA PHE B 739 -26.10 -5.32 -14.38
C PHE B 739 -26.89 -4.16 -14.98
N CYS B 740 -26.79 -3.94 -16.30
CA CYS B 740 -27.40 -2.76 -16.90
C CYS B 740 -28.47 -3.10 -17.94
N THR B 741 -28.82 -4.38 -18.12
CA THR B 741 -29.95 -4.71 -18.97
C THR B 741 -31.27 -4.24 -18.36
N GLN B 742 -31.40 -4.36 -17.03
CA GLN B 742 -32.58 -3.81 -16.35
C GLN B 742 -32.61 -2.29 -16.44
N LEU B 743 -31.46 -1.64 -16.59
CA LEU B 743 -31.45 -0.19 -16.79
C LEU B 743 -32.06 0.19 -18.14
N LYS B 744 -31.72 -0.56 -19.19
CA LYS B 744 -32.35 -0.35 -20.49
C LYS B 744 -33.83 -0.69 -20.46
N ARG B 745 -34.19 -1.73 -19.70
CA ARG B 745 -35.60 -2.08 -19.53
C ARG B 745 -36.37 -0.97 -18.83
N ALA B 746 -35.77 -0.36 -17.80
CA ALA B 746 -36.40 0.77 -17.14
C ALA B 746 -36.49 1.98 -18.07
N LEU B 747 -35.46 2.20 -18.89
CA LEU B 747 -35.49 3.32 -19.84
C LEU B 747 -36.60 3.16 -20.88
N THR B 748 -36.77 1.95 -21.42
CA THR B 748 -37.86 1.77 -22.38
C THR B 748 -39.22 1.73 -21.69
N GLY B 749 -39.26 1.38 -20.40
CA GLY B 749 -40.49 1.55 -19.65
C GLY B 749 -40.88 3.00 -19.47
N ILE B 750 -39.89 3.86 -19.21
CA ILE B 750 -40.14 5.30 -19.16
C ILE B 750 -40.54 5.83 -20.54
N ALA B 751 -39.95 5.26 -21.60
CA ALA B 751 -40.31 5.66 -22.96
C ALA B 751 -41.77 5.35 -23.27
N VAL B 752 -42.22 4.13 -22.96
CA VAL B 752 -43.61 3.78 -23.23
C VAL B 752 -44.56 4.50 -22.27
N GLU B 753 -44.10 4.81 -21.05
CA GLU B 753 -44.91 5.59 -20.12
C GLU B 753 -45.10 7.02 -20.62
N GLN B 754 -44.05 7.63 -21.18
CA GLN B 754 -44.19 8.97 -21.75
C GLN B 754 -45.04 8.94 -23.03
N ASP B 755 -44.96 7.85 -23.80
CA ASP B 755 -45.86 7.70 -24.94
C ASP B 755 -47.32 7.63 -24.49
N LYS B 756 -47.59 6.88 -23.42
CA LYS B 756 -48.95 6.82 -22.88
C LYS B 756 -49.38 8.18 -22.34
N ASN B 757 -48.45 8.92 -21.71
CA ASN B 757 -48.78 10.23 -21.16
C ASN B 757 -49.11 11.22 -22.27
N THR B 758 -48.34 11.22 -23.35
CA THR B 758 -48.58 12.14 -24.46
C THR B 758 -49.72 11.68 -25.36
N GLN B 759 -50.15 10.43 -25.25
CA GLN B 759 -51.32 9.98 -26.01
C GLN B 759 -52.63 10.19 -25.24
N GLU B 760 -52.63 9.95 -23.93
CA GLU B 760 -53.86 10.05 -23.16
C GLU B 760 -54.27 11.50 -22.91
N VAL B 761 -53.32 12.43 -22.89
CA VAL B 761 -53.65 13.82 -22.54
C VAL B 761 -54.36 14.54 -23.68
N PHE B 762 -54.21 14.08 -24.93
CA PHE B 762 -54.77 14.79 -26.06
C PHE B 762 -55.81 14.01 -26.84
N ALA B 763 -55.81 12.68 -26.78
CA ALA B 763 -56.80 11.87 -27.50
C ALA B 763 -58.04 11.60 -26.64
N GLN B 764 -58.65 12.68 -26.13
CA GLN B 764 -59.80 12.55 -25.27
C GLN B 764 -61.11 12.37 -26.04
N VAL B 765 -61.10 12.56 -27.35
CA VAL B 765 -62.28 12.37 -28.19
C VAL B 765 -61.92 11.38 -29.30
N LYS B 766 -62.94 10.66 -29.77
CA LYS B 766 -62.76 9.63 -30.78
C LYS B 766 -63.14 10.09 -32.18
N GLN B 767 -63.56 11.34 -32.35
CA GLN B 767 -63.99 11.85 -33.64
C GLN B 767 -63.31 13.17 -33.94
N ILE B 768 -62.89 13.35 -35.19
CA ILE B 768 -62.31 14.62 -35.63
C ILE B 768 -63.44 15.56 -36.03
N TYR B 769 -63.48 16.74 -35.42
CA TYR B 769 -64.45 17.76 -35.75
C TYR B 769 -63.76 18.93 -36.44
N LYS B 770 -64.24 19.28 -37.63
CA LYS B 770 -63.69 20.40 -38.38
C LYS B 770 -64.66 21.57 -38.36
N THR B 771 -64.11 22.78 -38.33
CA THR B 771 -64.91 23.98 -38.21
C THR B 771 -65.70 24.25 -39.49
N PRO B 772 -66.84 24.93 -39.39
CA PRO B 772 -67.55 25.35 -40.59
C PRO B 772 -66.73 26.37 -41.36
N PRO B 773 -66.96 26.48 -42.68
CA PRO B 773 -66.22 27.47 -43.47
C PRO B 773 -66.44 28.91 -43.04
N ILE B 774 -67.63 29.24 -42.55
CA ILE B 774 -67.86 30.56 -41.99
C ILE B 774 -67.32 30.60 -40.57
N LYS B 775 -67.01 31.82 -40.09
CA LYS B 775 -66.44 31.99 -38.76
C LYS B 775 -67.13 33.09 -37.96
N TYR B 776 -68.34 33.47 -38.35
CA TYR B 776 -69.10 34.46 -37.60
C TYR B 776 -69.79 33.79 -36.42
N PHE B 777 -69.54 34.33 -35.22
CA PHE B 777 -70.05 33.75 -33.98
C PHE B 777 -70.73 34.80 -33.13
N GLY B 778 -71.61 35.58 -33.75
CA GLY B 778 -72.32 36.64 -33.05
C GLY B 778 -71.46 37.78 -32.58
N GLY B 779 -70.53 38.24 -33.41
CA GLY B 779 -69.66 39.33 -33.05
C GLY B 779 -68.45 38.96 -32.23
N PHE B 780 -68.21 37.67 -32.00
CA PHE B 780 -67.07 37.21 -31.21
C PHE B 780 -65.90 36.95 -32.16
N ASN B 781 -64.84 37.75 -32.03
CA ASN B 781 -63.65 37.56 -32.84
C ASN B 781 -62.90 36.30 -32.39
N PHE B 782 -62.56 35.44 -33.36
CA PHE B 782 -61.91 34.17 -33.04
C PHE B 782 -60.73 33.90 -33.97
N SER B 783 -60.19 34.92 -34.63
CA SER B 783 -59.10 34.70 -35.59
C SER B 783 -57.75 34.49 -34.93
N GLN B 784 -57.63 34.75 -33.63
CA GLN B 784 -56.35 34.62 -32.95
C GLN B 784 -56.08 33.23 -32.41
N ILE B 785 -57.10 32.38 -32.30
CA ILE B 785 -56.94 31.05 -31.74
C ILE B 785 -57.34 29.93 -32.70
N LEU B 786 -58.12 30.21 -33.74
CA LEU B 786 -58.46 29.19 -34.70
C LEU B 786 -57.26 28.88 -35.59
N PRO B 787 -57.12 27.63 -36.03
CA PRO B 787 -56.03 27.30 -36.97
C PRO B 787 -56.23 27.93 -38.33
N ASP B 788 -55.36 28.90 -38.66
CA ASP B 788 -55.47 29.62 -39.91
C ASP B 788 -55.03 28.73 -41.07
N PRO B 789 -55.89 28.51 -42.09
CA PRO B 789 -55.51 27.69 -43.24
C PRO B 789 -54.73 28.44 -44.32
N SER B 790 -53.72 29.20 -43.88
CA SER B 790 -52.83 29.92 -44.78
C SER B 790 -51.36 29.58 -44.54
N LYS B 791 -50.95 29.43 -43.29
CA LYS B 791 -49.58 29.04 -42.99
C LYS B 791 -49.39 27.55 -43.25
N PRO B 792 -48.21 27.13 -43.71
CA PRO B 792 -48.00 25.70 -43.99
C PRO B 792 -47.94 24.83 -42.74
N SER B 793 -47.77 25.41 -41.54
CA SER B 793 -47.67 24.64 -40.32
C SER B 793 -49.02 24.19 -39.78
N LYS B 794 -50.12 24.74 -40.31
CA LYS B 794 -51.49 24.42 -39.88
C LYS B 794 -51.67 24.66 -38.38
N ARG B 795 -51.38 25.89 -37.96
CA ARG B 795 -51.37 26.25 -36.55
C ARG B 795 -52.02 27.60 -36.35
N SER B 796 -52.48 27.83 -35.13
CA SER B 796 -52.98 29.15 -34.72
C SER B 796 -51.82 30.13 -34.58
N PRO B 797 -52.07 31.43 -34.74
CA PRO B 797 -50.99 32.42 -34.55
C PRO B 797 -50.40 32.44 -33.16
N ILE B 798 -51.22 32.27 -32.11
CA ILE B 798 -50.71 32.33 -30.75
C ILE B 798 -49.86 31.11 -30.42
N GLU B 799 -50.25 29.92 -30.89
CA GLU B 799 -49.44 28.74 -30.63
C GLU B 799 -48.19 28.72 -31.50
N ASP B 800 -48.25 29.33 -32.69
CA ASP B 800 -47.04 29.54 -33.48
C ASP B 800 -46.07 30.48 -32.76
N LEU B 801 -46.60 31.54 -32.15
CA LEU B 801 -45.77 32.46 -31.38
C LEU B 801 -45.16 31.77 -30.17
N LEU B 802 -45.93 30.92 -29.49
CA LEU B 802 -45.41 30.20 -28.33
C LEU B 802 -44.39 29.14 -28.74
N PHE B 803 -44.57 28.53 -29.93
CA PHE B 803 -43.58 27.59 -30.44
C PHE B 803 -42.29 28.30 -30.82
N ASN B 804 -42.39 29.52 -31.37
CA ASN B 804 -41.21 30.30 -31.67
C ASN B 804 -40.54 30.82 -30.39
N LYS B 805 -41.30 31.01 -29.31
CA LYS B 805 -40.73 31.50 -28.07
C LYS B 805 -39.96 30.42 -27.32
N VAL B 806 -40.30 29.15 -27.55
CA VAL B 806 -39.71 28.03 -26.83
C VAL B 806 -38.78 27.29 -27.77
N THR B 807 -37.51 27.16 -27.38
CA THR B 807 -36.52 26.47 -28.19
C THR B 807 -36.54 24.97 -27.89
N ASN B 836 -20.57 9.22 -29.86
CA ASN B 836 -21.59 9.84 -29.01
C ASN B 836 -22.08 8.88 -27.92
N GLY B 837 -22.60 7.74 -28.33
CA GLY B 837 -23.11 6.77 -27.38
C GLY B 837 -24.51 7.07 -26.86
N LEU B 838 -25.18 8.06 -27.42
CA LEU B 838 -26.51 8.46 -26.98
C LEU B 838 -27.50 8.30 -28.11
N THR B 839 -28.70 7.80 -27.78
CA THR B 839 -29.80 7.68 -28.71
C THR B 839 -30.94 8.58 -28.25
N VAL B 840 -31.45 9.40 -29.16
CA VAL B 840 -32.53 10.33 -28.87
C VAL B 840 -33.76 9.79 -29.59
N LEU B 841 -34.67 9.19 -28.83
CA LEU B 841 -35.88 8.62 -29.40
C LEU B 841 -36.85 9.74 -29.78
N PRO B 842 -37.35 9.75 -31.01
CA PRO B 842 -38.30 10.80 -31.40
C PRO B 842 -39.63 10.61 -30.72
N PRO B 843 -40.41 11.68 -30.54
CA PRO B 843 -41.74 11.54 -29.93
C PRO B 843 -42.69 10.76 -30.82
N LEU B 844 -43.65 10.11 -30.15
CA LEU B 844 -44.62 9.28 -30.87
C LEU B 844 -45.54 10.13 -31.75
N LEU B 845 -46.01 11.25 -31.20
CA LEU B 845 -46.95 12.07 -31.95
C LEU B 845 -46.30 13.34 -32.47
N THR B 846 -46.29 13.50 -33.79
CA THR B 846 -45.71 14.68 -34.39
C THR B 846 -46.61 15.89 -34.20
N ASP B 847 -46.03 17.09 -34.27
CA ASP B 847 -46.82 18.31 -34.04
C ASP B 847 -48.18 18.31 -34.70
N GLU B 848 -48.23 18.17 -36.01
CA GLU B 848 -49.53 18.28 -36.69
C GLU B 848 -50.59 17.42 -36.02
N MET B 849 -50.20 16.31 -35.40
CA MET B 849 -51.16 15.49 -34.65
C MET B 849 -51.73 16.24 -33.45
N ILE B 850 -50.85 16.90 -32.67
CA ILE B 850 -51.32 17.68 -31.54
C ILE B 850 -52.15 18.87 -32.03
N ALA B 851 -51.75 19.49 -33.15
CA ALA B 851 -52.53 20.59 -33.71
C ALA B 851 -53.91 20.14 -34.14
N GLN B 852 -54.01 18.95 -34.76
CA GLN B 852 -55.30 18.42 -35.17
C GLN B 852 -56.16 18.06 -33.97
N TYR B 853 -55.55 17.50 -32.92
CA TYR B 853 -56.30 17.21 -31.70
C TYR B 853 -56.85 18.47 -31.05
N THR B 854 -56.01 19.53 -30.97
CA THR B 854 -56.46 20.79 -30.39
C THR B 854 -57.55 21.44 -31.25
N SER B 855 -57.41 21.36 -32.57
CA SER B 855 -58.43 21.92 -33.45
C SER B 855 -59.75 21.17 -33.34
N ALA B 856 -59.70 19.84 -33.24
CA ALA B 856 -60.92 19.06 -33.06
C ALA B 856 -61.58 19.34 -31.72
N LEU B 857 -60.78 19.46 -30.66
CA LEU B 857 -61.34 19.78 -29.35
C LEU B 857 -61.95 21.19 -29.33
N LEU B 858 -61.28 22.15 -29.98
CA LEU B 858 -61.82 23.51 -30.05
C LEU B 858 -63.11 23.54 -30.86
N ALA B 859 -63.16 22.80 -31.97
CA ALA B 859 -64.39 22.74 -32.76
C ALA B 859 -65.53 22.08 -31.98
N GLY B 860 -65.22 21.03 -31.22
CA GLY B 860 -66.24 20.39 -30.41
C GLY B 860 -66.76 21.27 -29.30
N THR B 861 -65.87 22.05 -28.69
CA THR B 861 -66.30 22.95 -27.61
C THR B 861 -66.85 24.27 -28.12
N ILE B 862 -66.70 24.59 -29.41
CA ILE B 862 -67.28 25.81 -29.95
C ILE B 862 -68.57 25.55 -30.72
N THR B 863 -68.82 24.31 -31.15
CA THR B 863 -70.03 23.97 -31.88
C THR B 863 -70.98 23.12 -31.05
N SER B 864 -70.48 22.05 -30.42
CA SER B 864 -71.34 21.12 -29.71
C SER B 864 -71.49 21.44 -28.23
N GLY B 865 -70.88 22.52 -27.74
CA GLY B 865 -71.00 22.84 -26.33
C GLY B 865 -70.15 21.92 -25.48
N TRP B 866 -70.71 21.53 -24.33
CA TRP B 866 -70.04 20.61 -23.41
C TRP B 866 -70.62 19.20 -23.48
N THR B 867 -71.61 18.96 -24.34
CA THR B 867 -72.26 17.64 -24.39
C THR B 867 -71.55 16.65 -25.28
N PHE B 868 -70.55 17.08 -26.05
CA PHE B 868 -69.84 16.16 -26.94
C PHE B 868 -68.91 15.22 -26.19
N GLY B 869 -68.50 15.60 -24.97
CA GLY B 869 -67.65 14.74 -24.17
C GLY B 869 -68.36 13.62 -23.45
N ALA B 870 -69.69 13.63 -23.43
CA ALA B 870 -70.48 12.60 -22.80
C ALA B 870 -71.01 11.57 -23.79
N GLY B 871 -70.70 11.70 -25.08
CA GLY B 871 -71.19 10.80 -26.08
C GLY B 871 -71.12 11.41 -27.46
N PRO B 872 -72.22 11.34 -28.20
CA PRO B 872 -72.27 11.98 -29.52
C PRO B 872 -72.29 13.50 -29.42
N ALA B 873 -71.84 14.13 -30.50
CA ALA B 873 -71.78 15.59 -30.54
C ALA B 873 -73.12 16.15 -31.02
N LEU B 874 -73.67 17.08 -30.25
CA LEU B 874 -74.95 17.73 -30.58
C LEU B 874 -74.70 19.23 -30.67
N GLN B 875 -74.87 19.80 -31.86
CA GLN B 875 -74.54 21.19 -32.11
C GLN B 875 -75.46 22.12 -31.35
N ILE B 876 -74.90 23.27 -30.93
CA ILE B 876 -75.65 24.25 -30.14
C ILE B 876 -75.11 25.63 -30.48
N PRO B 877 -75.96 26.66 -30.55
CA PRO B 877 -75.45 28.02 -30.76
C PRO B 877 -74.62 28.51 -29.57
N PHE B 878 -73.73 29.44 -29.88
CA PHE B 878 -72.68 29.94 -28.98
C PHE B 878 -73.16 30.96 -27.93
N PRO B 879 -73.94 32.00 -28.27
CA PRO B 879 -74.42 32.90 -27.19
C PRO B 879 -75.32 32.21 -26.18
N MET B 880 -76.18 31.30 -26.64
CA MET B 880 -76.98 30.54 -25.69
C MET B 880 -76.16 29.47 -24.96
N GLN B 881 -75.04 29.05 -25.54
CA GLN B 881 -74.12 28.20 -24.79
C GLN B 881 -73.50 28.94 -23.62
N MET B 882 -73.05 30.18 -23.85
CA MET B 882 -72.60 30.99 -22.72
C MET B 882 -73.74 31.38 -21.79
N ALA B 883 -74.97 31.44 -22.29
CA ALA B 883 -76.12 31.62 -21.40
C ALA B 883 -76.28 30.41 -20.47
N TYR B 884 -76.09 29.20 -21.01
CA TYR B 884 -76.09 28.01 -20.16
C TYR B 884 -74.95 28.04 -19.14
N ARG B 885 -73.76 28.48 -19.56
CA ARG B 885 -72.64 28.55 -18.62
C ARG B 885 -72.86 29.64 -17.56
N PHE B 886 -73.56 30.72 -17.91
CA PHE B 886 -73.94 31.71 -16.91
C PHE B 886 -75.00 31.16 -15.96
N ASN B 887 -75.91 30.33 -16.46
CA ASN B 887 -76.87 29.67 -15.59
C ASN B 887 -76.19 28.66 -14.67
N GLY B 888 -75.05 28.11 -15.11
CA GLY B 888 -74.33 27.15 -14.29
C GLY B 888 -73.55 27.76 -13.14
N ILE B 889 -73.30 29.07 -13.19
CA ILE B 889 -72.55 29.73 -12.11
C ILE B 889 -73.48 30.42 -11.11
N GLY B 890 -74.73 30.69 -11.48
CA GLY B 890 -75.68 31.26 -10.54
C GLY B 890 -76.22 32.63 -10.90
N VAL B 891 -76.32 32.93 -12.18
CA VAL B 891 -76.92 34.17 -12.66
C VAL B 891 -77.90 33.82 -13.79
N THR B 892 -78.96 34.62 -13.89
CA THR B 892 -79.99 34.37 -14.89
C THR B 892 -79.49 34.65 -16.30
N GLN B 893 -80.24 34.14 -17.28
CA GLN B 893 -79.84 34.23 -18.67
C GLN B 893 -80.10 35.60 -19.29
N ASN B 894 -80.84 36.47 -18.62
CA ASN B 894 -81.16 37.77 -19.20
C ASN B 894 -79.98 38.73 -19.17
N VAL B 895 -78.94 38.44 -18.38
CA VAL B 895 -77.79 39.34 -18.29
C VAL B 895 -76.92 39.26 -19.54
N LEU B 896 -76.98 38.17 -20.30
CA LEU B 896 -76.11 38.00 -21.45
C LEU B 896 -76.54 38.87 -22.62
N TYR B 897 -77.84 38.95 -22.88
CA TYR B 897 -78.33 39.57 -24.11
C TYR B 897 -78.46 41.09 -24.02
N GLU B 898 -78.18 41.69 -22.86
CA GLU B 898 -78.26 43.14 -22.73
C GLU B 898 -76.93 43.83 -22.95
N ASN B 899 -75.81 43.12 -22.82
CA ASN B 899 -74.48 43.68 -23.08
C ASN B 899 -73.63 42.67 -23.86
N GLN B 900 -74.23 42.05 -24.88
CA GLN B 900 -73.52 41.06 -25.68
C GLN B 900 -72.37 41.68 -26.46
N LYS B 901 -72.59 42.89 -27.00
CA LYS B 901 -71.54 43.60 -27.71
C LYS B 901 -70.38 43.96 -26.78
N LEU B 902 -70.72 44.40 -25.56
CA LEU B 902 -69.68 44.71 -24.57
C LEU B 902 -68.91 43.45 -24.17
N ILE B 903 -69.61 42.33 -24.03
CA ILE B 903 -68.96 41.06 -23.69
C ILE B 903 -68.00 40.63 -24.80
N ALA B 904 -68.45 40.75 -26.07
CA ALA B 904 -67.58 40.41 -27.20
C ALA B 904 -66.37 41.34 -27.29
N ASN B 905 -66.58 42.63 -27.05
CA ASN B 905 -65.47 43.59 -27.09
C ASN B 905 -64.46 43.31 -25.98
N GLN B 906 -64.94 42.98 -24.78
CA GLN B 906 -64.04 42.63 -23.68
C GLN B 906 -63.31 41.32 -23.97
N PHE B 907 -63.98 40.38 -24.63
CA PHE B 907 -63.35 39.13 -25.02
C PHE B 907 -62.20 39.37 -26.00
N ASN B 908 -62.46 40.21 -27.02
CA ASN B 908 -61.41 40.54 -27.99
C ASN B 908 -60.26 41.29 -27.34
N SER B 909 -60.57 42.23 -26.45
CA SER B 909 -59.52 42.99 -25.75
C SER B 909 -58.68 42.09 -24.86
N ALA B 910 -59.33 41.15 -24.15
CA ALA B 910 -58.58 40.24 -23.29
C ALA B 910 -57.71 39.29 -24.10
N ILE B 911 -58.22 38.81 -25.25
CA ILE B 911 -57.44 37.92 -26.11
C ILE B 911 -56.22 38.66 -26.66
N GLY B 912 -56.41 39.89 -27.14
CA GLY B 912 -55.28 40.66 -27.64
C GLY B 912 -54.28 41.02 -26.56
N LYS B 913 -54.77 41.35 -25.36
CA LYS B 913 -53.89 41.68 -24.25
C LYS B 913 -53.06 40.48 -23.81
N ILE B 914 -53.68 39.30 -23.72
CA ILE B 914 -52.91 38.13 -23.32
C ILE B 914 -51.96 37.68 -24.42
N GLN B 915 -52.32 37.92 -25.69
CA GLN B 915 -51.39 37.62 -26.78
C GLN B 915 -50.17 38.53 -26.73
N ASP B 916 -50.39 39.83 -26.48
CA ASP B 916 -49.28 40.76 -26.35
C ASP B 916 -48.44 40.47 -25.11
N SER B 917 -49.07 40.04 -24.01
CA SER B 917 -48.33 39.69 -22.80
C SER B 917 -47.49 38.45 -23.01
N LEU B 918 -48.01 37.45 -23.73
CA LEU B 918 -47.22 36.27 -24.03
C LEU B 918 -46.10 36.57 -25.01
N SER B 919 -46.32 37.51 -25.94
CA SER B 919 -45.27 37.86 -26.90
C SER B 919 -44.18 38.71 -26.26
N SER B 920 -44.54 39.53 -25.27
CA SER B 920 -43.60 40.53 -24.76
C SER B 920 -42.59 39.92 -23.79
N THR B 921 -43.06 39.39 -22.67
CA THR B 921 -42.17 38.93 -21.61
C THR B 921 -41.62 37.54 -21.93
N PRO B 922 -40.30 37.37 -22.06
CA PRO B 922 -39.75 36.04 -22.29
C PRO B 922 -39.47 35.27 -21.00
N SER B 923 -40.42 35.28 -20.07
CA SER B 923 -40.27 34.55 -18.81
C SER B 923 -41.54 33.87 -18.34
N ALA B 924 -42.63 33.94 -19.10
CA ALA B 924 -43.87 33.29 -18.67
C ALA B 924 -43.80 31.79 -18.85
N LEU B 925 -43.07 31.32 -19.86
CA LEU B 925 -42.95 29.89 -20.15
C LEU B 925 -41.71 29.31 -19.46
N GLY B 926 -41.70 29.46 -18.13
CA GLY B 926 -40.52 29.08 -17.37
C GLY B 926 -40.32 27.57 -17.28
N LYS B 927 -41.41 26.83 -17.02
CA LYS B 927 -41.27 25.40 -16.73
C LYS B 927 -40.98 24.58 -17.99
N LEU B 928 -41.58 24.94 -19.13
CA LEU B 928 -41.30 24.22 -20.37
C LEU B 928 -39.86 24.44 -20.83
N GLN B 929 -39.32 25.63 -20.60
CA GLN B 929 -37.90 25.85 -20.81
C GLN B 929 -37.07 25.05 -19.81
N ASP B 930 -37.52 25.01 -18.55
CA ASP B 930 -36.72 24.43 -17.47
C ASP B 930 -36.58 22.92 -17.61
N VAL B 931 -37.62 22.24 -18.09
CA VAL B 931 -37.52 20.78 -18.24
C VAL B 931 -36.53 20.43 -19.35
N VAL B 932 -36.53 21.19 -20.45
CA VAL B 932 -35.58 20.94 -21.53
C VAL B 932 -34.17 21.29 -21.09
N ASN B 933 -34.00 22.37 -20.32
CA ASN B 933 -32.68 22.70 -19.79
C ASN B 933 -32.18 21.64 -18.82
N HIS B 934 -33.07 21.07 -18.00
CA HIS B 934 -32.66 20.00 -17.10
C HIS B 934 -32.28 18.73 -17.87
N ASN B 935 -33.03 18.37 -18.91
CA ASN B 935 -32.68 17.21 -19.72
C ASN B 935 -31.35 17.42 -20.43
N ALA B 936 -31.14 18.62 -20.97
CA ALA B 936 -29.87 18.93 -21.63
C ALA B 936 -28.71 18.97 -20.64
N GLN B 937 -28.95 19.44 -19.42
CA GLN B 937 -27.90 19.43 -18.40
C GLN B 937 -27.55 18.00 -17.98
N ALA B 938 -28.54 17.13 -17.87
CA ALA B 938 -28.27 15.72 -17.56
C ALA B 938 -27.47 15.06 -18.68
N LEU B 939 -27.84 15.33 -19.93
CA LEU B 939 -27.11 14.77 -21.07
C LEU B 939 -25.68 15.31 -21.13
N ASN B 940 -25.52 16.61 -20.84
CA ASN B 940 -24.19 17.22 -20.84
C ASN B 940 -23.32 16.66 -19.71
N THR B 941 -23.92 16.42 -18.54
CA THR B 941 -23.19 15.80 -17.44
C THR B 941 -22.77 14.37 -17.80
N LEU B 942 -23.66 13.62 -18.45
CA LEU B 942 -23.33 12.26 -18.86
C LEU B 942 -22.20 12.23 -19.89
N VAL B 943 -22.23 13.14 -20.87
CA VAL B 943 -21.17 13.13 -21.88
C VAL B 943 -19.90 13.80 -21.38
N LYS B 944 -19.96 14.56 -20.29
CA LYS B 944 -18.77 15.17 -19.70
C LYS B 944 -18.10 14.23 -18.70
N GLN B 945 -18.87 13.31 -18.09
CA GLN B 945 -18.28 12.33 -17.17
C GLN B 945 -17.33 11.37 -17.88
N LEU B 946 -17.47 11.20 -19.19
CA LEU B 946 -16.53 10.36 -19.95
C LEU B 946 -15.13 10.95 -19.96
N SER B 947 -15.01 12.28 -19.82
CA SER B 947 -13.70 12.91 -19.76
C SER B 947 -12.96 12.60 -18.47
N SER B 948 -13.68 12.24 -17.41
CA SER B 948 -13.04 11.90 -16.14
C SER B 948 -12.33 10.56 -16.25
N LYS B 949 -11.09 10.50 -15.76
CA LYS B 949 -10.30 9.28 -15.82
C LYS B 949 -10.62 8.32 -14.68
N PHE B 950 -11.35 8.77 -13.65
CA PHE B 950 -11.75 7.95 -12.49
C PHE B 950 -10.54 7.34 -11.78
N GLY B 951 -9.45 8.11 -11.70
CA GLY B 951 -8.25 7.65 -11.03
C GLY B 951 -7.40 6.68 -11.82
N ALA B 952 -7.69 6.47 -13.09
CA ALA B 952 -6.91 5.57 -13.92
C ALA B 952 -5.73 6.32 -14.55
N ILE B 953 -5.01 5.62 -15.42
CA ILE B 953 -3.88 6.23 -16.12
C ILE B 953 -4.37 7.26 -17.13
N SER B 954 -5.43 6.93 -17.86
CA SER B 954 -5.99 7.83 -18.86
C SER B 954 -7.48 7.54 -19.00
N SER B 955 -8.18 8.48 -19.64
CA SER B 955 -9.62 8.39 -19.84
C SER B 955 -10.01 7.71 -21.14
N VAL B 956 -9.21 7.88 -22.20
CA VAL B 956 -9.54 7.26 -23.48
C VAL B 956 -9.27 5.77 -23.43
N LEU B 957 -10.23 4.98 -23.89
CA LEU B 957 -10.10 3.52 -23.85
C LEU B 957 -9.01 3.03 -24.80
N ASN B 958 -8.88 3.67 -25.97
CA ASN B 958 -7.82 3.31 -26.90
C ASN B 958 -6.45 3.68 -26.36
N ASP B 959 -6.38 4.71 -25.51
CA ASP B 959 -5.12 5.04 -24.85
C ASP B 959 -4.72 3.98 -23.83
N ILE B 960 -5.68 3.43 -23.10
CA ILE B 960 -5.39 2.37 -22.14
C ILE B 960 -5.02 1.08 -22.87
N LEU B 961 -5.73 0.78 -23.98
CA LEU B 961 -5.48 -0.46 -24.70
C LEU B 961 -4.11 -0.46 -25.37
N SER B 962 -3.62 0.70 -25.80
CA SER B 962 -2.35 0.77 -26.53
C SER B 962 -1.14 0.91 -25.62
N ARG B 963 -1.33 1.13 -24.31
CA ARG B 963 -0.24 1.36 -23.39
C ARG B 963 -0.14 0.29 -22.31
N LEU B 964 -1.24 -0.02 -21.63
CA LEU B 964 -1.18 -0.89 -20.46
C LEU B 964 -0.95 -2.34 -20.85
N ASP B 965 -0.15 -3.05 -20.05
CA ASP B 965 0.10 -4.47 -20.21
C ASP B 965 -1.16 -5.25 -19.85
N PRO B 966 -1.49 -6.30 -20.60
CA PRO B 966 -2.83 -6.94 -20.50
C PRO B 966 -3.13 -7.54 -19.12
N PRO B 967 -2.12 -7.98 -18.30
CA PRO B 967 -2.46 -8.31 -16.90
C PRO B 967 -3.18 -7.24 -16.09
N GLU B 968 -2.72 -5.99 -16.14
CA GLU B 968 -3.36 -4.91 -15.40
C GLU B 968 -4.55 -4.32 -16.12
N ALA B 969 -4.80 -4.76 -17.37
CA ALA B 969 -5.89 -4.21 -18.17
C ALA B 969 -7.24 -4.52 -17.54
N GLU B 970 -7.42 -5.74 -17.02
CA GLU B 970 -8.71 -6.11 -16.44
C GLU B 970 -9.04 -5.26 -15.22
N VAL B 971 -8.07 -5.04 -14.33
CA VAL B 971 -8.37 -4.27 -13.12
C VAL B 971 -8.53 -2.78 -13.45
N GLN B 972 -7.75 -2.24 -14.41
CA GLN B 972 -7.91 -0.83 -14.75
C GLN B 972 -9.25 -0.56 -15.44
N ILE B 973 -9.62 -1.43 -16.39
CA ILE B 973 -10.92 -1.29 -17.04
C ILE B 973 -12.04 -1.58 -16.05
N ASP B 974 -11.81 -2.45 -15.06
CA ASP B 974 -12.79 -2.69 -14.00
C ASP B 974 -13.06 -1.43 -13.21
N ARG B 975 -12.00 -0.71 -12.82
CA ARG B 975 -12.18 0.56 -12.11
C ARG B 975 -12.89 1.59 -12.98
N LEU B 976 -12.49 1.68 -14.25
CA LEU B 976 -13.09 2.67 -15.16
C LEU B 976 -14.58 2.41 -15.38
N ILE B 977 -14.94 1.15 -15.66
CA ILE B 977 -16.35 0.84 -15.88
C ILE B 977 -17.15 0.82 -14.58
N THR B 978 -16.50 0.64 -13.43
CA THR B 978 -17.19 0.81 -12.16
C THR B 978 -17.58 2.27 -11.96
N GLY B 979 -16.65 3.19 -12.23
CA GLY B 979 -16.98 4.61 -12.15
C GLY B 979 -18.05 5.03 -13.14
N ARG B 980 -17.95 4.54 -14.38
CA ARG B 980 -18.93 4.88 -15.40
C ARG B 980 -20.30 4.27 -15.10
N LEU B 981 -20.31 3.06 -14.52
CA LEU B 981 -21.55 2.41 -14.13
C LEU B 981 -22.22 3.13 -12.96
N GLN B 982 -21.41 3.63 -12.01
CA GLN B 982 -21.96 4.44 -10.93
C GLN B 982 -22.56 5.74 -11.47
N SER B 983 -21.88 6.38 -12.43
CA SER B 983 -22.41 7.59 -13.05
C SER B 983 -23.71 7.31 -13.81
N LEU B 984 -23.77 6.17 -14.51
CA LEU B 984 -24.99 5.78 -15.20
C LEU B 984 -26.13 5.52 -14.22
N GLN B 985 -25.83 4.89 -13.07
CA GLN B 985 -26.85 4.66 -12.06
C GLN B 985 -27.37 5.96 -11.47
N THR B 986 -26.49 6.93 -11.22
CA THR B 986 -26.94 8.24 -10.75
C THR B 986 -27.82 8.94 -11.80
N TYR B 987 -27.40 8.88 -13.06
CA TYR B 987 -28.18 9.49 -14.14
C TYR B 987 -29.57 8.85 -14.27
N VAL B 988 -29.63 7.52 -14.18
CA VAL B 988 -30.91 6.86 -14.35
C VAL B 988 -31.78 7.03 -13.10
N THR B 989 -31.19 7.20 -11.92
CA THR B 989 -31.99 7.51 -10.74
C THR B 989 -32.61 8.89 -10.86
N GLN B 990 -31.83 9.88 -11.33
CA GLN B 990 -32.38 11.20 -11.59
C GLN B 990 -33.46 11.15 -12.67
N GLN B 991 -33.25 10.32 -13.70
CA GLN B 991 -34.23 10.18 -14.77
C GLN B 991 -35.53 9.58 -14.28
N LEU B 992 -35.46 8.54 -13.44
CA LEU B 992 -36.67 7.96 -12.86
C LEU B 992 -37.40 8.95 -11.94
N ILE B 993 -36.66 9.71 -11.14
CA ILE B 993 -37.31 10.69 -10.25
C ILE B 993 -38.01 11.78 -11.07
N ARG B 994 -37.32 12.32 -12.08
CA ARG B 994 -37.92 13.33 -12.93
C ARG B 994 -39.07 12.77 -13.75
N ALA B 995 -38.97 11.51 -14.18
CA ALA B 995 -40.06 10.88 -14.92
C ALA B 995 -41.29 10.68 -14.05
N ALA B 996 -41.11 10.31 -12.78
CA ALA B 996 -42.23 10.19 -11.87
C ALA B 996 -42.89 11.55 -11.62
N GLU B 997 -42.08 12.61 -11.44
CA GLU B 997 -42.63 13.94 -11.23
C GLU B 997 -43.39 14.43 -12.47
N ILE B 998 -42.82 14.20 -13.66
CA ILE B 998 -43.48 14.58 -14.90
C ILE B 998 -44.74 13.76 -15.13
N ARG B 999 -44.74 12.48 -14.73
CA ARG B 999 -45.94 11.66 -14.85
C ARG B 999 -47.05 12.17 -13.94
N ALA B 1000 -46.70 12.59 -12.71
CA ALA B 1000 -47.70 13.16 -11.82
C ALA B 1000 -48.25 14.48 -12.37
N SER B 1001 -47.36 15.34 -12.88
CA SER B 1001 -47.81 16.60 -13.48
C SER B 1001 -48.65 16.37 -14.73
N ALA B 1002 -48.32 15.33 -15.51
CA ALA B 1002 -49.08 15.01 -16.70
C ALA B 1002 -50.44 14.42 -16.36
N ASN B 1003 -50.54 13.65 -15.28
CA ASN B 1003 -51.84 13.17 -14.84
C ASN B 1003 -52.70 14.33 -14.35
N LEU B 1004 -52.11 15.29 -13.64
CA LEU B 1004 -52.84 16.48 -13.24
C LEU B 1004 -53.29 17.30 -14.46
N ALA B 1005 -52.42 17.41 -15.47
CA ALA B 1005 -52.77 18.13 -16.70
C ALA B 1005 -53.86 17.39 -17.47
N ALA B 1006 -53.83 16.06 -17.45
CA ALA B 1006 -54.85 15.28 -18.14
C ALA B 1006 -56.21 15.40 -17.46
N THR B 1007 -56.25 15.37 -16.13
CA THR B 1007 -57.52 15.54 -15.44
C THR B 1007 -58.01 16.98 -15.55
N LYS B 1008 -57.11 17.96 -15.68
CA LYS B 1008 -57.52 19.32 -15.98
C LYS B 1008 -58.07 19.43 -17.41
N MET B 1009 -57.47 18.69 -18.34
CA MET B 1009 -57.94 18.64 -19.72
C MET B 1009 -59.35 18.08 -19.79
N SER B 1010 -59.61 17.00 -19.04
CA SER B 1010 -60.92 16.37 -19.02
C SER B 1010 -61.93 17.14 -18.18
N GLU B 1011 -61.47 18.00 -17.26
CA GLU B 1011 -62.35 18.68 -16.33
C GLU B 1011 -62.76 20.08 -16.78
N CYS B 1012 -61.84 20.86 -17.35
CA CYS B 1012 -62.10 22.27 -17.60
C CYS B 1012 -62.34 22.60 -19.08
N VAL B 1013 -62.10 21.66 -19.99
CA VAL B 1013 -62.34 21.87 -21.40
C VAL B 1013 -63.57 21.13 -21.89
N LEU B 1014 -63.76 19.89 -21.44
CA LEU B 1014 -64.90 19.09 -21.85
C LEU B 1014 -66.21 19.55 -21.22
N GLY B 1015 -66.15 20.41 -20.20
CA GLY B 1015 -67.34 20.94 -19.56
C GLY B 1015 -67.01 21.94 -18.47
N GLN B 1016 -68.02 22.68 -18.01
CA GLN B 1016 -67.80 23.65 -16.94
C GLN B 1016 -67.70 22.93 -15.59
N SER B 1017 -66.86 23.46 -14.71
CA SER B 1017 -66.68 22.91 -13.38
C SER B 1017 -67.21 23.90 -12.36
N LYS B 1018 -68.11 23.43 -11.49
CA LYS B 1018 -68.79 24.31 -10.54
C LYS B 1018 -67.92 24.66 -9.33
N ARG B 1019 -66.84 23.93 -9.09
CA ARG B 1019 -65.95 24.26 -7.98
C ARG B 1019 -65.16 25.51 -8.31
N VAL B 1020 -64.95 26.37 -7.32
CA VAL B 1020 -64.36 27.69 -7.56
C VAL B 1020 -62.85 27.61 -7.41
N ASP B 1021 -62.16 28.37 -8.27
CA ASP B 1021 -60.70 28.52 -8.28
C ASP B 1021 -60.01 27.17 -8.49
N PHE B 1022 -60.29 26.57 -9.65
CA PHE B 1022 -59.58 25.39 -10.12
C PHE B 1022 -58.94 25.60 -11.48
N CYS B 1023 -59.53 26.45 -12.32
CA CYS B 1023 -58.95 26.82 -13.62
C CYS B 1023 -59.09 28.33 -13.75
N GLY B 1024 -58.05 29.06 -13.39
CA GLY B 1024 -58.09 30.50 -13.37
C GLY B 1024 -58.42 31.05 -11.99
N LYS B 1025 -58.10 32.34 -11.80
CA LYS B 1025 -58.29 33.00 -10.52
C LYS B 1025 -59.68 33.62 -10.49
N GLY B 1026 -60.66 32.85 -10.01
CA GLY B 1026 -62.03 33.29 -9.92
C GLY B 1026 -62.96 32.21 -10.40
N TYR B 1027 -64.13 32.63 -10.88
CA TYR B 1027 -65.12 31.70 -11.39
C TYR B 1027 -64.65 31.11 -12.73
N HIS B 1028 -64.77 29.80 -12.87
CA HIS B 1028 -64.38 29.12 -14.09
C HIS B 1028 -65.58 28.92 -15.00
N LEU B 1029 -65.43 29.28 -16.27
CA LEU B 1029 -66.50 29.16 -17.25
C LEU B 1029 -66.17 28.16 -18.35
N MET B 1030 -65.06 28.37 -19.06
CA MET B 1030 -64.72 27.61 -20.26
C MET B 1030 -63.26 27.93 -20.58
N SER B 1031 -62.61 27.00 -21.29
CA SER B 1031 -61.18 27.12 -21.53
C SER B 1031 -60.84 26.72 -22.96
N PHE B 1032 -59.72 27.24 -23.44
CA PHE B 1032 -59.22 27.00 -24.80
C PHE B 1032 -58.00 26.09 -24.75
N PRO B 1033 -58.03 24.91 -25.35
CA PRO B 1033 -56.82 24.09 -25.45
C PRO B 1033 -55.96 24.49 -26.64
N GLN B 1034 -54.65 24.61 -26.39
CA GLN B 1034 -53.70 25.02 -27.42
C GLN B 1034 -52.45 24.15 -27.32
N SER B 1035 -51.77 23.99 -28.45
CA SER B 1035 -50.57 23.19 -28.50
C SER B 1035 -49.38 23.94 -27.90
N ALA B 1036 -48.39 23.17 -27.44
CA ALA B 1036 -47.17 23.72 -26.88
C ALA B 1036 -46.07 22.68 -27.04
N PRO B 1037 -44.80 23.11 -27.20
CA PRO B 1037 -43.70 22.13 -27.32
C PRO B 1037 -43.44 21.38 -26.02
N HIS B 1038 -43.68 20.06 -26.04
CA HIS B 1038 -43.52 19.18 -24.87
C HIS B 1038 -44.35 19.66 -23.68
N GLY B 1039 -45.56 20.11 -23.95
CA GLY B 1039 -46.42 20.61 -22.90
C GLY B 1039 -47.73 21.09 -23.47
N VAL B 1040 -48.47 21.83 -22.65
CA VAL B 1040 -49.76 22.38 -23.05
C VAL B 1040 -49.92 23.75 -22.40
N VAL B 1041 -50.64 24.64 -23.09
CA VAL B 1041 -50.91 26.00 -22.61
C VAL B 1041 -52.41 26.20 -22.62
N PHE B 1042 -52.93 26.84 -21.57
CA PHE B 1042 -54.36 26.98 -21.36
C PHE B 1042 -54.76 28.45 -21.42
N LEU B 1043 -56.03 28.69 -21.76
CA LEU B 1043 -56.62 30.02 -21.80
C LEU B 1043 -57.96 29.95 -21.07
N HIS B 1044 -57.94 30.22 -19.77
CA HIS B 1044 -59.14 30.17 -18.94
C HIS B 1044 -59.81 31.54 -18.91
N VAL B 1045 -61.08 31.61 -19.30
CA VAL B 1045 -61.84 32.84 -19.13
C VAL B 1045 -62.38 32.87 -17.71
N THR B 1046 -62.55 34.07 -17.17
CA THR B 1046 -62.92 34.22 -15.77
C THR B 1046 -63.95 35.33 -15.61
N TYR B 1047 -65.00 35.05 -14.85
CA TYR B 1047 -66.00 36.05 -14.48
C TYR B 1047 -65.50 36.74 -13.22
N VAL B 1048 -65.15 38.01 -13.34
CA VAL B 1048 -64.64 38.80 -12.22
C VAL B 1048 -65.62 39.92 -11.91
N PRO B 1049 -66.37 39.86 -10.81
CA PRO B 1049 -67.25 40.97 -10.46
C PRO B 1049 -66.46 42.18 -9.99
N ALA B 1050 -67.01 43.36 -10.23
CA ALA B 1050 -66.38 44.61 -9.85
C ALA B 1050 -67.46 45.68 -9.72
N GLN B 1051 -67.02 46.91 -9.45
CA GLN B 1051 -67.88 48.07 -9.19
C GLN B 1051 -68.88 47.78 -8.07
N GLU B 1052 -68.31 47.52 -6.89
CA GLU B 1052 -69.10 47.14 -5.74
C GLU B 1052 -69.91 48.32 -5.22
N LYS B 1053 -71.17 48.04 -4.84
CA LYS B 1053 -72.08 49.05 -4.32
C LYS B 1053 -72.64 48.58 -2.98
N ASN B 1054 -72.57 49.44 -1.98
CA ASN B 1054 -73.09 49.11 -0.66
C ASN B 1054 -74.61 49.16 -0.65
N PHE B 1055 -75.22 48.42 0.27
CA PHE B 1055 -76.67 48.33 0.35
C PHE B 1055 -77.08 48.08 1.80
N THR B 1056 -78.37 47.88 2.02
CA THR B 1056 -78.93 47.50 3.31
C THR B 1056 -79.81 46.27 3.12
N THR B 1057 -79.92 45.46 4.17
CA THR B 1057 -80.56 44.16 4.03
C THR B 1057 -81.13 43.70 5.36
N ALA B 1058 -81.99 42.67 5.27
CA ALA B 1058 -82.55 41.97 6.43
C ALA B 1058 -82.76 40.53 6.03
N PRO B 1059 -82.55 39.56 6.92
CA PRO B 1059 -82.67 38.15 6.51
C PRO B 1059 -84.09 37.72 6.20
N ALA B 1060 -85.09 38.30 6.86
CA ALA B 1060 -86.47 37.95 6.62
C ALA B 1060 -87.32 39.21 6.65
N ILE B 1061 -88.49 39.13 6.01
CA ILE B 1061 -89.44 40.24 5.95
C ILE B 1061 -90.76 39.74 6.51
N CYS B 1062 -91.54 40.65 7.08
CA CYS B 1062 -92.80 40.32 7.75
C CYS B 1062 -93.95 40.94 6.95
N HIS B 1063 -94.94 40.11 6.62
CA HIS B 1063 -96.11 40.56 5.88
C HIS B 1063 -97.34 39.88 6.47
N ASP B 1064 -98.25 40.69 7.03
CA ASP B 1064 -99.51 40.24 7.64
C ASP B 1064 -99.27 39.22 8.75
N GLY B 1065 -98.23 39.44 9.54
CA GLY B 1065 -97.95 38.61 10.70
C GLY B 1065 -97.21 37.33 10.43
N LYS B 1066 -96.91 37.01 9.17
CA LYS B 1066 -96.18 35.80 8.83
C LYS B 1066 -95.00 36.14 7.93
N ALA B 1067 -93.88 35.47 8.16
CA ALA B 1067 -92.61 35.82 7.54
C ALA B 1067 -92.53 35.32 6.10
N HIS B 1068 -91.63 35.92 5.34
CA HIS B 1068 -91.31 35.51 3.98
C HIS B 1068 -89.81 35.28 3.87
N PHE B 1069 -89.43 34.33 3.00
CA PHE B 1069 -88.03 34.04 2.75
C PHE B 1069 -87.78 34.00 1.25
N PRO B 1070 -86.64 34.52 0.78
CA PRO B 1070 -86.35 34.50 -0.65
C PRO B 1070 -85.96 33.11 -1.13
N ARG B 1071 -86.54 32.70 -2.27
CA ARG B 1071 -86.29 31.35 -2.78
C ARG B 1071 -84.90 31.22 -3.37
N GLU B 1072 -84.47 32.22 -4.15
CA GLU B 1072 -83.19 32.15 -4.84
C GLU B 1072 -82.32 33.38 -4.67
N GLY B 1073 -82.81 34.42 -3.98
CA GLY B 1073 -82.07 35.64 -3.80
C GLY B 1073 -81.96 36.01 -2.33
N VAL B 1074 -81.92 37.31 -2.08
CA VAL B 1074 -81.84 37.86 -0.72
C VAL B 1074 -82.54 39.22 -0.73
N PHE B 1075 -83.16 39.55 0.39
CA PHE B 1075 -83.84 40.83 0.54
C PHE B 1075 -82.81 41.95 0.62
N VAL B 1076 -82.85 42.87 -0.34
CA VAL B 1076 -81.89 43.95 -0.43
C VAL B 1076 -82.65 45.27 -0.54
N SER B 1077 -82.04 46.33 -0.02
CA SER B 1077 -82.66 47.65 -0.01
C SER B 1077 -81.60 48.72 -0.17
N ASN B 1078 -82.03 49.88 -0.68
CA ASN B 1078 -81.16 51.04 -0.81
C ASN B 1078 -81.48 52.14 0.20
N GLY B 1079 -82.57 52.03 0.95
CA GLY B 1079 -82.91 53.00 1.95
C GLY B 1079 -84.40 53.32 2.04
N THR B 1080 -85.11 53.16 0.93
CA THR B 1080 -86.54 53.44 0.88
C THR B 1080 -87.38 52.19 0.65
N HIS B 1081 -87.10 51.44 -0.42
CA HIS B 1081 -87.85 50.24 -0.77
C HIS B 1081 -86.93 49.03 -0.73
N TRP B 1082 -87.55 47.85 -0.67
CA TRP B 1082 -86.83 46.60 -0.52
C TRP B 1082 -87.03 45.74 -1.76
N PHE B 1083 -85.95 45.11 -2.23
CA PHE B 1083 -85.97 44.34 -3.46
C PHE B 1083 -85.25 43.02 -3.25
N VAL B 1084 -85.27 42.18 -4.27
CA VAL B 1084 -84.58 40.90 -4.29
C VAL B 1084 -83.74 40.82 -5.55
N THR B 1085 -82.51 40.33 -5.42
CA THR B 1085 -81.59 40.24 -6.55
C THR B 1085 -80.76 38.98 -6.42
N GLN B 1086 -80.02 38.67 -7.49
CA GLN B 1086 -79.17 37.49 -7.50
C GLN B 1086 -77.93 37.70 -6.64
N ARG B 1087 -77.25 36.60 -6.33
CA ARG B 1087 -76.10 36.64 -5.43
C ARG B 1087 -74.86 37.22 -6.09
N ASN B 1088 -74.80 37.29 -7.43
CA ASN B 1088 -73.62 37.76 -8.12
C ASN B 1088 -73.91 38.86 -9.13
N PHE B 1089 -75.14 39.36 -9.19
CA PHE B 1089 -75.48 40.43 -10.12
C PHE B 1089 -76.64 41.23 -9.55
N TYR B 1090 -76.60 42.55 -9.71
CA TYR B 1090 -77.64 43.40 -9.18
C TYR B 1090 -78.80 43.51 -10.16
N GLU B 1091 -79.99 43.15 -9.69
CA GLU B 1091 -81.21 43.24 -10.49
C GLU B 1091 -82.40 43.37 -9.56
N PRO B 1092 -82.76 44.60 -9.17
CA PRO B 1092 -83.86 44.77 -8.20
C PRO B 1092 -85.21 44.48 -8.81
N GLN B 1093 -86.08 43.87 -8.00
CA GLN B 1093 -87.43 43.53 -8.41
C GLN B 1093 -88.38 43.74 -7.24
N ILE B 1094 -89.66 43.93 -7.57
CA ILE B 1094 -90.68 44.08 -6.55
C ILE B 1094 -90.91 42.74 -5.86
N ILE B 1095 -90.98 42.76 -4.53
CA ILE B 1095 -91.17 41.54 -3.76
C ILE B 1095 -92.57 40.99 -4.03
N THR B 1096 -92.63 39.79 -4.59
CA THR B 1096 -93.89 39.15 -4.94
C THR B 1096 -94.01 37.80 -4.24
N THR B 1097 -95.19 37.21 -4.34
CA THR B 1097 -95.48 35.96 -3.62
C THR B 1097 -94.89 34.74 -4.31
N ASP B 1098 -94.56 34.83 -5.60
CA ASP B 1098 -94.06 33.66 -6.32
C ASP B 1098 -92.66 33.27 -5.89
N ASN B 1099 -91.81 34.25 -5.58
CA ASN B 1099 -90.43 34.00 -5.19
C ASN B 1099 -90.27 33.92 -3.67
N THR B 1100 -91.36 33.92 -2.92
CA THR B 1100 -91.32 33.83 -1.47
C THR B 1100 -92.21 32.69 -1.01
N PHE B 1101 -92.02 32.28 0.24
CA PHE B 1101 -92.83 31.23 0.86
C PHE B 1101 -92.97 31.57 2.35
N VAL B 1102 -93.51 30.62 3.11
CA VAL B 1102 -93.77 30.83 4.53
C VAL B 1102 -92.91 29.86 5.35
N SER B 1103 -92.45 30.34 6.50
CA SER B 1103 -91.64 29.53 7.40
C SER B 1103 -91.82 30.08 8.81
N GLY B 1104 -92.69 29.46 9.59
CA GLY B 1104 -92.89 29.87 10.96
C GLY B 1104 -93.63 31.19 11.08
N ASN B 1105 -93.56 31.75 12.29
CA ASN B 1105 -94.18 33.03 12.59
C ASN B 1105 -93.19 34.16 12.35
N CYS B 1106 -93.54 35.37 12.76
CA CYS B 1106 -92.73 36.55 12.53
C CYS B 1106 -91.67 36.77 13.61
N ASP B 1107 -92.05 36.58 14.88
CA ASP B 1107 -91.16 36.88 15.99
C ASP B 1107 -90.14 35.78 16.26
N VAL B 1108 -90.30 34.60 15.65
CA VAL B 1108 -89.37 33.51 15.91
C VAL B 1108 -88.00 33.77 15.28
N VAL B 1109 -87.97 34.48 14.14
CA VAL B 1109 -86.73 34.82 13.47
C VAL B 1109 -86.19 36.13 14.03
N ILE B 1110 -84.93 36.42 13.75
CA ILE B 1110 -84.29 37.64 14.22
C ILE B 1110 -83.97 38.52 13.01
N GLY B 1111 -83.82 39.82 13.28
CA GLY B 1111 -83.50 40.78 12.24
C GLY B 1111 -84.62 41.06 11.26
N ILE B 1112 -85.87 40.81 11.63
CA ILE B 1112 -86.99 40.99 10.72
C ILE B 1112 -87.60 42.37 10.92
N VAL B 1113 -88.00 43.00 9.81
CA VAL B 1113 -88.70 44.27 9.81
C VAL B 1113 -89.98 44.13 8.99
N ASN B 1114 -90.71 45.23 8.85
CA ASN B 1114 -92.04 45.23 8.26
C ASN B 1114 -92.02 45.94 6.91
N ASN B 1115 -92.28 45.19 5.84
CA ASN B 1115 -92.48 45.75 4.51
C ASN B 1115 -93.55 44.93 3.79
N THR B 1116 -94.22 45.58 2.84
CA THR B 1116 -95.31 44.93 2.13
C THR B 1116 -94.79 43.98 1.06
N VAL B 1117 -95.62 43.00 0.72
CA VAL B 1117 -95.35 42.05 -0.36
C VAL B 1117 -96.49 42.19 -1.35
N TYR B 1118 -96.16 42.62 -2.57
CA TYR B 1118 -97.19 42.88 -3.58
C TYR B 1118 -97.67 41.56 -4.19
N ASP B 1119 -98.98 41.40 -4.28
CA ASP B 1119 -99.57 40.20 -4.88
C ASP B 1119 -99.94 40.49 -6.32
N PRO B 1120 -99.33 39.81 -7.30
CA PRO B 1120 -99.68 40.06 -8.71
C PRO B 1120 -101.06 39.56 -9.11
N LEU B 1121 -101.65 38.65 -8.34
CA LEU B 1121 -102.95 38.10 -8.67
C LEU B 1121 -104.12 38.97 -8.22
N GLN B 1122 -103.85 40.00 -7.41
CA GLN B 1122 -104.91 40.90 -6.97
C GLN B 1122 -105.56 41.71 -8.11
N PRO B 1123 -104.82 42.32 -9.05
CA PRO B 1123 -105.52 42.94 -10.20
C PRO B 1123 -106.21 41.93 -11.11
N GLU B 1124 -105.78 40.68 -11.12
CA GLU B 1124 -106.41 39.67 -11.96
C GLU B 1124 -107.70 39.10 -11.36
N LEU B 1125 -107.98 39.40 -10.09
CA LEU B 1125 -109.19 38.90 -9.44
C LEU B 1125 -110.42 39.74 -9.77
N ASP B 1126 -110.26 40.90 -10.39
CA ASP B 1126 -111.37 41.76 -10.75
C ASP B 1126 -111.91 41.50 -12.15
N SER B 1127 -111.35 40.54 -12.87
CA SER B 1127 -111.80 40.23 -14.22
C SER B 1127 -111.68 38.73 -14.50
N SER C 11 -25.19 -34.89 -51.77
CA SER C 11 -24.77 -33.61 -52.34
C SER C 11 -24.64 -32.55 -51.26
N TYR C 12 -25.54 -31.57 -51.27
CA TYR C 12 -25.55 -30.48 -50.31
C TYR C 12 -26.98 -30.35 -49.75
N THR C 13 -27.19 -30.89 -48.55
CA THR C 13 -28.49 -30.88 -47.90
C THR C 13 -28.49 -29.83 -46.79
N ASN C 14 -29.58 -29.08 -46.69
CA ASN C 14 -29.70 -28.07 -45.64
C ASN C 14 -29.92 -28.75 -44.29
N SER C 15 -28.95 -28.60 -43.39
CA SER C 15 -29.05 -29.15 -42.03
C SER C 15 -30.09 -28.34 -41.27
N PHE C 16 -31.25 -28.94 -41.03
CA PHE C 16 -32.39 -28.18 -40.52
C PHE C 16 -32.26 -27.89 -39.02
N THR C 17 -32.28 -28.94 -38.19
CA THR C 17 -32.29 -28.71 -36.75
C THR C 17 -31.45 -29.72 -35.96
N ARG C 18 -30.54 -30.44 -36.60
CA ARG C 18 -29.79 -31.48 -35.92
C ARG C 18 -28.57 -30.89 -35.23
N GLY C 19 -27.79 -31.75 -34.58
CA GLY C 19 -26.57 -31.35 -33.91
C GLY C 19 -26.74 -30.45 -32.69
N VAL C 20 -27.69 -30.79 -31.82
CA VAL C 20 -27.89 -30.09 -30.56
C VAL C 20 -27.45 -31.01 -29.43
N TYR C 21 -26.58 -30.52 -28.56
CA TYR C 21 -25.97 -31.34 -27.51
C TYR C 21 -25.99 -30.60 -26.19
N TYR C 22 -25.89 -31.37 -25.10
CA TYR C 22 -25.84 -30.80 -23.76
C TYR C 22 -24.51 -30.08 -23.55
N PRO C 23 -24.53 -28.80 -23.14
CA PRO C 23 -23.27 -28.07 -22.98
C PRO C 23 -22.48 -28.44 -21.74
N ASP C 24 -23.10 -29.04 -20.73
CA ASP C 24 -22.41 -29.36 -19.49
C ASP C 24 -23.11 -30.55 -18.82
N LYS C 25 -22.68 -30.86 -17.61
CA LYS C 25 -23.22 -31.97 -16.83
C LYS C 25 -24.20 -31.49 -15.76
N VAL C 26 -24.98 -30.46 -16.05
CA VAL C 26 -25.89 -29.85 -15.09
C VAL C 26 -27.32 -30.25 -15.46
N PHE C 27 -28.04 -30.81 -14.48
CA PHE C 27 -29.41 -31.24 -14.67
C PHE C 27 -30.35 -30.11 -14.22
N ARG C 28 -31.15 -29.61 -15.15
CA ARG C 28 -32.09 -28.53 -14.88
C ARG C 28 -33.51 -29.01 -15.13
N SER C 29 -34.45 -28.42 -14.40
CA SER C 29 -35.85 -28.84 -14.43
C SER C 29 -36.72 -27.65 -14.87
N SER C 30 -37.09 -27.66 -16.15
CA SER C 30 -38.06 -26.72 -16.73
C SER C 30 -37.64 -25.27 -16.57
N VAL C 31 -36.36 -24.98 -16.84
CA VAL C 31 -35.86 -23.61 -16.79
C VAL C 31 -35.36 -23.22 -18.17
N LEU C 32 -35.00 -21.96 -18.34
CA LEU C 32 -34.47 -21.44 -19.61
C LEU C 32 -33.04 -20.97 -19.36
N HIS C 33 -32.08 -21.72 -19.90
CA HIS C 33 -30.66 -21.47 -19.68
C HIS C 33 -29.97 -21.19 -21.01
N SER C 34 -29.15 -20.14 -21.04
CA SER C 34 -28.40 -19.76 -22.22
C SER C 34 -26.91 -19.85 -21.93
N THR C 35 -26.18 -20.53 -22.80
CA THR C 35 -24.74 -20.71 -22.67
C THR C 35 -24.05 -20.21 -23.94
N GLN C 36 -22.72 -20.10 -23.88
CA GLN C 36 -21.91 -19.67 -25.02
C GLN C 36 -20.73 -20.62 -25.14
N ASP C 37 -20.75 -21.46 -26.18
CA ASP C 37 -19.72 -22.47 -26.38
C ASP C 37 -19.84 -22.92 -27.84
N LEU C 38 -18.88 -23.73 -28.28
CA LEU C 38 -18.76 -24.14 -29.69
C LEU C 38 -19.93 -25.04 -30.06
N PHE C 39 -20.90 -24.49 -30.79
CA PHE C 39 -22.10 -25.17 -31.27
C PHE C 39 -22.11 -25.27 -32.79
N LEU C 40 -23.21 -25.82 -33.31
CA LEU C 40 -23.43 -25.97 -34.75
C LEU C 40 -24.52 -25.00 -35.21
N PRO C 41 -24.26 -24.15 -36.18
CA PRO C 41 -25.31 -23.27 -36.72
C PRO C 41 -26.38 -24.05 -37.45
N PHE C 42 -27.60 -23.50 -37.44
CA PHE C 42 -28.74 -24.10 -38.11
C PHE C 42 -28.83 -23.58 -39.54
N PHE C 43 -29.55 -24.33 -40.38
CA PHE C 43 -29.78 -24.01 -41.79
C PHE C 43 -28.46 -23.80 -42.54
N SER C 44 -27.51 -24.69 -42.28
CA SER C 44 -26.15 -24.56 -42.78
C SER C 44 -25.84 -25.72 -43.73
N ASN C 45 -24.59 -25.79 -44.16
CA ASN C 45 -24.15 -26.78 -45.13
C ASN C 45 -23.53 -27.98 -44.44
N VAL C 46 -23.89 -29.17 -44.89
CA VAL C 46 -23.21 -30.41 -44.52
C VAL C 46 -22.79 -31.11 -45.81
N THR C 47 -21.54 -31.59 -45.83
CA THR C 47 -20.95 -32.15 -47.06
C THR C 47 -21.32 -33.62 -47.14
N TRP C 48 -22.43 -33.91 -47.82
CA TRP C 48 -22.84 -35.29 -48.06
C TRP C 48 -22.03 -35.84 -49.24
N PHE C 49 -21.30 -36.92 -48.99
CA PHE C 49 -20.40 -37.48 -49.99
C PHE C 49 -20.65 -38.98 -50.14
N HIS C 50 -20.31 -39.49 -51.33
CA HIS C 50 -20.40 -40.91 -51.63
C HIS C 50 -19.15 -41.41 -52.33
N ALA C 51 -18.01 -40.79 -52.02
CA ALA C 51 -16.75 -41.16 -52.66
C ALA C 51 -16.25 -42.52 -52.19
N ILE C 52 -15.61 -43.25 -53.09
CA ILE C 52 -15.07 -44.56 -52.78
C ILE C 52 -13.55 -44.55 -52.92
N PRO C 66 -10.70 -38.14 -50.45
CA PRO C 66 -9.61 -37.19 -50.22
C PRO C 66 -9.52 -36.76 -48.76
N VAL C 67 -8.55 -35.90 -48.46
CA VAL C 67 -8.35 -35.42 -47.09
C VAL C 67 -9.44 -34.40 -46.74
N LEU C 68 -9.83 -34.37 -45.46
CA LEU C 68 -10.87 -33.48 -44.98
C LEU C 68 -10.33 -32.63 -43.85
N PRO C 69 -10.43 -31.30 -43.92
CA PRO C 69 -9.91 -30.45 -42.83
C PRO C 69 -10.82 -30.47 -41.61
N PHE C 70 -10.26 -30.00 -40.50
CA PHE C 70 -10.97 -29.99 -39.22
C PHE C 70 -10.45 -28.80 -38.42
N ASN C 71 -11.25 -27.74 -38.33
CA ASN C 71 -10.79 -26.50 -37.71
C ASN C 71 -11.15 -26.38 -36.23
N ASP C 72 -12.43 -26.48 -35.89
CA ASP C 72 -12.86 -26.38 -34.49
C ASP C 72 -13.90 -27.39 -34.08
N GLY C 73 -14.58 -28.06 -35.01
CA GLY C 73 -15.60 -29.02 -34.65
C GLY C 73 -16.04 -29.79 -35.86
N VAL C 74 -16.52 -31.02 -35.61
CA VAL C 74 -16.98 -31.92 -36.65
C VAL C 74 -18.29 -32.56 -36.20
N TYR C 75 -19.24 -32.67 -37.13
CA TYR C 75 -20.52 -33.32 -36.89
C TYR C 75 -20.66 -34.52 -37.82
N PHE C 76 -20.98 -35.68 -37.24
CA PHE C 76 -21.08 -36.92 -38.00
C PHE C 76 -22.47 -37.50 -37.84
N ALA C 77 -23.05 -37.96 -38.95
CA ALA C 77 -24.36 -38.58 -38.93
C ALA C 77 -24.44 -39.59 -40.07
N SER C 78 -24.89 -40.80 -39.74
CA SER C 78 -25.00 -41.86 -40.73
C SER C 78 -26.14 -42.79 -40.34
N THR C 79 -26.63 -43.54 -41.32
CA THR C 79 -27.72 -44.49 -41.10
C THR C 79 -27.20 -45.78 -40.49
N ILE C 84 -22.09 -50.49 -40.02
CA ILE C 84 -21.42 -50.77 -41.29
C ILE C 84 -20.08 -50.06 -41.34
N ILE C 85 -20.10 -48.75 -41.55
CA ILE C 85 -18.87 -47.97 -41.61
C ILE C 85 -18.30 -47.82 -40.20
N ARG C 86 -16.98 -47.89 -40.09
CA ARG C 86 -16.31 -47.84 -38.80
C ARG C 86 -14.88 -47.36 -38.99
N GLY C 87 -14.40 -46.50 -38.11
CA GLY C 87 -13.03 -46.06 -38.13
C GLY C 87 -12.81 -44.57 -38.30
N TRP C 88 -12.06 -43.96 -37.40
CA TRP C 88 -11.73 -42.54 -37.47
C TRP C 88 -10.25 -42.35 -37.15
N ILE C 89 -9.63 -41.38 -37.82
CA ILE C 89 -8.24 -41.00 -37.57
C ILE C 89 -8.22 -39.53 -37.17
N PHE C 90 -7.61 -39.25 -36.02
CA PHE C 90 -7.42 -37.87 -35.54
C PHE C 90 -5.92 -37.63 -35.44
N GLY C 91 -5.35 -36.95 -36.45
CA GLY C 91 -3.94 -36.69 -36.48
C GLY C 91 -3.64 -35.31 -37.04
N THR C 92 -2.37 -34.93 -36.96
CA THR C 92 -1.91 -33.62 -37.42
C THR C 92 -1.38 -33.66 -38.85
N THR C 93 -0.36 -34.47 -39.10
CA THR C 93 0.25 -34.58 -40.42
C THR C 93 0.09 -35.97 -41.03
N LEU C 94 -0.68 -36.85 -40.38
CA LEU C 94 -1.01 -38.20 -40.88
C LEU C 94 0.24 -39.04 -41.12
N ASP C 95 1.08 -39.12 -40.08
CA ASP C 95 2.32 -39.89 -40.16
C ASP C 95 2.71 -40.29 -38.74
N SER C 96 3.89 -40.91 -38.62
CA SER C 96 4.42 -41.34 -37.34
C SER C 96 5.29 -40.30 -36.67
N LYS C 97 5.52 -39.15 -37.32
CA LYS C 97 6.35 -38.11 -36.71
C LYS C 97 5.64 -37.44 -35.54
N THR C 98 4.34 -37.25 -35.64
CA THR C 98 3.55 -36.61 -34.60
C THR C 98 2.56 -37.60 -33.98
N GLN C 99 2.00 -37.21 -32.84
CA GLN C 99 1.03 -38.05 -32.16
C GLN C 99 -0.31 -38.02 -32.89
N SER C 100 -1.00 -39.17 -32.87
CA SER C 100 -2.31 -39.27 -33.48
C SER C 100 -3.13 -40.31 -32.73
N LEU C 101 -4.45 -40.19 -32.85
CA LEU C 101 -5.39 -41.02 -32.11
C LEU C 101 -6.14 -41.94 -33.06
N LEU C 102 -6.24 -43.21 -32.68
CA LEU C 102 -6.89 -44.24 -33.48
C LEU C 102 -8.25 -44.58 -32.86
N ILE C 103 -9.29 -44.56 -33.69
CA ILE C 103 -10.64 -44.91 -33.27
C ILE C 103 -11.08 -46.10 -34.12
N VAL C 104 -11.20 -47.27 -33.50
CA VAL C 104 -11.60 -48.50 -34.18
C VAL C 104 -12.72 -49.15 -33.38
N ASN C 105 -13.82 -49.47 -34.07
CA ASN C 105 -14.94 -50.18 -33.47
C ASN C 105 -15.07 -51.56 -34.11
N ASN C 106 -15.48 -52.53 -33.30
CA ASN C 106 -15.74 -53.87 -33.79
C ASN C 106 -16.85 -54.48 -32.95
N ALA C 107 -17.00 -55.81 -33.03
CA ALA C 107 -18.21 -56.45 -32.51
C ALA C 107 -18.27 -56.44 -30.99
N THR C 108 -17.15 -56.69 -30.31
CA THR C 108 -17.19 -56.88 -28.87
C THR C 108 -17.10 -55.57 -28.08
N ASN C 109 -16.26 -54.63 -28.49
CA ASN C 109 -16.04 -53.42 -27.71
C ASN C 109 -15.49 -52.33 -28.64
N VAL C 110 -14.96 -51.27 -28.06
CA VAL C 110 -14.26 -50.22 -28.79
C VAL C 110 -12.87 -50.07 -28.19
N VAL C 111 -11.96 -49.52 -28.99
CA VAL C 111 -10.59 -49.23 -28.54
C VAL C 111 -10.31 -47.76 -28.83
N ILE C 112 -9.75 -47.08 -27.83
CA ILE C 112 -9.35 -45.68 -27.95
C ILE C 112 -7.84 -45.64 -27.73
N LYS C 113 -7.09 -45.73 -28.81
CA LYS C 113 -5.64 -45.85 -28.76
C LYS C 113 -4.98 -44.60 -29.32
N VAL C 114 -4.12 -43.99 -28.52
CA VAL C 114 -3.27 -42.88 -28.97
C VAL C 114 -1.81 -43.26 -28.74
N CYS C 115 -1.01 -43.14 -29.79
CA CYS C 115 0.40 -43.53 -29.81
C CYS C 115 1.01 -42.98 -31.10
N GLU C 116 2.26 -43.36 -31.36
CA GLU C 116 2.89 -43.08 -32.64
C GLU C 116 2.65 -44.25 -33.60
N PHE C 117 2.30 -43.91 -34.84
CA PHE C 117 1.94 -44.93 -35.81
C PHE C 117 2.10 -44.36 -37.21
N GLN C 118 2.74 -45.12 -38.09
CA GLN C 118 2.81 -44.74 -39.50
C GLN C 118 1.45 -44.96 -40.16
N PHE C 119 1.05 -44.01 -41.00
CA PHE C 119 -0.24 -44.05 -41.66
C PHE C 119 -0.06 -44.18 -43.17
N CYS C 120 -1.14 -44.61 -43.82
CA CYS C 120 -1.22 -44.71 -45.26
C CYS C 120 -2.21 -43.67 -45.78
N ASN C 121 -1.92 -43.11 -46.95
CA ASN C 121 -2.78 -42.08 -47.54
C ASN C 121 -4.11 -42.62 -48.02
N ASP C 122 -4.23 -43.93 -48.26
CA ASP C 122 -5.48 -44.54 -48.71
C ASP C 122 -5.77 -45.75 -47.82
N PRO C 123 -6.29 -45.53 -46.61
CA PRO C 123 -6.54 -46.64 -45.68
C PRO C 123 -7.91 -47.26 -45.84
N PHE C 124 -7.96 -48.58 -45.65
CA PHE C 124 -9.19 -49.36 -45.75
C PHE C 124 -9.27 -50.39 -44.61
N LEU C 125 -10.30 -51.22 -44.67
CA LEU C 125 -10.54 -52.31 -43.73
C LEU C 125 -10.72 -53.60 -44.52
N ASP C 126 -10.49 -54.72 -43.84
CA ASP C 126 -10.76 -56.03 -44.43
C ASP C 126 -12.21 -56.46 -44.19
N GLU C 138 -12.04 -56.85 -38.51
CA GLU C 138 -11.36 -57.15 -39.75
C GLU C 138 -10.47 -58.40 -39.59
N SER C 139 -9.42 -58.49 -40.41
CA SER C 139 -8.47 -59.60 -40.33
C SER C 139 -7.07 -59.12 -39.94
N GLU C 140 -6.51 -58.18 -40.69
CA GLU C 140 -5.17 -57.66 -40.42
C GLU C 140 -5.19 -56.14 -40.58
N PHE C 141 -4.24 -55.50 -39.93
CA PHE C 141 -4.15 -54.04 -39.98
C PHE C 141 -3.71 -53.57 -41.36
N ARG C 142 -4.42 -52.57 -41.89
CA ARG C 142 -4.13 -51.99 -43.20
C ARG C 142 -4.00 -50.49 -43.12
N VAL C 143 -3.64 -49.96 -41.95
CA VAL C 143 -3.45 -48.54 -41.75
C VAL C 143 -1.99 -48.20 -41.47
N TYR C 144 -1.08 -49.10 -41.84
CA TYR C 144 0.34 -48.91 -41.60
C TYR C 144 0.91 -47.81 -42.50
N PHE C 152 -1.87 -43.58 -24.41
CA PHE C 152 -2.36 -44.78 -23.74
C PHE C 152 -3.54 -45.39 -24.49
N GLU C 153 -4.22 -46.35 -23.86
CA GLU C 153 -5.33 -47.06 -24.46
C GLU C 153 -6.52 -47.05 -23.50
N TYR C 154 -7.71 -46.89 -24.06
CA TYR C 154 -8.95 -46.91 -23.30
C TYR C 154 -9.94 -47.84 -23.98
N VAL C 155 -10.61 -48.68 -23.19
CA VAL C 155 -11.60 -49.62 -23.69
C VAL C 155 -12.93 -49.32 -23.01
N SER C 156 -14.02 -49.39 -23.77
CA SER C 156 -15.35 -49.08 -23.26
C SER C 156 -16.39 -49.92 -24.00
N GLN C 157 -17.65 -49.58 -23.80
CA GLN C 157 -18.75 -50.27 -24.44
C GLN C 157 -18.80 -49.95 -25.94
N PRO C 158 -19.37 -50.84 -26.75
CA PRO C 158 -19.54 -50.54 -28.17
C PRO C 158 -20.44 -49.32 -28.40
N PHE C 159 -20.07 -48.51 -29.39
CA PHE C 159 -20.84 -47.31 -29.70
C PHE C 159 -22.12 -47.64 -30.44
N LEU C 160 -22.09 -48.65 -31.30
CA LEU C 160 -23.26 -49.04 -32.08
C LEU C 160 -23.79 -50.41 -31.66
N LYS C 171 -33.41 -48.35 -41.39
CA LYS C 171 -32.32 -48.36 -40.41
C LYS C 171 -32.57 -47.33 -39.32
N ASN C 172 -31.50 -46.95 -38.62
CA ASN C 172 -31.57 -45.98 -37.54
C ASN C 172 -30.45 -44.95 -37.72
N LEU C 173 -30.74 -43.72 -37.30
CA LEU C 173 -29.78 -42.63 -37.42
C LEU C 173 -28.92 -42.54 -36.16
N ARG C 174 -27.62 -42.38 -36.35
CA ARG C 174 -26.66 -42.27 -35.26
C ARG C 174 -25.88 -40.98 -35.45
N GLU C 175 -25.91 -40.12 -34.44
CA GLU C 175 -25.31 -38.79 -34.52
C GLU C 175 -24.09 -38.73 -33.61
N PHE C 176 -22.94 -38.38 -34.18
CA PHE C 176 -21.70 -38.22 -33.45
C PHE C 176 -21.17 -36.80 -33.62
N VAL C 177 -20.76 -36.19 -32.51
CA VAL C 177 -20.11 -34.89 -32.54
C VAL C 177 -18.89 -34.95 -31.63
N PHE C 178 -17.78 -34.38 -32.09
CA PHE C 178 -16.51 -34.39 -31.37
C PHE C 178 -16.05 -32.95 -31.16
N LYS C 179 -15.53 -32.68 -29.97
CA LYS C 179 -15.07 -31.34 -29.60
C LYS C 179 -13.60 -31.39 -29.20
N ASN C 180 -12.82 -30.45 -29.72
CA ASN C 180 -11.39 -30.37 -29.45
C ASN C 180 -11.11 -29.01 -28.79
N ILE C 181 -11.10 -28.99 -27.46
CA ILE C 181 -10.76 -27.79 -26.71
C ILE C 181 -10.19 -28.22 -25.36
N ASP C 182 -9.20 -27.45 -24.88
CA ASP C 182 -8.58 -27.61 -23.56
C ASP C 182 -7.88 -28.98 -23.42
N GLY C 183 -7.60 -29.65 -24.55
CA GLY C 183 -7.02 -30.97 -24.49
C GLY C 183 -7.98 -32.07 -24.11
N TYR C 184 -9.29 -31.84 -24.23
CA TYR C 184 -10.31 -32.82 -23.90
C TYR C 184 -11.16 -33.12 -25.12
N PHE C 185 -11.59 -34.37 -25.24
CA PHE C 185 -12.41 -34.83 -26.36
C PHE C 185 -13.79 -35.20 -25.86
N LYS C 186 -14.80 -34.86 -26.65
CA LYS C 186 -16.21 -35.07 -26.28
C LYS C 186 -16.81 -36.14 -27.17
N ILE C 187 -17.45 -37.12 -26.56
CA ILE C 187 -18.10 -38.23 -27.27
C ILE C 187 -19.60 -38.15 -26.98
N TYR C 188 -20.40 -37.96 -28.02
CA TYR C 188 -21.84 -37.87 -27.91
C TYR C 188 -22.49 -38.90 -28.82
N SER C 189 -23.54 -39.56 -28.34
CA SER C 189 -24.20 -40.59 -29.12
C SER C 189 -25.66 -40.70 -28.71
N LYS C 190 -26.51 -40.99 -29.70
CA LYS C 190 -27.93 -41.26 -29.47
C LYS C 190 -28.46 -42.06 -30.64
N HIS C 191 -29.13 -43.17 -30.34
CA HIS C 191 -29.76 -44.00 -31.37
C HIS C 191 -31.21 -43.53 -31.55
N THR C 192 -31.51 -43.00 -32.75
CA THR C 192 -32.83 -42.49 -33.05
C THR C 192 -33.33 -43.08 -34.37
N PRO C 193 -34.64 -43.24 -34.51
CA PRO C 193 -35.19 -43.70 -35.80
C PRO C 193 -34.99 -42.66 -36.90
N ILE C 194 -34.91 -43.15 -38.13
CA ILE C 194 -34.72 -42.29 -39.29
C ILE C 194 -35.99 -41.49 -39.58
N ASP C 199 -30.65 -38.79 -45.54
CA ASP C 199 -31.88 -38.03 -45.36
C ASP C 199 -32.03 -37.57 -43.92
N LEU C 200 -31.79 -36.29 -43.67
CA LEU C 200 -31.91 -35.74 -42.33
C LEU C 200 -33.38 -35.64 -41.93
N PRO C 201 -33.71 -35.94 -40.68
CA PRO C 201 -35.10 -35.87 -40.23
C PRO C 201 -35.50 -34.42 -39.93
N GLN C 202 -36.73 -34.27 -39.44
CA GLN C 202 -37.30 -32.95 -39.16
C GLN C 202 -37.47 -32.68 -37.66
N GLY C 203 -37.73 -33.70 -36.85
CA GLY C 203 -37.97 -33.50 -35.45
C GLY C 203 -36.73 -33.13 -34.66
N PHE C 204 -36.96 -32.58 -33.47
CA PHE C 204 -35.89 -32.13 -32.61
C PHE C 204 -35.24 -33.30 -31.88
N SER C 205 -33.95 -33.17 -31.59
CA SER C 205 -33.21 -34.22 -30.91
C SER C 205 -32.03 -33.62 -30.18
N ALA C 206 -31.69 -34.20 -29.04
CA ALA C 206 -30.55 -33.79 -28.24
C ALA C 206 -29.47 -34.86 -28.28
N LEU C 207 -28.26 -34.50 -27.83
CA LEU C 207 -27.14 -35.44 -27.77
C LEU C 207 -26.61 -35.47 -26.35
N GLU C 208 -26.42 -36.68 -25.80
CA GLU C 208 -25.91 -36.86 -24.45
C GLU C 208 -24.45 -37.25 -24.48
N PRO C 209 -23.60 -36.65 -23.64
CA PRO C 209 -22.19 -37.03 -23.63
C PRO C 209 -21.98 -38.43 -23.07
N LEU C 210 -20.97 -39.11 -23.59
CA LEU C 210 -20.68 -40.49 -23.19
C LEU C 210 -19.31 -40.62 -22.53
N VAL C 211 -18.24 -40.20 -23.20
CA VAL C 211 -16.88 -40.41 -22.73
C VAL C 211 -16.09 -39.12 -22.89
N ASP C 212 -15.46 -38.67 -21.82
CA ASP C 212 -14.53 -37.54 -21.86
C ASP C 212 -13.10 -38.09 -21.94
N LEU C 213 -12.34 -37.62 -22.91
CA LEU C 213 -11.01 -38.15 -23.19
C LEU C 213 -9.95 -37.08 -22.98
N PRO C 214 -9.22 -37.10 -21.86
CA PRO C 214 -8.10 -36.17 -21.66
C PRO C 214 -6.85 -36.67 -22.34
N ILE C 215 -6.47 -35.99 -23.43
CA ILE C 215 -5.30 -36.35 -24.23
C ILE C 215 -4.26 -35.24 -24.22
N GLY C 216 -4.66 -34.03 -24.62
CA GLY C 216 -3.80 -32.87 -24.61
C GLY C 216 -3.28 -32.44 -25.98
N ILE C 217 -3.41 -33.30 -26.99
CA ILE C 217 -2.95 -32.94 -28.33
C ILE C 217 -4.08 -32.27 -29.10
N ASN C 218 -3.69 -31.61 -30.18
CA ASN C 218 -4.68 -30.98 -31.03
C ASN C 218 -4.72 -31.71 -32.35
N ILE C 219 -5.81 -31.55 -33.07
CA ILE C 219 -6.02 -32.24 -34.35
C ILE C 219 -6.36 -31.20 -35.41
N THR C 220 -5.72 -31.32 -36.57
CA THR C 220 -5.99 -30.45 -37.71
C THR C 220 -6.70 -31.16 -38.84
N ARG C 221 -6.36 -32.42 -39.13
CA ARG C 221 -6.96 -33.18 -40.21
C ARG C 221 -7.61 -34.44 -39.65
N PHE C 222 -8.80 -34.76 -40.17
CA PHE C 222 -9.50 -35.97 -39.77
C PHE C 222 -9.89 -36.74 -41.02
N GLN C 223 -9.97 -38.06 -40.86
CA GLN C 223 -10.26 -38.94 -41.98
C GLN C 223 -11.20 -40.06 -41.53
N THR C 224 -12.01 -40.54 -42.46
CA THR C 224 -12.91 -41.65 -42.20
C THR C 224 -12.32 -42.93 -42.79
N LEU C 225 -12.90 -44.07 -42.38
CA LEU C 225 -12.40 -45.37 -42.80
C LEU C 225 -13.51 -46.13 -43.53
N LEU C 226 -13.16 -46.65 -44.71
CA LEU C 226 -14.09 -47.49 -45.47
C LEU C 226 -14.05 -48.93 -44.98
N ALA C 227 -15.21 -49.57 -44.96
CA ALA C 227 -15.36 -50.92 -44.42
C ALA C 227 -15.69 -51.91 -45.54
N LEU C 228 -15.10 -53.10 -45.46
CA LEU C 228 -15.34 -54.16 -46.42
C LEU C 228 -16.01 -55.34 -45.72
N HIS C 229 -16.84 -56.05 -46.47
CA HIS C 229 -17.55 -57.21 -45.93
C HIS C 229 -17.19 -58.46 -46.71
N ALA C 246 -20.04 -46.66 -52.26
CA ALA C 246 -21.05 -47.28 -51.40
C ALA C 246 -21.01 -46.69 -50.00
N ALA C 247 -20.43 -45.50 -49.88
CA ALA C 247 -20.32 -44.83 -48.59
C ALA C 247 -21.53 -43.91 -48.36
N ALA C 248 -21.82 -43.68 -47.08
CA ALA C 248 -22.92 -42.81 -46.69
C ALA C 248 -22.58 -42.17 -45.36
N TYR C 249 -22.19 -40.89 -45.39
CA TYR C 249 -21.77 -40.19 -44.19
C TYR C 249 -22.00 -38.70 -44.38
N TYR C 250 -22.12 -38.00 -43.26
CA TYR C 250 -22.36 -36.56 -43.24
C TYR C 250 -21.28 -35.87 -42.41
N VAL C 251 -20.78 -34.75 -42.91
CA VAL C 251 -19.73 -33.97 -42.23
C VAL C 251 -20.22 -32.55 -42.05
N GLY C 252 -20.17 -32.04 -40.81
CA GLY C 252 -20.54 -30.68 -40.52
C GLY C 252 -19.43 -29.96 -39.77
N TYR C 253 -19.61 -28.65 -39.63
CA TYR C 253 -18.63 -27.79 -38.98
C TYR C 253 -19.31 -26.95 -37.90
N LEU C 254 -18.51 -26.55 -36.91
CA LEU C 254 -19.01 -25.87 -35.72
C LEU C 254 -18.52 -24.43 -35.68
N GLN C 255 -19.39 -23.54 -35.17
CA GLN C 255 -19.12 -22.11 -35.07
C GLN C 255 -19.51 -21.63 -33.68
N PRO C 256 -18.79 -20.65 -33.12
CA PRO C 256 -19.10 -20.20 -31.76
C PRO C 256 -20.30 -19.25 -31.76
N ARG C 257 -21.35 -19.65 -31.03
CA ARG C 257 -22.56 -18.85 -30.89
C ARG C 257 -23.28 -19.27 -29.61
N THR C 258 -24.43 -18.66 -29.37
CA THR C 258 -25.27 -18.92 -28.22
C THR C 258 -26.66 -19.35 -28.68
N PHE C 259 -27.29 -20.26 -27.94
CA PHE C 259 -28.71 -20.50 -28.10
C PHE C 259 -29.45 -20.22 -26.80
N LEU C 260 -30.74 -20.50 -26.82
CA LEU C 260 -31.58 -20.54 -25.63
C LEU C 260 -32.16 -21.94 -25.53
N LEU C 261 -31.96 -22.59 -24.39
CA LEU C 261 -32.39 -23.98 -24.19
C LEU C 261 -33.53 -24.03 -23.20
N LYS C 262 -34.56 -24.80 -23.54
CA LYS C 262 -35.69 -25.07 -22.66
C LYS C 262 -35.63 -26.51 -22.20
N TYR C 263 -35.63 -26.71 -20.89
CA TYR C 263 -35.58 -28.05 -20.31
C TYR C 263 -37.00 -28.49 -19.94
N ASN C 264 -37.10 -29.62 -19.24
CA ASN C 264 -38.40 -30.16 -18.84
C ASN C 264 -38.24 -30.79 -17.47
N GLU C 265 -39.33 -31.39 -16.98
CA GLU C 265 -39.28 -32.09 -15.70
C GLU C 265 -38.41 -33.34 -15.77
N ASN C 266 -38.36 -34.00 -16.92
CA ASN C 266 -37.48 -35.14 -17.12
C ASN C 266 -36.06 -34.74 -17.47
N GLY C 267 -35.81 -33.46 -17.73
CA GLY C 267 -34.49 -32.99 -18.07
C GLY C 267 -34.14 -33.05 -19.54
N THR C 268 -35.02 -33.58 -20.38
CA THR C 268 -34.75 -33.67 -21.81
C THR C 268 -34.96 -32.33 -22.49
N ILE C 269 -34.20 -32.09 -23.55
CA ILE C 269 -34.33 -30.88 -24.35
C ILE C 269 -35.42 -31.08 -25.38
N THR C 270 -36.64 -30.64 -25.06
CA THR C 270 -37.77 -30.82 -25.98
C THR C 270 -37.64 -29.90 -27.19
N ASP C 271 -37.30 -28.63 -26.97
CA ASP C 271 -37.19 -27.68 -28.06
C ASP C 271 -36.11 -26.65 -27.72
N ALA C 272 -35.60 -26.01 -28.77
CA ALA C 272 -34.56 -25.00 -28.61
C ALA C 272 -34.67 -24.01 -29.75
N VAL C 273 -34.07 -22.84 -29.57
CA VAL C 273 -34.07 -21.83 -30.63
C VAL C 273 -32.77 -21.03 -30.60
N ASP C 274 -32.19 -20.79 -31.76
CA ASP C 274 -30.98 -19.99 -31.83
C ASP C 274 -31.38 -18.53 -31.88
N CYS C 275 -30.41 -17.63 -31.97
CA CYS C 275 -30.76 -16.20 -32.13
C CYS C 275 -29.70 -15.46 -32.92
N ALA C 276 -29.07 -16.14 -33.87
CA ALA C 276 -28.07 -15.49 -34.71
C ALA C 276 -28.38 -15.76 -36.17
N LEU C 277 -29.66 -15.97 -36.49
CA LEU C 277 -30.03 -16.29 -37.86
C LEU C 277 -31.14 -15.38 -38.39
N ASP C 278 -31.99 -14.87 -37.50
CA ASP C 278 -33.11 -14.06 -37.93
C ASP C 278 -33.45 -13.09 -36.81
N PRO C 279 -34.11 -11.97 -37.12
CA PRO C 279 -34.56 -11.04 -36.06
C PRO C 279 -35.52 -11.66 -35.05
N LEU C 280 -36.39 -12.57 -35.49
CA LEU C 280 -37.34 -13.20 -34.58
C LEU C 280 -36.62 -14.05 -33.52
N SER C 281 -35.63 -14.83 -33.96
CA SER C 281 -34.86 -15.63 -33.03
C SER C 281 -34.05 -14.75 -32.08
N GLU C 282 -33.52 -13.64 -32.59
CA GLU C 282 -32.78 -12.69 -31.76
C GLU C 282 -33.67 -12.08 -30.68
N THR C 283 -34.89 -11.71 -31.05
CA THR C 283 -35.87 -11.23 -30.08
C THR C 283 -36.18 -12.32 -29.06
N LYS C 284 -36.24 -13.58 -29.52
CA LYS C 284 -36.52 -14.68 -28.61
C LYS C 284 -35.41 -14.89 -27.58
N CYS C 285 -34.14 -14.75 -27.98
CA CYS C 285 -33.11 -14.99 -26.98
C CYS C 285 -32.87 -13.76 -26.11
N THR C 286 -33.15 -12.56 -26.61
CA THR C 286 -33.00 -11.37 -25.79
C THR C 286 -34.21 -11.12 -24.90
N LEU C 287 -35.33 -11.80 -25.12
CA LEU C 287 -36.47 -11.72 -24.23
C LEU C 287 -36.54 -12.86 -23.23
N LYS C 288 -35.63 -13.85 -23.35
CA LYS C 288 -35.59 -15.04 -22.48
C LYS C 288 -36.93 -15.79 -22.49
N SER C 289 -37.53 -15.93 -23.67
CA SER C 289 -38.81 -16.61 -23.81
C SER C 289 -38.96 -17.08 -25.25
N PHE C 290 -39.88 -18.01 -25.46
CA PHE C 290 -40.19 -18.51 -26.79
C PHE C 290 -41.32 -17.74 -27.44
N THR C 291 -42.48 -17.69 -26.79
CA THR C 291 -43.65 -16.98 -27.33
C THR C 291 -43.45 -15.49 -27.12
N VAL C 292 -43.14 -14.78 -28.21
CA VAL C 292 -42.91 -13.34 -28.16
C VAL C 292 -44.21 -12.63 -28.53
N GLU C 293 -44.71 -11.81 -27.61
CA GLU C 293 -45.93 -11.05 -27.86
C GLU C 293 -45.63 -9.86 -28.76
N LYS C 294 -46.70 -9.25 -29.28
CA LYS C 294 -46.57 -8.08 -30.14
C LYS C 294 -46.08 -6.88 -29.34
N GLY C 295 -45.24 -6.07 -29.97
CA GLY C 295 -44.66 -4.91 -29.32
C GLY C 295 -43.34 -4.55 -29.94
N ILE C 296 -42.71 -3.52 -29.35
CA ILE C 296 -41.43 -3.02 -29.81
C ILE C 296 -40.36 -3.39 -28.80
N TYR C 297 -39.26 -3.97 -29.30
CA TYR C 297 -38.17 -4.40 -28.45
C TYR C 297 -36.86 -3.87 -29.02
N GLN C 298 -36.15 -3.05 -28.24
CA GLN C 298 -34.81 -2.60 -28.60
C GLN C 298 -33.82 -3.61 -28.05
N THR C 299 -33.16 -4.35 -28.95
CA THR C 299 -32.42 -5.54 -28.57
C THR C 299 -30.91 -5.38 -28.70
N SER C 300 -30.42 -5.02 -29.88
CA SER C 300 -28.98 -5.02 -30.14
C SER C 300 -28.60 -3.69 -30.81
N ASN C 301 -27.34 -3.63 -31.25
CA ASN C 301 -26.79 -2.44 -31.88
C ASN C 301 -26.17 -2.83 -33.22
N PHE C 302 -26.17 -1.88 -34.16
CA PHE C 302 -25.63 -2.10 -35.50
C PHE C 302 -24.53 -1.08 -35.76
N ARG C 303 -23.31 -1.56 -35.96
CA ARG C 303 -22.18 -0.72 -36.32
C ARG C 303 -21.37 -1.42 -37.41
N VAL C 304 -20.66 -0.63 -38.20
CA VAL C 304 -19.87 -1.14 -39.31
C VAL C 304 -18.45 -1.40 -38.83
N GLN C 305 -17.99 -2.64 -38.99
CA GLN C 305 -16.64 -3.00 -38.60
C GLN C 305 -15.62 -2.40 -39.57
N PRO C 306 -14.42 -2.09 -39.11
CA PRO C 306 -13.37 -1.60 -40.02
C PRO C 306 -12.95 -2.67 -41.02
N THR C 307 -12.53 -2.20 -42.20
CA THR C 307 -12.11 -3.08 -43.29
C THR C 307 -10.60 -3.27 -43.34
N GLU C 308 -9.85 -2.17 -43.44
CA GLU C 308 -8.40 -2.26 -43.51
C GLU C 308 -7.76 -1.50 -42.34
N SER C 309 -6.43 -1.40 -42.34
CA SER C 309 -5.69 -0.70 -41.31
C SER C 309 -4.70 0.25 -41.94
N ILE C 310 -4.62 1.47 -41.41
CA ILE C 310 -3.70 2.49 -41.89
C ILE C 310 -2.89 3.01 -40.72
N VAL C 311 -1.59 3.24 -40.95
CA VAL C 311 -0.70 3.85 -39.97
C VAL C 311 0.04 5.00 -40.66
N ARG C 312 0.26 6.08 -39.90
CA ARG C 312 0.92 7.27 -40.44
C ARG C 312 1.80 7.88 -39.36
N PHE C 313 3.11 7.82 -39.58
CA PHE C 313 4.12 8.41 -38.72
C PHE C 313 4.86 9.53 -39.45
N PRO C 314 5.44 10.48 -38.73
CA PRO C 314 6.27 11.50 -39.40
C PRO C 314 7.48 10.88 -40.09
N ASN C 315 7.86 11.46 -41.22
CA ASN C 315 8.94 10.93 -42.05
C ASN C 315 10.32 11.38 -41.59
N ILE C 316 10.45 11.92 -40.38
CA ILE C 316 11.76 12.27 -39.85
C ILE C 316 12.52 11.00 -39.47
N THR C 317 13.78 10.95 -39.87
CA THR C 317 14.62 9.78 -39.61
C THR C 317 16.00 10.29 -39.19
N ASN C 318 16.28 10.24 -37.89
CA ASN C 318 17.55 10.72 -37.37
C ASN C 318 18.24 9.75 -36.42
N LEU C 319 17.61 8.63 -36.05
CA LEU C 319 18.23 7.53 -35.29
C LEU C 319 18.77 8.01 -33.95
N CYS C 320 17.81 8.33 -33.04
CA CYS C 320 18.00 8.82 -31.67
C CYS C 320 19.18 8.15 -30.96
N PRO C 321 20.09 8.93 -30.38
CA PRO C 321 21.31 8.34 -29.83
C PRO C 321 21.10 7.56 -28.54
N PHE C 322 20.49 6.39 -28.65
CA PHE C 322 20.39 5.50 -27.49
C PHE C 322 21.75 4.90 -27.13
N ASP C 323 22.62 4.72 -28.13
CA ASP C 323 23.94 4.18 -27.86
C ASP C 323 24.84 5.19 -27.16
N GLU C 324 24.52 6.48 -27.26
CA GLU C 324 25.31 7.50 -26.57
C GLU C 324 25.09 7.45 -25.06
N VAL C 325 23.89 7.10 -24.62
CA VAL C 325 23.62 7.01 -23.19
C VAL C 325 23.79 5.58 -22.68
N PHE C 326 23.59 4.57 -23.54
CA PHE C 326 23.74 3.18 -23.12
C PHE C 326 25.20 2.74 -23.21
N ASN C 327 25.79 2.84 -24.40
CA ASN C 327 27.16 2.41 -24.65
C ASN C 327 28.15 3.56 -24.40
N ALA C 328 28.24 3.93 -23.12
CA ALA C 328 29.15 4.99 -22.68
C ALA C 328 30.10 4.44 -21.62
N THR C 329 31.31 4.99 -21.59
CA THR C 329 32.34 4.47 -20.70
C THR C 329 32.09 4.87 -19.25
N ARG C 330 31.64 6.10 -19.01
CA ARG C 330 31.51 6.63 -17.66
C ARG C 330 30.08 7.09 -17.42
N PHE C 331 29.54 6.69 -16.27
CA PHE C 331 28.22 7.10 -15.82
C PHE C 331 28.34 7.92 -14.55
N ALA C 332 27.47 8.92 -14.42
CA ALA C 332 27.49 9.80 -13.27
C ALA C 332 27.00 9.07 -12.01
N SER C 333 27.41 9.59 -10.86
CA SER C 333 27.06 8.98 -9.59
C SER C 333 25.62 9.32 -9.20
N VAL C 334 25.13 8.66 -8.15
CA VAL C 334 23.75 8.85 -7.71
C VAL C 334 23.56 10.18 -6.99
N TYR C 335 24.61 10.74 -6.38
CA TYR C 335 24.47 12.03 -5.70
C TYR C 335 24.36 13.19 -6.67
N ALA C 336 24.88 13.03 -7.89
CA ALA C 336 24.82 14.06 -8.93
C ALA C 336 24.52 13.36 -10.25
N TRP C 337 23.23 13.27 -10.58
CA TRP C 337 22.80 12.61 -11.80
C TRP C 337 22.63 13.60 -12.94
N ASN C 338 23.05 13.19 -14.13
CA ASN C 338 22.96 14.01 -15.33
C ASN C 338 21.73 13.63 -16.14
N ARG C 339 21.27 14.56 -16.97
CA ARG C 339 20.08 14.37 -17.79
C ARG C 339 20.39 14.75 -19.24
N LYS C 340 19.95 13.90 -20.17
CA LYS C 340 20.08 14.16 -21.60
C LYS C 340 18.71 14.07 -22.24
N ARG C 341 18.39 15.08 -23.05
CA ARG C 341 17.08 15.18 -23.69
C ARG C 341 17.14 14.61 -25.11
N ILE C 342 16.20 13.72 -25.42
CA ILE C 342 16.12 13.08 -26.72
C ILE C 342 14.78 13.45 -27.35
N SER C 343 14.83 14.08 -28.53
CA SER C 343 13.63 14.50 -29.22
C SER C 343 13.94 14.68 -30.70
N ASN C 344 12.88 14.72 -31.50
CA ASN C 344 12.92 15.01 -32.93
C ASN C 344 13.80 14.01 -33.69
N CYS C 345 13.52 12.73 -33.50
CA CYS C 345 14.22 11.66 -34.20
C CYS C 345 13.32 10.43 -34.21
N VAL C 346 13.87 9.28 -34.60
CA VAL C 346 13.14 8.02 -34.63
C VAL C 346 13.85 7.04 -33.70
N ALA C 347 13.07 6.34 -32.89
CA ALA C 347 13.60 5.50 -31.82
C ALA C 347 13.35 4.02 -32.13
N ASP C 348 14.38 3.21 -31.93
CA ASP C 348 14.29 1.76 -32.08
C ASP C 348 14.68 1.09 -30.77
N TYR C 349 14.09 -0.07 -30.50
CA TYR C 349 14.33 -0.80 -29.27
C TYR C 349 14.86 -2.21 -29.46
N SER C 350 14.86 -2.74 -30.69
CA SER C 350 15.40 -4.08 -30.91
C SER C 350 16.92 -4.09 -30.86
N VAL C 351 17.55 -2.95 -31.11
CA VAL C 351 19.01 -2.88 -31.09
C VAL C 351 19.53 -2.83 -29.65
N LEU C 352 18.67 -2.51 -28.68
CA LEU C 352 19.13 -2.38 -27.30
C LEU C 352 19.45 -3.73 -26.66
N TYR C 353 18.87 -4.81 -27.19
CA TYR C 353 19.14 -6.14 -26.66
C TYR C 353 20.52 -6.68 -27.07
N ASN C 354 21.19 -6.02 -28.02
CA ASN C 354 22.48 -6.52 -28.49
C ASN C 354 23.59 -6.25 -27.48
N PHE C 355 23.46 -5.20 -26.67
CA PHE C 355 24.51 -4.84 -25.73
C PHE C 355 24.66 -5.88 -24.63
N ALA C 356 23.56 -6.23 -23.97
CA ALA C 356 23.57 -7.15 -22.84
C ALA C 356 22.15 -7.66 -22.57
N PRO C 357 22.00 -8.85 -21.99
CA PRO C 357 20.68 -9.28 -21.53
C PRO C 357 20.23 -8.42 -20.36
N PHE C 358 19.01 -7.89 -20.45
CA PHE C 358 18.52 -6.97 -19.42
C PHE C 358 18.18 -7.74 -18.15
N PHE C 359 18.63 -7.20 -17.01
CA PHE C 359 18.51 -7.89 -15.73
C PHE C 359 17.13 -7.71 -15.12
N ALA C 360 16.75 -6.45 -14.84
CA ALA C 360 15.50 -6.20 -14.13
C ALA C 360 14.29 -6.27 -15.06
N PHE C 361 14.23 -5.34 -16.02
CA PHE C 361 13.31 -5.36 -17.17
C PHE C 361 11.84 -5.16 -16.78
N LYS C 362 11.53 -5.04 -15.49
CA LYS C 362 10.15 -4.78 -15.09
C LYS C 362 9.80 -3.32 -15.35
N CYS C 363 8.51 -3.07 -15.56
CA CYS C 363 8.05 -1.71 -15.84
C CYS C 363 6.72 -1.44 -15.17
N TYR C 364 6.50 -0.17 -14.86
CA TYR C 364 5.26 0.31 -14.25
C TYR C 364 4.57 1.27 -15.21
N GLY C 365 3.26 1.13 -15.33
CA GLY C 365 2.50 2.00 -16.22
C GLY C 365 2.46 1.48 -17.63
N VAL C 366 3.31 2.04 -18.50
CA VAL C 366 3.36 1.59 -19.89
C VAL C 366 3.98 0.20 -19.95
N SER C 367 3.48 -0.62 -20.89
CA SER C 367 3.98 -1.98 -21.01
C SER C 367 5.36 -2.00 -21.66
N PRO C 368 6.27 -2.85 -21.20
CA PRO C 368 7.55 -3.03 -21.90
C PRO C 368 7.46 -3.92 -23.12
N THR C 369 6.32 -4.57 -23.36
CA THR C 369 6.19 -5.48 -24.49
C THR C 369 5.99 -4.72 -25.79
N LYS C 370 4.92 -3.94 -25.87
CA LYS C 370 4.58 -3.20 -27.08
C LYS C 370 5.00 -1.75 -26.94
N LEU C 371 5.99 -1.34 -27.75
CA LEU C 371 6.44 0.04 -27.78
C LEU C 371 6.64 0.60 -29.18
N ASN C 372 6.53 -0.21 -30.23
CA ASN C 372 6.76 0.29 -31.58
C ASN C 372 5.62 1.18 -32.05
N ASP C 373 4.38 0.85 -31.67
CA ASP C 373 3.23 1.65 -32.07
C ASP C 373 3.01 2.87 -31.18
N LEU C 374 3.75 2.98 -30.08
CA LEU C 374 3.58 4.10 -29.17
C LEU C 374 4.36 5.32 -29.65
N CYS C 375 3.76 6.50 -29.47
CA CYS C 375 4.39 7.76 -29.82
C CYS C 375 4.39 8.68 -28.60
N PHE C 376 5.51 9.38 -28.40
CA PHE C 376 5.67 10.27 -27.26
C PHE C 376 6.69 11.34 -27.62
N THR C 377 7.10 12.12 -26.62
CA THR C 377 8.09 13.17 -26.84
C THR C 377 8.77 13.50 -25.52
N ASN C 378 10.00 14.01 -25.64
CA ASN C 378 10.79 14.57 -24.53
C ASN C 378 11.02 13.55 -23.42
N VAL C 379 11.75 12.49 -23.77
CA VAL C 379 12.12 11.48 -22.78
C VAL C 379 13.33 11.94 -21.99
N TYR C 380 13.53 11.31 -20.83
CA TYR C 380 14.63 11.64 -19.93
C TYR C 380 15.54 10.42 -19.78
N ALA C 381 16.85 10.66 -19.82
CA ALA C 381 17.85 9.60 -19.68
C ALA C 381 18.80 9.98 -18.55
N ASP C 382 18.75 9.21 -17.46
CA ASP C 382 19.60 9.43 -16.29
C ASP C 382 20.37 8.15 -15.99
N SER C 383 21.53 8.32 -15.35
CA SER C 383 22.38 7.17 -15.06
C SER C 383 22.95 7.30 -13.66
N PHE C 384 22.96 6.18 -12.94
CA PHE C 384 23.57 6.10 -11.61
C PHE C 384 23.91 4.64 -11.34
N VAL C 385 24.39 4.37 -10.14
CA VAL C 385 24.88 3.04 -9.77
C VAL C 385 24.15 2.56 -8.52
N ILE C 386 24.09 1.24 -8.37
CA ILE C 386 23.34 0.59 -7.30
C ILE C 386 24.21 -0.53 -6.74
N ARG C 387 24.24 -0.66 -5.40
CA ARG C 387 25.00 -1.73 -4.76
C ARG C 387 24.48 -3.11 -5.16
N GLY C 388 23.16 -3.27 -5.20
CA GLY C 388 22.58 -4.53 -5.61
C GLY C 388 21.35 -4.95 -4.83
N ASN C 389 21.24 -4.49 -3.59
CA ASN C 389 20.11 -4.82 -2.74
C ASN C 389 19.05 -3.73 -2.70
N GLU C 390 19.21 -2.67 -3.50
CA GLU C 390 18.23 -1.59 -3.57
C GLU C 390 17.75 -1.38 -5.00
N VAL C 391 17.77 -2.43 -5.82
CA VAL C 391 17.20 -2.35 -7.15
C VAL C 391 15.68 -2.18 -7.07
N SER C 392 15.05 -2.86 -6.11
CA SER C 392 13.61 -2.70 -5.89
C SER C 392 13.27 -1.35 -5.28
N GLN C 393 14.25 -0.64 -4.72
CA GLN C 393 14.03 0.70 -4.19
C GLN C 393 13.79 1.74 -5.28
N ILE C 394 14.07 1.41 -6.54
CA ILE C 394 13.76 2.32 -7.66
C ILE C 394 12.31 2.04 -8.04
N ALA C 395 11.40 2.64 -7.28
CA ALA C 395 9.97 2.43 -7.44
C ALA C 395 9.24 3.55 -6.69
N PRO C 396 8.05 3.92 -7.14
CA PRO C 396 7.28 4.96 -6.42
C PRO C 396 6.82 4.46 -5.06
N GLY C 397 7.21 5.16 -4.01
CA GLY C 397 6.81 4.84 -2.66
C GLY C 397 7.84 4.16 -1.80
N GLN C 398 9.07 4.00 -2.28
CA GLN C 398 10.12 3.36 -1.50
C GLN C 398 10.83 4.38 -0.62
N THR C 399 11.79 3.89 0.17
CA THR C 399 12.54 4.74 1.09
C THR C 399 13.93 4.13 1.28
N GLY C 400 14.70 4.70 2.20
CA GLY C 400 16.05 4.24 2.48
C GLY C 400 17.08 5.29 2.06
N ASN C 401 18.25 4.81 1.68
CA ASN C 401 19.29 5.70 1.17
C ASN C 401 18.91 6.28 -0.19
N ILE C 402 18.19 5.50 -0.99
CA ILE C 402 17.70 5.94 -2.29
C ILE C 402 16.21 6.26 -2.14
N ALA C 403 15.75 7.26 -2.91
CA ALA C 403 14.39 7.80 -2.97
C ALA C 403 13.97 8.49 -1.67
N ASP C 404 14.88 8.71 -0.72
CA ASP C 404 14.63 9.58 0.41
C ASP C 404 15.79 10.53 0.70
N TYR C 405 17.01 10.21 0.28
CA TYR C 405 18.15 11.09 0.42
C TYR C 405 18.96 11.15 -0.88
N ASN C 406 18.41 10.65 -1.98
CA ASN C 406 19.10 10.53 -3.26
C ASN C 406 18.06 10.71 -4.35
N TYR C 407 18.39 10.24 -5.56
CA TYR C 407 17.47 10.32 -6.70
C TYR C 407 16.14 9.63 -6.39
N LYS C 408 15.05 10.35 -6.64
CA LYS C 408 13.72 9.94 -6.22
C LYS C 408 12.79 9.89 -7.41
N LEU C 409 11.78 9.03 -7.33
CA LEU C 409 10.79 8.90 -8.37
C LEU C 409 9.47 9.52 -7.94
N PRO C 410 8.68 10.07 -8.87
CA PRO C 410 7.38 10.65 -8.48
C PRO C 410 6.32 9.60 -8.21
N ASP C 411 5.10 10.05 -7.93
CA ASP C 411 3.99 9.12 -7.70
C ASP C 411 3.67 8.34 -8.97
N ASP C 412 3.65 9.03 -10.11
CA ASP C 412 3.46 8.40 -11.42
C ASP C 412 4.65 8.74 -12.32
N PHE C 413 5.58 7.79 -12.44
CA PHE C 413 6.79 8.04 -13.21
C PHE C 413 6.52 8.01 -14.70
N THR C 414 5.46 7.31 -15.13
CA THR C 414 5.07 7.16 -16.55
C THR C 414 6.22 6.60 -17.38
N GLY C 415 6.85 5.56 -16.86
CA GLY C 415 7.97 4.94 -17.53
C GLY C 415 8.59 3.89 -16.64
N CYS C 416 9.84 3.53 -16.96
CA CYS C 416 10.56 2.54 -16.16
C CYS C 416 12.05 2.69 -16.40
N VAL C 417 12.82 1.78 -15.82
CA VAL C 417 14.28 1.81 -15.85
C VAL C 417 14.79 0.57 -16.59
N ILE C 418 16.05 0.63 -16.99
CA ILE C 418 16.74 -0.48 -17.64
C ILE C 418 18.03 -0.72 -16.86
N ALA C 419 18.22 -1.95 -16.39
CA ALA C 419 19.40 -2.31 -15.60
C ALA C 419 20.00 -3.60 -16.13
N TRP C 420 21.33 -3.66 -16.11
CA TRP C 420 22.06 -4.86 -16.51
C TRP C 420 23.29 -5.02 -15.62
N ASN C 421 23.70 -6.27 -15.44
CA ASN C 421 24.83 -6.56 -14.57
C ASN C 421 26.15 -6.18 -15.23
N SER C 422 27.08 -5.66 -14.42
CA SER C 422 28.41 -5.28 -14.90
C SER C 422 29.39 -5.51 -13.76
N ASN C 423 30.03 -6.66 -13.76
CA ASN C 423 31.00 -7.03 -12.73
C ASN C 423 32.42 -7.20 -13.26
N LYS C 424 32.61 -7.14 -14.58
CA LYS C 424 33.94 -7.27 -15.17
C LYS C 424 34.43 -6.01 -15.87
N LEU C 425 33.55 -5.03 -16.09
CA LEU C 425 33.91 -3.80 -16.78
C LEU C 425 34.15 -2.64 -15.81
N ASP C 426 33.17 -2.31 -14.98
CA ASP C 426 33.27 -1.20 -14.05
C ASP C 426 33.52 -1.65 -12.62
N SER C 427 33.75 -2.95 -12.41
CA SER C 427 34.08 -3.48 -11.09
C SER C 427 35.49 -4.02 -11.11
N LYS C 428 36.31 -3.57 -10.15
CA LYS C 428 37.72 -3.89 -10.12
C LYS C 428 38.11 -4.49 -8.77
N VAL C 429 39.09 -5.39 -8.80
CA VAL C 429 39.51 -6.08 -7.59
C VAL C 429 40.23 -5.12 -6.63
N GLY C 430 41.00 -4.18 -7.16
CA GLY C 430 41.75 -3.26 -6.32
C GLY C 430 40.89 -2.27 -5.57
N GLY C 431 40.16 -1.43 -6.29
CA GLY C 431 39.30 -0.45 -5.67
C GLY C 431 38.76 0.60 -6.62
N ASN C 432 37.54 1.09 -6.36
CA ASN C 432 36.96 2.16 -7.15
C ASN C 432 36.34 3.19 -6.21
N TYR C 433 36.53 4.47 -6.53
CA TYR C 433 35.99 5.56 -5.73
C TYR C 433 35.28 6.60 -6.60
N ASN C 434 35.01 6.28 -7.86
CA ASN C 434 34.27 7.20 -8.71
C ASN C 434 32.79 7.25 -8.34
N TYR C 435 32.29 6.20 -7.69
CA TYR C 435 30.88 6.09 -7.34
C TYR C 435 30.69 6.44 -5.87
N LEU C 436 29.91 7.50 -5.62
CA LEU C 436 29.64 7.97 -4.26
C LEU C 436 28.15 8.12 -4.07
N TYR C 437 27.70 7.95 -2.82
CA TYR C 437 26.29 8.07 -2.49
C TYR C 437 26.10 8.96 -1.27
N ARG C 438 24.97 9.66 -1.25
CA ARG C 438 24.62 10.55 -0.15
C ARG C 438 23.73 9.82 0.85
N LEU C 439 24.12 9.88 2.12
CA LEU C 439 23.37 9.22 3.18
C LEU C 439 22.66 10.19 4.12
N PHE C 440 23.19 11.39 4.30
CA PHE C 440 22.67 12.36 5.26
C PHE C 440 22.16 13.59 4.52
N ARG C 441 20.94 14.02 4.86
CA ARG C 441 20.34 15.19 4.26
C ARG C 441 19.56 15.93 5.35
N LYS C 442 19.49 17.26 5.22
CA LYS C 442 18.85 18.08 6.25
C LYS C 442 17.36 17.79 6.38
N SER C 443 16.66 17.68 5.25
CA SER C 443 15.21 17.50 5.26
C SER C 443 14.85 16.50 4.16
N ASN C 444 13.55 16.43 3.86
CA ASN C 444 13.06 15.54 2.81
C ASN C 444 13.46 16.06 1.44
N LEU C 445 13.43 15.17 0.45
CA LEU C 445 13.88 15.47 -0.90
C LEU C 445 12.70 15.32 -1.85
N LYS C 446 12.37 16.41 -2.55
CA LYS C 446 11.31 16.39 -3.55
C LYS C 446 11.77 15.65 -4.81
N PRO C 447 10.87 14.91 -5.46
CA PRO C 447 11.26 14.15 -6.65
C PRO C 447 11.64 15.05 -7.81
N PHE C 448 12.58 14.55 -8.63
CA PHE C 448 13.11 15.22 -9.82
C PHE C 448 13.74 16.57 -9.46
N GLU C 449 14.80 16.50 -8.65
CA GLU C 449 15.59 17.68 -8.31
C GLU C 449 17.05 17.28 -8.18
N ARG C 450 17.93 18.27 -8.31
CA ARG C 450 19.36 18.06 -8.27
C ARG C 450 19.95 18.74 -7.03
N ASP C 451 20.97 18.10 -6.45
CA ASP C 451 21.61 18.62 -5.24
C ASP C 451 23.08 18.23 -5.26
N ILE C 452 23.96 19.21 -5.38
CA ILE C 452 25.40 19.01 -5.32
C ILE C 452 25.91 19.90 -4.19
N SER C 453 26.15 19.29 -3.02
CA SER C 453 26.59 20.03 -1.84
C SER C 453 27.76 19.29 -1.20
N THR C 454 28.82 20.04 -0.89
CA THR C 454 29.98 19.51 -0.19
C THR C 454 30.07 19.98 1.26
N GLU C 455 29.13 20.81 1.71
CA GLU C 455 29.12 21.29 3.08
C GLU C 455 28.73 20.18 4.04
N ILE C 456 29.36 20.16 5.21
CA ILE C 456 29.16 19.10 6.18
C ILE C 456 27.82 19.31 6.89
N TYR C 457 27.04 18.25 7.01
CA TYR C 457 25.74 18.33 7.67
C TYR C 457 25.91 18.00 9.16
N GLN C 458 25.54 18.96 10.00
CA GLN C 458 25.71 18.79 11.44
C GLN C 458 24.69 17.80 11.99
N ALA C 459 25.07 17.15 13.10
CA ALA C 459 24.22 16.18 13.77
C ALA C 459 24.28 16.34 15.28
N GLY C 460 24.50 17.57 15.75
CA GLY C 460 24.57 17.83 17.17
C GLY C 460 23.97 19.16 17.57
N ASN C 461 24.68 19.91 18.40
CA ASN C 461 24.23 21.22 18.85
C ASN C 461 25.12 22.36 18.40
N LYS C 462 26.44 22.16 18.40
CA LYS C 462 27.36 23.20 17.95
C LYS C 462 27.26 23.36 16.43
N PRO C 463 27.44 24.59 15.93
CA PRO C 463 27.38 24.80 14.48
C PRO C 463 28.59 24.23 13.76
N CYS C 464 28.39 23.13 13.04
CA CYS C 464 29.45 22.48 12.27
C CYS C 464 29.47 23.01 10.84
N ASN C 465 30.04 24.21 10.68
CA ASN C 465 30.21 24.76 9.33
C ASN C 465 31.38 24.12 8.61
N GLY C 466 32.49 23.89 9.31
CA GLY C 466 33.67 23.31 8.68
C GLY C 466 34.43 22.34 9.56
N VAL C 467 33.91 22.09 10.76
CA VAL C 467 34.56 21.19 11.72
C VAL C 467 33.67 19.98 11.93
N ALA C 468 34.22 18.80 11.70
CA ALA C 468 33.51 17.54 11.88
C ALA C 468 34.46 16.49 12.43
N GLY C 469 33.88 15.50 13.11
CA GLY C 469 34.66 14.43 13.70
C GLY C 469 34.24 14.07 15.10
N PHE C 470 33.66 15.05 15.82
CA PHE C 470 33.19 14.82 17.18
C PHE C 470 31.73 14.38 17.20
N ASN C 471 30.84 15.21 16.65
CA ASN C 471 29.42 14.89 16.63
C ASN C 471 28.75 15.24 15.31
N CYS C 472 29.51 15.58 14.28
CA CYS C 472 28.96 15.94 12.98
C CYS C 472 29.58 15.06 11.91
N TYR C 473 28.76 14.62 10.96
CA TYR C 473 29.13 13.62 9.98
C TYR C 473 29.15 14.22 8.57
N PHE C 474 30.04 13.71 7.74
CA PHE C 474 30.06 14.09 6.33
C PHE C 474 28.88 13.44 5.61
N PRO C 475 28.10 14.19 4.83
CA PRO C 475 26.89 13.63 4.21
C PRO C 475 27.15 12.75 3.00
N LEU C 476 28.39 12.57 2.58
CA LEU C 476 28.73 11.79 1.40
C LEU C 476 29.65 10.63 1.78
N ARG C 477 29.37 9.45 1.22
CA ARG C 477 30.17 8.27 1.48
C ARG C 477 30.39 7.51 0.18
N SER C 478 31.44 6.68 0.17
CA SER C 478 31.85 5.98 -1.03
C SER C 478 31.19 4.60 -1.13
N TYR C 479 31.09 4.11 -2.35
CA TYR C 479 30.59 2.78 -2.63
C TYR C 479 31.71 1.75 -2.52
N GLY C 480 31.31 0.48 -2.40
CA GLY C 480 32.25 -0.62 -2.43
C GLY C 480 31.81 -1.71 -3.39
N PHE C 481 32.58 -1.94 -4.45
CA PHE C 481 32.22 -2.88 -5.51
C PHE C 481 33.39 -3.84 -5.74
N ARG C 482 33.39 -4.95 -5.00
CA ARG C 482 34.49 -5.87 -5.26
C ARG C 482 33.98 -7.14 -5.96
N PRO C 483 34.77 -7.70 -6.88
CA PRO C 483 34.40 -8.99 -7.46
C PRO C 483 34.40 -10.14 -6.46
N THR C 484 35.11 -10.00 -5.33
CA THR C 484 35.10 -11.02 -4.29
C THR C 484 33.86 -10.96 -3.42
N TYR C 485 33.01 -9.94 -3.58
CA TYR C 485 31.78 -9.82 -2.82
C TYR C 485 30.73 -10.80 -3.35
N GLY C 486 29.56 -10.77 -2.76
CA GLY C 486 28.47 -11.62 -3.20
C GLY C 486 27.85 -11.12 -4.49
N VAL C 487 26.93 -11.94 -5.02
CA VAL C 487 26.22 -11.59 -6.24
C VAL C 487 25.30 -10.40 -6.01
N GLY C 488 24.71 -10.30 -4.82
CA GLY C 488 23.87 -9.17 -4.47
C GLY C 488 24.59 -7.90 -4.11
N HIS C 489 25.92 -7.89 -4.18
CA HIS C 489 26.74 -6.70 -3.91
C HIS C 489 27.59 -6.36 -5.12
N GLN C 490 27.00 -6.48 -6.31
CA GLN C 490 27.67 -6.15 -7.55
C GLN C 490 27.03 -4.92 -8.19
N PRO C 491 27.82 -4.02 -8.76
CA PRO C 491 27.24 -2.79 -9.34
C PRO C 491 26.56 -3.08 -10.67
N TYR C 492 25.38 -2.48 -10.85
CA TYR C 492 24.67 -2.52 -12.12
C TYR C 492 24.56 -1.11 -12.68
N ARG C 493 24.79 -0.99 -13.98
CA ARG C 493 24.70 0.29 -14.68
C ARG C 493 23.24 0.48 -15.10
N VAL C 494 22.48 1.17 -14.26
CA VAL C 494 21.04 1.34 -14.46
C VAL C 494 20.78 2.66 -15.17
N VAL C 495 19.82 2.65 -16.09
CA VAL C 495 19.43 3.83 -16.85
C VAL C 495 17.90 3.90 -16.88
N VAL C 496 17.37 5.11 -16.78
CA VAL C 496 15.93 5.30 -16.70
C VAL C 496 15.40 5.68 -18.08
N LEU C 497 14.08 5.57 -18.24
CA LEU C 497 13.38 6.02 -19.46
C LEU C 497 12.06 6.66 -19.01
N SER C 498 12.10 7.98 -18.83
CA SER C 498 10.93 8.73 -18.34
C SER C 498 10.13 9.21 -19.54
N PHE C 499 9.02 8.53 -19.83
CA PHE C 499 8.14 8.94 -20.90
C PHE C 499 7.07 9.89 -20.35
N GLU C 500 6.34 10.55 -21.24
CA GLU C 500 5.27 11.44 -20.82
C GLU C 500 4.23 11.51 -21.94
N LEU C 501 2.98 11.74 -21.54
CA LEU C 501 1.87 11.90 -22.46
C LEU C 501 1.23 13.27 -22.21
N LEU C 502 1.16 14.08 -23.25
CA LEU C 502 0.63 15.44 -23.13
C LEU C 502 0.14 15.89 -24.50
N HIS C 503 -0.23 17.17 -24.60
CA HIS C 503 -0.77 17.73 -25.84
C HIS C 503 0.31 18.03 -26.88
N ALA C 504 1.60 17.90 -26.52
CA ALA C 504 2.66 18.18 -27.45
C ALA C 504 2.68 17.16 -28.59
N PRO C 505 3.02 17.59 -29.81
CA PRO C 505 3.11 16.64 -30.93
C PRO C 505 4.23 15.63 -30.74
N ALA C 506 4.02 14.45 -31.31
CA ALA C 506 4.97 13.34 -31.15
C ALA C 506 6.23 13.63 -31.95
N THR C 507 7.33 13.87 -31.26
CA THR C 507 8.61 14.11 -31.91
C THR C 507 9.39 12.82 -32.15
N VAL C 508 9.20 11.81 -31.32
CA VAL C 508 9.85 10.52 -31.48
C VAL C 508 8.79 9.43 -31.50
N CYS C 509 8.97 8.45 -32.39
CA CYS C 509 8.04 7.34 -32.52
C CYS C 509 8.82 6.08 -32.86
N GLY C 510 8.12 4.94 -32.81
CA GLY C 510 8.75 3.66 -33.07
C GLY C 510 8.97 3.43 -34.55
N PRO C 511 9.63 2.31 -34.86
CA PRO C 511 9.95 1.97 -36.26
C PRO C 511 8.80 1.33 -37.02
N LYS C 512 7.89 2.17 -37.52
CA LYS C 512 6.75 1.74 -38.32
C LYS C 512 6.81 2.39 -39.70
N LYS C 513 5.85 2.04 -40.54
CA LYS C 513 5.76 2.52 -41.91
C LYS C 513 4.60 3.49 -42.05
N SER C 514 4.36 3.92 -43.30
CA SER C 514 3.32 4.88 -43.59
C SER C 514 2.38 4.32 -44.66
N THR C 515 1.12 4.74 -44.59
CA THR C 515 0.09 4.28 -45.50
C THR C 515 -0.75 5.48 -45.94
N ASN C 516 -1.12 5.50 -47.21
CA ASN C 516 -1.87 6.61 -47.78
C ASN C 516 -3.29 6.68 -47.21
N LEU C 517 -3.92 7.82 -47.38
CA LEU C 517 -5.24 8.07 -46.82
C LEU C 517 -6.31 7.25 -47.54
N VAL C 518 -7.32 6.84 -46.78
CA VAL C 518 -8.50 6.16 -47.29
C VAL C 518 -9.71 7.00 -46.93
N LYS C 519 -10.52 7.33 -47.93
CA LYS C 519 -11.67 8.23 -47.73
C LYS C 519 -12.98 7.44 -47.82
N ASN C 520 -13.97 7.94 -47.08
CA ASN C 520 -15.32 7.38 -47.03
C ASN C 520 -15.32 5.91 -46.59
N LYS C 521 -14.48 5.59 -45.61
CA LYS C 521 -14.40 4.23 -45.06
C LYS C 521 -13.89 4.33 -43.64
N CYS C 522 -14.67 3.86 -42.68
CA CYS C 522 -14.29 3.92 -41.27
C CYS C 522 -13.30 2.79 -40.95
N VAL C 523 -12.04 3.14 -40.73
CA VAL C 523 -10.99 2.21 -40.40
C VAL C 523 -10.20 2.75 -39.21
N ASN C 524 -9.46 1.86 -38.56
CA ASN C 524 -8.58 2.26 -37.47
C ASN C 524 -7.36 3.00 -38.01
N PHE C 525 -6.83 3.91 -37.21
CA PHE C 525 -5.71 4.74 -37.62
C PHE C 525 -4.88 5.13 -36.41
N ASN C 526 -3.61 5.46 -36.66
CA ASN C 526 -2.69 5.94 -35.64
C ASN C 526 -2.08 7.24 -36.14
N PHE C 527 -2.51 8.37 -35.58
CA PHE C 527 -2.05 9.69 -35.97
C PHE C 527 -1.30 10.31 -34.79
N ASN C 528 0.03 10.09 -34.77
CA ASN C 528 0.91 10.60 -33.71
C ASN C 528 0.48 10.13 -32.33
N GLY C 529 0.04 8.89 -32.24
CA GLY C 529 -0.41 8.32 -30.98
C GLY C 529 -1.90 8.50 -30.70
N LEU C 530 -2.61 9.25 -31.53
CA LEU C 530 -4.05 9.44 -31.33
C LEU C 530 -4.79 8.29 -32.00
N THR C 531 -5.14 7.29 -31.21
CA THR C 531 -5.82 6.11 -31.75
C THR C 531 -7.32 6.35 -31.82
N GLY C 532 -7.90 5.98 -32.96
CA GLY C 532 -9.33 6.15 -33.16
C GLY C 532 -9.80 5.33 -34.34
N THR C 533 -11.12 5.33 -34.53
CA THR C 533 -11.75 4.60 -35.62
C THR C 533 -12.94 5.39 -36.12
N GLY C 534 -12.97 5.67 -37.42
CA GLY C 534 -14.08 6.39 -37.99
C GLY C 534 -13.75 6.90 -39.39
N VAL C 535 -14.74 7.55 -39.99
CA VAL C 535 -14.62 8.07 -41.34
C VAL C 535 -13.89 9.41 -41.29
N LEU C 536 -12.80 9.53 -42.02
CA LEU C 536 -12.06 10.78 -42.14
C LEU C 536 -12.20 11.33 -43.56
N THR C 537 -12.40 12.64 -43.66
CA THR C 537 -12.60 13.31 -44.94
C THR C 537 -11.97 14.69 -44.87
N GLU C 538 -12.07 15.43 -45.97
CA GLU C 538 -11.49 16.76 -46.04
C GLU C 538 -12.26 17.74 -45.15
N SER C 539 -11.53 18.68 -44.58
CA SER C 539 -12.07 19.65 -43.62
C SER C 539 -12.18 21.02 -44.30
N ASN C 540 -13.37 21.63 -44.18
CA ASN C 540 -13.58 22.95 -44.73
C ASN C 540 -13.09 24.05 -43.81
N LYS C 541 -12.78 23.74 -42.55
CA LYS C 541 -12.32 24.74 -41.60
C LYS C 541 -10.87 25.11 -41.88
N LYS C 542 -10.43 26.20 -41.25
CA LYS C 542 -9.06 26.70 -41.36
C LYS C 542 -8.44 26.72 -39.98
N PHE C 543 -7.24 26.14 -39.86
CA PHE C 543 -6.55 26.07 -38.57
C PHE C 543 -5.44 27.11 -38.51
N LEU C 544 -5.26 27.67 -37.31
CA LEU C 544 -4.11 28.51 -37.02
C LEU C 544 -2.85 27.64 -37.03
N PRO C 545 -1.71 28.20 -37.47
CA PRO C 545 -0.50 27.35 -37.65
C PRO C 545 0.23 27.00 -36.35
N PHE C 546 -0.51 26.56 -35.33
CA PHE C 546 0.12 25.97 -34.15
C PHE C 546 -0.68 24.80 -33.59
N GLN C 547 -1.72 24.35 -34.27
CA GLN C 547 -2.60 23.30 -33.77
C GLN C 547 -2.46 22.04 -34.60
N GLN C 548 -2.53 20.88 -33.93
CA GLN C 548 -2.45 19.58 -34.58
C GLN C 548 -3.80 18.87 -34.63
N PHE C 549 -4.47 18.72 -33.49
CA PHE C 549 -5.75 18.05 -33.42
C PHE C 549 -6.73 18.89 -32.60
N GLY C 550 -8.01 18.79 -32.94
CA GLY C 550 -9.06 19.54 -32.29
C GLY C 550 -9.93 18.68 -31.39
N ARG C 551 -10.88 19.35 -30.75
CA ARG C 551 -11.85 18.71 -29.86
C ARG C 551 -13.19 19.41 -30.02
N ASP C 552 -14.15 19.05 -29.17
CA ASP C 552 -15.48 19.63 -29.22
C ASP C 552 -16.00 19.95 -27.83
N ILE C 553 -17.30 20.23 -27.72
CA ILE C 553 -17.91 20.51 -26.43
C ILE C 553 -17.87 19.28 -25.53
N ALA C 554 -18.17 18.11 -26.10
CA ALA C 554 -18.23 16.86 -25.33
C ALA C 554 -16.87 16.20 -25.12
N ASP C 555 -15.78 16.92 -25.41
CA ASP C 555 -14.41 16.45 -25.24
C ASP C 555 -14.16 15.16 -26.03
N THR C 556 -14.32 15.27 -27.34
CA THR C 556 -14.09 14.17 -28.27
C THR C 556 -13.33 14.72 -29.46
N THR C 557 -12.31 13.97 -29.91
CA THR C 557 -11.48 14.42 -31.02
C THR C 557 -12.29 14.42 -32.32
N ASP C 558 -12.26 15.55 -33.03
CA ASP C 558 -12.98 15.70 -34.28
C ASP C 558 -12.13 16.19 -35.44
N ALA C 559 -10.89 16.61 -35.20
CA ALA C 559 -10.00 17.08 -36.25
C ALA C 559 -8.60 16.55 -36.01
N VAL C 560 -7.83 16.44 -37.09
CA VAL C 560 -6.46 15.94 -37.02
C VAL C 560 -5.69 16.49 -38.22
N ARG C 561 -4.38 16.68 -38.03
CA ARG C 561 -3.48 17.17 -39.06
C ARG C 561 -2.37 16.15 -39.25
N ASP C 562 -2.41 15.40 -40.36
CA ASP C 562 -1.41 14.40 -40.63
C ASP C 562 -0.07 15.06 -40.99
N PRO C 563 1.06 14.43 -40.62
CA PRO C 563 2.35 15.06 -40.92
C PRO C 563 2.77 14.95 -42.37
N GLN C 564 2.28 13.94 -43.11
CA GLN C 564 2.74 13.75 -44.49
C GLN C 564 2.18 14.82 -45.41
N THR C 565 0.89 15.12 -45.30
CA THR C 565 0.25 16.18 -46.08
C THR C 565 -0.20 17.27 -45.12
N LEU C 566 0.24 18.51 -45.38
CA LEU C 566 0.00 19.63 -44.47
C LEU C 566 -1.39 20.23 -44.71
N GLU C 567 -2.41 19.39 -44.47
CA GLU C 567 -3.80 19.81 -44.53
C GLU C 567 -4.57 19.13 -43.41
N ILE C 568 -5.57 19.82 -42.89
CA ILE C 568 -6.36 19.31 -41.77
C ILE C 568 -7.50 18.46 -42.31
N LEU C 569 -7.98 17.54 -41.47
CA LEU C 569 -9.06 16.64 -41.83
C LEU C 569 -10.05 16.56 -40.67
N ASP C 570 -11.29 16.17 -41.00
CA ASP C 570 -12.33 15.98 -40.00
C ASP C 570 -12.54 14.49 -39.77
N ILE C 571 -12.52 14.09 -38.50
CA ILE C 571 -12.80 12.70 -38.12
C ILE C 571 -14.10 12.66 -37.33
N THR C 572 -14.97 11.72 -37.71
CA THR C 572 -16.23 11.42 -37.06
C THR C 572 -16.32 9.92 -36.84
N PRO C 573 -17.01 9.47 -35.79
CA PRO C 573 -17.18 8.03 -35.58
C PRO C 573 -18.04 7.40 -36.67
N CYS C 574 -17.85 6.10 -36.86
CA CYS C 574 -18.55 5.36 -37.90
C CYS C 574 -20.04 5.26 -37.59
N SER C 575 -20.79 4.80 -38.59
CA SER C 575 -22.25 4.77 -38.50
C SER C 575 -22.69 3.73 -37.46
N PHE C 576 -23.42 4.19 -36.45
CA PHE C 576 -23.90 3.35 -35.36
C PHE C 576 -25.41 3.46 -35.26
N GLY C 577 -25.98 2.69 -34.33
CA GLY C 577 -27.42 2.76 -34.10
C GLY C 577 -28.00 1.45 -33.60
N GLY C 578 -28.95 1.54 -32.68
CA GLY C 578 -29.63 0.35 -32.19
C GLY C 578 -30.61 -0.21 -33.20
N VAL C 579 -30.99 -1.48 -32.97
CA VAL C 579 -31.90 -2.17 -33.87
C VAL C 579 -33.23 -2.39 -33.14
N SER C 580 -34.28 -2.63 -33.93
CA SER C 580 -35.60 -2.89 -33.40
C SER C 580 -36.35 -3.78 -34.37
N VAL C 581 -37.39 -4.45 -33.87
CA VAL C 581 -38.14 -5.42 -34.64
C VAL C 581 -39.62 -5.05 -34.64
N ILE C 582 -40.28 -5.29 -35.77
CA ILE C 582 -41.71 -5.13 -35.90
C ILE C 582 -42.31 -6.51 -36.18
N THR C 583 -43.16 -6.98 -35.28
CA THR C 583 -43.69 -8.34 -35.40
C THR C 583 -45.02 -8.43 -34.68
N PRO C 584 -45.92 -9.30 -35.15
CA PRO C 584 -47.11 -9.64 -34.35
C PRO C 584 -46.79 -10.75 -33.36
N GLY C 585 -47.83 -11.30 -32.72
CA GLY C 585 -47.62 -12.44 -31.84
C GLY C 585 -47.11 -13.65 -32.60
N THR C 586 -46.29 -14.45 -31.92
CA THR C 586 -45.66 -15.60 -32.56
C THR C 586 -46.66 -16.71 -32.89
N ASN C 587 -47.80 -16.75 -32.21
CA ASN C 587 -48.81 -17.76 -32.50
C ASN C 587 -49.49 -17.53 -33.84
N THR C 588 -49.50 -16.29 -34.34
CA THR C 588 -50.16 -15.99 -35.60
C THR C 588 -49.27 -16.37 -36.78
N SER C 589 -48.08 -15.77 -36.87
CA SER C 589 -47.16 -16.02 -37.98
C SER C 589 -45.74 -15.80 -37.49
N ASN C 590 -44.77 -16.05 -38.38
CA ASN C 590 -43.36 -15.91 -38.08
C ASN C 590 -42.67 -14.82 -38.90
N GLN C 591 -43.39 -14.12 -39.76
CA GLN C 591 -42.79 -13.05 -40.54
C GLN C 591 -42.49 -11.84 -39.65
N VAL C 592 -41.30 -11.27 -39.84
CA VAL C 592 -40.84 -10.17 -39.02
C VAL C 592 -40.31 -9.05 -39.90
N ALA C 593 -40.30 -7.85 -39.34
CA ALA C 593 -39.77 -6.67 -40.01
C ALA C 593 -38.74 -6.00 -39.11
N VAL C 594 -37.60 -5.65 -39.68
CA VAL C 594 -36.49 -5.04 -38.94
C VAL C 594 -36.51 -3.53 -39.20
N LEU C 595 -36.31 -2.75 -38.14
CA LEU C 595 -36.32 -1.30 -38.22
C LEU C 595 -35.04 -0.74 -37.62
N TYR C 596 -34.38 0.15 -38.35
CA TYR C 596 -33.19 0.84 -37.87
C TYR C 596 -33.56 2.29 -37.56
N GLN C 597 -33.27 2.74 -36.34
CA GLN C 597 -33.64 4.07 -35.90
C GLN C 597 -32.43 5.00 -35.95
N GLY C 598 -32.63 6.18 -36.52
CA GLY C 598 -31.58 7.18 -36.60
C GLY C 598 -30.49 6.88 -37.60
N VAL C 599 -30.70 5.90 -38.49
CA VAL C 599 -29.69 5.46 -39.44
C VAL C 599 -30.23 5.66 -40.85
N ASN C 600 -29.49 6.39 -41.67
CA ASN C 600 -29.81 6.51 -43.10
C ASN C 600 -29.32 5.25 -43.81
N CYS C 601 -30.25 4.47 -44.36
CA CYS C 601 -29.93 3.18 -44.94
C CYS C 601 -29.67 3.25 -46.45
N THR C 602 -29.13 4.37 -46.93
CA THR C 602 -28.66 4.41 -48.32
C THR C 602 -27.50 3.45 -48.52
N GLU C 603 -26.60 3.36 -47.55
CA GLU C 603 -25.56 2.35 -47.52
C GLU C 603 -25.68 1.54 -46.24
N VAL C 604 -25.60 0.22 -46.36
CA VAL C 604 -25.75 -0.67 -45.22
C VAL C 604 -25.05 -1.99 -45.47
N ASN C 625 -40.42 -3.22 -48.50
CA ASN C 625 -39.12 -2.93 -49.10
C ASN C 625 -38.35 -1.92 -48.27
N VAL C 626 -38.34 -0.67 -48.73
CA VAL C 626 -37.64 0.40 -48.02
C VAL C 626 -38.53 1.65 -48.05
N PHE C 627 -38.58 2.34 -46.91
CA PHE C 627 -39.34 3.59 -46.80
C PHE C 627 -38.74 4.38 -45.64
N GLN C 628 -38.10 5.50 -45.96
CA GLN C 628 -37.39 6.29 -44.95
C GLN C 628 -38.36 7.23 -44.27
N THR C 629 -38.59 7.00 -42.97
CA THR C 629 -39.43 7.87 -42.15
C THR C 629 -38.53 8.85 -41.40
N ARG C 630 -39.13 9.58 -40.46
CA ARG C 630 -38.37 10.48 -39.60
C ARG C 630 -37.48 9.75 -38.61
N ALA C 631 -37.82 8.52 -38.26
CA ALA C 631 -37.07 7.71 -37.30
C ALA C 631 -36.30 6.59 -37.99
N GLY C 632 -35.72 6.88 -39.14
CA GLY C 632 -35.00 5.90 -39.91
C GLY C 632 -35.79 5.41 -41.12
N CYS C 633 -35.49 4.17 -41.51
CA CYS C 633 -36.16 3.53 -42.62
C CYS C 633 -36.68 2.17 -42.20
N LEU C 634 -37.80 1.76 -42.78
CA LEU C 634 -38.47 0.52 -42.43
C LEU C 634 -38.19 -0.54 -43.50
N ILE C 635 -37.81 -1.74 -43.06
CA ILE C 635 -37.51 -2.85 -43.94
C ILE C 635 -38.49 -3.98 -43.65
N GLY C 636 -39.19 -4.44 -44.69
CA GLY C 636 -40.14 -5.52 -44.56
C GLY C 636 -41.60 -5.10 -44.55
N ALA C 637 -41.91 -3.83 -44.87
CA ALA C 637 -43.28 -3.37 -44.89
C ALA C 637 -43.47 -2.40 -46.04
N GLU C 638 -44.72 -2.25 -46.47
CA GLU C 638 -45.08 -1.38 -47.58
C GLU C 638 -45.99 -0.27 -47.09
N TYR C 639 -45.77 0.94 -47.59
CA TYR C 639 -46.58 2.09 -47.20
C TYR C 639 -48.00 1.96 -47.76
N VAL C 640 -48.98 2.27 -46.93
CA VAL C 640 -50.39 2.16 -47.28
C VAL C 640 -51.05 3.52 -47.06
N ASN C 641 -51.79 3.99 -48.07
CA ASN C 641 -52.45 5.28 -47.98
C ASN C 641 -53.71 5.27 -47.13
N ASN C 642 -54.17 4.10 -46.69
CA ASN C 642 -55.38 3.99 -45.91
C ASN C 642 -55.14 4.51 -44.49
N SER C 643 -56.24 4.67 -43.74
CA SER C 643 -56.20 5.23 -42.39
C SER C 643 -56.87 4.25 -41.44
N TYR C 644 -56.07 3.49 -40.69
CA TYR C 644 -56.55 2.57 -39.68
C TYR C 644 -56.01 2.95 -38.31
N GLU C 645 -56.71 2.51 -37.27
CA GLU C 645 -56.26 2.71 -35.90
C GLU C 645 -55.24 1.63 -35.57
N CYS C 646 -53.97 2.04 -35.47
CA CYS C 646 -52.89 1.09 -35.25
C CYS C 646 -52.84 0.64 -33.81
N ASP C 647 -52.54 -0.65 -33.62
CA ASP C 647 -52.40 -1.24 -32.29
C ASP C 647 -50.94 -1.34 -31.84
N ILE C 648 -50.00 -0.88 -32.66
CA ILE C 648 -48.58 -0.91 -32.30
C ILE C 648 -47.93 0.39 -32.77
N PRO C 649 -47.12 1.04 -31.93
CA PRO C 649 -46.46 2.28 -32.35
C PRO C 649 -45.07 2.04 -32.93
N ILE C 650 -44.64 2.98 -33.76
CA ILE C 650 -43.29 2.96 -34.30
C ILE C 650 -42.61 4.30 -33.99
N GLY C 651 -43.26 5.39 -34.37
CA GLY C 651 -42.71 6.71 -34.12
C GLY C 651 -42.97 7.69 -35.25
N ALA C 652 -43.22 8.96 -34.89
CA ALA C 652 -43.47 10.05 -35.83
C ALA C 652 -44.64 9.75 -36.77
N GLY C 653 -45.69 9.13 -36.22
CA GLY C 653 -46.91 8.87 -36.97
C GLY C 653 -46.92 7.59 -37.77
N ILE C 654 -45.83 6.84 -37.80
CA ILE C 654 -45.78 5.60 -38.55
C ILE C 654 -46.38 4.48 -37.71
N CYS C 655 -47.25 3.68 -38.32
CA CYS C 655 -47.91 2.58 -37.63
C CYS C 655 -47.93 1.34 -38.52
N ALA C 656 -47.70 0.18 -37.92
CA ALA C 656 -47.77 -1.10 -38.62
C ALA C 656 -49.00 -1.87 -38.17
N SER C 657 -49.31 -2.92 -38.93
CA SER C 657 -50.43 -3.80 -38.62
C SER C 657 -50.18 -5.15 -39.28
N TYR C 658 -51.18 -6.03 -39.23
CA TYR C 658 -51.09 -7.35 -39.86
C TYR C 658 -52.48 -7.67 -40.42
N GLN C 659 -52.65 -7.41 -41.71
CA GLN C 659 -53.91 -7.67 -42.39
C GLN C 659 -54.04 -9.13 -42.78
N SER C 671 -49.57 -10.43 -44.75
CA SER C 671 -48.30 -9.70 -44.79
C SER C 671 -48.33 -8.50 -43.84
N ILE C 672 -47.15 -8.04 -43.46
CA ILE C 672 -47.01 -6.90 -42.56
C ILE C 672 -46.95 -5.63 -43.38
N ILE C 673 -47.87 -4.71 -43.14
CA ILE C 673 -47.95 -3.45 -43.87
C ILE C 673 -47.76 -2.30 -42.89
N ALA C 674 -47.49 -1.13 -43.44
CA ALA C 674 -47.27 0.07 -42.64
C ALA C 674 -48.09 1.22 -43.23
N TYR C 675 -48.52 2.13 -42.36
CA TYR C 675 -49.33 3.26 -42.78
C TYR C 675 -49.19 4.38 -41.76
N THR C 676 -49.60 5.57 -42.16
CA THR C 676 -49.62 6.71 -41.26
C THR C 676 -50.71 6.53 -40.21
N MET C 677 -50.43 6.98 -38.98
CA MET C 677 -51.40 6.90 -37.90
C MET C 677 -52.64 7.73 -38.21
N SER C 678 -53.80 7.16 -37.92
CA SER C 678 -55.08 7.83 -38.06
C SER C 678 -55.56 8.33 -36.71
N LEU C 679 -56.48 9.29 -36.74
CA LEU C 679 -57.02 9.90 -35.53
C LEU C 679 -58.51 9.62 -35.41
N GLY C 680 -58.93 8.40 -35.76
CA GLY C 680 -60.32 8.03 -35.70
C GLY C 680 -61.11 8.52 -36.91
N ALA C 681 -62.41 8.30 -36.83
CA ALA C 681 -63.31 8.72 -37.91
C ALA C 681 -63.48 10.24 -37.90
N GLU C 682 -63.53 10.83 -39.09
CA GLU C 682 -63.72 12.26 -39.24
C GLU C 682 -65.21 12.53 -39.46
N ASN C 683 -65.84 13.18 -38.49
CA ASN C 683 -67.27 13.48 -38.53
C ASN C 683 -67.45 14.96 -38.29
N SER C 684 -67.93 15.68 -39.29
CA SER C 684 -68.17 17.11 -39.17
C SER C 684 -69.50 17.37 -38.47
N VAL C 685 -69.80 18.65 -38.25
CA VAL C 685 -71.05 19.06 -37.62
C VAL C 685 -71.48 20.36 -38.28
N ALA C 686 -72.80 20.60 -38.30
CA ALA C 686 -73.37 21.78 -38.90
C ALA C 686 -73.70 22.82 -37.83
N TYR C 687 -73.22 24.04 -38.03
CA TYR C 687 -73.45 25.13 -37.10
C TYR C 687 -74.20 26.25 -37.81
N SER C 688 -75.26 26.75 -37.18
CA SER C 688 -76.09 27.80 -37.74
C SER C 688 -76.44 28.79 -36.63
N ASN C 689 -77.16 29.84 -37.02
CA ASN C 689 -77.58 30.85 -36.05
C ASN C 689 -78.61 30.29 -35.08
N ASN C 690 -79.54 29.46 -35.57
CA ASN C 690 -80.58 28.86 -34.75
C ASN C 690 -80.80 27.40 -35.16
N SER C 691 -80.08 26.49 -34.51
CA SER C 691 -80.21 25.06 -34.75
C SER C 691 -79.82 24.32 -33.49
N ILE C 692 -80.73 23.53 -32.95
CA ILE C 692 -80.54 22.85 -31.67
C ILE C 692 -80.83 21.36 -31.84
N ALA C 693 -80.00 20.53 -31.21
CA ALA C 693 -80.22 19.09 -31.16
C ALA C 693 -80.46 18.70 -29.71
N ILE C 694 -81.57 18.01 -29.46
CA ILE C 694 -81.94 17.58 -28.11
C ILE C 694 -82.20 16.08 -28.16
N PRO C 695 -81.60 15.28 -27.28
CA PRO C 695 -81.81 13.83 -27.32
C PRO C 695 -83.22 13.45 -26.93
N THR C 696 -83.73 12.38 -27.56
CA THR C 696 -85.06 11.85 -27.29
C THR C 696 -85.03 10.48 -26.63
N ASN C 697 -84.16 9.60 -27.07
CA ASN C 697 -84.04 8.25 -26.50
C ASN C 697 -82.62 8.06 -25.97
N PHE C 698 -82.51 7.50 -24.78
CA PHE C 698 -81.24 7.34 -24.10
C PHE C 698 -80.97 5.87 -23.81
N THR C 699 -79.68 5.52 -23.73
CA THR C 699 -79.24 4.18 -23.38
C THR C 699 -78.25 4.27 -22.23
N ILE C 700 -78.13 3.17 -21.49
CA ILE C 700 -77.26 3.08 -20.32
C ILE C 700 -76.26 1.97 -20.56
N SER C 701 -74.97 2.30 -20.49
CA SER C 701 -73.88 1.35 -20.62
C SER C 701 -73.05 1.36 -19.35
N VAL C 702 -72.16 0.38 -19.24
CA VAL C 702 -71.28 0.26 -18.09
C VAL C 702 -69.87 -0.09 -18.58
N THR C 703 -68.87 0.54 -17.99
CA THR C 703 -67.46 0.32 -18.31
C THR C 703 -66.73 -0.22 -17.09
N THR C 704 -65.46 -0.56 -17.27
CA THR C 704 -64.62 -1.04 -16.18
C THR C 704 -63.36 -0.21 -16.11
N GLU C 705 -62.96 0.12 -14.88
CA GLU C 705 -61.70 0.79 -14.61
C GLU C 705 -60.95 0.01 -13.55
N ILE C 706 -59.70 -0.32 -13.83
CA ILE C 706 -58.87 -1.10 -12.91
C ILE C 706 -57.72 -0.21 -12.47
N LEU C 707 -57.66 0.04 -11.16
CA LEU C 707 -56.57 0.80 -10.57
C LEU C 707 -55.94 -0.06 -9.48
N PRO C 708 -54.65 -0.35 -9.56
CA PRO C 708 -54.02 -1.20 -8.56
C PRO C 708 -53.88 -0.50 -7.22
N VAL C 709 -53.80 -1.29 -6.16
CA VAL C 709 -53.91 -0.73 -4.81
C VAL C 709 -52.63 -0.99 -4.01
N SER C 710 -52.20 -2.26 -3.93
CA SER C 710 -51.12 -2.62 -3.02
C SER C 710 -50.29 -3.73 -3.64
N MET C 711 -48.99 -3.50 -3.75
CA MET C 711 -48.05 -4.51 -4.19
C MET C 711 -47.75 -5.50 -3.07
N THR C 712 -47.09 -6.59 -3.42
CA THR C 712 -46.72 -7.60 -2.44
C THR C 712 -45.62 -7.07 -1.53
N LYS C 713 -45.81 -7.21 -0.22
CA LYS C 713 -44.83 -6.75 0.74
C LYS C 713 -43.63 -7.68 0.77
N THR C 714 -42.43 -7.10 0.70
CA THR C 714 -41.19 -7.85 0.71
C THR C 714 -40.32 -7.40 1.87
N SER C 715 -39.76 -8.36 2.59
CA SER C 715 -38.84 -8.10 3.69
C SER C 715 -37.50 -8.75 3.38
N VAL C 716 -36.43 -7.97 3.45
CA VAL C 716 -35.09 -8.42 3.12
C VAL C 716 -34.19 -8.21 4.33
N ASP C 717 -33.58 -9.30 4.81
CA ASP C 717 -32.52 -9.23 5.81
C ASP C 717 -31.18 -9.04 5.11
N CYS C 718 -30.26 -8.35 5.78
CA CYS C 718 -29.00 -8.01 5.12
C CYS C 718 -27.99 -9.14 5.23
N THR C 719 -27.73 -9.62 6.46
CA THR C 719 -26.60 -10.50 6.71
C THR C 719 -26.76 -11.86 6.01
N MET C 720 -27.94 -12.47 6.14
CA MET C 720 -28.16 -13.77 5.52
C MET C 720 -28.27 -13.68 4.01
N TYR C 721 -28.65 -12.53 3.46
CA TYR C 721 -28.62 -12.35 2.02
C TYR C 721 -27.19 -12.20 1.52
N ILE C 722 -26.35 -11.47 2.26
CA ILE C 722 -24.96 -11.32 1.87
C ILE C 722 -24.22 -12.66 1.94
N CYS C 723 -24.37 -13.40 3.03
CA CYS C 723 -23.72 -14.70 3.14
C CYS C 723 -24.50 -15.59 4.09
N GLY C 724 -24.46 -16.89 3.84
CA GLY C 724 -25.21 -17.83 4.64
C GLY C 724 -24.45 -18.37 5.84
N ASP C 725 -24.69 -17.77 7.01
CA ASP C 725 -24.17 -18.22 8.31
C ASP C 725 -22.64 -18.28 8.32
N SER C 726 -22.02 -17.12 8.14
CA SER C 726 -20.57 -17.00 8.18
C SER C 726 -20.19 -15.89 9.15
N THR C 727 -19.15 -16.14 9.96
CA THR C 727 -18.70 -15.17 10.94
C THR C 727 -17.91 -14.02 10.32
N GLU C 728 -17.36 -14.22 9.11
CA GLU C 728 -16.61 -13.16 8.45
C GLU C 728 -17.52 -11.97 8.12
N CYS C 729 -18.73 -12.24 7.66
CA CYS C 729 -19.69 -11.15 7.45
C CYS C 729 -20.11 -10.51 8.77
N SER C 730 -20.14 -11.29 9.85
CA SER C 730 -20.47 -10.75 11.16
C SER C 730 -19.40 -9.78 11.64
N ASN C 731 -18.13 -10.09 11.42
CA ASN C 731 -17.06 -9.21 11.88
C ASN C 731 -16.63 -8.17 10.86
N LEU C 732 -17.13 -8.22 9.62
CA LEU C 732 -16.76 -7.25 8.61
C LEU C 732 -17.90 -6.37 8.12
N LEU C 733 -19.16 -6.76 8.34
CA LEU C 733 -20.27 -5.93 7.89
C LEU C 733 -20.45 -4.71 8.78
N LEU C 734 -20.10 -4.82 10.06
CA LEU C 734 -20.19 -3.68 10.96
C LEU C 734 -19.10 -2.65 10.70
N GLN C 735 -18.07 -3.01 9.94
CA GLN C 735 -17.04 -2.03 9.56
C GLN C 735 -17.57 -0.99 8.59
N TYR C 736 -18.65 -1.29 7.86
CA TYR C 736 -19.32 -0.32 7.01
C TYR C 736 -20.30 0.56 7.78
N GLY C 737 -20.35 0.43 9.09
CA GLY C 737 -21.34 1.13 9.89
C GLY C 737 -22.69 0.42 9.83
N SER C 738 -23.70 1.13 10.30
CA SER C 738 -25.08 0.63 10.29
C SER C 738 -25.72 0.92 8.93
N PHE C 739 -25.20 0.24 7.90
CA PHE C 739 -25.68 0.49 6.55
C PHE C 739 -26.95 -0.28 6.27
N CYS C 740 -26.96 -1.59 6.52
CA CYS C 740 -28.13 -2.41 6.24
C CYS C 740 -29.27 -2.19 7.23
N THR C 741 -29.02 -1.46 8.32
CA THR C 741 -30.10 -1.16 9.27
C THR C 741 -31.13 -0.23 8.65
N GLN C 742 -30.68 0.80 7.92
CA GLN C 742 -31.62 1.71 7.28
C GLN C 742 -32.35 1.06 6.11
N LEU C 743 -31.76 0.03 5.49
CA LEU C 743 -32.47 -0.74 4.47
C LEU C 743 -33.66 -1.47 5.06
N LYS C 744 -33.46 -2.14 6.20
CA LYS C 744 -34.55 -2.82 6.88
C LYS C 744 -35.57 -1.81 7.42
N ARG C 745 -35.09 -0.65 7.87
CA ARG C 745 -35.99 0.43 8.29
C ARG C 745 -36.88 0.88 7.14
N ALA C 746 -36.29 1.07 5.96
CA ALA C 746 -37.05 1.49 4.79
C ALA C 746 -38.06 0.43 4.36
N LEU C 747 -37.66 -0.85 4.40
CA LEU C 747 -38.59 -1.90 4.00
C LEU C 747 -39.73 -2.08 4.99
N THR C 748 -39.45 -1.93 6.29
CA THR C 748 -40.54 -1.93 7.28
C THR C 748 -41.44 -0.72 7.10
N GLY C 749 -40.87 0.42 6.69
CA GLY C 749 -41.69 1.57 6.37
C GLY C 749 -42.59 1.33 5.17
N ILE C 750 -42.07 0.65 4.15
CA ILE C 750 -42.90 0.26 3.00
C ILE C 750 -44.01 -0.69 3.44
N ALA C 751 -43.70 -1.65 4.30
CA ALA C 751 -44.71 -2.58 4.78
C ALA C 751 -45.83 -1.85 5.54
N VAL C 752 -45.45 -0.92 6.43
CA VAL C 752 -46.48 -0.25 7.22
C VAL C 752 -47.28 0.74 6.38
N GLU C 753 -46.65 1.39 5.38
CA GLU C 753 -47.45 2.31 4.56
C GLU C 753 -48.33 1.54 3.59
N GLN C 754 -47.91 0.37 3.12
CA GLN C 754 -48.78 -0.47 2.30
C GLN C 754 -49.97 -0.98 3.10
N ASP C 755 -49.73 -1.37 4.36
CA ASP C 755 -50.84 -1.78 5.23
C ASP C 755 -51.80 -0.63 5.49
N LYS C 756 -51.28 0.56 5.77
CA LYS C 756 -52.13 1.73 5.96
C LYS C 756 -52.88 2.09 4.69
N ASN C 757 -52.24 1.92 3.53
CA ASN C 757 -52.86 2.26 2.25
C ASN C 757 -53.99 1.31 1.93
N THR C 758 -53.78 0.00 2.12
CA THR C 758 -54.84 -0.96 1.84
C THR C 758 -55.92 -0.93 2.91
N GLN C 759 -55.63 -0.39 4.10
CA GLN C 759 -56.69 -0.15 5.06
C GLN C 759 -57.51 1.08 4.71
N GLU C 760 -56.86 2.14 4.22
CA GLU C 760 -57.54 3.40 3.95
C GLU C 760 -58.33 3.36 2.65
N VAL C 761 -57.90 2.56 1.67
CA VAL C 761 -58.56 2.56 0.38
C VAL C 761 -59.94 1.92 0.43
N PHE C 762 -60.20 1.07 1.43
CA PHE C 762 -61.45 0.32 1.50
C PHE C 762 -62.27 0.64 2.74
N ALA C 763 -61.65 0.67 3.93
CA ALA C 763 -62.38 0.87 5.17
C ALA C 763 -62.68 2.35 5.35
N GLN C 764 -63.78 2.77 4.71
CA GLN C 764 -64.27 4.15 4.82
C GLN C 764 -65.68 4.20 5.43
N VAL C 765 -66.15 3.09 5.98
CA VAL C 765 -67.46 3.02 6.62
C VAL C 765 -67.27 2.52 8.05
N LYS C 766 -68.02 3.12 8.98
CA LYS C 766 -67.91 2.73 10.39
C LYS C 766 -68.65 1.42 10.68
N GLN C 767 -69.66 1.09 9.89
CA GLN C 767 -70.48 -0.09 10.11
C GLN C 767 -70.65 -0.85 8.80
N ILE C 768 -70.68 -2.18 8.90
CA ILE C 768 -70.91 -3.02 7.73
C ILE C 768 -72.41 -3.13 7.49
N TYR C 769 -72.77 -3.38 6.23
CA TYR C 769 -74.17 -3.45 5.81
C TYR C 769 -74.44 -4.82 5.19
N LYS C 770 -75.59 -5.40 5.54
CA LYS C 770 -76.01 -6.69 5.02
C LYS C 770 -77.28 -6.53 4.20
N THR C 771 -77.32 -7.21 3.05
CA THR C 771 -78.48 -7.13 2.17
C THR C 771 -79.69 -7.84 2.78
N PRO C 772 -80.91 -7.37 2.50
CA PRO C 772 -82.09 -8.11 2.94
C PRO C 772 -82.21 -9.43 2.21
N PRO C 773 -82.85 -10.43 2.82
CA PRO C 773 -83.00 -11.73 2.13
C PRO C 773 -83.91 -11.69 0.92
N ILE C 774 -84.76 -10.69 0.77
CA ILE C 774 -85.61 -10.54 -0.40
C ILE C 774 -84.79 -9.87 -1.50
N LYS C 775 -84.71 -10.52 -2.66
CA LYS C 775 -83.85 -10.06 -3.74
C LYS C 775 -84.55 -9.11 -4.70
N TYR C 776 -85.81 -8.80 -4.45
CA TYR C 776 -86.57 -7.91 -5.35
C TYR C 776 -86.13 -6.46 -5.14
N PHE C 777 -85.84 -5.77 -6.24
CA PHE C 777 -85.39 -4.38 -6.20
C PHE C 777 -86.15 -3.53 -7.22
N GLY C 778 -87.42 -3.82 -7.43
CA GLY C 778 -88.22 -3.07 -8.38
C GLY C 778 -87.82 -3.23 -9.83
N GLY C 779 -87.48 -4.46 -10.25
CA GLY C 779 -87.10 -4.73 -11.60
C GLY C 779 -85.60 -4.76 -11.85
N PHE C 780 -84.81 -4.29 -10.90
CA PHE C 780 -83.35 -4.29 -11.03
C PHE C 780 -82.82 -5.61 -10.47
N ASN C 781 -82.34 -6.48 -11.37
CA ASN C 781 -81.87 -7.81 -11.00
C ASN C 781 -80.36 -7.74 -10.75
N PHE C 782 -79.97 -7.93 -9.49
CA PHE C 782 -78.56 -7.94 -9.08
C PHE C 782 -78.24 -9.33 -8.54
N SER C 783 -77.81 -10.23 -9.43
CA SER C 783 -77.45 -11.58 -9.05
C SER C 783 -75.96 -11.87 -9.20
N GLN C 784 -75.34 -11.43 -10.28
CA GLN C 784 -73.91 -11.59 -10.48
C GLN C 784 -73.10 -10.43 -9.89
N ILE C 785 -73.77 -9.44 -9.32
CA ILE C 785 -73.13 -8.35 -8.58
C ILE C 785 -73.20 -8.59 -7.08
N LEU C 786 -74.36 -9.01 -6.59
CA LEU C 786 -74.52 -9.38 -5.20
C LEU C 786 -73.74 -10.67 -4.93
N PRO C 787 -72.97 -10.72 -3.83
CA PRO C 787 -72.27 -11.97 -3.49
C PRO C 787 -73.21 -13.14 -3.27
N ASP C 788 -72.76 -14.31 -3.73
CA ASP C 788 -73.58 -15.52 -3.71
C ASP C 788 -73.25 -16.34 -2.47
N PRO C 789 -74.22 -16.60 -1.59
CA PRO C 789 -73.93 -17.42 -0.39
C PRO C 789 -73.70 -18.89 -0.68
N SER C 790 -73.91 -19.36 -1.92
CA SER C 790 -73.65 -20.75 -2.25
C SER C 790 -72.17 -21.10 -2.13
N LYS C 791 -71.30 -20.22 -2.61
CA LYS C 791 -69.87 -20.43 -2.44
C LYS C 791 -69.46 -20.10 -1.02
N PRO C 792 -68.68 -20.95 -0.35
CA PRO C 792 -68.28 -20.66 1.05
C PRO C 792 -67.39 -19.45 1.20
N SER C 793 -66.73 -18.99 0.13
CA SER C 793 -65.85 -17.82 0.21
C SER C 793 -66.60 -16.50 0.07
N LYS C 794 -67.91 -16.55 -0.22
CA LYS C 794 -68.79 -15.38 -0.33
C LYS C 794 -68.28 -14.40 -1.39
N ARG C 795 -68.28 -14.86 -2.63
CA ARG C 795 -67.80 -14.09 -3.76
C ARG C 795 -68.85 -14.03 -4.85
N SER C 796 -69.00 -12.86 -5.47
CA SER C 796 -69.79 -12.76 -6.69
C SER C 796 -69.03 -13.43 -7.84
N PRO C 797 -69.73 -13.94 -8.85
CA PRO C 797 -69.04 -14.61 -9.96
C PRO C 797 -68.13 -13.70 -10.78
N ILE C 798 -68.33 -12.38 -10.77
CA ILE C 798 -67.50 -11.50 -11.58
C ILE C 798 -66.07 -11.44 -11.02
N GLU C 799 -65.92 -11.24 -9.70
CA GLU C 799 -64.58 -11.28 -9.14
C GLU C 799 -64.05 -12.70 -9.05
N ASP C 800 -64.92 -13.71 -9.08
CA ASP C 800 -64.45 -15.09 -9.21
C ASP C 800 -63.77 -15.31 -10.55
N LEU C 801 -64.38 -14.81 -11.63
CA LEU C 801 -63.76 -14.90 -12.95
C LEU C 801 -62.50 -14.04 -13.04
N LEU C 802 -62.51 -12.87 -12.38
CA LEU C 802 -61.33 -12.03 -12.38
C LEU C 802 -60.18 -12.65 -11.57
N PHE C 803 -60.52 -13.39 -10.50
CA PHE C 803 -59.50 -14.12 -9.74
C PHE C 803 -58.97 -15.30 -10.54
N ASN C 804 -59.84 -15.98 -11.29
CA ASN C 804 -59.38 -17.10 -12.11
C ASN C 804 -58.53 -16.64 -13.28
N LYS C 805 -58.82 -15.44 -13.82
CA LYS C 805 -58.05 -14.94 -14.96
C LYS C 805 -56.68 -14.43 -14.55
N VAL C 806 -56.57 -13.82 -13.37
CA VAL C 806 -55.34 -13.19 -12.91
C VAL C 806 -54.59 -14.18 -12.02
N THR C 807 -53.34 -14.46 -12.38
CA THR C 807 -52.50 -15.37 -11.60
C THR C 807 -52.08 -14.74 -10.29
N ASN C 836 -32.67 -19.43 -0.88
CA ASN C 836 -33.94 -18.74 -0.65
C ASN C 836 -33.91 -17.98 0.67
N GLY C 837 -33.17 -16.87 0.69
CA GLY C 837 -33.07 -16.01 1.85
C GLY C 837 -34.08 -14.88 1.89
N LEU C 838 -35.05 -14.87 0.98
CA LEU C 838 -36.03 -13.80 0.90
C LEU C 838 -37.20 -14.08 1.86
N THR C 839 -38.07 -13.08 2.00
CA THR C 839 -39.25 -13.22 2.85
C THR C 839 -40.40 -12.46 2.20
N VAL C 840 -41.50 -13.16 1.97
CA VAL C 840 -42.71 -12.59 1.38
C VAL C 840 -43.76 -12.51 2.47
N LEU C 841 -43.92 -11.34 3.05
CA LEU C 841 -44.92 -11.16 4.10
C LEU C 841 -46.33 -11.17 3.50
N PRO C 842 -47.28 -11.86 4.13
CA PRO C 842 -48.65 -11.82 3.63
C PRO C 842 -49.28 -10.46 3.90
N PRO C 843 -50.27 -10.07 3.11
CA PRO C 843 -50.95 -8.79 3.37
C PRO C 843 -51.75 -8.84 4.67
N LEU C 844 -51.97 -7.65 5.24
CA LEU C 844 -52.75 -7.55 6.47
C LEU C 844 -54.21 -7.95 6.22
N LEU C 845 -54.75 -7.55 5.08
CA LEU C 845 -56.12 -7.87 4.71
C LEU C 845 -56.10 -8.94 3.62
N THR C 846 -56.62 -10.12 3.93
CA THR C 846 -56.79 -11.14 2.91
C THR C 846 -58.09 -10.90 2.14
N ASP C 847 -58.32 -11.71 1.11
CA ASP C 847 -59.43 -11.51 0.20
C ASP C 847 -60.80 -11.70 0.85
N GLU C 848 -60.88 -12.38 2.00
CA GLU C 848 -62.18 -12.57 2.65
C GLU C 848 -62.71 -11.26 3.21
N MET C 849 -61.88 -10.50 3.93
CA MET C 849 -62.34 -9.21 4.45
C MET C 849 -62.48 -8.18 3.33
N ILE C 850 -61.73 -8.31 2.24
CA ILE C 850 -61.95 -7.44 1.09
C ILE C 850 -63.31 -7.72 0.45
N ALA C 851 -63.67 -9.00 0.35
CA ALA C 851 -65.00 -9.36 -0.15
C ALA C 851 -66.09 -8.86 0.78
N GLN C 852 -65.85 -8.94 2.10
CA GLN C 852 -66.82 -8.40 3.06
C GLN C 852 -66.94 -6.88 2.94
N TYR C 853 -65.82 -6.19 2.71
CA TYR C 853 -65.85 -4.74 2.46
C TYR C 853 -66.68 -4.41 1.23
N THR C 854 -66.46 -5.14 0.13
CA THR C 854 -67.19 -4.86 -1.10
C THR C 854 -68.67 -5.17 -0.96
N SER C 855 -69.00 -6.26 -0.25
CA SER C 855 -70.41 -6.59 -0.01
C SER C 855 -71.09 -5.54 0.86
N ALA C 856 -70.40 -5.06 1.91
CA ALA C 856 -70.96 -4.03 2.78
C ALA C 856 -71.15 -2.72 2.03
N LEU C 857 -70.18 -2.35 1.19
CA LEU C 857 -70.30 -1.10 0.42
C LEU C 857 -71.40 -1.20 -0.63
N LEU C 858 -71.54 -2.37 -1.27
CA LEU C 858 -72.62 -2.58 -2.23
C LEU C 858 -73.99 -2.52 -1.55
N ALA C 859 -74.10 -3.12 -0.37
CA ALA C 859 -75.36 -3.05 0.37
C ALA C 859 -75.67 -1.62 0.80
N GLY C 860 -74.66 -0.89 1.27
CA GLY C 860 -74.88 0.49 1.68
C GLY C 860 -75.24 1.39 0.51
N THR C 861 -74.70 1.12 -0.68
CA THR C 861 -75.06 1.93 -1.83
C THR C 861 -76.33 1.47 -2.53
N ILE C 862 -76.86 0.29 -2.19
CA ILE C 862 -78.14 -0.11 -2.80
C ILE C 862 -79.32 0.19 -1.89
N THR C 863 -79.18 0.07 -0.56
CA THR C 863 -80.36 0.21 0.30
C THR C 863 -80.41 1.51 1.08
N SER C 864 -79.32 2.28 1.11
CA SER C 864 -79.29 3.55 1.84
C SER C 864 -79.19 4.75 0.92
N GLY C 865 -79.35 4.56 -0.39
CA GLY C 865 -79.21 5.66 -1.32
C GLY C 865 -77.77 6.13 -1.43
N TRP C 866 -77.62 7.44 -1.62
CA TRP C 866 -76.31 8.06 -1.73
C TRP C 866 -75.90 8.78 -0.44
N THR C 867 -76.70 8.69 0.61
CA THR C 867 -76.43 9.36 1.89
C THR C 867 -76.31 8.32 2.99
N PHE C 868 -75.12 7.74 3.14
CA PHE C 868 -74.84 6.90 4.30
C PHE C 868 -73.47 7.14 4.93
N GLY C 869 -72.55 7.84 4.26
CA GLY C 869 -71.26 8.13 4.83
C GLY C 869 -71.21 9.40 5.67
N ALA C 870 -72.27 10.20 5.66
CA ALA C 870 -72.29 11.44 6.41
C ALA C 870 -72.74 11.26 7.86
N GLY C 871 -73.20 10.08 8.23
CA GLY C 871 -73.65 9.83 9.58
C GLY C 871 -74.35 8.49 9.74
N PRO C 872 -75.44 8.47 10.49
CA PRO C 872 -76.17 7.22 10.72
C PRO C 872 -76.84 6.71 9.46
N ALA C 873 -77.09 5.40 9.44
CA ALA C 873 -77.66 4.76 8.27
C ALA C 873 -79.12 5.13 8.06
N LEU C 874 -79.49 5.28 6.80
CA LEU C 874 -80.86 5.55 6.38
C LEU C 874 -81.31 4.44 5.43
N GLN C 875 -82.57 4.49 5.02
CA GLN C 875 -83.08 3.58 3.99
C GLN C 875 -83.90 4.36 2.98
N ILE C 876 -83.63 4.09 1.70
CA ILE C 876 -84.34 4.70 0.58
C ILE C 876 -84.57 3.60 -0.46
N PRO C 877 -85.79 3.42 -0.97
CA PRO C 877 -85.99 2.44 -2.03
C PRO C 877 -85.35 2.87 -3.34
N PHE C 878 -85.12 1.88 -4.20
CA PHE C 878 -84.34 2.09 -5.43
C PHE C 878 -84.92 3.11 -6.41
N PRO C 879 -86.22 3.07 -6.80
CA PRO C 879 -86.67 3.98 -7.88
C PRO C 879 -86.61 5.46 -7.51
N MET C 880 -86.90 5.82 -6.26
CA MET C 880 -86.91 7.25 -5.94
C MET C 880 -85.49 7.80 -5.84
N GLN C 881 -84.51 6.98 -5.47
CA GLN C 881 -83.13 7.47 -5.47
C GLN C 881 -82.52 7.42 -6.88
N MET C 882 -83.05 6.56 -7.77
CA MET C 882 -82.81 6.75 -9.20
C MET C 882 -83.35 8.09 -9.68
N ALA C 883 -84.56 8.46 -9.23
CA ALA C 883 -85.13 9.76 -9.58
C ALA C 883 -84.28 10.90 -9.02
N TYR C 884 -83.76 10.72 -7.80
CA TYR C 884 -82.86 11.71 -7.21
C TYR C 884 -81.58 11.87 -8.02
N ARG C 885 -81.00 10.76 -8.47
CA ARG C 885 -79.78 10.83 -9.28
C ARG C 885 -80.05 11.45 -10.64
N PHE C 886 -81.21 11.16 -11.23
CA PHE C 886 -81.57 11.80 -12.50
C PHE C 886 -81.83 13.29 -12.32
N ASN C 887 -82.39 13.69 -11.18
CA ASN C 887 -82.55 15.12 -10.89
C ASN C 887 -81.19 15.79 -10.71
N GLY C 888 -80.26 15.09 -10.06
CA GLY C 888 -78.92 15.63 -9.86
C GLY C 888 -78.07 15.66 -11.11
N ILE C 889 -78.37 14.82 -12.09
CA ILE C 889 -77.56 14.81 -13.32
C ILE C 889 -78.02 15.88 -14.32
N GLY C 890 -79.22 16.43 -14.16
CA GLY C 890 -79.62 17.56 -14.97
C GLY C 890 -80.89 17.38 -15.79
N VAL C 891 -81.70 16.37 -15.46
CA VAL C 891 -82.97 16.15 -16.13
C VAL C 891 -84.06 16.04 -15.09
N THR C 892 -85.30 16.27 -15.53
CA THR C 892 -86.44 16.18 -14.64
C THR C 892 -86.74 14.71 -14.34
N GLN C 893 -87.12 14.43 -13.09
CA GLN C 893 -87.29 13.06 -12.61
C GLN C 893 -88.51 12.35 -13.19
N ASN C 894 -89.38 13.06 -13.92
CA ASN C 894 -90.59 12.43 -14.46
C ASN C 894 -90.27 11.44 -15.58
N VAL C 895 -89.14 11.60 -16.25
CA VAL C 895 -88.79 10.73 -17.38
C VAL C 895 -88.32 9.36 -16.95
N LEU C 896 -88.06 9.15 -15.66
CA LEU C 896 -87.58 7.85 -15.20
C LEU C 896 -88.69 6.81 -15.24
N TYR C 897 -89.88 7.15 -14.75
CA TYR C 897 -90.98 6.20 -14.68
C TYR C 897 -91.64 5.93 -16.03
N GLU C 898 -91.33 6.73 -17.05
CA GLU C 898 -91.89 6.49 -18.37
C GLU C 898 -91.30 5.24 -19.02
N ASN C 899 -90.03 4.96 -18.76
CA ASN C 899 -89.33 3.80 -19.34
C ASN C 899 -88.55 3.06 -18.27
N GLN C 900 -89.19 2.81 -17.12
CA GLN C 900 -88.50 2.16 -16.00
C GLN C 900 -88.11 0.73 -16.33
N LYS C 901 -89.03 -0.02 -16.95
CA LYS C 901 -88.72 -1.39 -17.36
C LYS C 901 -87.68 -1.42 -18.47
N LEU C 902 -87.70 -0.42 -19.36
CA LEU C 902 -86.68 -0.32 -20.39
C LEU C 902 -85.30 -0.06 -19.77
N ILE C 903 -85.24 0.81 -18.76
CA ILE C 903 -83.97 1.07 -18.07
C ILE C 903 -83.48 -0.17 -17.35
N ALA C 904 -84.40 -0.92 -16.72
CA ALA C 904 -84.01 -2.15 -16.03
C ALA C 904 -83.49 -3.20 -17.01
N ASN C 905 -84.15 -3.35 -18.16
CA ASN C 905 -83.70 -4.30 -19.17
C ASN C 905 -82.36 -3.89 -19.77
N GLN C 906 -82.16 -2.58 -19.99
CA GLN C 906 -80.88 -2.10 -20.51
C GLN C 906 -79.77 -2.29 -19.48
N PHE C 907 -80.09 -2.11 -18.19
CA PHE C 907 -79.10 -2.36 -17.14
C PHE C 907 -78.71 -3.84 -17.09
N ASN C 908 -79.70 -4.73 -17.19
CA ASN C 908 -79.39 -6.17 -17.20
C ASN C 908 -78.56 -6.55 -18.42
N SER C 909 -78.90 -5.99 -19.58
CA SER C 909 -78.13 -6.26 -20.80
C SER C 909 -76.71 -5.72 -20.69
N ALA C 910 -76.55 -4.54 -20.07
CA ALA C 910 -75.21 -3.97 -19.89
C ALA C 910 -74.38 -4.80 -18.93
N ILE C 911 -75.00 -5.32 -17.86
CA ILE C 911 -74.28 -6.18 -16.93
C ILE C 911 -73.86 -7.48 -17.62
N GLY C 912 -74.75 -8.07 -18.41
CA GLY C 912 -74.38 -9.25 -19.17
C GLY C 912 -73.27 -9.00 -20.18
N LYS C 913 -73.33 -7.84 -20.85
CA LYS C 913 -72.30 -7.50 -21.84
C LYS C 913 -70.95 -7.23 -21.19
N ILE C 914 -70.95 -6.60 -20.01
CA ILE C 914 -69.67 -6.35 -19.37
C ILE C 914 -69.12 -7.62 -18.73
N GLN C 915 -69.99 -8.56 -18.33
CA GLN C 915 -69.52 -9.88 -17.92
C GLN C 915 -68.89 -10.63 -19.08
N ASP C 916 -69.50 -10.54 -20.26
CA ASP C 916 -68.94 -11.16 -21.46
C ASP C 916 -67.61 -10.51 -21.84
N SER C 917 -67.51 -9.19 -21.69
CA SER C 917 -66.26 -8.49 -21.98
C SER C 917 -65.16 -8.87 -20.99
N LEU C 918 -65.52 -9.04 -19.72
CA LEU C 918 -64.55 -9.49 -18.73
C LEU C 918 -64.09 -10.91 -19.02
N SER C 919 -65.01 -11.78 -19.46
CA SER C 919 -64.65 -13.16 -19.76
C SER C 919 -63.96 -13.29 -21.11
N SER C 920 -64.01 -12.26 -21.96
CA SER C 920 -63.47 -12.36 -23.31
C SER C 920 -62.06 -11.76 -23.42
N THR C 921 -61.90 -10.50 -23.03
CA THR C 921 -60.64 -9.80 -23.22
C THR C 921 -59.61 -10.28 -22.20
N PRO C 922 -58.46 -10.78 -22.65
CA PRO C 922 -57.43 -11.21 -21.69
C PRO C 922 -56.50 -10.09 -21.25
N SER C 923 -56.41 -9.00 -22.00
CA SER C 923 -55.50 -7.90 -21.69
C SER C 923 -56.18 -6.75 -20.96
N ALA C 924 -57.43 -6.94 -20.53
CA ALA C 924 -58.12 -5.87 -19.81
C ALA C 924 -57.56 -5.67 -18.41
N LEU C 925 -56.96 -6.71 -17.84
CA LEU C 925 -56.38 -6.67 -16.48
C LEU C 925 -54.86 -6.56 -16.54
N GLY C 926 -54.34 -5.76 -17.49
CA GLY C 926 -52.91 -5.73 -17.72
C GLY C 926 -52.12 -5.00 -16.65
N LYS C 927 -52.78 -4.15 -15.86
CA LYS C 927 -52.05 -3.38 -14.85
C LYS C 927 -51.63 -4.26 -13.67
N LEU C 928 -52.55 -5.10 -13.18
CA LEU C 928 -52.23 -5.99 -12.06
C LEU C 928 -51.19 -7.03 -12.45
N GLN C 929 -51.37 -7.64 -13.64
CA GLN C 929 -50.37 -8.56 -14.15
C GLN C 929 -49.04 -7.88 -14.40
N ASP C 930 -49.08 -6.61 -14.83
CA ASP C 930 -47.85 -5.86 -15.09
C ASP C 930 -47.07 -5.60 -13.81
N VAL C 931 -47.76 -5.18 -12.74
CA VAL C 931 -47.05 -4.89 -11.49
C VAL C 931 -46.58 -6.19 -10.82
N VAL C 932 -47.37 -7.26 -10.92
CA VAL C 932 -46.95 -8.55 -10.39
C VAL C 932 -45.73 -9.08 -11.15
N ASN C 933 -45.74 -8.96 -12.48
CA ASN C 933 -44.61 -9.39 -13.28
C ASN C 933 -43.39 -8.53 -13.02
N HIS C 934 -43.59 -7.23 -12.77
CA HIS C 934 -42.47 -6.35 -12.44
C HIS C 934 -41.81 -6.76 -11.13
N ASN C 935 -42.63 -7.04 -10.10
CA ASN C 935 -42.08 -7.48 -8.82
C ASN C 935 -41.37 -8.83 -8.94
N ALA C 936 -41.99 -9.78 -9.64
CA ALA C 936 -41.39 -11.10 -9.82
C ALA C 936 -40.12 -11.03 -10.65
N GLN C 937 -40.08 -10.19 -11.69
CA GLN C 937 -38.90 -10.04 -12.51
C GLN C 937 -37.77 -9.37 -11.74
N ALA C 938 -38.10 -8.37 -10.90
CA ALA C 938 -37.08 -7.74 -10.08
C ALA C 938 -36.48 -8.73 -9.09
N LEU C 939 -37.32 -9.55 -8.45
CA LEU C 939 -36.82 -10.57 -7.53
C LEU C 939 -35.99 -11.62 -8.26
N ASN C 940 -36.42 -12.01 -9.47
CA ASN C 940 -35.69 -13.00 -10.24
C ASN C 940 -34.33 -12.49 -10.68
N THR C 941 -34.25 -11.24 -11.13
CA THR C 941 -32.96 -10.66 -11.49
C THR C 941 -32.06 -10.47 -10.28
N LEU C 942 -32.67 -10.15 -9.12
CA LEU C 942 -31.91 -10.07 -7.87
C LEU C 942 -31.28 -11.43 -7.54
N VAL C 943 -32.07 -12.49 -7.64
CA VAL C 943 -31.59 -13.84 -7.32
C VAL C 943 -30.52 -14.27 -8.33
N LYS C 944 -30.72 -13.92 -9.60
CA LYS C 944 -29.76 -14.29 -10.64
C LYS C 944 -28.43 -13.57 -10.45
N GLN C 945 -28.47 -12.26 -10.14
CA GLN C 945 -27.25 -11.51 -9.95
C GLN C 945 -26.60 -11.75 -8.58
N LEU C 946 -27.32 -12.38 -7.64
CA LEU C 946 -26.69 -12.79 -6.40
C LEU C 946 -25.63 -13.86 -6.64
N SER C 947 -25.90 -14.80 -7.55
CA SER C 947 -25.02 -15.93 -7.80
C SER C 947 -23.88 -15.64 -8.77
N SER C 948 -23.56 -14.37 -9.01
CA SER C 948 -22.45 -14.02 -9.88
C SER C 948 -21.20 -13.78 -9.06
N LYS C 949 -20.04 -13.94 -9.72
CA LYS C 949 -18.76 -13.85 -9.03
C LYS C 949 -18.39 -12.41 -8.65
N PHE C 950 -18.94 -11.42 -9.35
CA PHE C 950 -18.61 -9.99 -9.17
C PHE C 950 -17.12 -9.74 -9.35
N GLY C 951 -16.47 -10.47 -10.26
CA GLY C 951 -15.05 -10.31 -10.51
C GLY C 951 -14.14 -11.07 -9.55
N ALA C 952 -14.70 -11.82 -8.60
CA ALA C 952 -13.89 -12.55 -7.64
C ALA C 952 -13.54 -13.94 -8.20
N ILE C 953 -12.86 -14.73 -7.37
CA ILE C 953 -12.41 -16.05 -7.81
C ILE C 953 -13.58 -17.02 -7.91
N SER C 954 -14.41 -17.08 -6.88
CA SER C 954 -15.50 -18.05 -6.80
C SER C 954 -16.82 -17.33 -6.56
N SER C 955 -17.88 -17.84 -7.21
CA SER C 955 -19.22 -17.32 -7.02
C SER C 955 -19.94 -17.92 -5.82
N VAL C 956 -19.38 -18.97 -5.22
CA VAL C 956 -20.02 -19.64 -4.10
C VAL C 956 -19.84 -18.80 -2.84
N LEU C 957 -20.88 -18.76 -2.01
CA LEU C 957 -20.89 -17.89 -0.84
C LEU C 957 -19.89 -18.34 0.22
N ASN C 958 -19.77 -19.65 0.45
CA ASN C 958 -18.98 -20.17 1.55
C ASN C 958 -17.85 -21.09 1.13
N ASP C 959 -17.59 -21.26 -0.17
CA ASP C 959 -16.48 -22.11 -0.58
C ASP C 959 -15.14 -21.43 -0.38
N ILE C 960 -15.11 -20.09 -0.36
CA ILE C 960 -13.86 -19.36 -0.16
C ILE C 960 -13.40 -19.39 1.29
N LEU C 961 -14.26 -19.83 2.22
CA LEU C 961 -13.88 -19.90 3.61
C LEU C 961 -12.86 -21.00 3.87
N SER C 962 -12.89 -22.07 3.07
CA SER C 962 -11.97 -23.19 3.23
C SER C 962 -10.95 -23.30 2.10
N ARG C 963 -11.28 -22.82 0.90
CA ARG C 963 -10.33 -22.90 -0.20
C ARG C 963 -9.17 -21.93 -0.02
N LEU C 964 -9.46 -20.74 0.49
CA LEU C 964 -8.46 -19.68 0.63
C LEU C 964 -8.25 -19.36 2.11
N ASP C 965 -7.05 -18.86 2.41
CA ASP C 965 -6.73 -18.44 3.77
C ASP C 965 -7.57 -17.22 4.15
N PRO C 966 -8.16 -17.18 5.35
CA PRO C 966 -8.95 -16.01 5.76
C PRO C 966 -8.13 -14.72 5.84
N PRO C 967 -6.81 -14.76 6.12
CA PRO C 967 -6.00 -13.57 5.80
C PRO C 967 -6.04 -13.17 4.33
N GLU C 968 -6.05 -14.14 3.42
CA GLU C 968 -5.94 -13.84 1.99
C GLU C 968 -7.29 -13.62 1.31
N ALA C 969 -8.40 -13.85 2.00
CA ALA C 969 -9.72 -13.70 1.41
C ALA C 969 -10.36 -12.36 1.70
N GLU C 970 -9.63 -11.44 2.35
CA GLU C 970 -10.23 -10.19 2.82
C GLU C 970 -10.64 -9.30 1.66
N VAL C 971 -9.76 -9.14 0.66
CA VAL C 971 -10.07 -8.29 -0.49
C VAL C 971 -11.21 -8.87 -1.32
N GLN C 972 -11.19 -10.19 -1.52
CA GLN C 972 -12.24 -10.85 -2.29
C GLN C 972 -13.60 -10.72 -1.60
N ILE C 973 -13.63 -10.96 -0.28
CA ILE C 973 -14.91 -10.87 0.43
C ILE C 973 -15.37 -9.41 0.52
N ASP C 974 -14.44 -8.45 0.58
CA ASP C 974 -14.83 -7.05 0.59
C ASP C 974 -15.44 -6.63 -0.74
N ARG C 975 -14.83 -7.08 -1.84
CA ARG C 975 -15.40 -6.80 -3.16
C ARG C 975 -16.77 -7.45 -3.32
N LEU C 976 -16.92 -8.68 -2.83
CA LEU C 976 -18.20 -9.38 -2.93
C LEU C 976 -19.28 -8.68 -2.12
N ILE C 977 -18.97 -8.27 -0.89
CA ILE C 977 -19.99 -7.63 -0.06
C ILE C 977 -20.32 -6.23 -0.58
N THR C 978 -19.35 -5.50 -1.13
CA THR C 978 -19.70 -4.18 -1.66
C THR C 978 -20.48 -4.28 -2.97
N GLY C 979 -20.21 -5.31 -3.80
CA GLY C 979 -21.01 -5.51 -5.00
C GLY C 979 -22.44 -5.90 -4.68
N ARG C 980 -22.60 -6.83 -3.73
CA ARG C 980 -23.94 -7.23 -3.33
C ARG C 980 -24.67 -6.09 -2.61
N LEU C 981 -23.94 -5.24 -1.88
CA LEU C 981 -24.54 -4.07 -1.25
C LEU C 981 -25.03 -3.08 -2.30
N GLN C 982 -24.25 -2.86 -3.36
CA GLN C 982 -24.68 -1.99 -4.46
C GLN C 982 -25.91 -2.55 -5.16
N SER C 983 -25.93 -3.87 -5.40
CA SER C 983 -27.08 -4.50 -6.04
C SER C 983 -28.33 -4.39 -5.17
N LEU C 984 -28.19 -4.63 -3.86
CA LEU C 984 -29.31 -4.50 -2.95
C LEU C 984 -29.79 -3.05 -2.86
N GLN C 985 -28.86 -2.09 -2.88
CA GLN C 985 -29.23 -0.68 -2.84
C GLN C 985 -30.02 -0.27 -4.07
N THR C 986 -29.57 -0.69 -5.26
CA THR C 986 -30.30 -0.29 -6.47
C THR C 986 -31.64 -1.02 -6.57
N TYR C 987 -31.72 -2.27 -6.09
CA TYR C 987 -33.01 -2.96 -6.04
C TYR C 987 -33.98 -2.27 -5.09
N VAL C 988 -33.49 -1.84 -3.92
CA VAL C 988 -34.35 -1.21 -2.94
C VAL C 988 -34.81 0.16 -3.44
N THR C 989 -33.92 0.91 -4.12
CA THR C 989 -34.35 2.19 -4.68
C THR C 989 -35.38 2.02 -5.79
N GLN C 990 -35.20 1.01 -6.64
CA GLN C 990 -36.18 0.76 -7.68
C GLN C 990 -37.51 0.40 -7.02
N GLN C 991 -37.46 -0.53 -6.07
CA GLN C 991 -38.68 -0.94 -5.39
C GLN C 991 -39.30 0.25 -4.68
N LEU C 992 -38.46 1.06 -4.05
CA LEU C 992 -38.97 2.21 -3.31
C LEU C 992 -39.69 3.18 -4.23
N ILE C 993 -39.09 3.47 -5.37
CA ILE C 993 -39.73 4.37 -6.32
C ILE C 993 -41.07 3.81 -6.73
N ARG C 994 -41.09 2.53 -7.08
CA ARG C 994 -42.33 1.90 -7.47
C ARG C 994 -43.34 2.00 -6.34
N ALA C 995 -42.90 1.72 -5.12
CA ALA C 995 -43.79 1.83 -3.96
C ALA C 995 -44.41 3.21 -3.86
N ALA C 996 -43.64 4.25 -4.15
CA ALA C 996 -44.20 5.60 -4.20
C ALA C 996 -45.24 5.73 -5.32
N GLU C 997 -44.95 5.14 -6.48
CA GLU C 997 -45.91 5.18 -7.59
C GLU C 997 -47.21 4.45 -7.24
N ILE C 998 -47.11 3.27 -6.63
CA ILE C 998 -48.32 2.52 -6.31
C ILE C 998 -49.09 3.19 -5.17
N ARG C 999 -48.38 3.87 -4.26
CA ARG C 999 -49.07 4.65 -3.22
C ARG C 999 -49.85 5.80 -3.84
N ALA C 1000 -49.26 6.49 -4.82
CA ALA C 1000 -49.97 7.57 -5.51
C ALA C 1000 -51.17 7.05 -6.28
N SER C 1001 -51.02 5.92 -6.98
CA SER C 1001 -52.11 5.34 -7.74
C SER C 1001 -53.25 4.88 -6.82
N ALA C 1002 -52.91 4.29 -5.68
CA ALA C 1002 -53.95 3.86 -4.74
C ALA C 1002 -54.61 5.04 -4.04
N ASN C 1003 -53.87 6.13 -3.82
CA ASN C 1003 -54.51 7.35 -3.30
C ASN C 1003 -55.49 7.92 -4.30
N LEU C 1004 -55.13 7.90 -5.59
CA LEU C 1004 -56.07 8.32 -6.63
C LEU C 1004 -57.30 7.42 -6.67
N ALA C 1005 -57.09 6.11 -6.52
CA ALA C 1005 -58.22 5.17 -6.49
C ALA C 1005 -59.09 5.39 -5.26
N ALA C 1006 -58.48 5.75 -4.12
CA ALA C 1006 -59.25 6.05 -2.91
C ALA C 1006 -60.09 7.31 -3.09
N THR C 1007 -59.53 8.34 -3.75
CA THR C 1007 -60.33 9.52 -4.08
C THR C 1007 -61.46 9.18 -5.04
N LYS C 1008 -61.20 8.28 -6.00
CA LYS C 1008 -62.23 7.83 -6.93
C LYS C 1008 -63.38 7.14 -6.19
N MET C 1009 -63.04 6.27 -5.22
CA MET C 1009 -64.07 5.57 -4.46
C MET C 1009 -64.83 6.53 -3.56
N SER C 1010 -64.12 7.47 -2.93
CA SER C 1010 -64.76 8.43 -2.04
C SER C 1010 -65.62 9.44 -2.79
N GLU C 1011 -65.37 9.66 -4.08
CA GLU C 1011 -66.17 10.59 -4.87
C GLU C 1011 -67.34 9.91 -5.59
N CYS C 1012 -67.12 8.74 -6.19
CA CYS C 1012 -68.12 8.16 -7.09
C CYS C 1012 -68.93 7.04 -6.46
N VAL C 1013 -68.61 6.59 -5.24
CA VAL C 1013 -69.40 5.60 -4.53
C VAL C 1013 -70.12 6.22 -3.34
N LEU C 1014 -69.41 7.00 -2.53
CA LEU C 1014 -70.01 7.73 -1.40
C LEU C 1014 -70.70 8.96 -1.96
N GLY C 1015 -71.92 8.77 -2.45
CA GLY C 1015 -72.67 9.82 -3.09
C GLY C 1015 -72.38 9.95 -4.57
N GLN C 1016 -73.22 10.72 -5.24
CA GLN C 1016 -73.08 10.96 -6.67
C GLN C 1016 -72.32 12.27 -6.90
N SER C 1017 -71.57 12.31 -8.00
CA SER C 1017 -70.76 13.46 -8.35
C SER C 1017 -71.32 14.17 -9.58
N LYS C 1018 -71.00 15.46 -9.69
CA LYS C 1018 -71.44 16.27 -10.81
C LYS C 1018 -70.37 16.51 -11.87
N ARG C 1019 -69.08 16.38 -11.52
CA ARG C 1019 -68.04 16.62 -12.50
C ARG C 1019 -67.98 15.49 -13.53
N VAL C 1020 -67.73 15.87 -14.77
CA VAL C 1020 -67.88 14.96 -15.90
C VAL C 1020 -66.54 14.37 -16.28
N ASP C 1021 -66.60 13.20 -16.94
CA ASP C 1021 -65.43 12.49 -17.49
C ASP C 1021 -64.41 12.20 -16.37
N PHE C 1022 -64.93 11.75 -15.23
CA PHE C 1022 -64.10 11.34 -14.11
C PHE C 1022 -64.24 9.87 -13.77
N CYS C 1023 -65.46 9.33 -13.84
CA CYS C 1023 -65.74 7.92 -13.58
C CYS C 1023 -66.46 7.36 -14.80
N GLY C 1024 -65.68 6.85 -15.75
CA GLY C 1024 -66.22 6.33 -16.98
C GLY C 1024 -66.51 7.41 -18.00
N LYS C 1025 -66.97 6.97 -19.17
CA LYS C 1025 -67.28 7.87 -20.27
C LYS C 1025 -68.76 8.26 -20.22
N GLY C 1026 -69.02 9.56 -20.17
CA GLY C 1026 -70.37 10.08 -20.12
C GLY C 1026 -70.71 10.66 -18.76
N TYR C 1027 -71.98 11.01 -18.61
CA TYR C 1027 -72.47 11.57 -17.35
C TYR C 1027 -72.52 10.47 -16.28
N HIS C 1028 -71.80 10.68 -15.19
CA HIS C 1028 -71.67 9.66 -14.16
C HIS C 1028 -72.82 9.75 -13.17
N LEU C 1029 -73.52 8.64 -12.98
CA LEU C 1029 -74.58 8.54 -11.98
C LEU C 1029 -74.08 7.92 -10.68
N MET C 1030 -73.58 6.69 -10.74
CA MET C 1030 -73.14 5.93 -9.58
C MET C 1030 -72.30 4.76 -10.06
N SER C 1031 -71.50 4.20 -9.14
CA SER C 1031 -70.53 3.16 -9.48
C SER C 1031 -70.57 2.03 -8.47
N PHE C 1032 -70.14 0.85 -8.93
CA PHE C 1032 -70.03 -0.34 -8.10
C PHE C 1032 -68.57 -0.70 -7.85
N PRO C 1033 -68.07 -0.63 -6.62
CA PRO C 1033 -66.75 -1.16 -6.30
C PRO C 1033 -66.78 -2.65 -6.03
N GLN C 1034 -65.78 -3.35 -6.56
CA GLN C 1034 -65.70 -4.80 -6.43
C GLN C 1034 -64.27 -5.21 -6.08
N SER C 1035 -64.14 -6.40 -5.50
CA SER C 1035 -62.85 -6.88 -5.04
C SER C 1035 -61.97 -7.33 -6.20
N ALA C 1036 -60.66 -7.20 -6.00
CA ALA C 1036 -59.68 -7.63 -6.99
C ALA C 1036 -58.36 -7.86 -6.27
N PRO C 1037 -57.54 -8.81 -6.72
CA PRO C 1037 -56.21 -8.99 -6.12
C PRO C 1037 -55.30 -7.82 -6.48
N HIS C 1038 -54.73 -7.19 -5.44
CA HIS C 1038 -53.79 -6.08 -5.55
C HIS C 1038 -54.38 -4.89 -6.33
N GLY C 1039 -55.67 -4.66 -6.21
CA GLY C 1039 -56.30 -3.56 -6.91
C GLY C 1039 -57.79 -3.55 -6.66
N VAL C 1040 -58.46 -2.61 -7.32
CA VAL C 1040 -59.91 -2.47 -7.24
C VAL C 1040 -60.45 -2.25 -8.64
N VAL C 1041 -61.64 -2.79 -8.90
CA VAL C 1041 -62.31 -2.67 -10.18
C VAL C 1041 -63.65 -1.98 -9.97
N PHE C 1042 -63.99 -1.08 -10.87
CA PHE C 1042 -65.20 -0.27 -10.76
C PHE C 1042 -66.16 -0.58 -11.90
N LEU C 1043 -67.45 -0.39 -11.65
CA LEU C 1043 -68.51 -0.56 -12.64
C LEU C 1043 -69.26 0.77 -12.75
N HIS C 1044 -68.79 1.63 -13.66
CA HIS C 1044 -69.33 2.97 -13.80
C HIS C 1044 -70.61 2.93 -14.62
N VAL C 1045 -71.73 3.34 -14.00
CA VAL C 1045 -73.01 3.43 -14.69
C VAL C 1045 -73.15 4.85 -15.23
N THR C 1046 -73.32 4.96 -16.54
CA THR C 1046 -73.30 6.25 -17.22
C THR C 1046 -74.60 6.47 -18.00
N TYR C 1047 -74.79 7.72 -18.41
CA TYR C 1047 -75.93 8.15 -19.21
C TYR C 1047 -75.44 8.47 -20.60
N VAL C 1048 -75.89 7.71 -21.59
CA VAL C 1048 -75.45 7.89 -22.97
C VAL C 1048 -76.63 8.34 -23.82
N PRO C 1049 -76.73 9.62 -24.15
CA PRO C 1049 -77.83 10.08 -25.01
C PRO C 1049 -77.62 9.69 -26.46
N ALA C 1050 -78.74 9.58 -27.18
CA ALA C 1050 -78.75 9.22 -28.59
C ALA C 1050 -80.05 9.71 -29.20
N GLN C 1051 -80.31 9.29 -30.44
CA GLN C 1051 -81.52 9.60 -31.22
C GLN C 1051 -81.71 11.12 -31.35
N GLU C 1052 -80.75 11.72 -32.04
CA GLU C 1052 -80.74 13.16 -32.25
C GLU C 1052 -81.78 13.57 -33.30
N LYS C 1053 -82.15 14.85 -33.27
CA LYS C 1053 -83.12 15.38 -34.22
C LYS C 1053 -82.89 16.88 -34.35
N ASN C 1054 -82.90 17.37 -35.58
CA ASN C 1054 -82.69 18.79 -35.83
C ASN C 1054 -83.93 19.60 -35.44
N PHE C 1055 -83.69 20.77 -34.85
CA PHE C 1055 -84.77 21.64 -34.41
C PHE C 1055 -84.30 23.10 -34.48
N THR C 1056 -85.27 24.00 -34.48
CA THR C 1056 -85.01 25.43 -34.49
C THR C 1056 -85.26 26.01 -33.10
N THR C 1057 -84.41 26.97 -32.71
CA THR C 1057 -84.47 27.55 -31.37
C THR C 1057 -84.55 29.07 -31.47
N ALA C 1058 -84.75 29.69 -30.30
CA ALA C 1058 -84.76 31.14 -30.14
C ALA C 1058 -84.34 31.46 -28.72
N PRO C 1059 -83.49 32.47 -28.50
CA PRO C 1059 -83.06 32.76 -27.13
C PRO C 1059 -84.16 33.30 -26.23
N ALA C 1060 -85.14 34.00 -26.78
CA ALA C 1060 -86.20 34.61 -25.99
C ALA C 1060 -87.45 34.74 -26.84
N ILE C 1061 -88.56 35.15 -26.20
CA ILE C 1061 -89.83 35.37 -26.86
C ILE C 1061 -90.42 36.67 -26.32
N CYS C 1062 -90.89 37.53 -27.22
CA CYS C 1062 -91.50 38.80 -26.84
C CYS C 1062 -93.01 38.70 -26.99
N HIS C 1063 -93.72 38.88 -25.88
CA HIS C 1063 -95.18 38.82 -25.86
C HIS C 1063 -95.73 40.09 -25.23
N ASP C 1064 -96.69 40.70 -25.92
CA ASP C 1064 -97.37 41.93 -25.48
C ASP C 1064 -96.39 43.06 -25.20
N GLY C 1065 -95.33 43.16 -26.00
CA GLY C 1065 -94.33 44.19 -25.81
C GLY C 1065 -93.36 43.95 -24.68
N LYS C 1066 -93.39 42.77 -24.05
CA LYS C 1066 -92.51 42.44 -22.95
C LYS C 1066 -91.73 41.18 -23.27
N ALA C 1067 -90.48 41.16 -22.82
CA ALA C 1067 -89.59 40.03 -23.08
C ALA C 1067 -89.84 38.92 -22.06
N HIS C 1068 -89.66 37.68 -22.51
CA HIS C 1068 -89.83 36.51 -21.68
C HIS C 1068 -88.60 35.62 -21.81
N PHE C 1069 -88.22 34.96 -20.72
CA PHE C 1069 -87.05 34.11 -20.68
C PHE C 1069 -87.41 32.76 -20.08
N PRO C 1070 -86.76 31.68 -20.51
CA PRO C 1070 -87.05 30.37 -19.92
C PRO C 1070 -86.57 30.27 -18.49
N ARG C 1071 -87.33 29.55 -17.67
CA ARG C 1071 -86.95 29.35 -16.28
C ARG C 1071 -85.71 28.47 -16.16
N GLU C 1072 -85.73 27.31 -16.82
CA GLU C 1072 -84.58 26.42 -16.82
C GLU C 1072 -84.29 25.80 -18.18
N GLY C 1073 -85.18 25.88 -19.15
CA GLY C 1073 -85.00 25.18 -20.41
C GLY C 1073 -84.74 26.06 -21.61
N VAL C 1074 -85.33 25.70 -22.75
CA VAL C 1074 -85.07 26.38 -24.01
C VAL C 1074 -86.32 26.29 -24.87
N PHE C 1075 -86.57 27.33 -25.66
CA PHE C 1075 -87.69 27.35 -26.59
C PHE C 1075 -87.33 26.56 -27.85
N VAL C 1076 -88.17 25.58 -28.17
CA VAL C 1076 -87.94 24.68 -29.30
C VAL C 1076 -89.21 24.62 -30.14
N SER C 1077 -89.05 24.66 -31.46
CA SER C 1077 -90.17 24.55 -32.39
C SER C 1077 -89.77 23.66 -33.56
N ASN C 1078 -90.55 22.61 -33.78
CA ASN C 1078 -90.35 21.77 -34.96
C ASN C 1078 -90.68 22.55 -36.24
N GLY C 1079 -91.85 23.16 -36.29
CA GLY C 1079 -92.25 24.01 -37.38
C GLY C 1079 -92.47 25.44 -36.92
N THR C 1080 -93.74 25.82 -36.75
CA THR C 1080 -94.10 27.14 -36.26
C THR C 1080 -94.60 27.14 -34.82
N HIS C 1081 -95.00 26.00 -34.28
CA HIS C 1081 -95.51 25.92 -32.92
C HIS C 1081 -94.33 25.79 -31.95
N TRP C 1082 -94.21 26.74 -31.03
CA TRP C 1082 -93.09 26.78 -30.10
C TRP C 1082 -93.42 26.01 -28.82
N PHE C 1083 -92.41 25.35 -28.28
CA PHE C 1083 -92.56 24.55 -27.07
C PHE C 1083 -91.32 24.70 -26.21
N VAL C 1084 -91.43 24.28 -24.94
CA VAL C 1084 -90.31 24.28 -24.02
C VAL C 1084 -89.98 22.86 -23.64
N THR C 1085 -88.72 22.65 -23.23
CA THR C 1085 -88.24 21.33 -22.84
C THR C 1085 -87.00 21.52 -21.97
N GLN C 1086 -86.58 20.43 -21.34
CA GLN C 1086 -85.40 20.45 -20.48
C GLN C 1086 -84.13 20.33 -21.32
N ARG C 1087 -82.99 20.12 -20.66
CA ARG C 1087 -81.71 20.20 -21.35
C ARG C 1087 -81.40 18.93 -22.15
N ASN C 1088 -81.31 17.79 -21.49
CA ASN C 1088 -80.81 16.57 -22.12
C ASN C 1088 -81.92 15.63 -22.58
N PHE C 1089 -83.18 15.99 -22.42
CA PHE C 1089 -84.29 15.14 -22.84
C PHE C 1089 -85.31 15.97 -23.61
N TYR C 1090 -85.97 15.32 -24.57
CA TYR C 1090 -86.97 15.98 -25.40
C TYR C 1090 -88.37 15.51 -25.02
N GLU C 1091 -89.22 16.47 -24.62
CA GLU C 1091 -90.65 16.27 -24.45
C GLU C 1091 -91.35 17.62 -24.55
N PRO C 1092 -92.42 17.72 -25.33
CA PRO C 1092 -93.07 19.03 -25.53
C PRO C 1092 -93.91 19.43 -24.32
N GLN C 1093 -93.83 20.72 -23.97
CA GLN C 1093 -94.62 21.29 -22.91
C GLN C 1093 -95.19 22.63 -23.36
N ILE C 1094 -96.34 22.99 -22.78
CA ILE C 1094 -97.00 24.25 -23.13
C ILE C 1094 -96.30 25.40 -22.43
N ILE C 1095 -96.02 26.45 -23.19
CA ILE C 1095 -95.37 27.64 -22.64
C ILE C 1095 -96.38 28.40 -21.79
N THR C 1096 -96.10 28.52 -20.49
CA THR C 1096 -96.99 29.18 -19.54
C THR C 1096 -96.24 30.31 -18.84
N THR C 1097 -96.95 30.97 -17.92
CA THR C 1097 -96.37 32.08 -17.16
C THR C 1097 -95.47 31.60 -16.04
N ASP C 1098 -95.81 30.46 -15.42
CA ASP C 1098 -95.10 30.00 -14.23
C ASP C 1098 -93.66 29.58 -14.52
N ASN C 1099 -93.37 29.16 -15.74
CA ASN C 1099 -92.02 28.78 -16.13
C ASN C 1099 -91.31 29.88 -16.94
N THR C 1100 -91.67 31.14 -16.69
CA THR C 1100 -91.04 32.26 -17.38
C THR C 1100 -91.14 33.49 -16.49
N PHE C 1101 -90.39 34.53 -16.85
CA PHE C 1101 -90.41 35.78 -16.12
C PHE C 1101 -90.14 36.92 -17.09
N VAL C 1102 -90.51 38.13 -16.67
CA VAL C 1102 -90.38 39.32 -17.50
C VAL C 1102 -89.23 40.16 -16.96
N SER C 1103 -88.28 40.48 -17.84
CA SER C 1103 -87.12 41.29 -17.45
C SER C 1103 -86.64 42.03 -18.70
N GLY C 1104 -86.92 43.33 -18.76
CA GLY C 1104 -86.54 44.12 -19.91
C GLY C 1104 -87.52 43.98 -21.06
N ASN C 1105 -87.21 44.68 -22.15
CA ASN C 1105 -88.04 44.69 -23.35
C ASN C 1105 -87.38 43.88 -24.46
N CYS C 1106 -88.16 43.63 -25.51
CA CYS C 1106 -87.69 42.87 -26.67
C CYS C 1106 -87.11 43.80 -27.74
N ASP C 1107 -86.13 44.60 -27.31
CA ASP C 1107 -85.51 45.57 -28.21
C ASP C 1107 -83.99 45.40 -28.25
N VAL C 1108 -83.40 45.05 -27.11
CA VAL C 1108 -81.95 44.88 -27.04
C VAL C 1108 -81.51 43.47 -27.44
N VAL C 1109 -82.40 42.49 -27.34
CA VAL C 1109 -82.03 41.11 -27.68
C VAL C 1109 -81.99 40.93 -29.19
N ILE C 1110 -81.38 39.84 -29.62
CA ILE C 1110 -81.26 39.49 -31.03
C ILE C 1110 -81.82 38.09 -31.23
N GLY C 1111 -82.32 37.83 -32.44
CA GLY C 1111 -82.84 36.52 -32.78
C GLY C 1111 -84.13 36.15 -32.08
N ILE C 1112 -84.89 37.13 -31.61
CA ILE C 1112 -86.14 36.86 -30.89
C ILE C 1112 -87.25 36.63 -31.91
N VAL C 1113 -88.17 35.73 -31.56
CA VAL C 1113 -89.28 35.38 -32.43
C VAL C 1113 -90.57 35.96 -31.83
N ASN C 1114 -91.65 35.89 -32.62
CA ASN C 1114 -92.94 36.42 -32.22
C ASN C 1114 -93.93 35.28 -32.05
N ASN C 1115 -94.40 35.08 -30.82
CA ASN C 1115 -95.41 34.08 -30.53
C ASN C 1115 -96.12 34.49 -29.24
N THR C 1116 -97.33 33.97 -29.06
CA THR C 1116 -98.10 34.24 -27.87
C THR C 1116 -97.72 33.29 -26.75
N VAL C 1117 -98.02 33.70 -25.52
CA VAL C 1117 -97.78 32.91 -24.32
C VAL C 1117 -99.13 32.62 -23.67
N TYR C 1118 -99.43 31.34 -23.48
CA TYR C 1118 -100.69 30.94 -22.88
C TYR C 1118 -100.64 31.21 -21.38
N ASP C 1119 -101.57 32.04 -20.89
CA ASP C 1119 -101.55 32.51 -19.51
C ASP C 1119 -102.39 31.59 -18.65
N PRO C 1120 -101.82 30.95 -17.63
CA PRO C 1120 -102.63 30.19 -16.68
C PRO C 1120 -103.48 31.12 -15.82
N LEU C 1121 -104.42 30.53 -15.09
CA LEU C 1121 -105.31 31.30 -14.20
C LEU C 1121 -106.04 32.42 -14.92
N GLN C 1122 -105.98 32.43 -16.24
CA GLN C 1122 -106.71 33.43 -17.00
C GLN C 1122 -108.12 32.98 -17.36
N PRO C 1123 -108.25 31.76 -17.93
CA PRO C 1123 -109.57 31.31 -18.35
C PRO C 1123 -110.34 30.51 -17.28
N GLU C 1124 -109.77 30.39 -16.08
CA GLU C 1124 -110.42 29.65 -15.01
C GLU C 1124 -111.07 30.56 -13.98
N LEU C 1125 -110.60 31.81 -13.85
CA LEU C 1125 -111.18 32.74 -12.89
C LEU C 1125 -112.30 33.58 -13.47
N ASP C 1126 -112.60 33.44 -14.77
CA ASP C 1126 -113.66 34.24 -15.38
C ASP C 1126 -115.05 33.79 -14.94
N SER C 1127 -115.20 32.54 -14.52
CA SER C 1127 -116.50 32.03 -14.09
C SER C 1127 -116.41 31.41 -12.70
N PRO D 2 30.89 -36.88 -40.92
CA PRO D 2 31.92 -37.63 -41.65
C PRO D 2 33.32 -37.14 -41.32
N VAL D 3 34.16 -36.99 -42.37
CA VAL D 3 35.51 -36.47 -42.22
C VAL D 3 35.55 -35.06 -42.77
N LEU D 4 36.29 -34.19 -42.10
CA LEU D 4 36.37 -32.78 -42.49
C LEU D 4 37.43 -32.59 -43.58
N THR D 5 37.23 -31.56 -44.40
CA THR D 5 38.11 -31.26 -45.52
C THR D 5 38.98 -30.07 -45.14
N GLN D 6 40.26 -30.32 -44.88
CA GLN D 6 41.24 -29.30 -44.57
C GLN D 6 42.51 -29.62 -45.33
N PRO D 7 43.22 -28.61 -45.83
CA PRO D 7 44.49 -28.87 -46.54
C PRO D 7 45.56 -29.39 -45.59
N PRO D 8 46.04 -30.62 -45.81
CA PRO D 8 47.03 -31.19 -44.90
C PRO D 8 48.45 -30.68 -45.16
N SER D 9 48.77 -30.40 -46.42
CA SER D 9 50.12 -29.98 -46.80
C SER D 9 50.27 -28.46 -46.70
N ALA D 10 50.21 -27.97 -45.46
CA ALA D 10 50.39 -26.56 -45.16
C ALA D 10 51.79 -26.36 -44.59
N SER D 11 52.57 -25.50 -45.24
CA SER D 11 53.94 -25.22 -44.82
C SER D 11 54.32 -23.83 -45.26
N GLY D 12 55.55 -23.43 -44.94
CA GLY D 12 56.06 -22.13 -45.30
C GLY D 12 57.19 -21.68 -44.40
N PRO D 13 58.01 -20.74 -44.89
CA PRO D 13 59.09 -20.21 -44.06
C PRO D 13 58.53 -19.36 -42.93
N PRO D 14 59.23 -19.27 -41.81
CA PRO D 14 58.74 -18.43 -40.71
C PRO D 14 58.88 -16.94 -41.04
N GLY D 15 58.03 -16.15 -40.38
CA GLY D 15 57.98 -14.73 -40.61
C GLY D 15 56.79 -14.24 -41.40
N GLN D 16 55.89 -15.14 -41.81
CA GLN D 16 54.69 -14.74 -42.53
C GLN D 16 53.45 -15.38 -41.92
N SER D 17 52.31 -15.24 -42.57
CA SER D 17 51.04 -15.74 -42.05
C SER D 17 50.49 -16.83 -42.98
N VAL D 18 50.10 -17.95 -42.39
CA VAL D 18 49.50 -19.06 -43.10
C VAL D 18 48.08 -19.27 -42.57
N SER D 19 47.11 -19.28 -43.47
CA SER D 19 45.71 -19.41 -43.10
C SER D 19 45.17 -20.76 -43.56
N ILE D 20 44.42 -21.42 -42.68
CA ILE D 20 43.80 -22.70 -42.96
C ILE D 20 42.31 -22.61 -42.65
N SER D 21 41.48 -23.19 -43.51
CA SER D 21 40.04 -23.16 -43.36
C SER D 21 39.50 -24.58 -43.21
N CYS D 22 38.56 -24.76 -42.29
CA CYS D 22 37.96 -26.05 -42.01
C CYS D 22 36.59 -26.11 -42.68
N SER D 23 36.50 -26.88 -43.77
CA SER D 23 35.23 -27.07 -44.45
C SER D 23 34.32 -27.99 -43.65
N GLY D 24 33.02 -27.77 -43.77
CA GLY D 24 32.06 -28.57 -43.03
C GLY D 24 30.67 -28.40 -43.60
N SER D 25 29.72 -29.11 -43.00
CA SER D 25 28.34 -29.08 -43.45
C SER D 25 27.60 -27.95 -42.75
N ARG D 26 26.27 -27.89 -42.94
CA ARG D 26 25.49 -26.79 -42.38
C ARG D 26 25.36 -26.93 -40.87
N SER D 27 25.07 -28.14 -40.39
CA SER D 27 24.86 -28.36 -38.96
C SER D 27 26.15 -28.41 -38.17
N ASN D 28 27.30 -28.56 -38.82
CA ASN D 28 28.57 -28.66 -38.10
C ASN D 28 29.10 -27.30 -37.68
N ILE D 29 29.16 -26.36 -38.62
CA ILE D 29 29.70 -25.03 -38.36
C ILE D 29 28.58 -24.02 -38.55
N GLY D 30 28.33 -23.22 -37.51
CA GLY D 30 27.32 -22.18 -37.58
C GLY D 30 26.24 -22.33 -36.53
N THR D 31 25.80 -23.56 -36.29
CA THR D 31 24.83 -23.85 -35.25
C THR D 31 25.49 -24.39 -33.98
N ASN D 32 26.80 -24.61 -34.01
CA ASN D 32 27.54 -25.14 -32.88
C ASN D 32 28.80 -24.31 -32.70
N PHE D 33 29.54 -24.61 -31.63
CA PHE D 33 30.79 -23.91 -31.32
C PHE D 33 31.95 -24.81 -31.69
N VAL D 34 32.82 -24.33 -32.58
CA VAL D 34 33.94 -25.11 -33.06
C VAL D 34 35.14 -24.92 -32.13
N TYR D 35 35.96 -25.95 -32.02
CA TYR D 35 37.16 -25.94 -31.19
C TYR D 35 38.36 -26.33 -32.04
N TRP D 36 39.56 -26.16 -31.47
CA TRP D 36 40.81 -26.48 -32.15
C TRP D 36 41.71 -27.24 -31.21
N TYR D 37 42.13 -28.44 -31.63
CA TYR D 37 43.01 -29.27 -30.82
C TYR D 37 44.34 -29.49 -31.54
N GLN D 38 45.42 -29.25 -30.81
CA GLN D 38 46.76 -29.63 -31.24
C GLN D 38 47.19 -30.86 -30.47
N GLN D 39 47.67 -31.88 -31.18
CA GLN D 39 48.07 -33.14 -30.57
C GLN D 39 49.54 -33.39 -30.82
N LEU D 40 50.18 -34.11 -29.89
CA LEU D 40 51.57 -34.49 -30.02
C LEU D 40 51.69 -36.01 -30.12
N PRO D 41 52.67 -36.53 -30.86
CA PRO D 41 52.81 -37.99 -30.98
C PRO D 41 53.33 -38.59 -29.67
N GLY D 42 52.63 -39.62 -29.20
CA GLY D 42 53.02 -40.31 -27.99
C GLY D 42 52.64 -39.61 -26.70
N ALA D 43 51.84 -38.54 -26.76
CA ALA D 43 51.46 -37.80 -25.57
C ALA D 43 50.05 -37.27 -25.75
N ALA D 44 49.53 -36.64 -24.70
CA ALA D 44 48.19 -36.09 -24.73
C ALA D 44 48.14 -34.82 -25.58
N PRO D 45 46.99 -34.52 -26.21
CA PRO D 45 46.86 -33.26 -26.98
C PRO D 45 46.81 -32.02 -26.11
N LYS D 46 46.63 -30.86 -26.73
CA LYS D 46 46.52 -29.60 -26.00
C LYS D 46 45.44 -28.71 -26.62
N LEU D 47 44.87 -27.85 -25.79
CA LEU D 47 43.81 -26.91 -26.17
C LEU D 47 44.35 -25.50 -26.36
N LEU D 48 43.97 -24.87 -27.48
CA LEU D 48 44.32 -23.49 -27.77
C LEU D 48 43.10 -22.59 -27.97
N ILE D 49 42.14 -23.02 -28.80
CA ILE D 49 40.97 -22.20 -29.13
C ILE D 49 39.71 -23.00 -28.80
N TYR D 50 38.78 -22.38 -28.07
CA TYR D 50 37.46 -22.94 -27.85
C TYR D 50 36.46 -21.80 -27.69
N LYS D 51 35.34 -21.91 -28.41
CA LYS D 51 34.31 -20.88 -28.57
C LYS D 51 34.84 -19.59 -29.19
N ASN D 52 36.05 -19.61 -29.74
CA ASN D 52 36.65 -18.60 -30.61
C ASN D 52 36.81 -17.22 -29.96
N ASP D 53 36.55 -17.06 -28.65
CA ASP D 53 36.63 -15.75 -28.03
C ASP D 53 37.32 -15.72 -26.68
N GLN D 54 37.51 -16.85 -26.00
CA GLN D 54 38.16 -16.86 -24.70
C GLN D 54 39.24 -17.93 -24.70
N ARG D 55 40.36 -17.64 -24.04
CA ARG D 55 41.56 -18.45 -24.16
C ARG D 55 41.90 -19.13 -22.83
N PRO D 56 42.54 -20.31 -22.86
CA PRO D 56 42.92 -20.96 -21.61
C PRO D 56 44.11 -20.30 -20.93
N SER D 57 44.55 -20.88 -19.80
CA SER D 57 45.70 -20.37 -19.08
C SER D 57 46.99 -20.91 -19.71
N GLY D 58 47.92 -20.02 -20.00
CA GLY D 58 49.18 -20.39 -20.62
C GLY D 58 49.17 -20.41 -22.13
N VAL D 59 48.01 -20.22 -22.76
CA VAL D 59 47.92 -20.19 -24.22
C VAL D 59 48.24 -18.78 -24.70
N PRO D 60 49.17 -18.62 -25.64
CA PRO D 60 49.54 -17.28 -26.09
C PRO D 60 48.44 -16.62 -26.91
N GLU D 61 48.47 -15.29 -26.92
CA GLU D 61 47.48 -14.51 -27.65
C GLU D 61 47.72 -14.56 -29.15
N ARG D 62 48.93 -14.93 -29.57
CA ARG D 62 49.31 -14.91 -30.98
C ARG D 62 48.51 -15.90 -31.84
N PHE D 63 47.97 -16.96 -31.23
CA PHE D 63 47.08 -17.85 -31.95
C PHE D 63 45.77 -17.14 -32.27
N PHE D 64 45.29 -17.32 -33.50
CA PHE D 64 44.09 -16.62 -33.97
C PHE D 64 43.19 -17.62 -34.67
N GLY D 65 42.05 -17.92 -34.07
CA GLY D 65 41.05 -18.77 -34.69
C GLY D 65 39.64 -18.26 -34.44
N SER D 66 38.90 -18.01 -35.52
CA SER D 66 37.55 -17.47 -35.40
C SER D 66 36.72 -17.94 -36.57
N LYS D 67 35.40 -17.90 -36.40
CA LYS D 67 34.44 -18.29 -37.42
C LYS D 67 33.68 -17.06 -37.90
N SER D 68 33.42 -16.99 -39.21
CA SER D 68 32.70 -15.86 -39.77
C SER D 68 31.65 -16.29 -40.80
N GLY D 69 31.26 -17.58 -40.79
CA GLY D 69 30.28 -18.07 -41.74
C GLY D 69 30.01 -19.54 -41.60
N THR D 70 29.94 -20.25 -42.72
CA THR D 70 29.68 -21.68 -42.73
C THR D 70 30.96 -22.51 -42.59
N SER D 71 32.12 -21.87 -42.49
CA SER D 71 33.39 -22.59 -42.39
C SER D 71 34.33 -21.76 -41.53
N ALA D 72 34.77 -22.34 -40.41
CA ALA D 72 35.71 -21.64 -39.54
C ALA D 72 37.11 -21.63 -40.16
N SER D 73 37.90 -20.64 -39.76
CA SER D 73 39.24 -20.48 -40.28
C SER D 73 40.20 -20.17 -39.13
N LEU D 74 41.46 -20.54 -39.33
CA LEU D 74 42.52 -20.28 -38.35
C LEU D 74 43.76 -19.79 -39.08
N ALA D 75 44.50 -18.90 -38.42
CA ALA D 75 45.72 -18.33 -38.98
C ALA D 75 46.85 -18.47 -37.97
N ILE D 76 48.05 -18.71 -38.48
CA ILE D 76 49.24 -18.85 -37.64
C ILE D 76 50.26 -17.81 -38.09
N SER D 77 51.11 -17.40 -37.14
CA SER D 77 52.15 -16.41 -37.42
C SER D 77 53.32 -16.68 -36.49
N GLY D 78 54.47 -17.03 -37.08
CA GLY D 78 55.64 -17.38 -36.29
C GLY D 78 55.78 -18.88 -36.13
N LEU D 79 56.74 -19.47 -36.82
CA LEU D 79 56.93 -20.92 -36.84
C LEU D 79 58.28 -21.23 -36.20
N ARG D 80 58.30 -21.34 -34.86
CA ARG D 80 59.49 -21.75 -34.14
C ARG D 80 59.30 -23.08 -33.43
N SER D 81 58.30 -23.18 -32.55
CA SER D 81 58.00 -24.42 -31.86
C SER D 81 56.51 -24.73 -31.82
N GLU D 82 55.65 -23.71 -31.89
CA GLU D 82 54.22 -23.92 -31.74
C GLU D 82 53.57 -24.50 -32.99
N ASP D 83 54.24 -24.44 -34.14
CA ASP D 83 53.70 -24.96 -35.39
C ASP D 83 54.51 -26.14 -35.91
N GLU D 84 55.08 -26.94 -35.00
CA GLU D 84 55.90 -28.08 -35.38
C GLU D 84 55.10 -29.37 -35.54
N VAL D 85 53.82 -29.39 -35.15
CA VAL D 85 53.03 -30.62 -35.17
C VAL D 85 51.62 -30.24 -35.62
N ASP D 86 50.87 -31.23 -36.09
CA ASP D 86 49.59 -31.01 -36.75
C ASP D 86 48.51 -30.55 -35.75
N TYR D 87 47.48 -29.92 -36.31
CA TYR D 87 46.31 -29.46 -35.57
C TYR D 87 45.08 -30.24 -35.99
N TYR D 88 44.02 -30.12 -35.20
CA TYR D 88 42.75 -30.79 -35.47
C TYR D 88 41.61 -29.79 -35.41
N CYS D 89 40.67 -29.94 -36.34
CA CYS D 89 39.47 -29.11 -36.37
C CYS D 89 38.36 -29.83 -35.63
N ALA D 90 37.94 -29.29 -34.49
CA ALA D 90 36.99 -29.92 -33.60
C ALA D 90 35.65 -29.20 -33.69
N ALA D 91 34.58 -29.98 -33.88
CA ALA D 91 33.23 -29.43 -33.98
C ALA D 91 32.23 -30.52 -33.61
N TRP D 92 30.96 -30.12 -33.53
CA TRP D 92 29.87 -31.04 -33.21
C TRP D 92 28.75 -30.86 -34.21
N ASP D 93 28.06 -31.95 -34.51
CA ASP D 93 26.98 -31.94 -35.50
C ASP D 93 26.00 -33.06 -35.20
N ASP D 94 24.85 -33.02 -35.87
CA ASP D 94 23.82 -34.03 -35.75
C ASP D 94 23.84 -35.04 -36.90
N SER D 95 24.88 -35.01 -37.74
CA SER D 95 24.99 -35.98 -38.81
C SER D 95 25.25 -37.39 -38.28
N LEU D 96 25.99 -37.50 -37.17
CA LEU D 96 26.22 -38.78 -36.52
C LEU D 96 25.91 -38.73 -35.04
N SER D 97 25.28 -37.64 -34.56
CA SER D 97 24.97 -37.41 -33.15
C SER D 97 26.23 -37.49 -32.28
N GLY D 98 27.31 -36.87 -32.75
CA GLY D 98 28.55 -36.91 -32.00
C GLY D 98 29.51 -35.85 -32.48
N HIS D 99 30.63 -35.75 -31.77
CA HIS D 99 31.70 -34.80 -32.06
C HIS D 99 32.46 -35.24 -33.31
N VAL D 100 33.08 -34.28 -33.99
CA VAL D 100 33.89 -34.57 -35.17
C VAL D 100 35.28 -33.98 -34.97
N PHE D 101 36.26 -34.63 -35.59
CA PHE D 101 37.67 -34.25 -35.46
C PHE D 101 38.26 -33.97 -36.84
N GLY D 102 39.34 -33.20 -36.84
CA GLY D 102 40.01 -32.88 -38.09
C GLY D 102 40.83 -34.05 -38.61
N ALA D 103 41.25 -33.93 -39.86
CA ALA D 103 42.06 -34.94 -40.51
C ALA D 103 43.56 -34.74 -40.30
N GLY D 104 43.97 -33.61 -39.73
CA GLY D 104 45.38 -33.35 -39.50
C GLY D 104 45.99 -32.38 -40.49
N THR D 105 46.37 -31.20 -40.01
CA THR D 105 47.01 -30.17 -40.84
C THR D 105 48.51 -30.25 -40.58
N LYS D 106 49.20 -31.01 -41.44
CA LYS D 106 50.62 -31.31 -41.22
C LYS D 106 51.49 -30.08 -41.47
N VAL D 107 51.78 -29.34 -40.41
CA VAL D 107 52.63 -28.15 -40.47
C VAL D 107 53.86 -28.41 -39.61
N THR D 108 55.04 -28.20 -40.18
CA THR D 108 56.31 -28.36 -39.49
C THR D 108 57.02 -27.01 -39.41
N VAL D 109 58.25 -27.04 -38.90
CA VAL D 109 59.08 -25.84 -38.78
C VAL D 109 60.01 -25.78 -39.99
N LEU D 110 60.21 -24.57 -40.51
CA LEU D 110 61.07 -24.38 -41.67
C LEU D 110 62.23 -23.45 -41.32
N GLY D 118 66.94 -24.74 -48.91
CA GLY D 118 66.49 -25.91 -48.19
C GLY D 118 67.59 -26.93 -47.94
N GLN D 119 67.19 -28.16 -47.64
CA GLN D 119 68.15 -29.22 -47.39
C GLN D 119 68.78 -29.68 -48.70
N PRO D 120 70.11 -29.73 -48.80
CA PRO D 120 70.74 -30.13 -50.05
C PRO D 120 70.52 -31.60 -50.38
N LYS D 121 70.58 -31.91 -51.67
CA LYS D 121 70.44 -33.28 -52.14
C LYS D 121 71.72 -34.07 -51.91
N ALA D 122 71.62 -35.39 -52.04
CA ALA D 122 72.76 -36.27 -51.83
C ALA D 122 72.60 -37.51 -52.68
N ALA D 123 73.71 -37.97 -53.26
CA ALA D 123 73.72 -39.20 -54.06
C ALA D 123 73.68 -40.42 -53.14
N PRO D 124 72.83 -41.40 -53.44
CA PRO D 124 72.72 -42.58 -52.57
C PRO D 124 73.95 -43.47 -52.67
N SER D 125 74.19 -44.23 -51.59
CA SER D 125 75.29 -45.17 -51.50
C SER D 125 74.73 -46.53 -51.10
N VAL D 126 74.66 -47.45 -52.05
CA VAL D 126 74.11 -48.78 -51.80
C VAL D 126 75.11 -49.61 -51.02
N THR D 127 74.62 -50.34 -50.02
CA THR D 127 75.42 -51.24 -49.19
C THR D 127 74.76 -52.61 -49.22
N LEU D 128 75.15 -53.45 -50.17
CA LEU D 128 74.63 -54.80 -50.29
C LEU D 128 75.39 -55.74 -49.37
N PHE D 129 74.67 -56.46 -48.52
CA PHE D 129 75.26 -57.41 -47.59
C PHE D 129 74.82 -58.82 -47.94
N PRO D 130 75.69 -59.64 -48.54
CA PRO D 130 75.30 -61.01 -48.86
C PRO D 130 75.15 -61.84 -47.60
N PRO D 131 74.29 -62.86 -47.63
CA PRO D 131 74.14 -63.72 -46.45
C PRO D 131 75.38 -64.56 -46.19
N SER D 132 75.58 -64.91 -44.93
CA SER D 132 76.74 -65.67 -44.52
C SER D 132 76.59 -67.15 -44.91
N SER D 133 77.68 -67.89 -44.75
CA SER D 133 77.70 -69.31 -45.09
C SER D 133 76.93 -70.17 -44.09
N GLU D 134 76.59 -69.64 -42.92
CA GLU D 134 75.81 -70.42 -41.95
C GLU D 134 74.38 -70.61 -42.42
N GLU D 135 73.85 -69.66 -43.20
CA GLU D 135 72.53 -69.85 -43.80
C GLU D 135 72.59 -70.83 -44.97
N LEU D 136 73.74 -70.94 -45.64
CA LEU D 136 73.87 -71.85 -46.77
C LEU D 136 73.73 -73.30 -46.35
N GLN D 137 74.34 -73.67 -45.21
CA GLN D 137 74.19 -75.02 -44.69
C GLN D 137 72.85 -75.24 -43.99
N ALA D 138 72.10 -74.18 -43.72
CA ALA D 138 70.77 -74.28 -43.11
C ALA D 138 69.65 -74.19 -44.14
N ASN D 139 70.00 -74.22 -45.44
CA ASN D 139 69.03 -74.18 -46.55
C ASN D 139 68.16 -72.93 -46.50
N LYS D 140 68.82 -71.77 -46.38
CA LYS D 140 68.11 -70.50 -46.36
C LYS D 140 69.03 -69.42 -46.92
N ALA D 141 68.43 -68.32 -47.37
CA ALA D 141 69.18 -67.18 -47.87
C ALA D 141 68.34 -65.92 -47.63
N THR D 142 68.64 -65.22 -46.54
CA THR D 142 67.95 -63.97 -46.19
C THR D 142 68.80 -62.82 -46.73
N LEU D 143 68.49 -62.41 -47.96
CA LEU D 143 69.23 -61.32 -48.59
C LEU D 143 68.84 -60.00 -47.97
N VAL D 144 69.83 -59.18 -47.62
CA VAL D 144 69.61 -57.91 -46.96
C VAL D 144 70.40 -56.83 -47.70
N CYS D 145 69.81 -55.65 -47.83
CA CYS D 145 70.41 -54.57 -48.63
C CYS D 145 69.87 -53.24 -48.11
N LEU D 146 70.77 -52.35 -47.69
CA LEU D 146 70.38 -51.05 -47.15
C LEU D 146 71.01 -49.94 -47.98
N ILE D 147 70.20 -48.91 -48.25
CA ILE D 147 70.62 -47.74 -49.01
C ILE D 147 70.30 -46.51 -48.18
N SER D 148 71.28 -45.62 -48.01
CA SER D 148 71.10 -44.42 -47.19
C SER D 148 71.76 -43.24 -47.91
N ASP D 149 71.86 -42.12 -47.18
CA ASP D 149 72.54 -40.89 -47.62
C ASP D 149 71.90 -40.31 -48.89
N PHE D 150 70.63 -39.96 -48.78
CA PHE D 150 69.91 -39.33 -49.88
C PHE D 150 68.76 -38.50 -49.31
N TYR D 151 68.34 -37.50 -50.09
CA TYR D 151 67.22 -36.63 -49.74
C TYR D 151 66.68 -35.97 -51.00
N PRO D 152 65.35 -35.97 -51.22
CA PRO D 152 64.32 -36.58 -50.38
C PRO D 152 64.16 -38.07 -50.67
N GLY D 153 63.24 -38.73 -49.95
CA GLY D 153 63.05 -40.15 -50.15
C GLY D 153 62.24 -40.49 -51.38
N ALA D 154 62.93 -40.96 -52.43
CA ALA D 154 62.27 -41.38 -53.66
C ALA D 154 63.20 -42.38 -54.34
N VAL D 155 62.91 -43.67 -54.18
CA VAL D 155 63.73 -44.73 -54.74
C VAL D 155 62.83 -45.75 -55.43
N THR D 156 63.43 -46.52 -56.33
CA THR D 156 62.76 -47.60 -57.03
C THR D 156 63.43 -48.92 -56.67
N VAL D 157 62.70 -50.02 -56.88
CA VAL D 157 63.17 -51.35 -56.54
C VAL D 157 63.36 -52.14 -57.82
N ALA D 158 64.54 -52.75 -57.96
CA ALA D 158 64.84 -53.62 -59.10
C ALA D 158 65.95 -54.57 -58.66
N TRP D 159 65.57 -55.80 -58.32
CA TRP D 159 66.53 -56.80 -57.83
C TRP D 159 67.22 -57.42 -59.03
N LYS D 160 68.29 -56.79 -59.47
CA LYS D 160 69.07 -57.25 -60.63
C LYS D 160 70.15 -58.22 -60.16
N ALA D 161 70.12 -59.43 -60.69
CA ALA D 161 71.10 -60.46 -60.34
C ALA D 161 71.98 -60.85 -61.52
N ASP D 162 71.93 -60.08 -62.61
CA ASP D 162 72.77 -60.17 -63.81
C ASP D 162 72.41 -61.41 -64.66
N SER D 163 71.51 -62.25 -64.15
CA SER D 163 71.03 -63.42 -64.87
C SER D 163 69.53 -63.39 -65.11
N SER D 164 68.73 -63.19 -64.06
CA SER D 164 67.29 -63.15 -64.18
C SER D 164 66.69 -62.30 -63.06
N PRO D 165 66.15 -61.12 -63.36
CA PRO D 165 65.54 -60.30 -62.31
C PRO D 165 64.18 -60.85 -61.86
N VAL D 166 64.11 -61.31 -60.62
CA VAL D 166 62.90 -61.90 -60.06
C VAL D 166 62.47 -61.05 -58.87
N LYS D 167 61.20 -60.64 -58.88
CA LYS D 167 60.62 -59.82 -57.81
C LYS D 167 59.57 -60.59 -57.03
N ALA D 168 59.82 -61.87 -56.77
CA ALA D 168 58.92 -62.71 -56.00
C ALA D 168 59.31 -62.62 -54.53
N GLY D 169 58.41 -62.08 -53.71
CA GLY D 169 58.69 -61.87 -52.31
C GLY D 169 59.51 -60.62 -52.08
N VAL D 170 59.03 -59.48 -52.55
CA VAL D 170 59.72 -58.21 -52.43
C VAL D 170 59.09 -57.38 -51.32
N GLU D 171 59.93 -56.80 -50.47
CA GLU D 171 59.47 -55.97 -49.37
C GLU D 171 60.29 -54.69 -49.33
N THR D 172 59.61 -53.55 -49.35
CA THR D 172 60.29 -52.24 -49.32
C THR D 172 59.29 -51.20 -48.85
N THR D 173 59.61 -50.52 -47.75
CA THR D 173 58.80 -49.40 -47.28
C THR D 173 59.43 -48.08 -47.72
N THR D 174 58.64 -47.02 -47.61
CA THR D 174 59.14 -45.70 -47.98
C THR D 174 60.15 -45.22 -46.93
N PRO D 175 61.19 -44.49 -47.35
CA PRO D 175 62.15 -43.96 -46.37
C PRO D 175 61.53 -42.83 -45.55
N SER D 176 62.05 -42.67 -44.34
CA SER D 176 61.57 -41.62 -43.44
C SER D 176 62.73 -40.78 -42.94
N LYS D 177 62.46 -39.87 -42.00
CA LYS D 177 63.50 -39.03 -41.43
C LYS D 177 64.33 -39.84 -40.43
N GLN D 178 65.64 -39.87 -40.64
CA GLN D 178 66.53 -40.64 -39.78
C GLN D 178 67.16 -39.72 -38.73
N SER D 179 68.08 -40.29 -37.95
CA SER D 179 68.73 -39.55 -36.88
C SER D 179 69.76 -38.55 -37.40
N ASN D 180 70.27 -38.75 -38.63
CA ASN D 180 71.27 -37.86 -39.20
C ASN D 180 70.66 -36.82 -40.14
N ASN D 181 69.36 -36.52 -39.96
CA ASN D 181 68.61 -35.54 -40.76
C ASN D 181 68.66 -35.87 -42.25
N LYS D 182 68.55 -37.16 -42.57
CA LYS D 182 68.58 -37.63 -43.95
C LYS D 182 67.53 -38.73 -44.09
N TYR D 183 67.58 -39.45 -45.21
CA TYR D 183 66.67 -40.54 -45.49
C TYR D 183 67.46 -41.81 -45.78
N ALA D 184 66.91 -42.94 -45.36
CA ALA D 184 67.57 -44.24 -45.53
C ALA D 184 66.53 -45.27 -45.94
N ALA D 185 66.72 -45.88 -47.10
CA ALA D 185 65.79 -46.88 -47.59
C ALA D 185 66.21 -48.28 -47.13
N SER D 186 65.26 -49.21 -47.22
CA SER D 186 65.48 -50.59 -46.85
C SER D 186 64.87 -51.52 -47.89
N SER D 187 65.56 -52.62 -48.18
CA SER D 187 65.12 -53.57 -49.18
C SER D 187 65.60 -54.96 -48.79
N TYR D 188 64.67 -55.89 -48.60
CA TYR D 188 64.99 -57.24 -48.15
C TYR D 188 64.45 -58.26 -49.15
N LEU D 189 65.10 -59.42 -49.19
CA LEU D 189 64.70 -60.49 -50.10
C LEU D 189 64.95 -61.83 -49.43
N SER D 190 64.07 -62.78 -49.71
CA SER D 190 64.20 -64.15 -49.24
C SER D 190 64.04 -65.10 -50.41
N LEU D 191 64.97 -66.05 -50.56
CA LEU D 191 64.99 -66.96 -51.69
C LEU D 191 65.77 -68.20 -51.27
N THR D 192 65.67 -69.26 -52.08
CA THR D 192 66.43 -70.47 -51.83
C THR D 192 67.92 -70.19 -52.00
N PRO D 193 68.78 -70.80 -51.17
CA PRO D 193 70.22 -70.51 -51.27
C PRO D 193 70.87 -71.00 -52.55
N GLU D 194 70.30 -72.03 -53.21
CA GLU D 194 70.87 -72.51 -54.46
C GLU D 194 70.72 -71.50 -55.58
N GLN D 195 69.54 -70.87 -55.68
CA GLN D 195 69.34 -69.85 -56.70
C GLN D 195 70.11 -68.58 -56.37
N TRP D 196 70.36 -68.32 -55.10
CA TRP D 196 71.21 -67.19 -54.73
C TRP D 196 72.67 -67.45 -55.10
N LYS D 197 73.16 -68.66 -54.86
CA LYS D 197 74.52 -69.03 -55.23
C LYS D 197 74.69 -69.22 -56.73
N SER D 198 73.60 -69.39 -57.47
CA SER D 198 73.69 -69.47 -58.93
C SER D 198 74.13 -68.16 -59.54
N HIS D 199 73.76 -67.03 -58.93
CA HIS D 199 74.18 -65.73 -59.43
C HIS D 199 75.66 -65.50 -59.13
N ARG D 200 76.40 -65.06 -60.16
CA ARG D 200 77.81 -64.74 -59.96
C ARG D 200 78.01 -63.39 -59.29
N SER D 201 77.02 -62.52 -59.33
CA SER D 201 77.10 -61.21 -58.72
C SER D 201 75.70 -60.72 -58.40
N TYR D 202 75.63 -59.70 -57.55
CA TYR D 202 74.35 -59.15 -57.11
C TYR D 202 74.52 -57.66 -56.83
N SER D 203 73.41 -56.94 -56.92
CA SER D 203 73.38 -55.50 -56.62
C SER D 203 71.95 -55.11 -56.30
N CYS D 204 71.79 -53.84 -55.93
CA CYS D 204 70.47 -53.26 -55.65
C CYS D 204 70.32 -52.00 -56.49
N GLN D 205 69.44 -52.04 -57.48
CA GLN D 205 69.26 -50.94 -58.41
C GLN D 205 68.35 -49.89 -57.78
N VAL D 206 68.95 -48.83 -57.24
CA VAL D 206 68.23 -47.67 -56.72
C VAL D 206 68.74 -46.43 -57.45
N THR D 207 67.81 -45.57 -57.85
CA THR D 207 68.13 -44.37 -58.62
C THR D 207 67.51 -43.16 -57.95
N HIS D 208 68.34 -42.16 -57.65
CA HIS D 208 67.85 -40.87 -57.18
C HIS D 208 67.67 -39.89 -58.35
N GLU D 209 67.00 -40.36 -59.40
CA GLU D 209 66.59 -39.60 -60.58
C GLU D 209 67.74 -39.04 -61.41
N GLY D 210 68.99 -39.31 -61.04
CA GLY D 210 70.11 -38.79 -61.80
C GLY D 210 71.30 -39.71 -61.92
N SER D 211 71.24 -40.89 -61.31
CA SER D 211 72.34 -41.83 -61.33
C SER D 211 71.84 -43.22 -60.97
N THR D 212 72.57 -44.24 -61.39
CA THR D 212 72.28 -45.63 -61.08
C THR D 212 73.52 -46.23 -60.43
N VAL D 213 73.56 -46.19 -59.10
CA VAL D 213 74.71 -46.72 -58.36
C VAL D 213 74.64 -48.24 -58.36
N GLU D 214 75.79 -48.87 -58.58
CA GLU D 214 75.85 -50.34 -58.69
C GLU D 214 77.16 -50.80 -58.07
N LYS D 215 77.08 -51.56 -56.98
CA LYS D 215 78.23 -52.14 -56.33
C LYS D 215 78.28 -53.64 -56.64
N THR D 216 79.42 -54.11 -57.13
CA THR D 216 79.58 -55.50 -57.53
C THR D 216 80.11 -56.30 -56.35
N VAL D 217 79.27 -57.15 -55.77
CA VAL D 217 79.64 -58.03 -54.67
C VAL D 217 79.42 -59.46 -55.11
N ALA D 218 80.46 -60.28 -54.99
CA ALA D 218 80.32 -61.67 -55.42
C ALA D 218 80.04 -62.58 -54.23
N PRO D 219 79.13 -63.55 -54.39
CA PRO D 219 78.84 -64.48 -53.28
C PRO D 219 80.00 -65.43 -52.98
N THR D 220 80.93 -65.62 -53.92
CA THR D 220 82.07 -66.51 -53.72
C THR D 220 83.26 -65.82 -53.10
N GLU D 221 83.16 -64.52 -52.83
CA GLU D 221 84.22 -63.68 -52.24
C GLU D 221 85.53 -63.75 -53.01
N VAL E 2 43.66 -35.25 -12.14
CA VAL E 2 44.90 -35.28 -12.91
C VAL E 2 44.75 -36.18 -14.13
N GLN E 3 45.87 -36.55 -14.73
CA GLN E 3 45.86 -37.37 -15.94
C GLN E 3 45.39 -38.79 -15.64
N LEU E 4 44.81 -39.42 -16.67
CA LEU E 4 44.24 -40.75 -16.55
C LEU E 4 45.14 -41.76 -17.26
N VAL E 5 44.92 -43.04 -16.93
CA VAL E 5 45.72 -44.13 -17.48
C VAL E 5 44.79 -45.14 -18.15
N GLN E 6 45.37 -45.95 -19.03
CA GLN E 6 44.63 -46.99 -19.74
C GLN E 6 45.53 -48.19 -19.92
N SER E 7 45.10 -49.35 -19.42
CA SER E 7 45.89 -50.57 -19.52
C SER E 7 45.51 -51.31 -20.81
N GLY E 8 46.48 -51.46 -21.70
CA GLY E 8 46.29 -52.14 -22.96
C GLY E 8 46.96 -53.50 -23.00
N ALA E 9 46.97 -54.06 -24.21
CA ALA E 9 47.56 -55.37 -24.47
C ALA E 9 48.62 -55.24 -25.57
N GLU E 10 49.26 -56.36 -25.90
CA GLU E 10 50.27 -56.41 -26.93
C GLU E 10 49.63 -56.71 -28.28
N VAL E 11 50.44 -56.97 -29.29
CA VAL E 11 49.93 -57.28 -30.62
C VAL E 11 49.38 -58.70 -30.62
N LYS E 12 48.14 -58.85 -31.07
CA LYS E 12 47.45 -60.13 -31.10
C LYS E 12 46.85 -60.35 -32.49
N LYS E 13 46.29 -61.57 -32.69
CA LYS E 13 45.71 -61.92 -33.97
C LYS E 13 44.32 -61.29 -34.13
N PRO E 14 43.94 -60.92 -35.35
CA PRO E 14 42.59 -60.39 -35.56
C PRO E 14 41.53 -61.46 -35.44
N GLY E 15 40.37 -61.08 -34.91
CA GLY E 15 39.26 -61.99 -34.77
C GLY E 15 39.15 -62.63 -33.41
N ALA E 16 39.32 -61.84 -32.36
CA ALA E 16 39.21 -62.33 -30.99
C ALA E 16 38.70 -61.19 -30.11
N SER E 17 38.81 -61.36 -28.80
CA SER E 17 38.33 -60.37 -27.84
C SER E 17 39.47 -59.92 -26.95
N VAL E 18 39.55 -58.61 -26.71
CA VAL E 18 40.55 -58.01 -25.83
C VAL E 18 39.84 -57.06 -24.88
N LYS E 19 40.27 -57.07 -23.62
CA LYS E 19 39.65 -56.27 -22.56
C LYS E 19 40.60 -55.17 -22.14
N VAL E 20 40.11 -53.92 -22.15
CA VAL E 20 40.88 -52.77 -21.71
C VAL E 20 40.24 -52.21 -20.44
N SER E 21 40.91 -51.25 -19.84
CA SER E 21 40.43 -50.62 -18.61
C SER E 21 40.92 -49.18 -18.54
N CYS E 22 40.17 -48.36 -17.79
CA CYS E 22 40.55 -46.99 -17.50
C CYS E 22 40.31 -46.73 -16.01
N LYS E 23 41.38 -46.44 -15.28
CA LYS E 23 41.32 -46.21 -13.84
C LYS E 23 41.63 -44.75 -13.54
N ALA E 24 40.76 -44.13 -12.74
CA ALA E 24 40.98 -42.74 -12.35
C ALA E 24 42.09 -42.64 -11.32
N SER E 25 42.62 -41.43 -11.18
CA SER E 25 43.71 -41.16 -10.25
C SER E 25 43.46 -39.84 -9.54
N GLY E 26 43.48 -39.86 -8.21
CA GLY E 26 43.32 -38.66 -7.42
C GLY E 26 41.87 -38.29 -7.15
N TYR E 27 41.13 -37.92 -8.20
CA TYR E 27 39.77 -37.47 -8.05
C TYR E 27 38.82 -38.65 -7.86
N ILE E 28 37.59 -38.34 -7.47
CA ILE E 28 36.55 -39.34 -7.31
C ILE E 28 35.88 -39.57 -8.65
N PHE E 29 35.82 -40.82 -9.10
CA PHE E 29 35.33 -41.18 -10.43
C PHE E 29 33.80 -41.37 -10.41
N SER E 30 33.11 -40.33 -9.93
CA SER E 30 31.65 -40.37 -9.88
C SER E 30 31.02 -39.04 -10.26
N ASP E 31 31.79 -38.12 -10.86
CA ASP E 31 31.29 -36.80 -11.21
C ASP E 31 31.61 -36.34 -12.62
N TYR E 32 32.43 -37.09 -13.36
CA TYR E 32 33.01 -36.61 -14.61
C TYR E 32 32.52 -37.46 -15.78
N ASN E 33 32.02 -36.81 -16.82
CA ASN E 33 31.67 -37.50 -18.05
C ASN E 33 32.92 -37.95 -18.78
N ILE E 34 32.89 -39.18 -19.30
CA ILE E 34 34.04 -39.78 -19.95
C ILE E 34 33.71 -40.08 -21.40
N HIS E 35 34.66 -39.82 -22.29
CA HIS E 35 34.53 -40.01 -23.72
C HIS E 35 35.56 -41.03 -24.21
N TRP E 36 35.40 -41.43 -25.46
CA TRP E 36 36.33 -42.34 -26.10
C TRP E 36 36.53 -41.92 -27.55
N VAL E 37 37.74 -42.14 -28.06
CA VAL E 37 38.13 -41.69 -29.38
C VAL E 37 39.38 -42.46 -29.78
N ARG E 38 39.56 -42.66 -31.09
CA ARG E 38 40.71 -43.39 -31.59
C ARG E 38 41.27 -42.70 -32.83
N GLN E 39 42.58 -42.83 -33.04
CA GLN E 39 43.30 -42.17 -34.12
C GLN E 39 43.96 -43.23 -35.00
N ALA E 40 43.43 -43.41 -36.21
CA ALA E 40 44.00 -44.36 -37.15
C ALA E 40 45.37 -43.87 -37.62
N PRO E 41 46.28 -44.80 -37.95
CA PRO E 41 47.61 -44.40 -38.44
C PRO E 41 47.51 -43.70 -39.79
N GLY E 42 48.02 -42.47 -39.85
CA GLY E 42 47.91 -41.66 -41.04
C GLY E 42 46.59 -40.96 -41.21
N GLN E 43 45.78 -40.86 -40.16
CA GLN E 43 44.45 -40.25 -40.27
C GLN E 43 44.11 -39.62 -38.92
N GLY E 44 43.17 -38.69 -38.95
CA GLY E 44 42.76 -37.99 -37.75
C GLY E 44 41.93 -38.86 -36.81
N LEU E 45 41.54 -38.25 -35.69
CA LEU E 45 40.78 -38.97 -34.67
C LEU E 45 39.35 -39.23 -35.15
N GLU E 46 38.79 -40.33 -34.66
CA GLU E 46 37.42 -40.73 -35.01
C GLU E 46 36.61 -40.95 -33.73
N TRP E 47 35.47 -40.29 -33.64
CA TRP E 47 34.66 -40.31 -32.44
C TRP E 47 34.01 -41.68 -32.23
N MET E 48 33.86 -42.05 -30.95
CA MET E 48 33.35 -43.37 -30.58
C MET E 48 32.05 -43.29 -29.81
N GLY E 49 32.00 -42.55 -28.71
CA GLY E 49 30.82 -42.52 -27.88
C GLY E 49 31.18 -42.10 -26.46
N TRP E 50 30.19 -42.18 -25.57
CA TRP E 50 30.41 -41.79 -24.18
C TRP E 50 29.47 -42.55 -23.27
N ILE E 51 29.93 -42.76 -22.03
CA ILE E 51 29.13 -43.27 -20.93
C ILE E 51 29.43 -42.43 -19.71
N SER E 52 28.83 -42.80 -18.57
CA SER E 52 29.08 -42.13 -17.31
C SER E 52 29.03 -43.18 -16.20
N PRO E 53 29.98 -43.14 -15.25
CA PRO E 53 29.99 -44.17 -14.20
C PRO E 53 29.08 -43.86 -13.01
N ASP E 54 27.86 -43.39 -13.30
CA ASP E 54 26.85 -43.19 -12.26
C ASP E 54 25.46 -43.67 -12.64
N SER E 55 25.15 -43.80 -13.93
CA SER E 55 23.82 -44.21 -14.36
C SER E 55 23.96 -45.00 -15.66
N ASP E 56 22.82 -45.44 -16.19
CA ASP E 56 22.79 -46.25 -17.41
C ASP E 56 22.51 -45.36 -18.62
N ASP E 57 23.48 -44.51 -18.92
CA ASP E 57 23.46 -43.68 -20.12
C ASP E 57 24.58 -44.14 -21.04
N THR E 58 24.22 -44.55 -22.26
CA THR E 58 25.18 -45.13 -23.18
C THR E 58 24.82 -44.73 -24.61
N ASN E 59 25.80 -44.20 -25.34
CA ASN E 59 25.64 -43.88 -26.75
C ASN E 59 26.89 -44.29 -27.51
N TYR E 60 26.72 -44.63 -28.78
CA TYR E 60 27.79 -45.08 -29.64
C TYR E 60 27.82 -44.25 -30.92
N ALA E 61 28.82 -44.52 -31.75
CA ALA E 61 28.87 -43.92 -33.08
C ALA E 61 27.94 -44.68 -34.02
N GLN E 62 27.84 -44.19 -35.26
CA GLN E 62 26.94 -44.79 -36.24
C GLN E 62 27.53 -46.02 -36.92
N SER E 63 28.81 -46.32 -36.69
CA SER E 63 29.46 -47.46 -37.32
C SER E 63 29.69 -48.62 -36.38
N PHE E 64 29.81 -48.37 -35.08
CA PHE E 64 30.05 -49.41 -34.08
C PHE E 64 28.95 -49.40 -33.02
N GLN E 65 27.69 -49.41 -33.45
CA GLN E 65 26.57 -49.33 -32.53
C GLN E 65 26.51 -50.55 -31.60
N GLY E 66 26.71 -51.74 -32.15
CA GLY E 66 26.64 -52.96 -31.38
C GLY E 66 27.90 -53.79 -31.35
N ARG E 67 29.02 -53.28 -31.85
CA ARG E 67 30.24 -54.09 -31.92
C ARG E 67 30.91 -54.21 -30.55
N VAL E 68 30.82 -53.18 -29.71
CA VAL E 68 31.50 -53.17 -28.42
C VAL E 68 30.45 -53.09 -27.31
N THR E 69 30.90 -53.36 -26.08
CA THR E 69 30.08 -53.26 -24.89
C THR E 69 30.81 -52.41 -23.87
N MET E 70 30.16 -51.33 -23.42
CA MET E 70 30.75 -50.41 -22.46
C MET E 70 30.19 -50.72 -21.07
N THR E 71 31.06 -51.10 -20.15
CA THR E 71 30.68 -51.49 -18.80
C THR E 71 31.26 -50.51 -17.79
N ARG E 72 30.56 -50.36 -16.66
CA ARG E 72 30.98 -49.48 -15.59
C ARG E 72 30.83 -50.20 -14.25
N ASP E 73 31.69 -49.84 -13.30
CA ASP E 73 31.61 -50.41 -11.96
C ASP E 73 32.28 -49.41 -11.01
N THR E 74 31.51 -48.84 -10.09
CA THR E 74 32.05 -47.85 -9.17
C THR E 74 32.87 -48.51 -8.06
N SER E 75 32.55 -49.76 -7.71
CA SER E 75 33.20 -50.42 -6.59
C SER E 75 34.68 -50.67 -6.85
N ILE E 76 35.02 -51.12 -8.06
CA ILE E 76 36.43 -51.26 -8.42
C ILE E 76 37.00 -49.94 -8.94
N THR E 77 36.13 -48.97 -9.23
CA THR E 77 36.47 -47.64 -9.72
C THR E 77 37.28 -47.74 -11.03
N THR E 78 36.64 -48.31 -12.04
CA THR E 78 37.24 -48.52 -13.35
C THR E 78 36.14 -48.73 -14.37
N VAL E 79 36.50 -48.59 -15.64
CA VAL E 79 35.58 -48.76 -16.75
C VAL E 79 36.22 -49.70 -17.77
N TYR E 80 35.51 -50.77 -18.14
CA TYR E 80 36.00 -51.75 -19.10
C TYR E 80 35.22 -51.65 -20.41
N MET E 81 35.93 -51.82 -21.52
CA MET E 81 35.33 -52.03 -22.83
C MET E 81 35.97 -53.24 -23.48
N GLU E 82 35.21 -53.90 -24.35
CA GLU E 82 35.67 -55.06 -25.08
C GLU E 82 35.67 -54.78 -26.57
N LEU E 83 36.51 -55.53 -27.30
CA LEU E 83 36.63 -55.40 -28.75
C LEU E 83 36.51 -56.79 -29.36
N SER E 84 35.32 -57.12 -29.84
CA SER E 84 35.07 -58.42 -30.43
C SER E 84 35.37 -58.40 -31.92
N SER E 85 36.20 -59.35 -32.37
CA SER E 85 36.58 -59.53 -33.78
C SER E 85 37.23 -58.26 -34.34
N LEU E 86 38.41 -57.96 -33.79
CA LEU E 86 39.17 -56.79 -34.21
C LEU E 86 39.61 -56.93 -35.66
N ARG E 87 39.56 -55.82 -36.40
CA ARG E 87 39.98 -55.79 -37.78
C ARG E 87 41.42 -55.27 -37.85
N SER E 88 41.91 -55.03 -39.07
CA SER E 88 43.25 -54.52 -39.29
C SER E 88 43.27 -53.04 -39.62
N ASP E 89 42.15 -52.35 -39.49
CA ASP E 89 42.07 -50.93 -39.82
C ASP E 89 41.55 -50.07 -38.68
N ASP E 90 40.57 -50.57 -37.92
CA ASP E 90 39.98 -49.78 -36.85
C ASP E 90 40.79 -49.81 -35.56
N THR E 91 41.79 -50.68 -35.45
CA THR E 91 42.62 -50.73 -34.26
C THR E 91 43.52 -49.50 -34.21
N ALA E 92 43.55 -48.85 -33.05
CA ALA E 92 44.23 -47.57 -32.90
C ALA E 92 44.50 -47.33 -31.43
N VAL E 93 45.14 -46.20 -31.12
CA VAL E 93 45.35 -45.77 -29.75
C VAL E 93 44.03 -45.24 -29.21
N TYR E 94 43.71 -45.58 -27.97
CA TYR E 94 42.44 -45.22 -27.36
C TYR E 94 42.69 -44.19 -26.25
N PHE E 95 42.06 -43.03 -26.39
CA PHE E 95 42.16 -41.97 -25.39
C PHE E 95 40.97 -42.04 -24.44
N CYS E 96 41.25 -42.17 -23.15
CA CYS E 96 40.20 -42.18 -22.13
C CYS E 96 39.87 -40.73 -21.77
N ALA E 97 39.25 -40.05 -22.72
CA ALA E 97 39.00 -38.62 -22.61
C ALA E 97 37.90 -38.34 -21.60
N ARG E 98 38.06 -37.26 -20.84
CA ARG E 98 37.08 -36.79 -19.87
C ARG E 98 36.56 -35.43 -20.26
N SER E 99 35.30 -35.15 -19.91
CA SER E 99 34.70 -33.84 -20.08
C SER E 99 34.15 -33.37 -18.74
N VAL E 100 34.23 -32.05 -18.50
CA VAL E 100 33.70 -31.49 -17.26
C VAL E 100 32.17 -31.54 -17.28
N GLY E 101 31.58 -31.41 -16.10
CA GLY E 101 30.14 -31.48 -15.97
C GLY E 101 29.62 -32.90 -16.00
N TYR E 102 28.30 -33.01 -16.14
CA TYR E 102 27.63 -34.31 -16.12
C TYR E 102 26.30 -34.18 -16.86
N CYS E 103 26.24 -34.76 -18.06
CA CYS E 103 24.99 -34.80 -18.82
C CYS E 103 25.08 -35.94 -19.83
N SER E 104 23.93 -36.29 -20.40
CA SER E 104 23.84 -37.28 -21.46
C SER E 104 22.90 -36.82 -22.56
N LEU E 105 22.73 -35.52 -22.72
CA LEU E 105 21.80 -34.95 -23.69
C LEU E 105 22.54 -34.52 -24.95
N ASN E 106 21.84 -34.56 -26.08
CA ASN E 106 22.43 -34.16 -27.35
C ASN E 106 22.66 -32.64 -27.40
N SER E 107 21.70 -31.86 -26.90
CA SER E 107 21.85 -30.41 -26.88
C SER E 107 22.88 -29.94 -25.86
N CYS E 108 23.23 -30.78 -24.89
CA CYS E 108 24.24 -30.44 -23.89
C CYS E 108 25.65 -30.49 -24.47
N GLN E 109 25.85 -31.22 -25.56
CA GLN E 109 27.18 -31.44 -26.14
C GLN E 109 27.80 -30.18 -26.74
N ARG E 110 27.01 -29.11 -26.93
CA ARG E 110 27.58 -27.87 -27.45
C ARG E 110 28.54 -27.23 -26.45
N TRP E 111 28.20 -27.26 -25.16
CA TRP E 111 29.03 -26.67 -24.11
C TRP E 111 29.87 -27.71 -23.38
N MET E 112 30.23 -28.80 -24.05
CA MET E 112 31.14 -29.81 -23.51
C MET E 112 32.42 -29.84 -24.32
N TRP E 113 33.55 -29.72 -23.63
CA TRP E 113 34.86 -29.80 -24.23
C TRP E 113 35.75 -30.72 -23.40
N PHE E 114 36.72 -31.34 -24.06
CA PHE E 114 37.63 -32.26 -23.40
C PHE E 114 38.71 -31.42 -22.73
N ASP E 115 38.51 -31.16 -21.43
CA ASP E 115 39.40 -30.24 -20.72
C ASP E 115 40.79 -30.84 -20.56
N THR E 116 40.89 -32.10 -20.12
CA THR E 116 42.14 -32.81 -20.02
C THR E 116 41.99 -34.17 -20.68
N TRP E 117 43.10 -34.68 -21.22
CA TRP E 117 43.10 -35.90 -22.02
C TRP E 117 43.95 -36.95 -21.32
N GLY E 118 43.33 -38.07 -20.97
CA GLY E 118 44.04 -39.17 -20.36
C GLY E 118 44.82 -39.98 -21.39
N GLN E 119 46.10 -40.20 -21.13
CA GLN E 119 46.93 -40.97 -22.06
C GLN E 119 46.51 -42.43 -22.06
N GLY E 120 46.59 -43.05 -23.23
CA GLY E 120 46.18 -44.43 -23.39
C GLY E 120 47.25 -45.34 -23.93
N ALA E 121 46.85 -46.52 -24.38
CA ALA E 121 47.77 -47.51 -24.93
C ALA E 121 47.53 -47.66 -26.42
N LEU E 122 48.59 -47.63 -27.22
CA LEU E 122 48.40 -47.85 -28.65
C LEU E 122 48.31 -49.35 -28.92
N VAL E 123 47.15 -49.80 -29.39
CA VAL E 123 46.95 -51.22 -29.62
C VAL E 123 46.87 -51.58 -31.10
N THR E 124 47.50 -52.67 -31.49
CA THR E 124 47.48 -53.11 -32.89
C THR E 124 47.16 -54.60 -32.98
N VAL E 125 46.82 -55.06 -34.18
CA VAL E 125 46.46 -56.47 -34.33
C VAL E 125 47.23 -57.14 -35.48
N SER E 126 47.71 -58.35 -35.25
CA SER E 126 48.42 -59.09 -36.29
C SER E 126 48.33 -60.59 -36.02
N SER E 127 47.96 -61.37 -37.03
CA SER E 127 47.79 -62.81 -36.83
C SER E 127 49.11 -63.54 -36.66
N ALA E 128 49.49 -63.81 -35.42
CA ALA E 128 50.73 -64.55 -35.16
C ALA E 128 50.85 -64.95 -33.69
N SER E 129 51.72 -65.91 -33.41
CA SER E 129 51.93 -66.32 -32.02
C SER E 129 53.12 -65.57 -31.45
N THR E 130 54.10 -66.29 -30.93
CA THR E 130 55.30 -65.65 -30.41
C THR E 130 56.49 -66.59 -30.54
N LYS E 131 57.52 -66.14 -31.26
CA LYS E 131 58.71 -66.96 -31.48
C LYS E 131 59.93 -66.06 -31.49
N GLY E 132 61.09 -66.65 -31.18
CA GLY E 132 62.33 -65.93 -31.16
C GLY E 132 63.00 -65.91 -32.52
N PRO E 133 63.81 -64.87 -32.77
CA PRO E 133 64.51 -64.77 -34.05
C PRO E 133 65.68 -65.75 -34.13
N SER E 134 66.07 -66.04 -35.37
CA SER E 134 67.19 -66.92 -35.66
C SER E 134 68.36 -66.05 -36.13
N VAL E 135 69.31 -65.81 -35.23
CA VAL E 135 70.45 -64.94 -35.53
C VAL E 135 71.43 -65.68 -36.43
N PHE E 136 72.07 -64.93 -37.32
CA PHE E 136 73.03 -65.46 -38.28
C PHE E 136 74.11 -64.41 -38.52
N PRO E 137 75.33 -64.84 -38.91
CA PRO E 137 76.37 -63.87 -39.23
C PRO E 137 76.10 -63.11 -40.52
N LEU E 138 76.96 -62.13 -40.83
CA LEU E 138 76.76 -61.26 -41.98
C LEU E 138 78.11 -60.92 -42.58
N ALA E 139 78.14 -60.77 -43.91
CA ALA E 139 79.29 -60.37 -44.70
C ALA E 139 79.11 -58.95 -45.21
N PRO E 140 80.16 -58.13 -45.19
CA PRO E 140 80.04 -56.74 -45.68
C PRO E 140 80.06 -56.69 -47.20
N SER E 141 79.92 -55.47 -47.72
CA SER E 141 79.92 -55.24 -49.16
C SER E 141 81.32 -55.39 -49.75
N THR E 149 86.89 -47.57 -44.96
CA THR E 149 85.58 -47.44 -44.33
C THR E 149 84.58 -48.41 -44.94
N ALA E 150 84.03 -49.28 -44.10
CA ALA E 150 83.05 -50.27 -44.52
C ALA E 150 81.86 -50.24 -43.56
N ALA E 151 80.90 -51.12 -43.79
CA ALA E 151 79.70 -51.20 -42.97
C ALA E 151 79.36 -52.65 -42.68
N LEU E 152 78.81 -52.90 -41.50
CA LEU E 152 78.36 -54.23 -41.10
C LEU E 152 76.97 -54.12 -40.49
N GLY E 153 76.23 -55.22 -40.54
CA GLY E 153 74.88 -55.27 -40.03
C GLY E 153 74.64 -56.51 -39.18
N CYS E 154 73.42 -56.61 -38.66
CA CYS E 154 72.99 -57.71 -37.82
C CYS E 154 71.77 -58.38 -38.44
N LEU E 155 71.76 -59.71 -38.45
CA LEU E 155 70.69 -60.48 -39.09
C LEU E 155 69.74 -60.99 -38.01
N VAL E 156 68.57 -60.36 -37.92
CA VAL E 156 67.47 -60.85 -37.10
C VAL E 156 66.21 -60.88 -37.96
N LYS E 157 65.52 -62.01 -37.96
CA LYS E 157 64.35 -62.21 -38.80
C LYS E 157 63.28 -62.99 -38.04
N ASP E 158 62.03 -62.76 -38.43
CA ASP E 158 60.86 -63.45 -37.91
C ASP E 158 60.72 -63.29 -36.39
N TYR E 159 60.54 -62.05 -35.97
CA TYR E 159 60.33 -61.72 -34.57
C TYR E 159 58.87 -61.36 -34.34
N PHE E 160 58.31 -61.84 -33.24
CA PHE E 160 56.90 -61.60 -32.94
C PHE E 160 56.68 -61.40 -31.45
N PRO E 161 56.05 -60.28 -31.04
CA PRO E 161 55.68 -59.16 -31.89
C PRO E 161 56.72 -58.04 -31.88
N GLU E 162 56.34 -56.89 -32.43
CA GLU E 162 57.21 -55.72 -32.40
C GLU E 162 57.31 -55.15 -30.98
N PRO E 163 58.45 -54.54 -30.62
CA PRO E 163 59.68 -54.42 -31.40
C PRO E 163 60.85 -55.26 -30.86
N VAL E 164 61.95 -55.28 -31.60
CA VAL E 164 63.22 -55.84 -31.14
C VAL E 164 64.29 -54.80 -31.36
N THR E 165 65.25 -54.74 -30.43
CA THR E 165 66.33 -53.78 -30.50
C THR E 165 67.67 -54.51 -30.65
N VAL E 166 68.56 -53.95 -31.45
CA VAL E 166 69.91 -54.47 -31.65
C VAL E 166 70.89 -53.32 -31.48
N SER E 167 72.06 -53.61 -30.90
CA SER E 167 73.11 -52.64 -30.71
C SER E 167 74.45 -53.35 -30.68
N TRP E 168 75.52 -52.61 -30.96
CA TRP E 168 76.86 -53.16 -30.95
C TRP E 168 77.53 -52.86 -29.61
N ASN E 169 78.22 -53.88 -29.08
CA ASN E 169 78.87 -53.84 -27.76
C ASN E 169 77.87 -53.49 -26.65
N SER E 170 76.66 -54.05 -26.77
CA SER E 170 75.57 -53.89 -25.79
C SER E 170 75.22 -52.42 -25.55
N GLY E 171 75.19 -51.64 -26.62
CA GLY E 171 74.83 -50.25 -26.54
C GLY E 171 75.94 -49.30 -26.12
N ALA E 172 77.15 -49.79 -25.94
CA ALA E 172 78.29 -48.96 -25.56
C ALA E 172 79.01 -48.35 -26.76
N LEU E 173 78.52 -48.60 -27.97
CA LEU E 173 79.13 -48.08 -29.19
C LEU E 173 78.18 -47.08 -29.84
N THR E 174 78.73 -45.97 -30.31
CA THR E 174 77.96 -44.95 -31.01
C THR E 174 78.45 -44.74 -32.43
N SER E 175 79.18 -45.70 -32.99
CA SER E 175 79.74 -45.58 -34.33
C SER E 175 78.67 -45.95 -35.35
N GLY E 176 77.93 -44.94 -35.80
CA GLY E 176 76.92 -45.14 -36.82
C GLY E 176 75.72 -45.96 -36.40
N VAL E 177 75.22 -45.75 -35.18
CA VAL E 177 74.01 -46.43 -34.74
C VAL E 177 72.81 -45.81 -35.45
N HIS E 178 72.10 -46.62 -36.22
CA HIS E 178 71.04 -46.12 -37.10
C HIS E 178 69.78 -46.96 -36.90
N THR E 179 68.62 -46.32 -36.98
CA THR E 179 67.33 -46.98 -36.81
C THR E 179 66.59 -46.89 -38.14
N PHE E 180 66.57 -48.01 -38.87
CA PHE E 180 65.84 -48.08 -40.13
C PHE E 180 64.35 -48.28 -39.89
N PRO E 181 63.49 -47.75 -40.77
CA PRO E 181 62.06 -47.97 -40.62
C PRO E 181 61.67 -49.43 -40.82
N ALA E 182 60.63 -49.85 -40.11
CA ALA E 182 60.19 -51.23 -40.14
C ALA E 182 59.46 -51.55 -41.45
N VAL E 183 59.61 -52.79 -41.90
CA VAL E 183 58.97 -53.27 -43.11
C VAL E 183 58.07 -54.44 -42.75
N LEU E 184 57.19 -54.80 -43.68
CA LEU E 184 56.27 -55.92 -43.52
C LEU E 184 56.52 -56.93 -44.64
N GLN E 185 56.74 -58.19 -44.26
CA GLN E 185 56.94 -59.24 -45.24
C GLN E 185 55.62 -59.60 -45.92
N SER E 186 55.74 -60.18 -47.12
CA SER E 186 54.57 -60.60 -47.88
C SER E 186 53.94 -61.89 -47.34
N SER E 187 54.64 -62.60 -46.46
CA SER E 187 54.14 -63.84 -45.87
C SER E 187 53.71 -63.65 -44.41
N GLY E 188 53.36 -62.43 -44.04
CA GLY E 188 52.95 -62.13 -42.67
C GLY E 188 54.05 -62.28 -41.63
N LEU E 189 55.24 -61.79 -41.93
CA LEU E 189 56.37 -61.85 -41.00
C LEU E 189 56.96 -60.46 -40.83
N TYR E 190 57.85 -60.32 -39.85
CA TYR E 190 58.54 -59.07 -39.55
C TYR E 190 60.05 -59.29 -39.67
N SER E 191 60.74 -58.30 -40.21
CA SER E 191 62.19 -58.41 -40.41
C SER E 191 62.81 -57.03 -40.41
N LEU E 192 63.95 -56.90 -39.73
CA LEU E 192 64.71 -55.65 -39.70
C LEU E 192 66.19 -55.98 -39.54
N SER E 193 67.03 -55.02 -39.93
CA SER E 193 68.48 -55.20 -39.85
C SER E 193 69.13 -53.82 -39.75
N SER E 194 69.57 -53.45 -38.56
CA SER E 194 70.29 -52.20 -38.38
C SER E 194 71.73 -52.34 -38.87
N VAL E 195 72.24 -51.28 -39.48
CA VAL E 195 73.56 -51.28 -40.11
C VAL E 195 74.40 -50.17 -39.46
N VAL E 196 75.58 -50.55 -38.99
CA VAL E 196 76.53 -49.61 -38.45
C VAL E 196 77.70 -49.48 -39.42
N THR E 197 78.52 -48.44 -39.22
CA THR E 197 79.69 -48.20 -40.06
C THR E 197 80.95 -48.27 -39.20
N VAL E 198 81.90 -49.08 -39.63
CA VAL E 198 83.15 -49.27 -38.90
C VAL E 198 84.31 -49.23 -39.89
N PRO E 199 85.42 -48.55 -39.55
CA PRO E 199 86.59 -48.59 -40.44
C PRO E 199 87.22 -49.97 -40.48
N SER E 200 87.88 -50.26 -41.61
CA SER E 200 88.49 -51.56 -41.83
C SER E 200 89.77 -51.77 -41.01
N SER E 201 90.33 -50.71 -40.41
CA SER E 201 91.54 -50.87 -39.61
C SER E 201 91.26 -51.66 -38.34
N SER E 202 90.14 -51.37 -37.68
CA SER E 202 89.78 -52.08 -36.45
C SER E 202 89.14 -53.44 -36.71
N LEU E 203 88.70 -53.69 -37.95
CA LEU E 203 88.05 -54.96 -38.25
C LEU E 203 89.05 -56.11 -38.34
N GLY E 204 90.31 -55.80 -38.65
CA GLY E 204 91.31 -56.85 -38.82
C GLY E 204 91.78 -57.50 -37.54
N THR E 205 91.48 -56.89 -36.39
CA THR E 205 91.89 -57.42 -35.10
C THR E 205 90.73 -57.90 -34.24
N GLN E 206 89.72 -57.05 -34.02
CA GLN E 206 88.58 -57.40 -33.19
C GLN E 206 87.29 -57.15 -33.96
N THR E 207 86.41 -58.14 -33.95
CA THR E 207 85.09 -58.03 -34.57
C THR E 207 84.04 -58.00 -33.48
N TYR E 208 83.13 -57.02 -33.56
CA TYR E 208 82.15 -56.81 -32.52
C TYR E 208 81.00 -57.80 -32.64
N ILE E 209 80.10 -57.77 -31.66
CA ILE E 209 79.00 -58.73 -31.56
C ILE E 209 77.68 -57.96 -31.64
N CYS E 210 76.60 -58.74 -31.78
CA CYS E 210 75.24 -58.20 -31.85
C CYS E 210 74.39 -58.82 -30.76
N ASN E 211 73.56 -57.99 -30.12
CA ASN E 211 72.69 -58.42 -29.04
C ASN E 211 71.24 -58.24 -29.44
N VAL E 212 70.42 -59.25 -29.21
CA VAL E 212 68.99 -59.23 -29.51
C VAL E 212 68.21 -59.55 -28.24
N ASN E 213 67.17 -58.77 -27.99
CA ASN E 213 66.34 -58.89 -26.78
C ASN E 213 64.90 -59.11 -27.19
N HIS E 214 64.44 -60.36 -27.16
CA HIS E 214 63.05 -60.69 -27.44
C HIS E 214 62.30 -60.75 -26.11
N LYS E 215 61.57 -59.68 -25.80
CA LYS E 215 60.90 -59.57 -24.50
C LYS E 215 59.83 -60.64 -24.21
N PRO E 216 58.92 -61.03 -25.12
CA PRO E 216 57.85 -61.94 -24.69
C PRO E 216 58.31 -63.37 -24.42
N SER E 217 59.45 -63.79 -24.94
CA SER E 217 59.94 -65.15 -24.74
C SER E 217 61.24 -65.23 -23.95
N ASN E 218 61.88 -64.09 -23.67
CA ASN E 218 63.11 -63.99 -22.90
C ASN E 218 64.23 -64.83 -23.52
N THR E 219 64.55 -64.51 -24.77
CA THR E 219 65.63 -65.16 -25.51
C THR E 219 66.77 -64.17 -25.67
N LYS E 220 67.75 -64.24 -24.78
CA LYS E 220 68.90 -63.34 -24.79
C LYS E 220 70.15 -64.19 -25.02
N VAL E 221 70.61 -64.24 -26.28
CA VAL E 221 71.78 -65.01 -26.66
C VAL E 221 72.71 -64.10 -27.45
N ASP E 222 74.02 -64.28 -27.25
CA ASP E 222 75.02 -63.47 -27.93
C ASP E 222 75.52 -64.21 -29.16
N LYS E 223 75.51 -63.52 -30.30
CA LYS E 223 75.95 -64.08 -31.57
C LYS E 223 77.26 -63.44 -32.00
N LYS E 224 77.90 -64.07 -32.99
CA LYS E 224 79.12 -63.56 -33.59
C LYS E 224 78.89 -63.30 -35.07
N VAL E 225 79.18 -62.08 -35.51
CA VAL E 225 79.09 -61.71 -36.91
C VAL E 225 80.49 -61.75 -37.51
N GLU E 226 80.61 -62.36 -38.68
CA GLU E 226 81.91 -62.62 -39.29
C GLU E 226 81.71 -62.88 -40.78
N PRO E 227 82.58 -62.32 -41.63
CA PRO E 227 82.36 -62.44 -43.08
C PRO E 227 82.55 -63.86 -43.59
N LYS E 228 81.87 -64.15 -44.70
CA LYS E 228 81.83 -65.51 -45.23
C LYS E 228 83.20 -65.98 -45.68
N SER E 229 83.53 -67.22 -45.34
CA SER E 229 84.82 -67.81 -45.69
C SER E 229 84.68 -69.30 -45.95
N PRO F 2 44.00 -20.98 59.28
CA PRO F 2 45.16 -21.23 58.41
C PRO F 2 46.27 -20.19 58.58
N VAL F 3 47.41 -20.62 59.14
CA VAL F 3 48.55 -19.75 59.37
C VAL F 3 49.78 -20.39 58.72
N LEU F 4 50.61 -19.57 58.09
CA LEU F 4 51.82 -20.06 57.45
C LEU F 4 52.81 -20.56 58.50
N THR F 5 53.40 -21.72 58.25
CA THR F 5 54.33 -22.33 59.19
C THR F 5 55.72 -21.74 58.98
N GLN F 6 56.31 -21.22 60.07
CA GLN F 6 57.63 -20.62 60.02
C GLN F 6 58.39 -21.01 61.29
N PRO F 7 59.62 -21.52 61.16
CA PRO F 7 60.43 -21.78 62.35
C PRO F 7 60.80 -20.49 63.04
N PRO F 8 61.00 -20.50 64.36
CA PRO F 8 61.40 -19.27 65.07
C PRO F 8 62.76 -18.74 64.64
N SER F 9 63.70 -19.62 64.27
CA SER F 9 65.02 -19.20 63.83
C SER F 9 65.41 -20.00 62.59
N ALA F 10 65.96 -19.30 61.59
CA ALA F 10 66.43 -19.95 60.39
C ALA F 10 67.71 -20.72 60.67
N SER F 11 67.89 -21.83 59.96
CA SER F 11 69.05 -22.70 60.13
C SER F 11 69.97 -22.55 58.92
N GLY F 12 70.88 -21.60 58.99
CA GLY F 12 71.85 -21.39 57.94
C GLY F 12 73.26 -21.16 58.47
N PRO F 13 74.17 -22.07 58.12
CA PRO F 13 75.57 -21.87 58.49
C PRO F 13 76.27 -20.95 57.51
N PRO F 14 77.23 -20.16 57.98
CA PRO F 14 77.90 -19.20 57.08
C PRO F 14 78.84 -19.89 56.11
N GLY F 15 79.12 -19.18 55.01
CA GLY F 15 80.05 -19.65 54.01
C GLY F 15 79.45 -20.44 52.87
N GLN F 16 78.15 -20.69 52.86
CA GLN F 16 77.53 -21.46 51.80
C GLN F 16 76.08 -20.99 51.64
N SER F 17 75.54 -21.23 50.44
CA SER F 17 74.20 -20.77 50.12
C SER F 17 73.15 -21.76 50.63
N VAL F 18 72.23 -21.25 51.46
CA VAL F 18 71.21 -22.07 52.09
C VAL F 18 69.85 -21.53 51.65
N SER F 19 68.85 -22.41 51.59
CA SER F 19 67.51 -22.05 51.17
C SER F 19 66.52 -22.33 52.28
N ILE F 20 65.57 -21.41 52.46
CA ILE F 20 64.51 -21.54 53.45
C ILE F 20 63.18 -21.70 52.71
N SER F 21 62.23 -22.37 53.36
CA SER F 21 60.93 -22.65 52.76
C SER F 21 59.81 -22.19 53.68
N CYS F 22 58.76 -21.65 53.08
CA CYS F 22 57.57 -21.19 53.81
C CYS F 22 56.36 -21.94 53.27
N SER F 23 55.80 -22.82 54.09
CA SER F 23 54.66 -23.62 53.68
C SER F 23 53.36 -22.85 53.84
N GLY F 24 52.30 -23.37 53.25
CA GLY F 24 50.98 -22.75 53.30
C GLY F 24 49.88 -23.77 53.22
N SER F 25 48.86 -23.48 52.43
CA SER F 25 47.71 -24.38 52.28
C SER F 25 47.47 -24.70 50.81
N ARG F 26 46.33 -25.32 50.52
CA ARG F 26 46.01 -25.70 49.15
C ARG F 26 45.69 -24.48 48.30
N SER F 27 44.67 -23.72 48.69
CA SER F 27 44.26 -22.52 47.95
C SER F 27 44.96 -21.26 48.45
N ASN F 28 45.76 -21.34 49.52
CA ASN F 28 46.45 -20.16 50.02
C ASN F 28 47.63 -19.79 49.13
N ILE F 29 48.40 -20.78 48.68
CA ILE F 29 49.61 -20.56 47.92
C ILE F 29 49.50 -21.33 46.61
N GLY F 30 49.73 -20.65 45.48
CA GLY F 30 49.71 -21.28 44.19
C GLY F 30 48.78 -20.60 43.21
N THR F 31 47.60 -20.18 43.68
CA THR F 31 46.71 -19.36 42.88
C THR F 31 46.97 -17.87 43.06
N ASN F 32 47.84 -17.51 44.01
CA ASN F 32 48.22 -16.13 44.26
C ASN F 32 49.73 -16.07 44.40
N PHE F 33 50.25 -14.85 44.50
CA PHE F 33 51.68 -14.63 44.62
C PHE F 33 52.08 -14.46 46.08
N VAL F 34 53.28 -14.94 46.42
CA VAL F 34 53.78 -14.95 47.79
C VAL F 34 54.73 -13.77 47.95
N TYR F 35 54.47 -12.93 48.95
CA TYR F 35 55.27 -11.76 49.22
C TYR F 35 56.23 -12.03 50.38
N TRP F 36 57.47 -11.58 50.24
CA TRP F 36 58.48 -11.72 51.27
C TRP F 36 58.94 -10.34 51.73
N TYR F 37 59.24 -10.23 53.03
CA TYR F 37 59.55 -8.95 53.65
C TYR F 37 60.79 -9.09 54.52
N GLN F 38 61.49 -7.96 54.70
CA GLN F 38 62.58 -7.86 55.65
C GLN F 38 62.23 -6.83 56.72
N GLN F 39 62.72 -7.05 57.93
CA GLN F 39 62.36 -6.24 59.09
C GLN F 39 63.60 -5.52 59.60
N LEU F 40 63.55 -4.19 59.63
CA LEU F 40 64.63 -3.42 60.21
C LEU F 40 64.64 -3.62 61.73
N PRO F 41 65.83 -3.59 62.35
CA PRO F 41 65.91 -3.81 63.80
C PRO F 41 65.35 -2.64 64.59
N GLY F 42 64.17 -2.83 65.18
CA GLY F 42 63.52 -1.79 65.95
C GLY F 42 63.08 -0.60 65.12
N ALA F 43 62.65 -0.84 63.89
CA ALA F 43 62.23 0.24 62.99
C ALA F 43 61.16 -0.30 62.06
N ALA F 44 60.86 0.46 61.01
CA ALA F 44 59.81 0.10 60.08
C ALA F 44 60.32 -0.93 59.07
N PRO F 45 59.63 -2.07 58.92
CA PRO F 45 60.06 -3.05 57.92
C PRO F 45 59.86 -2.55 56.49
N LYS F 46 60.65 -3.12 55.59
CA LYS F 46 60.66 -2.75 54.19
C LYS F 46 60.46 -3.99 53.34
N LEU F 47 59.71 -3.84 52.24
CA LEU F 47 59.45 -4.95 51.33
C LEU F 47 60.74 -5.45 50.69
N LEU F 48 60.86 -6.76 50.53
CA LEU F 48 62.02 -7.39 49.94
C LEU F 48 61.79 -7.80 48.49
N ILE F 49 60.73 -8.57 48.23
CA ILE F 49 60.40 -8.99 46.88
C ILE F 49 58.89 -9.22 46.82
N TYR F 50 58.29 -8.91 45.65
CA TYR F 50 56.87 -9.10 45.44
C TYR F 50 56.65 -9.77 44.08
N LYS F 51 55.52 -10.48 43.98
CA LYS F 51 54.99 -11.17 42.80
C LYS F 51 55.83 -12.37 42.36
N ASN F 52 56.95 -12.66 43.03
CA ASN F 52 57.80 -13.84 42.84
C ASN F 52 58.43 -13.93 41.46
N ASP F 53 58.38 -12.88 40.65
CA ASP F 53 59.05 -12.90 39.35
C ASP F 53 59.77 -11.60 39.02
N GLN F 54 59.70 -10.58 39.85
CA GLN F 54 60.52 -9.38 39.67
C GLN F 54 60.86 -8.81 41.03
N ARG F 55 61.91 -7.98 41.06
CA ARG F 55 62.41 -7.42 42.29
C ARG F 55 62.28 -5.91 42.32
N PRO F 56 61.95 -5.32 43.46
CA PRO F 56 61.79 -3.87 43.56
C PRO F 56 63.14 -3.17 43.65
N SER F 57 63.08 -1.85 43.83
CA SER F 57 64.27 -1.02 43.98
C SER F 57 64.58 -0.82 45.46
N GLY F 58 65.86 -0.58 45.74
CA GLY F 58 66.32 -0.39 47.10
C GLY F 58 66.77 -1.65 47.81
N VAL F 59 66.56 -2.82 47.21
CA VAL F 59 66.98 -4.09 47.80
C VAL F 59 68.17 -4.61 46.99
N PRO F 60 69.09 -5.35 47.61
CA PRO F 60 70.20 -5.94 46.84
C PRO F 60 69.71 -7.02 45.90
N GLU F 61 70.35 -7.11 44.73
CA GLU F 61 69.96 -8.06 43.70
C GLU F 61 70.71 -9.38 43.90
N ARG F 62 70.38 -10.04 45.02
CA ARG F 62 70.98 -11.33 45.36
C ARG F 62 69.97 -12.38 45.80
N PHE F 63 68.77 -12.00 46.23
CA PHE F 63 67.79 -12.97 46.71
C PHE F 63 67.14 -13.70 45.55
N PHE F 64 66.90 -14.99 45.75
CA PHE F 64 66.21 -15.84 44.78
C PHE F 64 64.94 -16.34 45.44
N GLY F 65 63.86 -15.56 45.34
CA GLY F 65 62.60 -15.93 45.94
C GLY F 65 61.56 -16.36 44.93
N SER F 66 61.26 -17.66 44.89
CA SER F 66 60.28 -18.21 43.97
C SER F 66 59.43 -19.24 44.69
N LYS F 67 58.24 -19.47 44.16
CA LYS F 67 57.31 -20.44 44.71
C LYS F 67 57.38 -21.74 43.95
N SER F 68 56.96 -22.82 44.62
CA SER F 68 56.97 -24.15 44.02
C SER F 68 55.84 -24.95 44.65
N GLY F 69 54.73 -25.09 43.93
CA GLY F 69 53.58 -25.81 44.46
C GLY F 69 52.86 -25.05 45.55
N THR F 70 52.80 -25.64 46.75
CA THR F 70 52.14 -25.03 47.88
C THR F 70 53.11 -24.34 48.84
N SER F 71 54.39 -24.28 48.47
CA SER F 71 55.40 -23.66 49.31
C SER F 71 56.27 -22.73 48.48
N ALA F 72 56.83 -21.71 49.14
CA ALA F 72 57.72 -20.75 48.52
C ALA F 72 59.12 -20.91 49.10
N SER F 73 60.10 -21.05 48.22
CA SER F 73 61.49 -21.28 48.62
C SER F 73 62.33 -20.05 48.30
N LEU F 74 63.00 -19.51 49.30
CA LEU F 74 63.88 -18.36 49.15
C LEU F 74 65.31 -18.80 49.44
N ALA F 75 66.21 -18.55 48.49
CA ALA F 75 67.60 -18.96 48.60
C ALA F 75 68.43 -17.79 49.12
N ILE F 76 69.22 -18.06 50.16
CA ILE F 76 70.09 -17.04 50.76
C ILE F 76 71.44 -17.16 50.06
N SER F 77 71.61 -16.40 48.98
CA SER F 77 72.85 -16.42 48.22
C SER F 77 73.93 -15.64 48.96
N GLY F 78 74.67 -16.32 49.84
CA GLY F 78 75.68 -15.68 50.65
C GLY F 78 75.12 -15.14 51.95
N LEU F 79 75.75 -15.49 53.07
CA LEU F 79 75.30 -15.08 54.39
C LEU F 79 76.20 -13.97 54.92
N ARG F 80 75.59 -12.87 55.33
CA ARG F 80 76.30 -11.74 55.90
C ARG F 80 76.02 -11.65 57.39
N SER F 81 77.08 -11.51 58.19
CA SER F 81 76.93 -11.46 59.64
C SER F 81 76.76 -10.04 60.17
N GLU F 82 77.26 -9.04 59.44
CA GLU F 82 77.16 -7.67 59.90
C GLU F 82 75.75 -7.12 59.74
N ASP F 83 74.99 -7.64 58.77
CA ASP F 83 73.63 -7.17 58.49
C ASP F 83 72.70 -8.38 58.49
N GLU F 84 72.05 -8.62 59.63
CA GLU F 84 71.08 -9.69 59.77
C GLU F 84 69.73 -9.10 60.17
N VAL F 85 68.68 -9.49 59.44
CA VAL F 85 67.34 -8.97 59.64
C VAL F 85 66.36 -10.14 59.73
N ASP F 86 65.14 -9.84 60.18
CA ASP F 86 64.09 -10.83 60.27
C ASP F 86 63.46 -11.05 58.90
N TYR F 87 63.13 -12.31 58.60
CA TYR F 87 62.58 -12.69 57.31
C TYR F 87 61.15 -13.17 57.50
N TYR F 88 60.25 -12.72 56.63
CA TYR F 88 58.83 -13.06 56.72
C TYR F 88 58.31 -13.47 55.35
N CYS F 89 57.25 -14.28 55.37
CA CYS F 89 56.55 -14.70 54.16
C CYS F 89 55.06 -14.41 54.32
N ALA F 90 54.44 -13.97 53.23
CA ALA F 90 53.02 -13.62 53.26
C ALA F 90 52.41 -13.88 51.89
N ALA F 91 51.10 -14.09 51.88
CA ALA F 91 50.37 -14.36 50.64
C ALA F 91 48.92 -13.94 50.83
N TRP F 92 48.16 -14.00 49.74
CA TRP F 92 46.75 -13.64 49.74
C TRP F 92 45.89 -14.86 49.42
N ASP F 93 44.73 -14.94 50.06
CA ASP F 93 43.80 -16.03 49.83
C ASP F 93 42.38 -15.54 50.08
N ASP F 94 41.41 -16.26 49.51
CA ASP F 94 40.01 -15.94 49.68
C ASP F 94 39.40 -16.62 50.91
N SER F 95 40.14 -17.51 51.57
CA SER F 95 39.62 -18.18 52.75
C SER F 95 39.54 -17.23 53.94
N LEU F 96 40.59 -16.44 54.16
CA LEU F 96 40.64 -15.48 55.24
C LEU F 96 40.18 -14.09 54.82
N SER F 97 39.80 -13.93 53.55
CA SER F 97 39.36 -12.65 52.97
C SER F 97 40.41 -11.54 53.17
N GLY F 98 41.68 -11.90 52.96
CA GLY F 98 42.74 -10.93 53.13
C GLY F 98 44.11 -11.57 52.99
N HIS F 99 45.12 -10.85 53.49
CA HIS F 99 46.51 -11.29 53.39
C HIS F 99 46.85 -12.12 54.63
N VAL F 100 47.27 -13.37 54.41
CA VAL F 100 47.69 -14.23 55.50
C VAL F 100 49.12 -13.88 55.89
N PHE F 101 49.44 -14.06 57.17
CA PHE F 101 50.76 -13.74 57.70
C PHE F 101 51.31 -14.93 58.46
N GLY F 102 52.63 -15.08 58.40
CA GLY F 102 53.31 -16.18 59.05
C GLY F 102 53.75 -15.83 60.47
N ALA F 103 54.75 -16.58 60.93
CA ALA F 103 55.30 -16.40 62.28
C ALA F 103 56.55 -15.52 62.29
N GLY F 104 57.55 -15.87 61.47
CA GLY F 104 58.77 -15.09 61.41
C GLY F 104 60.01 -15.91 61.62
N THR F 105 60.94 -15.85 60.66
CA THR F 105 62.19 -16.61 60.72
C THR F 105 63.33 -15.62 60.94
N LYS F 106 63.76 -15.48 62.19
CA LYS F 106 64.88 -14.61 62.53
C LYS F 106 66.17 -15.33 62.19
N VAL F 107 66.89 -14.83 61.18
CA VAL F 107 68.09 -15.50 60.69
C VAL F 107 69.24 -15.23 61.65
N THR F 108 69.84 -16.30 62.17
CA THR F 108 71.00 -16.21 63.04
C THR F 108 72.13 -17.05 62.45
N VAL F 109 73.36 -16.54 62.55
CA VAL F 109 74.50 -17.24 62.00
C VAL F 109 74.83 -18.46 62.87
N LEU F 110 75.37 -19.50 62.24
CA LEU F 110 75.71 -20.72 62.95
C LEU F 110 77.22 -20.87 63.09
N GLY F 118 81.46 -19.83 65.33
CA GLY F 118 80.92 -19.08 66.45
C GLY F 118 81.90 -18.92 67.59
N GLN F 119 81.40 -18.99 68.81
CA GLN F 119 82.22 -18.86 70.02
C GLN F 119 81.94 -20.01 70.96
N PRO F 120 82.95 -20.46 71.72
CA PRO F 120 82.73 -21.59 72.65
C PRO F 120 82.01 -21.17 73.91
N LYS F 121 81.85 -22.11 74.84
CA LYS F 121 81.16 -21.85 76.09
C LYS F 121 81.99 -20.95 77.00
N ALA F 122 81.31 -20.17 77.83
CA ALA F 122 81.94 -19.26 78.76
C ALA F 122 81.40 -19.50 80.17
N ALA F 123 82.28 -19.41 81.16
CA ALA F 123 81.88 -19.63 82.54
C ALA F 123 81.11 -18.41 83.06
N PRO F 124 79.87 -18.60 83.54
CA PRO F 124 79.10 -17.46 84.02
C PRO F 124 79.64 -16.91 85.34
N SER F 125 79.36 -15.64 85.57
CA SER F 125 79.70 -14.95 86.81
C SER F 125 78.40 -14.70 87.57
N VAL F 126 78.23 -15.38 88.70
CA VAL F 126 76.99 -15.32 89.47
C VAL F 126 77.20 -14.43 90.69
N THR F 127 76.15 -13.70 91.07
CA THR F 127 76.18 -12.85 92.25
C THR F 127 74.76 -12.69 92.79
N LEU F 128 74.68 -12.31 94.06
CA LEU F 128 73.40 -12.09 94.73
C LEU F 128 73.45 -10.79 95.50
N PHE F 129 72.37 -10.01 95.44
CA PHE F 129 72.30 -8.69 96.06
C PHE F 129 71.21 -8.66 97.12
N PRO F 130 71.56 -8.76 98.41
CA PRO F 130 70.56 -8.64 99.47
C PRO F 130 70.08 -7.21 99.62
N PRO F 131 68.91 -7.00 100.23
CA PRO F 131 68.43 -5.63 100.46
C PRO F 131 69.28 -4.91 101.49
N SER F 132 69.13 -3.59 101.53
CA SER F 132 69.81 -2.75 102.49
C SER F 132 69.08 -2.79 103.83
N SER F 133 69.68 -2.14 104.84
CA SER F 133 69.03 -2.04 106.15
C SER F 133 67.86 -1.07 106.13
N GLU F 134 67.83 -0.14 105.18
CA GLU F 134 66.72 0.79 105.06
C GLU F 134 65.52 0.21 104.34
N GLU F 135 65.69 -0.92 103.65
CA GLU F 135 64.60 -1.50 102.88
C GLU F 135 63.57 -2.21 103.74
N LEU F 136 63.95 -2.65 104.95
CA LEU F 136 63.05 -3.43 105.78
C LEU F 136 62.01 -2.58 106.51
N GLN F 137 62.18 -1.25 106.55
CA GLN F 137 61.18 -0.39 107.15
C GLN F 137 59.98 -0.15 106.23
N ALA F 138 60.07 -0.52 104.97
CA ALA F 138 58.97 -0.39 104.02
C ALA F 138 58.11 -1.65 103.93
N ASN F 139 58.39 -2.65 104.79
CA ASN F 139 57.69 -3.94 104.81
C ASN F 139 57.77 -4.63 103.45
N LYS F 140 58.96 -4.63 102.87
CA LYS F 140 59.19 -5.27 101.58
C LYS F 140 60.64 -5.74 101.51
N ALA F 141 60.89 -6.67 100.60
CA ALA F 141 62.23 -7.18 100.36
C ALA F 141 62.28 -7.73 98.93
N THR F 142 63.50 -7.92 98.44
CA THR F 142 63.70 -8.46 97.11
C THR F 142 65.01 -9.23 97.06
N LEU F 143 65.12 -10.15 96.11
CA LEU F 143 66.33 -10.93 95.91
C LEU F 143 66.48 -11.20 94.42
N VAL F 144 67.59 -10.74 93.84
CA VAL F 144 67.84 -10.88 92.41
C VAL F 144 69.21 -11.54 92.22
N CYS F 145 69.28 -12.50 91.30
CA CYS F 145 70.50 -13.21 90.98
C CYS F 145 70.94 -12.79 89.58
N LEU F 146 71.99 -11.98 89.51
CA LEU F 146 72.43 -11.37 88.26
C LEU F 146 73.51 -12.24 87.64
N ILE F 147 73.13 -13.02 86.62
CA ILE F 147 74.10 -13.79 85.86
C ILE F 147 74.72 -12.90 84.79
N SER F 148 76.04 -13.01 84.62
CA SER F 148 76.76 -12.14 83.70
C SER F 148 78.01 -12.86 83.19
N ASP F 149 78.54 -12.33 82.08
CA ASP F 149 79.78 -12.82 81.45
C ASP F 149 79.67 -14.29 81.06
N PHE F 150 78.59 -14.63 80.35
CA PHE F 150 78.33 -15.99 79.93
C PHE F 150 77.90 -16.01 78.46
N TYR F 151 78.25 -17.09 77.78
CA TYR F 151 77.90 -17.29 76.38
C TYR F 151 77.70 -18.79 76.16
N PRO F 152 76.63 -19.22 75.48
CA PRO F 152 75.55 -18.41 74.91
C PRO F 152 74.50 -17.98 75.93
N GLY F 153 73.52 -17.20 75.50
CA GLY F 153 72.50 -16.67 76.38
C GLY F 153 71.41 -17.69 76.66
N ALA F 154 70.31 -17.17 77.23
CA ALA F 154 69.13 -17.96 77.62
C ALA F 154 69.49 -19.09 78.58
N VAL F 155 70.36 -18.80 79.53
CA VAL F 155 70.77 -19.77 80.55
C VAL F 155 69.82 -19.66 81.73
N THR F 156 69.17 -20.77 82.08
CA THR F 156 68.21 -20.79 83.17
C THR F 156 68.94 -20.74 84.52
N VAL F 157 68.19 -20.36 85.55
CA VAL F 157 68.69 -20.26 86.92
C VAL F 157 67.71 -20.94 87.85
N ALA F 158 68.18 -21.25 89.05
CA ALA F 158 67.38 -21.89 90.08
C ALA F 158 67.46 -21.10 91.37
N TRP F 159 66.38 -21.16 92.15
CA TRP F 159 66.28 -20.43 93.41
C TRP F 159 66.08 -21.42 94.56
N LYS F 160 66.82 -21.22 95.64
CA LYS F 160 66.75 -22.09 96.80
C LYS F 160 67.21 -21.33 98.02
N ALA F 161 66.89 -21.88 99.20
CA ALA F 161 67.35 -21.35 100.48
C ALA F 161 68.44 -22.23 101.10
N ASP F 162 69.23 -22.87 100.24
CA ASP F 162 70.37 -23.73 100.54
C ASP F 162 69.98 -25.06 101.20
N SER F 163 68.72 -25.25 101.55
CA SER F 163 68.26 -26.54 102.06
C SER F 163 66.90 -26.96 101.51
N SER F 164 66.24 -26.11 100.72
CA SER F 164 64.90 -26.39 100.20
C SER F 164 64.62 -25.48 99.03
N PRO F 165 63.95 -25.94 97.97
CA PRO F 165 63.61 -25.06 96.84
C PRO F 165 62.39 -24.19 97.12
N VAL F 166 62.63 -23.06 97.79
CA VAL F 166 61.56 -22.14 98.13
C VAL F 166 61.11 -21.41 96.88
N LYS F 167 59.82 -21.48 96.58
CA LYS F 167 59.24 -20.89 95.37
C LYS F 167 58.29 -19.77 95.75
N ALA F 168 58.58 -18.56 95.27
CA ALA F 168 57.71 -17.41 95.45
C ALA F 168 57.64 -16.57 94.19
N GLY F 169 57.86 -17.18 93.03
CA GLY F 169 57.90 -16.48 91.76
C GLY F 169 59.28 -16.44 91.17
N VAL F 170 59.55 -17.33 90.21
CA VAL F 170 60.86 -17.45 89.59
C VAL F 170 60.69 -17.29 88.08
N GLU F 171 61.39 -16.32 87.49
CA GLU F 171 61.34 -16.09 86.06
C GLU F 171 62.75 -15.92 85.53
N THR F 172 62.97 -16.41 84.31
CA THR F 172 64.27 -16.32 83.64
C THR F 172 64.09 -15.41 82.42
N THR F 173 64.53 -14.17 82.54
CA THR F 173 64.37 -13.19 81.48
C THR F 173 65.42 -13.39 80.39
N THR F 174 65.16 -12.80 79.23
CA THR F 174 66.08 -12.90 78.11
C THR F 174 67.30 -12.01 78.36
N PRO F 175 68.52 -12.53 78.24
CA PRO F 175 69.70 -11.69 78.43
C PRO F 175 69.84 -10.65 77.33
N SER F 176 70.48 -9.53 77.68
CA SER F 176 70.67 -8.41 76.78
C SER F 176 72.15 -8.26 76.45
N LYS F 177 72.43 -7.98 75.18
CA LYS F 177 73.80 -7.75 74.74
C LYS F 177 74.32 -6.42 75.27
N GLN F 178 75.64 -6.33 75.39
CA GLN F 178 76.27 -5.13 75.94
C GLN F 178 77.29 -4.55 74.96
N SER F 179 78.07 -3.57 75.42
CA SER F 179 79.05 -2.91 74.56
C SER F 179 80.19 -3.86 74.18
N ASN F 180 80.56 -4.76 75.09
CA ASN F 180 81.63 -5.72 74.85
C ASN F 180 81.13 -7.02 74.25
N ASN F 181 79.93 -7.01 73.64
CA ASN F 181 79.30 -8.18 73.01
C ASN F 181 79.16 -9.34 73.99
N LYS F 182 78.70 -9.03 75.20
CA LYS F 182 78.51 -10.02 76.24
C LYS F 182 77.05 -10.01 76.69
N TYR F 183 76.60 -11.16 77.18
CA TYR F 183 75.22 -11.34 77.60
C TYR F 183 75.12 -11.38 79.11
N ALA F 184 74.07 -10.76 79.64
CA ALA F 184 73.84 -10.75 81.08
C ALA F 184 72.33 -10.65 81.33
N ALA F 185 71.85 -11.42 82.31
CA ALA F 185 70.44 -11.45 82.62
C ALA F 185 70.20 -11.34 84.13
N SER F 186 68.93 -11.45 84.54
CA SER F 186 68.58 -11.38 85.95
C SER F 186 67.30 -12.18 86.18
N SER F 187 67.09 -12.58 87.43
CA SER F 187 65.90 -13.31 87.84
C SER F 187 65.24 -12.54 88.99
N TYR F 188 63.98 -12.16 88.79
CA TYR F 188 63.30 -11.28 89.73
C TYR F 188 62.53 -12.10 90.78
N LEU F 189 62.61 -11.65 92.03
CA LEU F 189 61.92 -12.32 93.12
C LEU F 189 61.67 -11.30 94.22
N SER F 190 60.41 -10.96 94.45
CA SER F 190 60.01 -10.05 95.51
C SER F 190 59.53 -10.88 96.69
N LEU F 191 60.15 -10.68 97.85
CA LEU F 191 59.88 -11.47 99.04
C LEU F 191 59.38 -10.59 100.18
N THR F 192 58.54 -11.18 101.03
CA THR F 192 58.16 -10.51 102.27
C THR F 192 59.31 -10.54 103.26
N PRO F 193 59.43 -9.53 104.14
CA PRO F 193 60.49 -9.55 105.15
C PRO F 193 60.42 -10.71 106.13
N GLU F 194 59.23 -11.29 106.33
CA GLU F 194 59.10 -12.44 107.22
C GLU F 194 59.82 -13.66 106.65
N GLN F 195 59.71 -13.88 105.34
CA GLN F 195 60.37 -15.02 104.71
C GLN F 195 61.86 -14.82 104.53
N TRP F 196 62.33 -13.56 104.52
CA TRP F 196 63.75 -13.30 104.34
C TRP F 196 64.56 -13.72 105.56
N LYS F 197 64.06 -13.40 106.76
CA LYS F 197 64.74 -13.78 107.99
C LYS F 197 64.39 -15.18 108.46
N SER F 198 63.50 -15.90 107.75
CA SER F 198 63.19 -17.27 108.11
C SER F 198 64.38 -18.19 107.88
N HIS F 199 65.11 -17.97 106.78
CA HIS F 199 66.31 -18.74 106.45
C HIS F 199 67.51 -17.81 106.43
N ARG F 200 68.59 -18.22 107.09
CA ARG F 200 69.80 -17.43 107.20
C ARG F 200 70.82 -17.75 106.10
N SER F 201 70.48 -18.67 105.19
CA SER F 201 71.39 -19.04 104.11
C SER F 201 70.60 -19.01 102.80
N TYR F 202 71.12 -18.29 101.80
CA TYR F 202 70.52 -18.20 100.49
C TYR F 202 71.61 -18.23 99.42
N SER F 203 71.35 -18.95 98.34
CA SER F 203 72.29 -19.05 97.24
C SER F 203 71.53 -19.19 95.92
N CYS F 204 72.19 -18.82 94.84
CA CYS F 204 71.61 -18.90 93.50
C CYS F 204 72.30 -20.03 92.75
N GLN F 205 71.49 -20.92 92.17
CA GLN F 205 72.00 -22.07 91.40
C GLN F 205 71.79 -21.80 89.92
N VAL F 206 72.85 -22.01 89.13
CA VAL F 206 72.84 -21.74 87.70
C VAL F 206 73.04 -23.06 86.96
N THR F 207 72.11 -23.39 86.07
CA THR F 207 72.21 -24.58 85.23
C THR F 207 72.72 -24.16 83.85
N HIS F 208 73.98 -24.48 83.57
CA HIS F 208 74.62 -24.10 82.32
C HIS F 208 74.62 -25.24 81.30
N GLU F 209 73.90 -26.33 81.58
CA GLU F 209 73.85 -27.53 80.74
C GLU F 209 75.24 -28.10 80.49
N GLY F 210 75.95 -28.37 81.59
CA GLY F 210 77.31 -28.88 81.51
C GLY F 210 78.19 -28.30 82.59
N SER F 211 77.72 -27.24 83.23
CA SER F 211 78.45 -26.59 84.32
C SER F 211 77.46 -26.07 85.34
N THR F 212 77.95 -25.89 86.57
CA THR F 212 77.13 -25.38 87.67
C THR F 212 78.00 -24.51 88.55
N VAL F 213 77.59 -23.26 88.74
CA VAL F 213 78.30 -22.30 89.57
C VAL F 213 77.38 -21.85 90.70
N GLU F 214 77.94 -21.73 91.91
CA GLU F 214 77.18 -21.31 93.08
C GLU F 214 77.99 -20.27 93.85
N LYS F 215 77.27 -19.40 94.55
CA LYS F 215 77.89 -18.37 95.37
C LYS F 215 76.99 -18.06 96.55
N THR F 216 77.55 -18.10 97.76
CA THR F 216 76.83 -17.77 98.97
C THR F 216 77.16 -16.35 99.41
N VAL F 217 76.14 -15.65 99.89
CA VAL F 217 76.27 -14.27 100.34
C VAL F 217 75.73 -14.17 101.76
N ALA F 218 76.51 -13.57 102.66
CA ALA F 218 76.06 -13.36 104.02
C ALA F 218 74.92 -12.34 104.04
N PRO F 219 73.79 -12.65 104.69
CA PRO F 219 72.67 -11.69 104.68
C PRO F 219 72.95 -10.44 105.50
N THR F 220 73.62 -10.57 106.65
CA THR F 220 73.91 -9.40 107.46
C THR F 220 74.98 -8.53 106.82
N GLU F 221 76.01 -9.14 106.23
CA GLU F 221 77.08 -8.39 105.60
C GLU F 221 76.65 -7.87 104.22
N PRO G 2 46.84 25.87 2.96
CA PRO G 2 48.31 25.92 2.92
C PRO G 2 48.96 24.68 3.54
N VAL G 3 50.24 24.81 3.91
CA VAL G 3 50.96 23.68 4.48
C VAL G 3 50.53 23.44 5.92
N LEU G 4 50.57 22.18 6.34
CA LEU G 4 50.22 21.83 7.70
C LEU G 4 51.32 22.25 8.67
N THR G 5 50.94 22.92 9.75
CA THR G 5 51.90 23.35 10.76
C THR G 5 52.30 22.17 11.64
N GLN G 6 53.60 21.98 11.80
CA GLN G 6 54.14 20.87 12.58
C GLN G 6 55.21 21.37 13.53
N PRO G 7 55.35 20.71 14.70
CA PRO G 7 56.47 21.04 15.57
C PRO G 7 57.79 20.63 14.94
N PRO G 8 58.88 21.33 15.24
CA PRO G 8 60.19 20.99 14.63
C PRO G 8 60.73 19.65 15.10
N SER G 9 60.79 19.43 16.42
CA SER G 9 61.33 18.18 16.96
C SER G 9 60.73 17.97 18.35
N ALA G 10 59.74 17.09 18.44
CA ALA G 10 59.14 16.72 19.71
C ALA G 10 59.76 15.41 20.22
N SER G 11 61.06 15.48 20.49
CA SER G 11 61.82 14.31 20.93
C SER G 11 61.48 13.94 22.37
N GLY G 12 61.71 12.67 22.69
CA GLY G 12 61.46 12.17 24.02
C GLY G 12 62.36 11.01 24.38
N PRO G 13 62.66 10.86 25.67
CA PRO G 13 63.49 9.73 26.10
C PRO G 13 62.75 8.42 25.95
N PRO G 14 63.47 7.32 25.71
CA PRO G 14 62.80 6.02 25.58
C PRO G 14 62.32 5.50 26.93
N GLY G 15 61.38 4.56 26.86
CA GLY G 15 60.78 3.96 28.03
C GLY G 15 59.43 4.52 28.41
N GLN G 16 59.08 5.70 27.91
CA GLN G 16 57.79 6.31 28.18
C GLN G 16 57.20 6.85 26.87
N SER G 17 55.90 7.10 26.89
CA SER G 17 55.19 7.51 25.70
C SER G 17 55.49 8.97 25.33
N VAL G 18 55.62 9.22 24.04
CA VAL G 18 55.85 10.55 23.50
C VAL G 18 54.67 10.90 22.60
N SER G 19 54.08 12.08 22.81
CA SER G 19 52.92 12.53 22.05
C SER G 19 53.35 13.56 21.02
N ILE G 20 52.89 13.37 19.78
CA ILE G 20 53.18 14.28 18.67
C ILE G 20 51.86 14.84 18.15
N SER G 21 51.87 16.13 17.80
CA SER G 21 50.69 16.82 17.34
C SER G 21 50.85 17.27 15.89
N CYS G 22 49.73 17.32 15.18
CA CYS G 22 49.67 17.73 13.78
C CYS G 22 48.50 18.69 13.62
N SER G 23 48.76 19.98 13.79
CA SER G 23 47.72 21.00 13.75
C SER G 23 47.58 21.56 12.34
N GLY G 24 46.34 21.63 11.86
CA GLY G 24 46.07 22.14 10.53
C GLY G 24 45.21 23.38 10.53
N SER G 25 44.41 23.55 9.48
CA SER G 25 43.51 24.69 9.33
C SER G 25 42.07 24.19 9.30
N ARG G 26 41.14 25.11 9.02
CA ARG G 26 39.73 24.76 8.94
C ARG G 26 39.45 23.87 7.73
N SER G 27 39.99 24.24 6.57
CA SER G 27 39.76 23.50 5.34
C SER G 27 40.77 22.39 5.10
N ASN G 28 41.96 22.49 5.69
CA ASN G 28 42.97 21.44 5.52
C ASN G 28 42.57 20.16 6.24
N ILE G 29 41.98 20.28 7.43
CA ILE G 29 41.58 19.12 8.21
C ILE G 29 40.33 19.52 9.02
N GLY G 30 39.54 18.53 9.39
CA GLY G 30 38.26 18.74 10.04
C GLY G 30 37.07 18.34 9.20
N THR G 31 37.25 18.20 7.89
CA THR G 31 36.23 17.66 7.00
C THR G 31 36.64 16.37 6.31
N ASN G 32 37.94 16.12 6.16
CA ASN G 32 38.47 14.92 5.55
C ASN G 32 39.16 14.06 6.60
N PHE G 33 39.79 12.98 6.14
CA PHE G 33 40.53 12.08 7.02
C PHE G 33 42.02 12.35 6.90
N VAL G 34 42.72 12.29 8.03
CA VAL G 34 44.15 12.55 8.08
C VAL G 34 44.89 11.22 7.94
N TYR G 35 46.12 11.30 7.42
CA TYR G 35 46.97 10.13 7.26
C TYR G 35 48.35 10.45 7.80
N TRP G 36 49.00 9.41 8.34
CA TRP G 36 50.34 9.52 8.89
C TRP G 36 51.27 8.61 8.09
N TYR G 37 52.41 9.15 7.67
CA TYR G 37 53.34 8.45 6.80
C TYR G 37 54.64 8.16 7.53
N GLN G 38 55.10 6.92 7.41
CA GLN G 38 56.33 6.46 8.04
C GLN G 38 57.44 6.38 7.00
N GLN G 39 58.55 7.05 7.25
CA GLN G 39 59.69 7.05 6.34
C GLN G 39 60.97 6.71 7.10
N LEU G 40 61.73 5.75 6.57
CA LEU G 40 63.06 5.48 7.08
C LEU G 40 64.02 6.57 6.62
N PRO G 41 65.10 6.82 7.37
CA PRO G 41 66.07 7.85 6.95
C PRO G 41 66.81 7.42 5.69
N GLY G 42 66.75 8.27 4.67
CA GLY G 42 67.34 7.94 3.38
C GLY G 42 66.65 6.81 2.66
N ALA G 43 65.32 6.77 2.70
CA ALA G 43 64.57 5.68 2.07
C ALA G 43 63.18 6.19 1.71
N ALA G 44 62.41 5.33 1.05
CA ALA G 44 61.06 5.69 0.62
C ALA G 44 60.10 5.69 1.82
N PRO G 45 59.11 6.58 1.81
CA PRO G 45 58.10 6.58 2.88
C PRO G 45 57.10 5.45 2.69
N LYS G 46 56.27 5.28 3.73
CA LYS G 46 55.19 4.30 3.71
C LYS G 46 54.10 4.76 4.68
N LEU G 47 52.90 4.21 4.49
CA LEU G 47 51.77 4.61 5.31
C LEU G 47 51.77 3.86 6.64
N LEU G 48 51.44 4.59 7.71
CA LEU G 48 51.37 4.02 9.05
C LEU G 48 49.94 3.71 9.48
N ILE G 49 49.01 4.64 9.26
CA ILE G 49 47.63 4.48 9.69
C ILE G 49 46.73 5.26 8.73
N TYR G 50 45.54 4.73 8.47
CA TYR G 50 44.56 5.40 7.62
C TYR G 50 43.24 5.59 8.36
N LYS G 51 42.59 6.72 8.09
CA LYS G 51 41.23 7.04 8.54
C LYS G 51 41.08 7.05 10.06
N ASN G 52 42.19 7.21 10.79
CA ASN G 52 42.26 7.36 12.24
C ASN G 52 41.68 6.17 13.02
N ASP G 53 41.39 5.07 12.35
CA ASP G 53 40.70 3.97 13.01
C ASP G 53 41.38 2.62 12.84
N GLN G 54 41.96 2.35 11.66
CA GLN G 54 42.51 1.04 11.35
C GLN G 54 43.91 1.18 10.79
N ARG G 55 44.67 0.09 10.90
CA ARG G 55 46.07 0.04 10.50
C ARG G 55 46.27 -1.06 9.46
N PRO G 56 47.28 -0.92 8.58
CA PRO G 56 47.54 -1.96 7.58
C PRO G 56 48.10 -3.23 8.23
N SER G 57 48.10 -4.30 7.43
CA SER G 57 48.66 -5.57 7.87
C SER G 57 50.17 -5.45 8.02
N GLY G 58 50.69 -5.99 9.12
CA GLY G 58 52.09 -5.84 9.48
C GLY G 58 52.37 -4.67 10.40
N VAL G 59 51.47 -3.69 10.45
CA VAL G 59 51.63 -2.56 11.35
C VAL G 59 51.31 -2.97 12.77
N PRO G 60 52.27 -2.78 13.68
CA PRO G 60 52.07 -3.20 15.08
C PRO G 60 50.93 -2.46 15.78
N GLU G 61 50.24 -3.16 16.69
CA GLU G 61 49.12 -2.56 17.40
C GLU G 61 49.58 -1.45 18.34
N ARG G 62 50.79 -1.57 18.89
CA ARG G 62 51.32 -0.52 19.75
C ARG G 62 51.01 0.87 19.21
N PHE G 63 51.04 1.03 17.89
CA PHE G 63 50.76 2.33 17.29
C PHE G 63 49.29 2.70 17.40
N PHE G 64 49.02 4.00 17.44
CA PHE G 64 47.67 4.52 17.57
C PHE G 64 47.61 5.91 16.95
N GLY G 65 46.47 6.24 16.35
CA GLY G 65 46.25 7.55 15.78
C GLY G 65 45.00 8.22 16.33
N SER G 66 44.97 9.55 16.29
CA SER G 66 43.86 10.29 16.90
C SER G 66 43.72 11.64 16.22
N LYS G 67 42.56 12.25 16.42
CA LYS G 67 42.26 13.58 15.89
C LYS G 67 41.51 14.38 16.95
N SER G 68 41.61 15.71 16.85
CA SER G 68 40.97 16.61 17.81
C SER G 68 40.09 17.65 17.13
N GLY G 69 39.59 17.36 15.94
CA GLY G 69 38.71 18.29 15.24
C GLY G 69 39.47 19.21 14.30
N THR G 70 40.59 19.74 14.75
CA THR G 70 41.45 20.55 13.90
C THR G 70 42.92 20.19 14.04
N SER G 71 43.29 19.27 14.92
CA SER G 71 44.66 18.83 15.09
C SER G 71 44.68 17.31 15.22
N ALA G 72 45.66 16.69 14.58
CA ALA G 72 45.84 15.25 14.60
C ALA G 72 46.97 14.88 15.55
N SER G 73 46.79 13.78 16.28
CA SER G 73 47.78 13.32 17.25
C SER G 73 48.01 11.83 17.06
N LEU G 74 49.27 11.41 17.06
CA LEU G 74 49.65 10.01 17.01
C LEU G 74 50.34 9.63 18.31
N ALA G 75 50.00 8.46 18.83
CA ALA G 75 50.49 8.00 20.12
C ALA G 75 51.41 6.80 19.94
N ILE G 76 52.62 6.90 20.48
CA ILE G 76 53.58 5.80 20.53
C ILE G 76 54.02 5.62 21.98
N SER G 77 54.06 4.37 22.44
CA SER G 77 54.44 4.04 23.80
C SER G 77 55.79 3.34 23.78
N GLY G 78 56.82 4.02 24.25
CA GLY G 78 58.15 3.46 24.29
C GLY G 78 58.90 3.59 22.98
N LEU G 79 60.20 3.86 23.06
CA LEU G 79 61.05 4.03 21.89
C LEU G 79 62.06 2.90 21.82
N ARG G 80 62.37 2.45 20.59
CA ARG G 80 63.25 1.32 20.37
C ARG G 80 64.27 1.62 19.29
N SER G 81 64.95 0.59 18.80
CA SER G 81 65.98 0.77 17.77
C SER G 81 65.40 1.18 16.42
N GLU G 82 64.09 1.07 16.24
CA GLU G 82 63.42 1.51 15.01
C GLU G 82 62.68 2.83 15.20
N ASP G 83 62.53 3.32 16.43
CA ASP G 83 61.72 4.48 16.73
C ASP G 83 62.53 5.77 16.77
N GLU G 84 63.65 5.81 16.05
CA GLU G 84 64.43 7.03 15.86
C GLU G 84 64.22 7.63 14.48
N VAL G 85 62.99 7.57 13.98
CA VAL G 85 62.67 7.91 12.59
C VAL G 85 61.74 9.11 12.57
N ASP G 86 61.68 9.77 11.41
CA ASP G 86 60.86 10.95 11.24
C ASP G 86 59.40 10.56 11.04
N TYR G 87 58.50 11.44 11.51
CA TYR G 87 57.06 11.25 11.41
C TYR G 87 56.47 12.34 10.54
N TYR G 88 55.70 11.95 9.52
CA TYR G 88 55.05 12.89 8.62
C TYR G 88 53.53 12.77 8.73
N CYS G 89 52.84 13.90 8.69
CA CYS G 89 51.40 13.98 8.78
C CYS G 89 50.86 14.70 7.55
N ALA G 90 49.77 14.18 6.98
CA ALA G 90 49.24 14.74 5.75
C ALA G 90 47.75 14.42 5.64
N ALA G 91 47.08 15.20 4.79
CA ALA G 91 45.65 15.03 4.53
C ALA G 91 45.34 15.64 3.17
N TRP G 92 44.05 15.82 2.89
CA TRP G 92 43.60 16.42 1.64
C TRP G 92 42.60 17.52 1.97
N ASP G 93 42.55 18.53 1.09
CA ASP G 93 41.69 19.69 1.31
C ASP G 93 40.96 20.05 0.03
N ASP G 94 39.80 20.68 0.19
CA ASP G 94 39.02 21.17 -0.94
C ASP G 94 39.39 22.58 -1.35
N SER G 95 40.24 23.27 -0.58
CA SER G 95 40.59 24.65 -0.91
C SER G 95 41.51 24.71 -2.12
N LEU G 96 42.53 23.85 -2.16
CA LEU G 96 43.48 23.83 -3.25
C LEU G 96 43.23 22.73 -4.26
N SER G 97 42.31 21.80 -3.96
CA SER G 97 42.00 20.64 -4.81
C SER G 97 43.25 19.81 -5.10
N GLY G 98 44.09 19.65 -4.08
CA GLY G 98 45.32 18.90 -4.22
C GLY G 98 45.76 18.37 -2.88
N HIS G 99 46.82 17.57 -2.91
CA HIS G 99 47.35 16.97 -1.69
C HIS G 99 48.06 18.03 -0.85
N VAL G 100 47.87 17.95 0.46
CA VAL G 100 48.54 18.83 1.41
C VAL G 100 49.39 17.97 2.33
N PHE G 101 50.69 18.22 2.33
CA PHE G 101 51.66 17.43 3.06
C PHE G 101 52.26 18.26 4.19
N GLY G 102 52.91 17.58 5.13
CA GLY G 102 53.41 18.21 6.33
C GLY G 102 54.74 18.91 6.11
N ALA G 103 55.32 19.37 7.23
CA ALA G 103 56.57 20.09 7.22
C ALA G 103 57.76 19.22 7.60
N GLY G 104 57.68 18.51 8.73
CA GLY G 104 58.77 17.64 9.15
C GLY G 104 59.00 17.64 10.64
N THR G 105 59.08 16.44 11.23
CA THR G 105 59.32 16.27 12.65
C THR G 105 60.29 15.11 12.86
N LYS G 106 61.25 15.30 13.76
CA LYS G 106 62.25 14.30 14.06
C LYS G 106 62.24 13.98 15.55
N VAL G 107 62.21 12.69 15.89
CA VAL G 107 62.23 12.23 17.27
C VAL G 107 63.48 11.38 17.47
N THR G 108 64.16 11.61 18.60
CA THR G 108 65.38 10.90 18.95
C THR G 108 65.31 10.44 20.40
N VAL G 109 66.06 9.38 20.71
CA VAL G 109 66.14 8.90 22.08
C VAL G 109 67.07 9.78 22.89
N LEU G 110 66.95 9.69 24.22
CA LEU G 110 67.79 10.46 25.11
C LEU G 110 68.68 9.54 25.94
N GLY G 118 74.63 9.65 20.23
CA GLY G 118 74.47 9.98 21.63
C GLY G 118 75.77 9.98 22.40
N GLN G 119 76.88 10.15 21.69
CA GLN G 119 78.18 10.19 22.32
C GLN G 119 78.36 11.47 23.13
N PRO G 120 79.11 11.44 24.21
CA PRO G 120 79.43 12.65 24.97
C PRO G 120 80.52 13.45 24.27
N LYS G 121 80.87 14.58 24.87
CA LYS G 121 81.86 15.48 24.29
C LYS G 121 83.25 14.87 24.34
N ALA G 122 84.07 15.19 23.33
CA ALA G 122 85.39 14.61 23.20
C ALA G 122 86.32 15.62 22.56
N ALA G 123 87.56 15.20 22.30
CA ALA G 123 88.68 15.95 21.73
C ALA G 123 88.88 15.61 20.26
N PRO G 124 89.16 16.60 19.42
CA PRO G 124 89.37 16.33 18.00
C PRO G 124 90.70 15.62 17.73
N SER G 125 90.74 14.91 16.61
CA SER G 125 91.94 14.21 16.14
C SER G 125 92.36 14.85 14.82
N VAL G 126 93.25 15.84 14.91
CA VAL G 126 93.69 16.58 13.74
C VAL G 126 94.92 15.91 13.12
N THR G 127 94.91 15.79 11.79
CA THR G 127 96.04 15.25 11.04
C THR G 127 96.44 16.27 9.99
N LEU G 128 97.71 16.68 10.01
CA LEU G 128 98.23 17.64 9.05
C LEU G 128 98.83 16.88 7.87
N PHE G 129 98.30 17.13 6.66
CA PHE G 129 98.68 16.40 5.46
C PHE G 129 99.21 17.37 4.40
N PRO G 130 100.52 17.53 4.29
CA PRO G 130 101.09 18.34 3.20
C PRO G 130 100.91 17.66 1.87
N PRO G 131 100.93 18.41 0.76
CA PRO G 131 100.87 17.77 -0.56
C PRO G 131 102.20 17.11 -0.92
N SER G 132 102.11 16.14 -1.82
CA SER G 132 103.29 15.43 -2.30
C SER G 132 104.00 16.25 -3.38
N SER G 133 105.18 15.77 -3.79
CA SER G 133 105.98 16.45 -4.80
C SER G 133 105.42 16.33 -6.20
N GLU G 134 104.47 15.42 -6.43
CA GLU G 134 103.81 15.33 -7.73
C GLU G 134 102.95 16.57 -7.99
N GLU G 135 102.34 17.12 -6.94
CA GLU G 135 101.59 18.36 -7.10
C GLU G 135 102.52 19.56 -7.31
N LEU G 136 103.68 19.56 -6.63
CA LEU G 136 104.63 20.67 -6.78
C LEU G 136 105.24 20.71 -8.18
N GLN G 137 105.47 19.55 -8.80
CA GLN G 137 105.92 19.51 -10.18
C GLN G 137 104.78 19.73 -11.16
N ALA G 138 103.54 19.77 -10.67
CA ALA G 138 102.38 20.17 -11.47
C ALA G 138 102.04 21.65 -11.28
N ASN G 139 102.94 22.41 -10.65
CA ASN G 139 102.80 23.86 -10.44
C ASN G 139 101.56 24.22 -9.63
N LYS G 140 101.35 23.49 -8.53
CA LYS G 140 100.27 23.78 -7.60
C LYS G 140 100.63 23.19 -6.24
N ALA G 141 99.82 23.51 -5.24
CA ALA G 141 100.05 23.00 -3.89
C ALA G 141 98.70 23.00 -3.16
N THR G 142 98.07 21.82 -3.06
CA THR G 142 96.79 21.70 -2.39
C THR G 142 97.03 21.41 -0.92
N LEU G 143 96.76 22.40 -0.07
CA LEU G 143 96.94 22.26 1.37
C LEU G 143 95.63 21.79 2.00
N VAL G 144 95.69 20.69 2.75
CA VAL G 144 94.50 20.10 3.37
C VAL G 144 94.75 19.88 4.84
N CYS G 145 93.67 19.89 5.61
CA CYS G 145 93.70 19.57 7.04
C CYS G 145 92.53 18.66 7.35
N LEU G 146 92.83 17.41 7.68
CA LEU G 146 91.82 16.37 7.87
C LEU G 146 91.56 16.16 9.35
N ILE G 147 90.29 16.08 9.72
CA ILE G 147 89.86 15.92 11.11
C ILE G 147 88.86 14.77 11.17
N SER G 148 88.95 14.00 12.26
CA SER G 148 88.04 12.90 12.51
C SER G 148 87.91 12.72 14.02
N ASP G 149 86.99 11.83 14.43
CA ASP G 149 86.78 11.44 15.82
C ASP G 149 86.40 12.63 16.71
N PHE G 150 85.29 13.29 16.36
CA PHE G 150 84.76 14.39 17.17
C PHE G 150 83.24 14.40 17.08
N TYR G 151 82.61 14.73 18.21
CA TYR G 151 81.15 14.82 18.29
C TYR G 151 80.77 15.65 19.51
N PRO G 152 79.86 16.63 19.38
CA PRO G 152 79.15 17.02 18.16
C PRO G 152 79.94 17.98 17.28
N GLY G 153 79.25 18.70 16.41
CA GLY G 153 79.90 19.64 15.53
C GLY G 153 80.08 21.01 16.15
N ALA G 154 81.28 21.26 16.68
CA ALA G 154 81.60 22.55 17.28
C ALA G 154 83.02 23.00 16.95
N VAL G 155 83.62 22.43 15.91
CA VAL G 155 84.99 22.77 15.53
C VAL G 155 84.98 24.14 14.86
N THR G 156 85.62 25.12 15.49
CA THR G 156 85.69 26.48 14.95
C THR G 156 86.87 26.52 13.99
N VAL G 157 86.59 26.25 12.71
CA VAL G 157 87.64 26.25 11.70
C VAL G 157 88.06 27.68 11.39
N ALA G 158 89.37 27.88 11.23
CA ALA G 158 89.93 29.18 10.90
C ALA G 158 91.22 28.99 10.15
N TRP G 159 91.65 30.03 9.45
CA TRP G 159 92.85 29.99 8.62
C TRP G 159 93.85 31.02 9.11
N LYS G 160 95.09 30.57 9.30
CA LYS G 160 96.19 31.45 9.68
C LYS G 160 97.45 30.98 8.98
N ALA G 161 98.01 31.84 8.13
CA ALA G 161 99.19 31.51 7.34
C ALA G 161 100.46 32.10 7.92
N ASP G 162 100.41 32.58 9.16
CA ASP G 162 101.50 33.15 9.96
C ASP G 162 102.03 34.47 9.43
N SER G 163 101.50 34.98 8.31
CA SER G 163 101.84 36.30 7.80
C SER G 163 100.63 37.21 7.70
N SER G 164 99.55 36.73 7.10
CA SER G 164 98.31 37.50 6.95
C SER G 164 97.18 36.52 6.69
N PRO G 165 96.03 36.67 7.34
CA PRO G 165 94.90 35.75 7.09
C PRO G 165 94.28 36.01 5.72
N VAL G 166 94.42 35.04 4.83
CA VAL G 166 93.91 35.15 3.46
C VAL G 166 92.94 34.00 3.22
N LYS G 167 91.72 34.34 2.84
CA LYS G 167 90.69 33.36 2.49
C LYS G 167 90.16 33.68 1.10
N ALA G 168 90.27 32.71 0.19
CA ALA G 168 89.82 32.91 -1.19
C ALA G 168 89.53 31.54 -1.79
N GLY G 169 88.27 31.29 -2.13
CA GLY G 169 87.87 30.02 -2.71
C GLY G 169 88.03 28.85 -1.75
N VAL G 170 87.59 29.04 -0.51
CA VAL G 170 87.75 28.01 0.52
C VAL G 170 86.67 26.95 0.32
N GLU G 171 87.08 25.69 0.24
CA GLU G 171 86.18 24.55 0.12
C GLU G 171 86.28 23.72 1.39
N THR G 172 85.34 23.95 2.31
CA THR G 172 85.23 23.17 3.54
C THR G 172 83.88 22.49 3.59
N THR G 173 83.87 21.27 4.14
CA THR G 173 82.67 20.47 4.21
C THR G 173 82.13 20.41 5.64
N THR G 174 80.82 20.19 5.74
CA THR G 174 80.18 20.00 7.03
C THR G 174 80.58 18.65 7.62
N PRO G 175 80.55 18.52 8.96
CA PRO G 175 80.82 17.21 9.57
C PRO G 175 79.72 16.19 9.25
N SER G 176 80.04 15.22 8.42
CA SER G 176 79.08 14.23 7.95
C SER G 176 79.26 12.91 8.70
N LYS G 177 78.36 11.96 8.42
CA LYS G 177 78.37 10.67 9.07
C LYS G 177 79.51 9.82 8.54
N GLN G 178 80.28 9.22 9.46
CA GLN G 178 81.40 8.36 9.10
C GLN G 178 81.01 6.90 9.28
N SER G 179 81.98 6.01 9.12
CA SER G 179 81.76 4.58 9.27
C SER G 179 81.98 4.09 10.70
N ASN G 180 82.40 4.97 11.61
CA ASN G 180 82.62 4.62 13.02
C ASN G 180 81.73 5.46 13.94
N ASN G 181 80.59 5.93 13.40
CA ASN G 181 79.62 6.76 14.13
C ASN G 181 80.27 8.05 14.67
N LYS G 182 81.18 8.62 13.90
CA LYS G 182 81.85 9.86 14.23
C LYS G 182 81.62 10.87 13.12
N TYR G 183 82.27 12.04 13.23
CA TYR G 183 82.18 13.09 12.25
C TYR G 183 83.56 13.35 11.63
N ALA G 184 83.54 13.95 10.45
CA ALA G 184 84.78 14.26 9.74
C ALA G 184 84.57 15.47 8.84
N ALA G 185 85.59 16.32 8.76
CA ALA G 185 85.59 17.49 7.91
C ALA G 185 86.98 17.67 7.31
N SER G 186 87.10 18.62 6.38
CA SER G 186 88.36 18.90 5.73
C SER G 186 88.39 20.36 5.31
N SER G 187 89.44 20.73 4.57
CA SER G 187 89.64 22.12 4.12
C SER G 187 90.46 22.05 2.83
N TYR G 188 89.82 22.35 1.71
CA TYR G 188 90.43 22.18 0.40
C TYR G 188 90.70 23.54 -0.24
N LEU G 189 91.89 23.69 -0.82
CA LEU G 189 92.22 24.85 -1.65
C LEU G 189 93.40 24.49 -2.53
N SER G 190 93.24 24.71 -3.84
CA SER G 190 94.34 24.49 -4.80
C SER G 190 95.17 25.77 -4.86
N LEU G 191 96.00 25.93 -3.84
CA LEU G 191 96.83 27.14 -3.71
C LEU G 191 97.95 27.14 -4.75
N THR G 192 98.34 28.34 -5.16
CA THR G 192 99.49 28.50 -6.04
C THR G 192 100.77 28.11 -5.30
N PRO G 193 101.76 27.55 -6.01
CA PRO G 193 103.00 27.15 -5.32
C PRO G 193 103.77 28.29 -4.70
N GLU G 194 103.74 29.48 -5.31
CA GLU G 194 104.45 30.63 -4.76
C GLU G 194 103.85 31.12 -3.46
N GLN G 195 102.53 31.02 -3.31
CA GLN G 195 101.89 31.39 -2.04
C GLN G 195 102.30 30.46 -0.92
N TRP G 196 102.43 29.16 -1.21
CA TRP G 196 102.83 28.19 -0.19
C TRP G 196 104.31 28.32 0.13
N LYS G 197 105.15 28.59 -0.86
CA LYS G 197 106.56 28.87 -0.59
C LYS G 197 106.77 30.19 0.12
N SER G 198 105.84 31.14 -0.02
CA SER G 198 105.95 32.42 0.67
C SER G 198 105.52 32.36 2.12
N HIS G 199 104.92 31.26 2.56
CA HIS G 199 104.49 31.08 3.95
C HIS G 199 105.37 30.02 4.60
N ARG G 200 105.92 30.35 5.77
CA ARG G 200 106.86 29.45 6.43
C ARG G 200 106.18 28.23 7.04
N SER G 201 104.92 28.35 7.44
CA SER G 201 104.21 27.23 8.03
C SER G 201 102.72 27.40 7.79
N TYR G 202 102.00 26.27 7.86
CA TYR G 202 100.55 26.25 7.74
C TYR G 202 99.99 25.37 8.83
N SER G 203 99.26 25.97 9.77
CA SER G 203 98.61 25.24 10.85
C SER G 203 97.12 25.54 10.82
N CYS G 204 96.33 24.52 10.54
CA CYS G 204 94.87 24.69 10.55
C CYS G 204 94.37 24.87 11.97
N GLN G 205 93.57 25.90 12.18
CA GLN G 205 93.05 26.21 13.51
C GLN G 205 91.93 25.24 13.83
N VAL G 206 92.21 24.29 14.72
CA VAL G 206 91.23 23.29 15.13
C VAL G 206 90.93 23.57 16.60
N THR G 207 89.74 24.13 16.85
CA THR G 207 89.29 24.41 18.21
C THR G 207 87.89 23.84 18.38
N HIS G 208 87.79 22.70 19.06
CA HIS G 208 86.52 22.09 19.40
C HIS G 208 86.30 22.33 20.89
N GLU G 209 85.11 22.85 21.23
CA GLU G 209 84.56 23.14 22.56
C GLU G 209 85.43 24.05 23.42
N GLY G 210 86.53 24.58 22.89
CA GLY G 210 87.44 25.37 23.69
C GLY G 210 88.74 24.61 23.92
N SER G 211 88.63 23.31 24.15
CA SER G 211 89.78 22.43 24.35
C SER G 211 90.38 22.12 22.98
N THR G 212 91.22 23.02 22.49
CA THR G 212 91.76 22.91 21.15
C THR G 212 92.87 21.87 21.07
N VAL G 213 92.94 21.20 19.92
CA VAL G 213 94.00 20.26 19.60
C VAL G 213 94.58 20.69 18.26
N GLU G 214 95.85 21.08 18.25
CA GLU G 214 96.49 21.60 17.06
C GLU G 214 97.84 20.92 16.85
N LYS G 215 98.31 20.94 15.61
CA LYS G 215 99.58 20.35 15.24
C LYS G 215 100.18 21.17 14.10
N THR G 216 101.50 21.08 13.97
CA THR G 216 102.21 21.78 12.89
C THR G 216 103.21 20.83 12.25
N VAL G 217 103.41 21.01 10.95
CA VAL G 217 104.34 20.20 10.16
C VAL G 217 105.20 21.14 9.33
N ALA G 218 106.52 20.98 9.44
CA ALA G 218 107.44 21.81 8.66
C ALA G 218 107.34 21.48 7.18
N PRO G 219 107.58 22.46 6.30
CA PRO G 219 107.58 22.17 4.85
C PRO G 219 108.62 21.14 4.44
N THR G 220 109.79 21.14 5.08
CA THR G 220 110.80 20.12 4.83
C THR G 220 110.60 18.87 5.66
N GLU G 221 109.73 18.93 6.67
CA GLU G 221 109.39 17.81 7.56
C GLU G 221 110.62 17.18 8.23
N VAL H 2 55.81 8.34 51.84
CA VAL H 2 57.26 8.17 51.90
C VAL H 2 57.70 7.96 53.34
N GLN H 3 57.34 8.91 54.21
CA GLN H 3 57.67 8.85 55.63
C GLN H 3 56.39 8.71 56.44
N LEU H 4 56.33 7.67 57.27
CA LEU H 4 55.15 7.42 58.08
C LEU H 4 55.50 7.13 59.54
N VAL H 5 56.60 7.65 60.05
CA VAL H 5 56.99 7.44 61.44
C VAL H 5 56.13 8.35 62.30
N GLN H 6 55.22 7.77 63.07
CA GLN H 6 54.32 8.54 63.91
C GLN H 6 54.88 8.66 65.32
N SER H 7 54.22 9.49 66.13
CA SER H 7 54.65 9.71 67.50
C SER H 7 54.28 8.52 68.37
N GLY H 8 54.75 8.55 69.62
CA GLY H 8 54.47 7.49 70.55
C GLY H 8 53.04 7.54 71.08
N ALA H 9 52.70 6.49 71.81
CA ALA H 9 51.36 6.34 72.39
C ALA H 9 51.42 6.57 73.88
N GLU H 10 50.43 7.32 74.40
CA GLU H 10 50.30 7.50 75.83
C GLU H 10 49.92 6.17 76.50
N VAL H 11 50.51 5.91 77.66
CA VAL H 11 50.23 4.65 78.36
C VAL H 11 48.84 4.71 78.96
N LYS H 12 48.09 3.61 78.79
CA LYS H 12 46.70 3.56 79.20
C LYS H 12 46.41 2.23 79.89
N LYS H 13 45.44 2.26 80.79
CA LYS H 13 44.95 1.04 81.42
C LYS H 13 44.09 0.25 80.43
N PRO H 14 43.91 -1.05 80.66
CA PRO H 14 42.92 -1.80 79.86
C PRO H 14 41.52 -1.26 80.05
N GLY H 15 40.74 -1.30 78.97
CA GLY H 15 39.43 -0.69 78.98
C GLY H 15 39.44 0.82 78.83
N ALA H 16 40.42 1.36 78.11
CA ALA H 16 40.54 2.80 77.89
C ALA H 16 40.81 3.04 76.41
N SER H 17 41.15 4.28 76.07
CA SER H 17 41.33 4.70 74.68
C SER H 17 42.78 5.11 74.45
N VAL H 18 43.38 4.58 73.40
CA VAL H 18 44.73 4.95 72.96
C VAL H 18 44.59 5.57 71.58
N LYS H 19 45.08 6.80 71.44
CA LYS H 19 44.92 7.56 70.21
C LYS H 19 46.28 8.01 69.68
N VAL H 20 46.51 7.80 68.39
CA VAL H 20 47.73 8.24 67.73
C VAL H 20 47.41 8.45 66.26
N SER H 21 48.15 9.35 65.61
CA SER H 21 47.93 9.70 64.22
C SER H 21 49.19 9.40 63.41
N CYS H 22 49.02 8.64 62.32
CA CYS H 22 50.12 8.36 61.40
C CYS H 22 50.14 9.45 60.33
N LYS H 23 51.13 10.33 60.40
CA LYS H 23 51.20 11.49 59.52
C LYS H 23 51.65 11.06 58.13
N ALA H 24 50.80 11.29 57.13
CA ALA H 24 51.14 10.99 55.74
C ALA H 24 51.96 12.13 55.14
N SER H 25 53.28 11.99 55.16
CA SER H 25 54.19 13.02 54.66
C SER H 25 55.02 12.47 53.51
N GLY H 26 55.48 13.38 52.64
CA GLY H 26 56.27 13.01 51.49
C GLY H 26 55.49 12.65 50.25
N TYR H 27 54.17 12.59 50.33
CA TYR H 27 53.33 12.25 49.19
C TYR H 27 51.95 12.84 49.40
N ILE H 28 51.23 13.01 48.29
CA ILE H 28 49.87 13.53 48.34
C ILE H 28 48.91 12.39 48.67
N PHE H 29 48.09 12.59 49.71
CA PHE H 29 47.19 11.54 50.20
C PHE H 29 45.80 11.76 49.60
N SER H 30 45.63 11.29 48.37
CA SER H 30 44.32 11.32 47.72
C SER H 30 43.95 10.04 47.00
N ASP H 31 44.90 9.15 46.71
CA ASP H 31 44.61 7.91 45.99
C ASP H 31 45.26 6.67 46.56
N TYR H 32 46.33 6.79 47.34
CA TYR H 32 47.08 5.62 47.81
C TYR H 32 46.29 4.87 48.87
N ASN H 33 46.15 3.56 48.69
CA ASN H 33 45.44 2.73 49.66
C ASN H 33 46.28 2.55 50.92
N ILE H 34 45.64 2.70 52.07
CA ILE H 34 46.30 2.64 53.37
C ILE H 34 45.64 1.52 54.18
N HIS H 35 46.45 0.68 54.80
CA HIS H 35 45.96 -0.40 55.65
C HIS H 35 46.55 -0.26 57.05
N TRP H 36 45.73 -0.56 58.06
CA TRP H 36 46.17 -0.53 59.45
C TRP H 36 46.34 -1.96 59.94
N VAL H 37 47.51 -2.27 60.49
CA VAL H 37 47.85 -3.61 60.90
C VAL H 37 48.40 -3.56 62.33
N ARG H 38 48.22 -4.65 63.06
CA ARG H 38 48.78 -4.83 64.39
C ARG H 38 49.94 -5.81 64.33
N GLN H 39 50.78 -5.76 65.37
CA GLN H 39 51.96 -6.63 65.46
C GLN H 39 52.12 -7.07 66.91
N ALA H 40 51.54 -8.22 67.25
CA ALA H 40 51.72 -8.77 68.59
C ALA H 40 53.11 -9.39 68.71
N PRO H 41 53.76 -9.26 69.87
CA PRO H 41 55.07 -9.87 70.06
C PRO H 41 54.99 -11.39 70.09
N GLY H 42 56.05 -12.03 69.63
CA GLY H 42 56.13 -13.47 69.60
C GLY H 42 55.48 -14.12 68.39
N GLN H 43 54.89 -13.34 67.50
CA GLN H 43 54.23 -13.86 66.31
C GLN H 43 54.31 -12.79 65.23
N GLY H 44 53.69 -13.02 64.08
CA GLY H 44 53.72 -12.07 62.99
C GLY H 44 52.73 -10.94 63.15
N LEU H 45 51.97 -10.66 62.09
CA LEU H 45 51.02 -9.56 62.09
C LEU H 45 49.61 -10.09 61.84
N GLU H 46 48.63 -9.26 62.18
CA GLU H 46 47.21 -9.57 61.93
C GLU H 46 46.58 -8.37 61.24
N TRP H 47 46.18 -8.56 60.00
CA TRP H 47 45.64 -7.47 59.17
C TRP H 47 44.13 -7.47 59.24
N MET H 48 43.55 -6.27 59.32
CA MET H 48 42.09 -6.11 59.32
C MET H 48 41.73 -4.77 58.70
N GLY H 49 40.79 -4.80 57.75
CA GLY H 49 40.25 -3.59 57.15
C GLY H 49 41.16 -2.88 56.16
N TRP H 50 40.55 -2.20 55.19
CA TRP H 50 41.27 -1.31 54.29
C TRP H 50 40.64 0.07 54.35
N ILE H 51 41.45 1.10 54.12
CA ILE H 51 41.01 2.49 54.23
C ILE H 51 40.99 3.10 52.84
N SER H 52 39.79 3.44 52.36
CA SER H 52 39.63 4.13 51.09
C SER H 52 39.52 5.62 51.35
N PRO H 53 40.42 6.45 50.84
CA PRO H 53 40.40 7.89 51.17
C PRO H 53 39.28 8.66 50.51
N ASP H 54 38.89 8.26 49.29
CA ASP H 54 37.88 9.00 48.55
C ASP H 54 36.47 8.43 48.73
N SER H 55 36.32 7.11 48.67
CA SER H 55 35.02 6.47 48.80
C SER H 55 34.86 5.78 50.15
N ASP H 56 33.63 5.39 50.45
CA ASP H 56 33.32 4.69 51.69
C ASP H 56 33.29 3.17 51.46
N ASP H 57 34.46 2.64 51.10
CA ASP H 57 34.63 1.21 50.83
C ASP H 57 35.32 0.48 51.98
N THR H 58 35.41 1.11 53.16
CA THR H 58 36.09 0.50 54.29
C THR H 58 35.27 -0.65 54.87
N ASN H 59 35.97 -1.59 55.48
CA ASN H 59 35.34 -2.77 56.06
C ASN H 59 36.22 -3.26 57.21
N TYR H 60 35.93 -4.47 57.70
CA TYR H 60 36.71 -5.11 58.75
C TYR H 60 36.96 -6.56 58.36
N ALA H 61 37.69 -7.27 59.22
CA ALA H 61 37.98 -8.68 59.00
C ALA H 61 36.91 -9.55 59.64
N GLN H 62 36.95 -10.84 59.28
CA GLN H 62 35.98 -11.79 59.82
C GLN H 62 36.23 -12.11 61.29
N SER H 63 37.48 -11.97 61.75
CA SER H 63 37.81 -12.31 63.14
C SER H 63 37.23 -11.29 64.11
N PHE H 64 37.64 -10.02 63.97
CA PHE H 64 37.19 -8.96 64.85
C PHE H 64 36.61 -7.82 64.02
N GLN H 65 35.43 -7.35 64.41
CA GLN H 65 34.72 -6.31 63.65
C GLN H 65 34.53 -5.03 64.44
N GLY H 66 33.97 -5.11 65.65
CA GLY H 66 33.62 -3.92 66.40
C GLY H 66 34.60 -3.55 67.49
N ARG H 67 35.83 -4.08 67.42
CA ARG H 67 36.83 -3.75 68.43
C ARG H 67 37.32 -2.32 68.30
N VAL H 68 37.53 -1.85 67.07
CA VAL H 68 38.05 -0.51 66.82
C VAL H 68 37.17 0.20 65.81
N THR H 69 37.26 1.53 65.80
CA THR H 69 36.54 2.37 64.86
C THR H 69 37.53 3.25 64.11
N MET H 70 37.19 3.56 62.87
CA MET H 70 38.05 4.34 61.99
C MET H 70 37.28 5.55 61.45
N THR H 71 38.02 6.63 61.21
CA THR H 71 37.45 7.87 60.69
C THR H 71 38.24 8.29 59.46
N ARG H 72 37.61 9.13 58.62
CA ARG H 72 38.22 9.54 57.37
C ARG H 72 38.75 10.97 57.47
N ASP H 73 39.59 11.34 56.51
CA ASP H 73 40.23 12.65 56.52
C ASP H 73 40.66 13.00 55.11
N THR H 74 40.32 14.21 54.66
CA THR H 74 40.67 14.66 53.31
C THR H 74 41.53 15.92 53.33
N SER H 75 41.13 16.95 54.09
CA SER H 75 41.85 18.22 54.05
C SER H 75 43.18 18.15 54.81
N ILE H 76 43.19 17.48 55.96
CA ILE H 76 44.39 17.42 56.79
C ILE H 76 45.29 16.25 56.38
N THR H 77 44.73 15.21 55.74
CA THR H 77 45.44 14.00 55.31
C THR H 77 46.13 13.31 56.49
N THR H 78 45.32 12.96 57.49
CA THR H 78 45.78 12.21 58.66
C THR H 78 44.84 11.04 58.92
N VAL H 79 45.01 10.38 60.05
CA VAL H 79 44.14 9.28 60.45
C VAL H 79 44.02 9.28 61.97
N TYR H 80 42.80 9.08 62.46
CA TYR H 80 42.53 9.06 63.89
C TYR H 80 42.29 7.61 64.33
N MET H 81 43.00 7.20 65.38
CA MET H 81 42.90 5.84 65.92
C MET H 81 42.08 5.89 67.19
N GLU H 82 40.90 5.26 67.15
CA GLU H 82 40.01 5.18 68.31
C GLU H 82 39.94 3.72 68.76
N LEU H 83 40.14 3.51 70.05
CA LEU H 83 40.25 2.17 70.61
C LEU H 83 39.41 2.08 71.88
N SER H 84 38.77 0.93 72.08
CA SER H 84 37.95 0.71 73.26
C SER H 84 37.92 -0.78 73.59
N SER H 85 37.59 -1.08 74.85
CA SER H 85 37.46 -2.44 75.37
C SER H 85 38.77 -3.23 75.20
N LEU H 86 39.81 -2.74 75.85
CA LEU H 86 41.12 -3.36 75.77
C LEU H 86 41.22 -4.56 76.71
N ARG H 87 42.23 -5.40 76.46
CA ARG H 87 42.53 -6.55 77.30
C ARG H 87 44.02 -6.86 77.17
N SER H 88 44.46 -7.87 77.92
CA SER H 88 45.87 -8.23 77.92
C SER H 88 46.33 -8.85 76.61
N ASP H 89 45.42 -9.47 75.85
CA ASP H 89 45.79 -10.07 74.58
C ASP H 89 46.03 -9.03 73.50
N ASP H 90 45.51 -7.82 73.65
CA ASP H 90 45.57 -6.79 72.63
C ASP H 90 46.86 -5.98 72.67
N THR H 91 47.92 -6.48 73.28
CA THR H 91 49.19 -5.74 73.28
C THR H 91 49.89 -5.89 71.93
N ALA H 92 50.21 -4.76 71.32
CA ALA H 92 50.82 -4.69 70.00
C ALA H 92 51.36 -3.29 69.78
N VAL H 93 52.19 -3.15 68.76
CA VAL H 93 52.68 -1.84 68.30
C VAL H 93 52.09 -1.62 66.92
N TYR H 94 51.10 -0.75 66.82
CA TYR H 94 50.30 -0.60 65.61
C TYR H 94 51.12 0.17 64.56
N PHE H 95 51.56 -0.54 63.53
CA PHE H 95 52.31 0.06 62.43
C PHE H 95 51.34 0.43 61.31
N CYS H 96 51.34 1.70 60.93
CA CYS H 96 50.55 2.15 59.79
C CYS H 96 51.23 1.72 58.49
N ALA H 97 50.48 1.06 57.62
CA ALA H 97 51.03 0.45 56.41
C ALA H 97 50.54 1.20 55.18
N ARG H 98 51.46 1.48 54.26
CA ARG H 98 51.14 2.12 52.99
C ARG H 98 51.22 1.10 51.86
N SER H 99 50.24 1.12 50.98
CA SER H 99 50.21 0.25 49.81
C SER H 99 50.00 1.08 48.55
N VAL H 100 50.52 0.58 47.43
CA VAL H 100 50.40 1.25 46.14
C VAL H 100 48.97 1.10 45.63
N GLY H 101 48.61 1.92 44.64
CA GLY H 101 47.37 1.74 43.91
C GLY H 101 46.12 2.09 44.69
N TYR H 102 44.98 1.64 44.14
CA TYR H 102 43.67 1.86 44.75
C TYR H 102 42.83 0.62 44.48
N CYS H 103 42.57 -0.18 45.52
CA CYS H 103 41.80 -1.40 45.38
C CYS H 103 40.69 -1.41 46.43
N SER H 104 39.46 -1.69 46.00
CA SER H 104 38.31 -1.73 46.89
C SER H 104 37.65 -3.10 46.94
N LEU H 105 37.32 -3.68 45.79
CA LEU H 105 36.60 -4.95 45.74
C LEU H 105 37.55 -6.12 45.98
N ASN H 106 36.98 -7.32 46.05
CA ASN H 106 37.75 -8.54 46.29
C ASN H 106 38.17 -9.20 44.96
N SER H 107 38.76 -8.40 44.08
CA SER H 107 39.33 -8.91 42.84
C SER H 107 40.65 -8.24 42.48
N CYS H 108 41.22 -7.43 43.39
CA CYS H 108 42.37 -6.61 43.07
C CYS H 108 43.44 -6.60 44.16
N GLN H 109 43.40 -7.55 45.09
CA GLN H 109 44.37 -7.59 46.18
C GLN H 109 45.63 -8.39 45.84
N ARG H 110 45.55 -9.27 44.84
CA ARG H 110 46.71 -10.09 44.50
C ARG H 110 47.77 -9.27 43.76
N TRP H 111 47.35 -8.30 42.96
CA TRP H 111 48.29 -7.55 42.13
C TRP H 111 48.98 -6.42 42.87
N MET H 112 48.53 -6.08 44.08
CA MET H 112 49.11 -4.97 44.83
C MET H 112 49.98 -5.48 45.97
N TRP H 113 50.75 -4.55 46.54
CA TRP H 113 51.71 -4.87 47.59
C TRP H 113 51.82 -3.66 48.52
N PHE H 114 52.30 -3.92 49.73
CA PHE H 114 52.56 -2.86 50.71
C PHE H 114 54.03 -2.45 50.58
N ASP H 115 54.26 -1.35 49.86
CA ASP H 115 55.64 -0.97 49.51
C ASP H 115 56.41 -0.43 50.72
N THR H 116 55.78 0.42 51.51
CA THR H 116 56.48 1.14 52.57
C THR H 116 55.65 1.08 53.86
N TRP H 117 56.31 0.76 54.96
CA TRP H 117 55.72 0.81 56.28
C TRP H 117 56.38 1.90 57.09
N GLY H 118 55.68 2.35 58.14
CA GLY H 118 56.19 3.39 59.01
C GLY H 118 56.24 2.93 60.45
N GLN H 119 57.10 3.57 61.23
CA GLN H 119 57.24 3.22 62.65
C GLN H 119 55.99 3.64 63.41
N GLY H 120 55.44 2.72 64.19
CA GLY H 120 54.19 2.92 64.88
C GLY H 120 54.35 3.51 66.27
N ALA H 121 53.31 3.32 67.07
CA ALA H 121 53.25 3.86 68.42
C ALA H 121 53.25 2.71 69.43
N LEU H 122 54.07 2.83 70.47
CA LEU H 122 54.23 1.78 71.46
C LEU H 122 53.02 1.72 72.38
N VAL H 123 52.04 0.88 72.03
CA VAL H 123 50.84 0.70 72.84
C VAL H 123 51.04 -0.49 73.76
N THR H 124 50.79 -0.29 75.05
CA THR H 124 50.87 -1.39 75.99
C THR H 124 49.51 -1.62 76.62
N VAL H 125 49.32 -2.76 77.28
CA VAL H 125 48.05 -3.07 77.92
C VAL H 125 48.18 -3.16 79.44
N SER H 126 49.28 -2.61 79.96
CA SER H 126 49.54 -2.68 81.40
C SER H 126 48.38 -2.10 82.20
N SER H 127 47.94 -2.83 83.22
CA SER H 127 46.81 -2.38 84.02
C SER H 127 47.23 -1.43 85.12
N ALA H 128 47.47 -0.17 84.78
CA ALA H 128 47.85 0.81 85.79
C ALA H 128 47.73 2.24 85.27
N SER H 129 47.69 3.21 86.18
CA SER H 129 47.65 4.61 85.79
C SER H 129 49.06 5.16 85.73
N THR H 130 49.50 5.83 86.80
CA THR H 130 50.88 6.30 86.85
C THR H 130 51.30 6.39 88.31
N LYS H 131 52.38 5.68 88.65
CA LYS H 131 52.91 5.70 90.01
C LYS H 131 54.40 5.98 89.96
N GLY H 132 54.89 6.68 91.00
CA GLY H 132 56.29 7.05 91.08
C GLY H 132 57.08 6.12 91.97
N PRO H 133 58.36 5.96 91.68
CA PRO H 133 59.20 5.07 92.50
C PRO H 133 59.55 5.69 93.84
N SER H 134 59.46 4.87 94.89
CA SER H 134 59.83 5.26 96.25
C SER H 134 60.61 4.13 96.90
N VAL H 135 61.57 3.59 96.17
CA VAL H 135 62.28 2.37 96.56
C VAL H 135 63.61 2.75 97.19
N PHE H 136 63.90 2.17 98.35
CA PHE H 136 65.19 2.37 99.01
C PHE H 136 66.30 1.69 98.20
N PRO H 137 67.54 2.19 98.31
CA PRO H 137 68.64 1.60 97.54
C PRO H 137 68.97 0.18 97.98
N LEU H 138 69.56 -0.56 97.04
CA LEU H 138 69.85 -1.98 97.22
C LEU H 138 71.29 -2.19 97.66
N ALA H 139 71.49 -3.04 98.66
CA ALA H 139 72.82 -3.32 99.16
C ALA H 139 73.58 -4.25 98.21
N PRO H 140 74.90 -4.12 98.13
CA PRO H 140 75.70 -5.06 97.31
C PRO H 140 75.86 -6.42 97.98
N SER H 141 76.64 -7.29 97.36
CA SER H 141 76.89 -8.62 97.91
C SER H 141 77.78 -8.56 99.15
N THR H 149 87.28 -8.41 92.24
CA THR H 149 86.27 -7.75 91.41
C THR H 149 84.87 -8.08 91.90
N ALA H 150 84.02 -7.05 91.95
CA ALA H 150 82.64 -7.22 92.40
C ALA H 150 81.79 -6.20 91.65
N ALA H 151 80.55 -6.02 92.12
CA ALA H 151 79.63 -5.07 91.49
C ALA H 151 78.65 -4.57 92.53
N LEU H 152 78.02 -3.44 92.21
CA LEU H 152 77.03 -2.84 93.10
C LEU H 152 75.97 -2.17 92.24
N GLY H 153 74.74 -2.11 92.77
CA GLY H 153 73.65 -1.50 92.04
C GLY H 153 72.44 -1.33 92.92
N CYS H 154 71.50 -0.51 92.44
CA CYS H 154 70.25 -0.25 93.12
C CYS H 154 69.09 -0.77 92.27
N LEU H 155 68.21 -1.54 92.88
CA LEU H 155 67.04 -2.09 92.21
C LEU H 155 65.83 -1.21 92.48
N VAL H 156 65.11 -0.85 91.43
CA VAL H 156 63.96 0.03 91.51
C VAL H 156 62.72 -0.75 91.09
N LYS H 157 61.64 -0.58 91.86
CA LYS H 157 60.36 -1.21 91.57
C LYS H 157 59.26 -0.14 91.71
N ASP H 158 58.01 -0.59 91.61
CA ASP H 158 56.82 0.24 91.87
C ASP H 158 56.76 1.47 90.97
N TYR H 159 56.97 1.27 89.67
CA TYR H 159 56.87 2.34 88.69
C TYR H 159 56.08 1.85 87.49
N PHE H 160 55.51 2.79 86.75
CA PHE H 160 54.70 2.45 85.58
C PHE H 160 54.64 3.65 84.63
N PRO H 161 55.01 3.47 83.35
CA PRO H 161 55.50 2.22 82.77
C PRO H 161 57.02 2.15 82.58
N GLU H 162 57.48 1.08 81.95
CA GLU H 162 58.89 0.91 81.63
C GLU H 162 59.29 1.81 80.46
N PRO H 163 60.59 2.09 80.31
CA PRO H 163 61.77 1.93 81.17
C PRO H 163 61.97 3.04 82.19
N VAL H 164 63.05 2.93 82.97
CA VAL H 164 63.55 4.01 83.81
C VAL H 164 65.05 4.11 83.60
N THR H 165 65.56 5.35 83.59
CA THR H 165 66.98 5.61 83.33
C THR H 165 67.71 5.79 84.64
N VAL H 166 68.85 5.11 84.76
CA VAL H 166 69.68 5.15 85.98
C VAL H 166 71.02 5.76 85.62
N SER H 167 71.41 6.80 86.35
CA SER H 167 72.70 7.45 86.19
C SER H 167 73.43 7.47 87.52
N TRP H 168 74.76 7.32 87.46
CA TRP H 168 75.59 7.21 88.66
C TRP H 168 76.54 8.39 88.76
N ASN H 169 76.72 8.86 90.00
CA ASN H 169 77.70 9.90 90.36
C ASN H 169 77.44 11.21 89.60
N SER H 170 76.16 11.54 89.42
CA SER H 170 75.71 12.78 88.78
C SER H 170 76.28 12.93 87.36
N GLY H 171 76.23 11.84 86.60
CA GLY H 171 76.70 11.84 85.23
C GLY H 171 78.19 11.62 85.05
N ALA H 172 78.92 11.37 86.12
CA ALA H 172 80.35 11.10 86.03
C ALA H 172 80.67 9.62 85.86
N LEU H 173 79.65 8.76 85.77
CA LEU H 173 79.84 7.32 85.60
C LEU H 173 78.80 6.85 84.59
N THR H 174 79.23 6.74 83.32
CA THR H 174 78.35 6.29 82.24
C THR H 174 78.97 5.15 81.44
N SER H 175 79.96 4.46 82.01
CA SER H 175 80.65 3.37 81.33
C SER H 175 80.46 2.08 82.11
N GLY H 176 80.17 1.00 81.39
CA GLY H 176 79.98 -0.30 81.99
C GLY H 176 78.61 -0.57 82.57
N VAL H 177 77.68 0.37 82.44
CA VAL H 177 76.32 0.20 82.96
C VAL H 177 75.41 -0.25 81.83
N HIS H 178 74.35 -0.98 82.19
CA HIS H 178 73.40 -1.49 81.22
C HIS H 178 72.06 -1.72 81.91
N THR H 179 71.02 -1.84 81.09
CA THR H 179 69.67 -2.09 81.57
C THR H 179 69.24 -3.49 81.12
N PHE H 180 68.86 -4.33 82.09
CA PHE H 180 68.45 -5.71 81.81
C PHE H 180 66.95 -5.76 81.56
N PRO H 181 66.51 -6.57 80.59
CA PRO H 181 65.09 -6.59 80.23
C PRO H 181 64.20 -7.18 81.32
N ALA H 182 62.97 -6.68 81.37
CA ALA H 182 61.97 -7.16 82.30
C ALA H 182 60.66 -7.38 81.56
N VAL H 183 59.89 -8.37 82.00
CA VAL H 183 58.63 -8.72 81.35
C VAL H 183 57.46 -8.40 82.25
N LEU H 184 56.24 -8.53 81.74
CA LEU H 184 55.05 -8.23 82.52
C LEU H 184 54.78 -9.34 83.53
N GLN H 185 54.51 -8.95 84.76
CA GLN H 185 54.22 -9.88 85.84
C GLN H 185 52.71 -9.94 86.08
N SER H 186 52.31 -10.63 87.16
CA SER H 186 50.89 -10.78 87.48
C SER H 186 50.24 -9.46 87.87
N SER H 187 50.93 -8.63 88.66
CA SER H 187 50.39 -7.35 89.08
C SER H 187 51.06 -6.17 88.39
N GLY H 188 51.85 -6.44 87.35
CA GLY H 188 52.47 -5.36 86.59
C GLY H 188 53.62 -4.67 87.27
N LEU H 189 54.25 -5.30 88.26
CA LEU H 189 55.40 -4.71 88.93
C LEU H 189 56.65 -4.98 88.09
N TYR H 190 57.49 -3.96 87.95
CA TYR H 190 58.68 -4.02 87.10
C TYR H 190 59.94 -3.87 87.95
N SER H 191 61.08 -4.17 87.32
CA SER H 191 62.36 -4.13 88.01
C SER H 191 63.48 -4.01 86.98
N LEU H 192 64.27 -2.94 87.07
CA LEU H 192 65.45 -2.76 86.24
C LEU H 192 66.65 -2.60 87.14
N SER H 193 67.73 -3.34 86.85
CA SER H 193 68.93 -3.31 87.65
C SER H 193 70.07 -2.65 86.88
N SER H 194 71.11 -2.28 87.63
CA SER H 194 72.31 -1.66 87.06
C SER H 194 73.55 -2.31 87.66
N VAL H 195 74.55 -2.54 86.81
CA VAL H 195 75.81 -3.15 87.22
C VAL H 195 76.96 -2.24 86.82
N VAL H 196 77.92 -2.08 87.72
CA VAL H 196 79.12 -1.28 87.49
C VAL H 196 80.32 -2.18 87.75
N THR H 197 81.26 -2.20 86.80
CA THR H 197 82.47 -3.03 86.92
C THR H 197 83.49 -2.27 87.75
N VAL H 198 83.58 -2.61 89.03
CA VAL H 198 84.53 -1.98 89.95
C VAL H 198 85.32 -3.08 90.67
N PRO H 199 86.53 -2.79 91.14
CA PRO H 199 87.24 -3.75 91.99
C PRO H 199 86.57 -3.89 93.35
N SER H 200 86.92 -4.97 94.05
CA SER H 200 86.33 -5.25 95.34
C SER H 200 86.81 -4.30 96.43
N SER H 201 87.90 -3.55 96.19
CA SER H 201 88.37 -2.58 97.17
C SER H 201 87.39 -1.44 97.34
N SER H 202 86.81 -0.97 96.24
CA SER H 202 85.84 0.13 96.27
C SER H 202 84.45 -0.47 96.10
N LEU H 203 83.86 -0.87 97.22
CA LEU H 203 82.53 -1.47 97.22
C LEU H 203 81.49 -0.62 97.93
N GLY H 204 81.75 -0.25 99.18
CA GLY H 204 80.80 0.55 99.94
C GLY H 204 81.40 1.81 100.53
N THR H 205 82.74 1.87 100.59
CA THR H 205 83.40 3.03 101.17
C THR H 205 83.30 4.25 100.26
N GLN H 206 83.52 4.07 98.96
CA GLN H 206 83.42 5.17 98.02
C GLN H 206 81.96 5.52 97.76
N THR H 207 81.72 6.79 97.43
CA THR H 207 80.36 7.27 97.21
C THR H 207 79.92 6.93 95.79
N TYR H 208 78.82 6.19 95.69
CA TYR H 208 78.21 5.84 94.40
C TYR H 208 76.71 6.06 94.53
N ILE H 209 76.23 7.17 93.99
CA ILE H 209 74.84 7.58 94.12
C ILE H 209 74.14 7.37 92.78
N CYS H 210 73.10 6.55 92.78
CA CYS H 210 72.30 6.31 91.60
C CYS H 210 70.99 7.07 91.69
N ASN H 211 70.51 7.55 90.55
CA ASN H 211 69.28 8.32 90.48
C ASN H 211 68.32 7.67 89.49
N VAL H 212 67.07 7.54 89.89
CA VAL H 212 66.02 6.99 89.03
C VAL H 212 65.19 8.15 88.49
N ASN H 213 64.81 8.05 87.21
CA ASN H 213 64.05 9.09 86.55
C ASN H 213 62.70 8.54 86.09
N HIS H 214 61.63 9.27 86.37
CA HIS H 214 60.28 8.90 85.96
C HIS H 214 59.65 10.12 85.29
N LYS H 215 59.56 10.07 83.96
CA LYS H 215 59.08 11.22 83.19
C LYS H 215 57.62 11.60 83.46
N PRO H 216 56.63 10.68 83.44
CA PRO H 216 55.25 11.17 83.63
C PRO H 216 54.93 11.58 85.06
N SER H 217 55.52 10.93 86.07
CA SER H 217 55.24 11.28 87.45
C SER H 217 56.08 12.43 87.96
N ASN H 218 57.13 12.81 87.23
CA ASN H 218 58.05 13.91 87.60
C ASN H 218 58.66 13.70 88.98
N THR H 219 59.04 12.46 89.29
CA THR H 219 59.60 12.10 90.58
C THR H 219 61.06 11.69 90.39
N LYS H 220 61.95 12.32 91.13
CA LYS H 220 63.37 12.01 91.11
C LYS H 220 63.82 11.71 92.54
N VAL H 221 64.43 10.55 92.74
CA VAL H 221 64.87 10.10 94.05
C VAL H 221 66.38 9.93 94.02
N ASP H 222 67.07 10.61 94.94
CA ASP H 222 68.53 10.52 95.06
C ASP H 222 68.84 9.51 96.16
N LYS H 223 69.26 8.31 95.76
CA LYS H 223 69.55 7.23 96.69
C LYS H 223 71.00 6.82 96.57
N LYS H 224 71.66 6.62 97.71
CA LYS H 224 73.05 6.18 97.77
C LYS H 224 73.08 4.76 98.33
N VAL H 225 73.74 3.86 97.60
CA VAL H 225 73.80 2.46 98.00
C VAL H 225 74.85 2.26 99.06
N GLU H 226 74.55 1.41 100.03
CA GLU H 226 75.48 1.06 101.10
C GLU H 226 75.33 -0.42 101.39
N PRO H 227 76.39 -1.07 101.89
CA PRO H 227 76.24 -2.45 102.35
C PRO H 227 75.37 -2.54 103.59
N LYS H 228 74.71 -3.68 103.75
CA LYS H 228 73.82 -3.89 104.89
C LYS H 228 74.60 -3.98 106.19
N SER H 229 74.00 -3.45 107.24
CA SER H 229 74.62 -3.45 108.57
C SER H 229 73.57 -3.53 109.66
N VAL I 2 54.90 -6.61 -4.34
CA VAL I 2 54.85 -5.78 -5.54
C VAL I 2 56.17 -5.03 -5.71
N GLN I 3 56.40 -4.53 -6.93
CA GLN I 3 57.62 -3.82 -7.25
C GLN I 3 57.28 -2.54 -8.02
N LEU I 4 57.94 -1.45 -7.66
CA LEU I 4 57.77 -0.15 -8.29
C LEU I 4 59.12 0.39 -8.74
N VAL I 5 59.90 -0.46 -9.44
CA VAL I 5 61.27 -0.13 -9.80
C VAL I 5 61.28 0.91 -10.92
N GLN I 6 62.25 1.81 -10.86
CA GLN I 6 62.45 2.83 -11.90
C GLN I 6 63.93 3.09 -12.06
N SER I 7 64.30 3.64 -13.22
CA SER I 7 65.68 3.92 -13.53
C SER I 7 66.14 5.21 -12.85
N GLY I 8 67.45 5.44 -12.88
CA GLY I 8 68.03 6.63 -12.30
C GLY I 8 68.72 7.53 -13.31
N ALA I 9 68.16 8.72 -13.53
CA ALA I 9 68.76 9.67 -14.45
C ALA I 9 69.87 10.45 -13.76
N GLU I 10 70.95 10.71 -14.49
CA GLU I 10 72.12 11.38 -13.94
C GLU I 10 71.93 12.89 -13.99
N VAL I 11 73.02 13.63 -13.76
CA VAL I 11 72.98 15.08 -13.73
C VAL I 11 72.77 15.63 -15.14
N LYS I 12 71.81 16.52 -15.28
CA LYS I 12 71.48 17.12 -16.56
C LYS I 12 71.40 18.64 -16.41
N LYS I 13 71.79 19.34 -17.47
CA LYS I 13 71.75 20.80 -17.47
C LYS I 13 70.31 21.29 -17.43
N PRO I 14 70.07 22.46 -16.81
CA PRO I 14 68.72 23.03 -16.82
C PRO I 14 68.27 23.42 -18.21
N GLY I 15 66.96 23.35 -18.43
CA GLY I 15 66.40 23.62 -19.74
C GLY I 15 66.11 22.39 -20.57
N ALA I 16 66.07 21.22 -19.95
CA ALA I 16 65.77 19.97 -20.65
C ALA I 16 64.69 19.24 -19.87
N SER I 17 64.40 18.00 -20.29
CA SER I 17 63.35 17.20 -19.69
C SER I 17 63.92 15.88 -19.18
N VAL I 18 63.48 15.47 -17.99
CA VAL I 18 63.92 14.22 -17.39
C VAL I 18 63.25 13.05 -18.09
N LYS I 19 63.74 11.83 -17.85
CA LYS I 19 63.16 10.64 -18.45
C LYS I 19 63.31 9.49 -17.45
N VAL I 20 62.24 9.23 -16.70
CA VAL I 20 62.20 8.14 -15.74
C VAL I 20 60.88 7.39 -15.92
N SER I 21 60.94 6.06 -15.84
CA SER I 21 59.78 5.20 -16.04
C SER I 21 59.65 4.25 -14.86
N CYS I 22 58.54 4.33 -14.14
CA CYS I 22 58.26 3.44 -13.03
C CYS I 22 57.57 2.20 -13.57
N LYS I 23 58.30 1.07 -13.60
CA LYS I 23 57.75 -0.15 -14.14
C LYS I 23 56.73 -0.76 -13.20
N ALA I 24 55.59 -1.17 -13.76
CA ALA I 24 54.51 -1.76 -12.98
C ALA I 24 54.58 -3.28 -13.06
N SER I 25 54.64 -3.93 -11.89
CA SER I 25 54.69 -5.37 -11.82
C SER I 25 54.05 -5.82 -10.51
N GLY I 26 53.56 -7.06 -10.51
CA GLY I 26 52.88 -7.61 -9.36
C GLY I 26 51.41 -7.28 -9.27
N TYR I 27 50.86 -6.55 -10.23
CA TYR I 27 49.45 -6.20 -10.24
C TYR I 27 49.03 -5.92 -11.67
N ILE I 28 47.72 -5.74 -11.87
CA ILE I 28 47.18 -5.37 -13.18
C ILE I 28 47.22 -3.86 -13.33
N PHE I 29 47.54 -3.40 -14.54
CA PHE I 29 47.69 -1.97 -14.81
C PHE I 29 46.40 -1.36 -15.35
N SER I 30 45.28 -1.58 -14.66
CA SER I 30 44.01 -1.00 -15.06
C SER I 30 43.16 -0.52 -13.91
N ASP I 31 43.63 -0.62 -12.66
CA ASP I 31 42.84 -0.21 -11.50
C ASP I 31 43.60 0.59 -10.46
N TYR I 32 44.92 0.67 -10.54
CA TYR I 32 45.73 1.30 -9.49
C TYR I 32 46.24 2.65 -9.98
N ASN I 33 45.90 3.70 -9.23
CA ASN I 33 46.36 5.04 -9.56
C ASN I 33 47.79 5.24 -9.06
N ILE I 34 48.64 5.80 -9.92
CA ILE I 34 50.03 6.07 -9.59
C ILE I 34 50.18 7.56 -9.28
N HIS I 35 51.05 7.88 -8.34
CA HIS I 35 51.26 9.26 -7.91
C HIS I 35 52.75 9.57 -7.93
N TRP I 36 53.08 10.81 -8.26
CA TRP I 36 54.45 11.26 -8.40
C TRP I 36 54.72 12.42 -7.46
N VAL I 37 55.76 12.29 -6.64
CA VAL I 37 56.14 13.30 -5.66
C VAL I 37 57.64 13.52 -5.72
N ARG I 38 58.08 14.63 -5.15
CA ARG I 38 59.50 14.95 -5.03
C ARG I 38 59.80 15.30 -3.57
N GLN I 39 61.03 14.99 -3.14
CA GLN I 39 61.44 15.14 -1.75
C GLN I 39 62.76 15.90 -1.69
N ALA I 40 62.68 17.21 -1.46
CA ALA I 40 63.89 17.99 -1.21
C ALA I 40 64.41 17.71 0.19
N PRO I 41 65.72 17.71 0.39
CA PRO I 41 66.27 17.50 1.74
C PRO I 41 65.94 18.66 2.66
N GLY I 42 65.76 18.34 3.94
CA GLY I 42 65.44 19.35 4.93
C GLY I 42 63.95 19.57 5.10
N GLN I 43 63.26 19.95 4.03
CA GLN I 43 61.84 20.22 4.08
C GLN I 43 61.06 18.94 3.79
N GLY I 44 59.74 19.08 3.60
CA GLY I 44 58.88 17.93 3.41
C GLY I 44 58.73 17.46 1.98
N LEU I 45 57.50 17.10 1.60
CA LEU I 45 57.20 16.51 0.31
C LEU I 45 56.30 17.44 -0.50
N GLU I 46 56.36 17.30 -1.82
CA GLU I 46 55.53 18.08 -2.73
C GLU I 46 54.83 17.15 -3.70
N TRP I 47 53.55 17.43 -3.97
CA TRP I 47 52.71 16.58 -4.80
C TRP I 47 52.59 17.18 -6.20
N MET I 48 52.77 16.34 -7.22
CA MET I 48 52.72 16.77 -8.62
C MET I 48 51.40 16.43 -9.29
N GLY I 49 51.01 15.15 -9.29
CA GLY I 49 49.77 14.78 -9.95
C GLY I 49 49.55 13.28 -9.84
N TRP I 50 48.43 12.85 -10.44
CA TRP I 50 48.04 11.45 -10.46
C TRP I 50 47.64 11.07 -11.88
N ILE I 51 47.90 9.82 -12.25
CA ILE I 51 47.68 9.32 -13.60
C ILE I 51 46.68 8.17 -13.54
N SER I 52 45.67 8.22 -14.40
CA SER I 52 44.79 7.08 -14.58
C SER I 52 45.48 5.99 -15.38
N PRO I 53 45.44 4.73 -14.94
CA PRO I 53 46.18 3.68 -15.62
C PRO I 53 45.53 3.20 -16.90
N ASP I 54 44.21 3.31 -16.99
CA ASP I 54 43.48 2.78 -18.14
C ASP I 54 43.29 3.78 -19.27
N SER I 55 43.13 5.07 -18.95
CA SER I 55 42.92 6.10 -19.95
C SER I 55 43.80 7.30 -19.63
N ASP I 56 43.91 8.21 -20.60
CA ASP I 56 44.68 9.44 -20.42
C ASP I 56 43.76 10.47 -19.76
N ASP I 57 43.61 10.32 -18.45
CA ASP I 57 42.82 11.23 -17.63
C ASP I 57 43.79 11.68 -16.53
N THR I 58 44.50 12.78 -16.79
CA THR I 58 45.49 13.30 -15.87
C THR I 58 45.02 14.65 -15.32
N ASN I 59 45.00 14.77 -14.00
CA ASN I 59 44.68 16.01 -13.32
C ASN I 59 45.91 16.51 -12.59
N TYR I 60 46.23 17.79 -12.76
CA TYR I 60 47.44 18.38 -12.23
C TYR I 60 47.14 19.25 -11.02
N ALA I 61 48.18 19.57 -10.27
CA ALA I 61 48.05 20.41 -9.09
C ALA I 61 48.04 21.88 -9.50
N GLN I 62 47.90 22.76 -8.50
CA GLN I 62 47.87 24.20 -8.73
C GLN I 62 49.25 24.83 -8.62
N SER I 63 50.30 24.02 -8.43
CA SER I 63 51.65 24.54 -8.31
C SER I 63 52.32 24.70 -9.67
N PHE I 64 52.37 23.63 -10.47
CA PHE I 64 53.02 23.65 -11.77
C PHE I 64 52.03 23.20 -12.82
N GLN I 65 51.82 24.03 -13.84
CA GLN I 65 50.89 23.72 -14.92
C GLN I 65 51.57 23.59 -16.27
N GLY I 66 52.35 24.58 -16.68
CA GLY I 66 52.97 24.57 -17.99
C GLY I 66 54.27 23.79 -18.05
N ARG I 67 54.94 23.63 -16.91
CA ARG I 67 56.20 22.90 -16.86
C ARG I 67 56.03 21.41 -17.04
N VAL I 68 54.91 20.84 -16.58
CA VAL I 68 54.72 19.39 -16.48
C VAL I 68 53.70 18.96 -17.53
N THR I 69 54.02 17.90 -18.27
CA THR I 69 53.13 17.34 -19.29
C THR I 69 53.24 15.82 -19.29
N MET I 70 52.09 15.15 -19.34
CA MET I 70 51.97 13.71 -19.15
C MET I 70 51.55 12.98 -20.43
N THR I 71 52.00 11.74 -20.53
CA THR I 71 51.54 10.77 -21.51
C THR I 71 51.74 9.38 -20.91
N ARG I 72 51.01 8.41 -21.44
CA ARG I 72 51.03 7.06 -20.88
C ARG I 72 50.98 6.03 -22.01
N ASP I 73 51.33 4.79 -21.66
CA ASP I 73 51.33 3.68 -22.60
C ASP I 73 50.86 2.43 -21.88
N THR I 74 50.43 1.45 -22.67
CA THR I 74 49.85 0.22 -22.13
C THR I 74 50.64 -1.04 -22.47
N SER I 75 51.11 -1.18 -23.71
CA SER I 75 51.79 -2.41 -24.14
C SER I 75 53.11 -2.61 -23.39
N ILE I 76 53.88 -1.54 -23.24
CA ILE I 76 55.13 -1.63 -22.47
C ILE I 76 54.84 -1.68 -20.97
N THR I 77 53.69 -1.13 -20.55
CA THR I 77 53.27 -1.02 -19.15
C THR I 77 54.32 -0.24 -18.34
N THR I 78 54.47 1.03 -18.72
CA THR I 78 55.38 1.97 -18.07
C THR I 78 54.66 3.31 -17.97
N VAL I 79 55.44 4.36 -17.68
CA VAL I 79 54.93 5.72 -17.68
C VAL I 79 56.07 6.64 -18.13
N TYR I 80 55.74 7.67 -18.89
CA TYR I 80 56.73 8.60 -19.43
C TYR I 80 56.69 9.91 -18.65
N MET I 81 57.86 10.40 -18.28
CA MET I 81 58.02 11.65 -17.57
C MET I 81 58.58 12.70 -18.52
N GLU I 82 58.04 13.91 -18.47
CA GLU I 82 58.47 15.00 -19.33
C GLU I 82 58.31 16.30 -18.56
N LEU I 83 59.42 16.89 -18.11
CA LEU I 83 59.43 18.13 -17.34
C LEU I 83 60.24 19.16 -18.12
N SER I 84 59.57 19.88 -19.02
CA SER I 84 60.23 20.86 -19.86
C SER I 84 60.59 22.11 -19.08
N SER I 85 61.73 22.72 -19.45
CA SER I 85 62.22 23.98 -18.90
C SER I 85 62.44 23.90 -17.39
N LEU I 86 63.36 23.02 -17.00
CA LEU I 86 63.67 22.83 -15.59
C LEU I 86 64.49 24.00 -15.06
N ARG I 87 64.41 24.18 -13.74
CA ARG I 87 65.17 25.20 -13.02
C ARG I 87 65.93 24.53 -11.89
N SER I 88 67.12 25.06 -11.59
CA SER I 88 67.99 24.47 -10.58
C SER I 88 67.62 24.98 -9.18
N ASP I 89 66.39 24.67 -8.77
CA ASP I 89 65.94 25.02 -7.43
C ASP I 89 65.14 23.92 -6.75
N ASP I 90 64.89 22.80 -7.40
CA ASP I 90 64.10 21.71 -6.86
C ASP I 90 64.82 20.38 -7.04
N THR I 91 66.10 20.34 -6.65
CA THR I 91 66.90 19.13 -6.76
C THR I 91 66.42 18.09 -5.77
N ALA I 92 65.54 17.19 -6.22
CA ALA I 92 64.86 16.27 -5.34
C ALA I 92 64.75 14.90 -5.99
N VAL I 93 64.62 13.88 -5.14
CA VAL I 93 64.41 12.52 -5.60
C VAL I 93 62.93 12.29 -5.86
N TYR I 94 62.61 11.65 -6.99
CA TYR I 94 61.24 11.40 -7.39
C TYR I 94 60.83 9.98 -7.06
N PHE I 95 59.60 9.83 -6.55
CA PHE I 95 59.07 8.54 -6.14
C PHE I 95 57.76 8.28 -6.85
N CYS I 96 57.53 7.01 -7.21
CA CYS I 96 56.24 6.55 -7.70
C CYS I 96 55.57 5.73 -6.63
N ALA I 97 54.37 6.13 -6.22
CA ALA I 97 53.66 5.52 -5.10
C ALA I 97 52.39 4.86 -5.59
N ARG I 98 52.26 3.56 -5.34
CA ARG I 98 51.06 2.80 -5.69
C ARG I 98 49.94 3.11 -4.70
N SER I 99 48.83 3.63 -5.19
CA SER I 99 47.67 3.93 -4.36
C SER I 99 46.51 3.02 -4.76
N VAL I 100 45.87 2.43 -3.75
CA VAL I 100 44.74 1.55 -4.01
C VAL I 100 43.49 2.39 -4.29
N GLY I 101 42.70 1.93 -5.26
CA GLY I 101 41.49 2.64 -5.62
C GLY I 101 41.58 3.38 -6.94
N TYR I 102 40.49 3.35 -7.71
CA TYR I 102 40.41 4.04 -8.99
C TYR I 102 39.35 5.15 -8.91
N CYS I 103 39.75 6.35 -9.30
CA CYS I 103 38.82 7.48 -9.32
C CYS I 103 39.26 8.46 -10.41
N SER I 104 38.29 9.20 -10.93
CA SER I 104 38.52 10.12 -12.04
C SER I 104 38.32 11.59 -11.69
N LEU I 105 37.58 11.90 -10.64
CA LEU I 105 37.28 13.27 -10.26
C LEU I 105 38.11 13.70 -9.06
N ASN I 106 38.16 15.01 -8.83
CA ASN I 106 38.96 15.56 -7.74
C ASN I 106 38.32 15.33 -6.37
N SER I 107 37.02 15.02 -6.32
CA SER I 107 36.36 14.76 -5.05
C SER I 107 36.62 13.36 -4.52
N CYS I 108 37.30 12.51 -5.29
CA CYS I 108 37.60 11.15 -4.84
C CYS I 108 38.64 11.11 -3.73
N GLN I 109 39.42 12.19 -3.55
CA GLN I 109 40.53 12.19 -2.60
C GLN I 109 40.04 12.40 -1.17
N ARG I 110 39.31 11.41 -0.68
CA ARG I 110 38.82 11.37 0.69
C ARG I 110 39.18 10.06 1.38
N TRP I 111 39.13 8.94 0.67
CA TRP I 111 39.53 7.63 1.18
C TRP I 111 40.73 7.11 0.41
N MET I 112 41.68 7.99 0.11
CA MET I 112 42.84 7.66 -0.72
C MET I 112 44.10 7.70 0.12
N TRP I 113 44.93 6.66 -0.01
CA TRP I 113 46.21 6.59 0.68
C TRP I 113 47.19 5.87 -0.23
N PHE I 114 48.48 6.02 0.10
CA PHE I 114 49.57 5.39 -0.66
C PHE I 114 50.10 4.23 0.18
N ASP I 115 49.93 3.01 -0.32
CA ASP I 115 50.35 1.83 0.42
C ASP I 115 51.86 1.61 0.31
N THR I 116 52.36 1.43 -0.91
CA THR I 116 53.78 1.20 -1.14
C THR I 116 54.33 2.29 -2.06
N TRP I 117 55.61 2.61 -1.87
CA TRP I 117 56.28 3.66 -2.61
C TRP I 117 57.49 3.07 -3.33
N GLY I 118 57.81 3.65 -4.48
CA GLY I 118 58.98 3.21 -5.21
C GLY I 118 60.27 3.62 -4.53
N GLN I 119 61.35 2.91 -4.87
CA GLN I 119 62.64 3.13 -4.24
C GLN I 119 63.29 4.40 -4.78
N GLY I 120 64.45 4.72 -4.22
CA GLY I 120 65.09 5.99 -4.55
C GLY I 120 65.70 5.99 -5.94
N ALA I 121 65.46 7.08 -6.67
CA ALA I 121 66.06 7.31 -7.98
C ALA I 121 66.66 8.72 -7.94
N LEU I 122 67.97 8.79 -7.75
CA LEU I 122 68.65 10.07 -7.54
C LEU I 122 68.69 10.87 -8.83
N VAL I 123 67.82 11.87 -8.93
CA VAL I 123 67.76 12.67 -10.16
C VAL I 123 67.85 14.17 -9.88
N THR I 124 68.84 14.84 -10.46
CA THR I 124 69.03 16.27 -10.23
C THR I 124 69.52 17.00 -11.47
N VAL I 125 69.61 18.32 -11.39
CA VAL I 125 70.07 19.11 -12.51
C VAL I 125 71.26 19.99 -12.13
N SER I 126 72.38 19.84 -12.84
CA SER I 126 73.56 20.65 -12.57
C SER I 126 74.33 20.93 -13.84
N SER I 127 75.18 21.96 -13.81
CA SER I 127 75.92 22.34 -15.01
C SER I 127 77.38 21.89 -14.99
N ALA I 128 77.76 21.14 -13.96
CA ALA I 128 79.15 20.70 -13.85
C ALA I 128 79.57 19.85 -15.04
N SER I 129 80.77 20.08 -15.55
CA SER I 129 81.24 19.34 -16.73
C SER I 129 81.63 17.90 -16.42
N THR I 130 81.63 17.06 -17.45
CA THR I 130 82.02 15.66 -17.26
C THR I 130 83.54 15.54 -17.31
N LYS I 131 84.11 14.84 -16.34
CA LYS I 131 85.57 14.71 -16.29
C LYS I 131 86.00 13.32 -15.81
N GLY I 132 87.09 12.81 -16.38
CA GLY I 132 87.59 11.51 -15.97
C GLY I 132 88.24 11.52 -14.61
N PRO I 133 88.46 10.32 -14.02
CA PRO I 133 89.08 10.24 -12.70
C PRO I 133 90.52 10.72 -12.69
N SER I 134 90.92 11.44 -11.65
CA SER I 134 92.30 11.92 -11.55
C SER I 134 92.80 11.60 -10.16
N VAL I 135 94.02 11.07 -10.07
CA VAL I 135 94.61 10.64 -8.80
C VAL I 135 95.80 11.54 -8.50
N PHE I 136 95.80 12.14 -7.31
CA PHE I 136 96.93 12.92 -6.83
C PHE I 136 97.36 12.37 -5.47
N PRO I 137 98.66 12.20 -5.23
CA PRO I 137 99.11 11.67 -3.95
C PRO I 137 99.11 12.73 -2.86
N LEU I 138 99.36 12.28 -1.63
CA LEU I 138 99.40 13.15 -0.45
C LEU I 138 100.61 12.77 0.38
N ALA I 139 101.38 13.76 0.80
CA ALA I 139 102.62 13.50 1.52
C ALA I 139 102.32 13.05 2.95
N PRO I 140 102.95 11.97 3.43
CA PRO I 140 102.70 11.53 4.80
C PRO I 140 103.35 12.44 5.82
N SER I 141 102.83 12.39 7.04
CA SER I 141 103.34 13.19 8.14
C SER I 141 104.28 12.37 9.02
N THR I 149 102.90 7.20 14.13
CA THR I 149 103.18 6.69 12.79
C THR I 149 102.95 7.76 11.73
N ALA I 150 102.84 7.32 10.48
CA ALA I 150 102.62 8.21 9.36
C ALA I 150 101.44 7.71 8.54
N ALA I 151 100.60 8.65 8.09
CA ALA I 151 99.44 8.34 7.28
C ALA I 151 99.33 9.32 6.13
N LEU I 152 98.67 8.89 5.06
CA LEU I 152 98.51 9.73 3.88
C LEU I 152 97.19 9.39 3.20
N GLY I 153 96.68 10.35 2.41
CA GLY I 153 95.42 10.20 1.73
C GLY I 153 95.57 10.08 0.23
N CYS I 154 94.41 10.03 -0.43
CA CYS I 154 94.33 9.89 -1.89
C CYS I 154 93.32 10.93 -2.38
N LEU I 155 93.82 12.00 -3.00
CA LEU I 155 92.99 13.13 -3.44
C LEU I 155 92.51 12.86 -4.86
N VAL I 156 91.18 12.75 -5.02
CA VAL I 156 90.55 12.59 -6.32
C VAL I 156 89.70 13.83 -6.57
N LYS I 157 90.01 14.57 -7.64
CA LYS I 157 89.36 15.84 -7.92
C LYS I 157 88.85 15.88 -9.35
N ASP I 158 87.70 16.53 -9.52
CA ASP I 158 87.12 16.87 -10.83
C ASP I 158 86.84 15.63 -11.68
N TYR I 159 85.95 14.79 -11.17
CA TYR I 159 85.51 13.59 -11.88
C TYR I 159 84.00 13.66 -12.07
N PHE I 160 83.55 13.28 -13.28
CA PHE I 160 82.14 13.28 -13.61
C PHE I 160 81.87 12.22 -14.67
N PRO I 161 80.73 11.52 -14.61
CA PRO I 161 79.71 11.59 -13.56
C PRO I 161 80.05 10.80 -12.29
N GLU I 162 79.45 11.19 -11.18
CA GLU I 162 79.63 10.48 -9.92
C GLU I 162 78.93 9.12 -9.97
N PRO I 163 79.41 8.13 -9.19
CA PRO I 163 80.59 8.10 -8.31
C PRO I 163 81.76 7.30 -8.88
N VAL I 164 82.81 7.14 -8.08
CA VAL I 164 83.95 6.31 -8.41
C VAL I 164 84.22 5.35 -7.26
N THR I 165 84.85 4.23 -7.57
CA THR I 165 85.17 3.21 -6.58
C THR I 165 86.65 3.26 -6.26
N VAL I 166 86.97 3.41 -4.98
CA VAL I 166 88.35 3.54 -4.52
C VAL I 166 88.91 2.14 -4.27
N SER I 167 89.87 1.73 -5.10
CA SER I 167 90.53 0.42 -4.96
C SER I 167 91.98 0.68 -4.60
N TRP I 168 92.28 0.67 -3.31
CA TRP I 168 93.62 0.94 -2.81
C TRP I 168 94.54 -0.23 -3.16
N ASN I 169 95.42 0.00 -4.15
CA ASN I 169 96.35 -1.01 -4.67
C ASN I 169 95.62 -2.24 -5.18
N SER I 170 94.45 -2.02 -5.79
CA SER I 170 93.58 -3.07 -6.35
C SER I 170 93.18 -4.12 -5.31
N GLY I 171 93.06 -3.71 -4.06
CA GLY I 171 92.66 -4.61 -3.00
C GLY I 171 93.75 -5.55 -2.50
N ALA I 172 94.99 -5.40 -2.99
CA ALA I 172 96.06 -6.29 -2.57
C ALA I 172 96.55 -5.98 -1.16
N LEU I 173 96.64 -4.69 -0.82
CA LEU I 173 97.14 -4.28 0.50
C LEU I 173 96.42 -2.98 0.87
N THR I 174 95.34 -3.11 1.65
CA THR I 174 94.58 -1.96 2.11
C THR I 174 94.06 -2.22 3.52
N SER I 175 93.90 -1.15 4.27
CA SER I 175 93.41 -1.22 5.65
C SER I 175 92.94 0.17 6.08
N GLY I 176 91.81 0.20 6.79
CA GLY I 176 91.30 1.45 7.34
C GLY I 176 90.84 2.47 6.32
N VAL I 177 90.09 2.02 5.31
CA VAL I 177 89.57 2.94 4.30
C VAL I 177 88.48 3.82 4.91
N HIS I 178 88.40 5.05 4.43
CA HIS I 178 87.44 6.03 4.94
C HIS I 178 86.71 6.69 3.77
N THR I 179 85.51 7.17 4.05
CA THR I 179 84.67 7.85 3.07
C THR I 179 84.50 9.31 3.46
N PHE I 180 84.50 10.19 2.46
CA PHE I 180 84.36 11.62 2.67
C PHE I 180 83.29 12.20 1.78
N PRO I 181 82.55 13.18 2.25
CA PRO I 181 81.56 13.85 1.40
C PRO I 181 82.22 14.79 0.40
N ALA I 182 81.50 15.04 -0.69
CA ALA I 182 82.00 15.93 -1.74
C ALA I 182 81.74 17.38 -1.36
N VAL I 183 82.78 18.21 -1.51
CA VAL I 183 82.67 19.62 -1.13
C VAL I 183 81.95 20.39 -2.23
N LEU I 184 81.33 21.50 -1.83
CA LEU I 184 80.57 22.35 -2.73
C LEU I 184 81.35 23.64 -2.99
N GLN I 185 81.52 23.98 -4.28
CA GLN I 185 82.19 25.20 -4.68
C GLN I 185 81.39 25.89 -5.78
N SER I 186 81.85 27.08 -6.18
CA SER I 186 81.16 27.84 -7.21
C SER I 186 81.37 27.27 -8.60
N SER I 187 82.40 26.45 -8.81
CA SER I 187 82.65 25.87 -10.12
C SER I 187 81.66 24.76 -10.45
N GLY I 188 81.04 24.15 -9.44
CA GLY I 188 80.10 23.07 -9.64
C GLY I 188 80.72 21.69 -9.65
N LEU I 189 82.04 21.59 -9.63
CA LEU I 189 82.71 20.30 -9.61
C LEU I 189 82.75 19.74 -8.19
N TYR I 190 83.08 18.45 -8.08
CA TYR I 190 83.11 17.76 -6.81
C TYR I 190 84.38 16.92 -6.71
N SER I 191 84.81 16.69 -5.47
CA SER I 191 86.06 15.98 -5.21
C SER I 191 85.83 14.89 -4.16
N LEU I 192 86.73 13.91 -4.16
CA LEU I 192 86.67 12.79 -3.23
C LEU I 192 88.05 12.54 -2.63
N SER I 193 88.07 12.09 -1.38
CA SER I 193 89.31 11.77 -0.68
C SER I 193 89.19 10.42 -0.01
N SER I 194 90.35 9.79 0.20
CA SER I 194 90.41 8.47 0.82
C SER I 194 91.75 8.35 1.55
N VAL I 195 91.70 8.43 2.88
CA VAL I 195 92.88 8.29 3.72
C VAL I 195 92.82 6.94 4.43
N VAL I 196 93.94 6.24 4.46
CA VAL I 196 94.05 4.92 5.06
C VAL I 196 94.96 4.99 6.28
N THR I 197 94.57 4.31 7.34
CA THR I 197 95.37 4.23 8.56
C THR I 197 96.41 3.13 8.39
N VAL I 198 97.68 3.52 8.33
CA VAL I 198 98.78 2.58 8.10
C VAL I 198 99.83 2.76 9.19
N PRO I 199 100.54 1.72 9.57
CA PRO I 199 101.61 1.86 10.57
C PRO I 199 102.86 2.49 9.97
N SER I 200 103.88 2.64 10.81
CA SER I 200 105.15 3.24 10.40
C SER I 200 106.15 2.21 9.89
N SER I 201 105.77 0.94 9.80
CA SER I 201 106.68 -0.11 9.34
C SER I 201 106.94 -0.07 7.85
N SER I 202 106.14 0.68 7.08
CA SER I 202 106.31 0.80 5.63
C SER I 202 106.03 2.25 5.25
N LEU I 203 107.09 3.06 5.20
CA LEU I 203 106.98 4.47 4.85
C LEU I 203 107.71 4.82 3.57
N GLY I 204 109.00 4.46 3.46
CA GLY I 204 109.77 4.78 2.27
C GLY I 204 110.21 3.56 1.49
N THR I 205 110.40 2.44 2.21
CA THR I 205 110.79 1.20 1.54
C THR I 205 109.65 0.66 0.68
N GLN I 206 108.42 0.74 1.17
CA GLN I 206 107.23 0.30 0.44
C GLN I 206 106.38 1.52 0.12
N THR I 207 106.06 1.70 -1.16
CA THR I 207 105.26 2.83 -1.60
C THR I 207 103.80 2.44 -1.74
N TYR I 208 102.91 3.36 -1.38
CA TYR I 208 101.47 3.13 -1.45
C TYR I 208 100.93 3.56 -2.81
N ILE I 209 100.04 2.74 -3.37
CA ILE I 209 99.41 3.01 -4.65
C ILE I 209 97.91 3.08 -4.45
N CYS I 210 97.30 4.18 -4.89
CA CYS I 210 95.86 4.37 -4.82
C CYS I 210 95.28 4.39 -6.23
N ASN I 211 94.28 3.55 -6.47
CA ASN I 211 93.65 3.42 -7.77
C ASN I 211 92.15 3.62 -7.64
N VAL I 212 91.55 4.30 -8.62
CA VAL I 212 90.12 4.50 -8.67
C VAL I 212 89.61 4.04 -10.02
N ASN I 213 88.33 3.67 -10.07
CA ASN I 213 87.71 3.13 -11.28
C ASN I 213 86.48 3.95 -11.61
N HIS I 214 86.36 4.35 -12.87
CA HIS I 214 85.21 5.11 -13.36
C HIS I 214 84.63 4.38 -14.57
N LYS I 215 83.34 4.11 -14.52
CA LYS I 215 82.66 3.31 -15.55
C LYS I 215 82.30 4.08 -16.83
N PRO I 216 81.68 5.28 -16.78
CA PRO I 216 81.29 5.92 -18.06
C PRO I 216 82.47 6.38 -18.90
N SER I 217 83.59 6.76 -18.30
CA SER I 217 84.72 7.26 -19.08
C SER I 217 85.66 6.17 -19.54
N ASN I 218 85.73 5.05 -18.80
CA ASN I 218 86.60 3.91 -19.12
C ASN I 218 88.07 4.33 -19.22
N THR I 219 88.51 5.18 -18.30
CA THR I 219 89.89 5.63 -18.24
C THR I 219 90.40 5.52 -16.82
N LYS I 220 91.72 5.43 -16.68
CA LYS I 220 92.33 5.21 -15.38
C LYS I 220 93.73 5.82 -15.37
N VAL I 221 94.09 6.41 -14.23
CA VAL I 221 95.40 7.00 -14.01
C VAL I 221 95.96 6.47 -12.69
N ASP I 222 97.16 6.94 -12.35
CA ASP I 222 97.82 6.50 -11.12
C ASP I 222 98.65 7.64 -10.56
N LYS I 223 99.00 7.51 -9.28
CA LYS I 223 99.77 8.51 -8.57
C LYS I 223 101.19 8.02 -8.33
N LYS I 224 102.08 8.95 -8.01
CA LYS I 224 103.48 8.66 -7.72
C LYS I 224 103.84 9.35 -6.40
N VAL I 225 103.85 8.58 -5.31
CA VAL I 225 104.13 9.12 -3.99
C VAL I 225 105.63 9.29 -3.82
N GLU I 226 106.03 10.40 -3.20
CA GLU I 226 107.43 10.68 -2.87
C GLU I 226 107.50 11.06 -1.40
N PRO I 227 107.57 10.07 -0.51
CA PRO I 227 107.61 10.37 0.93
C PRO I 227 108.94 10.98 1.34
N LYS I 228 108.89 11.96 2.22
CA LYS I 228 110.06 12.66 2.72
C LYS I 228 109.94 12.87 4.21
N SER I 229 111.09 13.01 4.86
CA SER I 229 111.14 13.22 6.31
C SER I 229 112.28 14.16 6.68
C1 NAG J . -81.37 18.18 18.39
C2 NAG J . -82.51 18.65 19.29
C3 NAG J . -82.00 19.65 20.31
C4 NAG J . -80.83 19.06 21.09
C5 NAG J . -79.75 18.57 20.13
C6 NAG J . -78.60 17.87 20.81
C7 NAG J . -84.70 18.59 18.18
C8 NAG J . -85.70 19.35 17.35
N2 NAG J . -83.59 19.25 18.50
O3 NAG J . -83.05 20.01 21.20
O4 NAG J . -80.28 20.04 21.96
O5 NAG J . -80.31 17.64 19.19
O6 NAG J . -78.45 16.55 20.33
O7 NAG J . -84.91 17.43 18.54
C1 NAG J . -80.53 19.69 23.35
C2 NAG J . -79.85 20.71 24.25
C3 NAG J . -80.13 20.39 25.72
C4 NAG J . -81.64 20.29 25.95
C5 NAG J . -82.26 19.29 24.98
C6 NAG J . -83.77 19.23 25.09
C7 NAG J . -77.72 21.87 23.89
C8 NAG J . -76.24 21.72 23.64
N2 NAG J . -78.42 20.73 24.00
O3 NAG J . -79.58 21.42 26.54
O4 NAG J . -81.88 19.87 27.29
O5 NAG J . -81.95 19.65 23.63
O6 NAG J . -84.38 19.90 24.00
O7 NAG J . -78.25 22.97 23.98
C1 NAG K . -65.72 32.31 23.90
C2 NAG K . -66.08 33.25 25.04
C3 NAG K . -64.87 33.47 25.95
C4 NAG K . -64.30 32.14 26.43
C5 NAG K . -64.02 31.23 25.23
C6 NAG K . -63.58 29.84 25.63
C7 NAG K . -67.87 34.86 24.53
C8 NAG K . -68.19 36.21 23.97
N2 NAG K . -66.57 34.52 24.53
O3 NAG K . -65.26 34.27 27.06
O4 NAG K . -63.09 32.35 27.14
O5 NAG K . -65.21 31.07 24.43
O6 NAG K . -64.36 29.33 26.70
O7 NAG K . -68.74 34.11 24.95
C1 NAG K . -63.30 32.09 28.54
C2 NAG K . -62.00 31.57 29.15
C3 NAG K . -62.17 31.36 30.65
C4 NAG K . -62.68 32.63 31.32
C5 NAG K . -63.95 33.12 30.63
C6 NAG K . -64.44 34.45 31.16
C7 NAG K . -60.53 30.26 27.69
C8 NAG K . -60.24 28.90 27.11
N2 NAG K . -61.59 30.34 28.51
O3 NAG K . -60.93 30.98 31.22
O4 NAG K . -62.96 32.39 32.70
O5 NAG K . -63.70 33.29 29.23
O6 NAG K . -63.99 35.53 30.35
O7 NAG K . -59.83 31.23 27.43
C1 NAG L . -88.35 1.50 10.81
C2 NAG L . -87.22 1.56 11.86
C3 NAG L . -86.33 0.32 11.74
C4 NAG L . -87.16 -0.95 11.84
C5 NAG L . -88.27 -0.93 10.78
C6 NAG L . -89.20 -2.11 10.88
C7 NAG L . -86.54 3.81 12.54
C8 NAG L . -85.65 4.99 12.23
N2 NAG L . -86.44 2.77 11.70
O3 NAG L . -85.34 0.35 12.77
O4 NAG L . -86.33 -2.09 11.65
O5 NAG L . -89.07 0.25 10.96
O6 NAG L . -89.02 -3.00 9.79
O7 NAG L . -87.31 3.81 13.49
C1 NAG L . -86.21 -2.85 12.88
C2 NAG L . -84.85 -3.57 12.87
C3 NAG L . -84.67 -4.35 14.17
C4 NAG L . -84.85 -3.44 15.38
C5 NAG L . -86.20 -2.72 15.30
C6 NAG L . -86.41 -1.72 16.40
C7 NAG L . -83.99 -4.18 10.65
C8 NAG L . -83.99 -5.21 9.57
N2 NAG L . -84.74 -4.46 11.73
O3 NAG L . -83.36 -4.93 14.20
O4 NAG L . -84.79 -4.19 16.58
O5 NAG L . -86.30 -2.01 14.05
O6 NAG L . -85.55 -0.59 16.24
O7 NAG L . -83.35 -3.15 10.57
C1 NAG M . -99.59 12.77 10.95
C2 NAG M . -100.67 12.48 11.99
C3 NAG M . -101.78 13.52 11.88
C4 NAG M . -101.21 14.93 11.94
C5 NAG M . -100.05 15.11 10.97
C6 NAG M . -99.33 16.43 11.12
C7 NAG M . -100.83 10.10 12.57
C8 NAG M . -101.49 8.78 12.25
N2 NAG M . -101.21 11.13 11.82
O3 NAG M . -102.72 13.32 12.94
O4 NAG M . -102.25 15.85 11.61
O5 NAG M . -99.07 14.08 11.15
O6 NAG M . -99.15 16.76 12.49
O7 NAG M . -99.99 10.21 13.47
C1 NAG M . -102.59 16.72 12.72
C2 NAG M . -103.78 17.57 12.30
C3 NAG M . -104.18 18.50 13.44
C4 NAG M . -104.43 17.70 14.72
C5 NAG M . -103.23 16.82 15.04
C6 NAG M . -103.47 15.90 16.21
C7 NAG M . -104.30 18.37 10.04
C8 NAG M . -103.84 19.20 8.88
N2 NAG M . -103.48 18.33 11.09
O3 NAG M . -105.37 19.21 13.07
O4 NAG M . -104.63 18.60 15.81
O5 NAG M . -102.92 15.98 13.91
O6 NAG M . -104.49 14.95 15.94
O7 NAG M . -105.37 17.76 10.01
C1 BMA M . -106.02 18.60 16.22
C2 BMA M . -106.07 18.78 17.75
C3 BMA M . -107.51 18.99 18.22
C4 BMA M . -108.24 20.06 17.38
C5 BMA M . -108.14 19.70 15.88
C6 BMA M . -108.80 20.73 14.99
O2 BMA M . -105.34 19.93 18.14
O3 BMA M . -107.58 19.34 19.60
O4 BMA M . -109.60 20.14 17.75
O5 BMA M . -106.75 19.62 15.54
O6 BMA M . -108.84 20.21 13.66
C1 NAG N . -108.57 5.65 -6.13
C2 NAG N . -108.89 6.09 -7.54
C3 NAG N . -110.09 5.31 -8.06
C4 NAG N . -109.92 3.80 -7.85
C5 NAG N . -109.32 3.45 -6.48
C6 NAG N . -108.83 2.02 -6.40
C7 NAG N . -108.76 8.30 -8.62
C8 NAG N . -109.12 9.75 -8.51
N2 NAG N . -109.15 7.53 -7.60
O3 NAG N . -110.27 5.59 -9.44
O4 NAG N . -111.21 3.21 -7.87
O5 NAG N . -108.21 4.30 -6.15
O6 NAG N . -107.54 1.96 -5.79
O7 NAG N . -108.15 7.85 -9.58
C1 NAG N . -111.54 2.50 -9.07
C2 NAG N . -112.98 2.00 -8.88
C3 NAG N . -113.46 1.27 -10.13
C4 NAG N . -113.28 2.14 -11.36
C5 NAG N . -111.84 2.62 -11.47
C6 NAG N . -111.61 3.59 -12.61
C7 NAG N . -113.52 1.59 -6.53
C8 NAG N . -113.57 0.58 -5.42
N2 NAG N . -113.09 1.15 -7.72
O3 NAG N . -114.83 0.92 -9.98
O4 NAG N . -113.62 1.41 -12.54
O5 NAG N . -111.47 3.30 -10.26
O6 NAG N . -111.07 4.82 -12.14
O7 NAG N . -113.85 2.76 -6.35
C1 NAG O . 21.88 39.84 -38.15
C2 NAG O . 22.20 38.67 -37.23
C3 NAG O . 23.10 37.67 -37.97
C4 NAG O . 22.52 37.30 -39.33
C5 NAG O . 22.04 38.53 -40.11
C6 NAG O . 21.22 38.17 -41.34
C7 NAG O . 22.38 38.91 -34.79
C8 NAG O . 23.18 39.46 -33.65
N2 NAG O . 22.86 39.13 -36.02
O3 NAG O . 23.26 36.50 -37.18
O4 NAG O . 23.57 36.71 -40.10
O5 NAG O . 21.20 39.36 -39.29
O6 NAG O . 22.06 37.78 -42.41
O7 NAG O . 21.32 38.31 -34.61
C1 NAG O . 23.39 35.32 -40.39
C2 NAG O . 24.67 34.83 -41.06
C3 NAG O . 24.59 33.34 -41.37
C4 NAG O . 24.25 32.56 -40.11
C5 NAG O . 22.97 33.12 -39.46
C6 NAG O . 22.64 32.47 -38.14
C7 NAG O . 25.80 36.59 -42.34
C8 NAG O . 25.95 37.26 -43.68
N2 NAG O . 24.93 35.58 -42.29
O3 NAG O . 25.83 32.89 -41.90
O4 NAG O . 24.04 31.19 -40.42
O5 NAG O . 23.13 34.52 -39.21
O6 NAG O . 21.55 33.11 -37.51
O7 NAG O . 26.47 36.94 -41.36
C1 NAG P . -75.75 44.05 15.13
C2 NAG P . -76.53 43.46 16.31
C3 NAG P . -76.38 44.35 17.54
C4 NAG P . -74.92 44.60 17.86
C5 NAG P . -74.23 45.19 16.64
C6 NAG P . -72.74 45.40 16.83
C7 NAG P . -78.54 42.08 15.86
C8 NAG P . -77.66 40.88 16.11
N2 NAG P . -77.94 43.28 15.96
O3 NAG P . -77.04 43.72 18.64
O4 NAG P . -74.79 45.46 18.98
O5 NAG P . -74.39 44.31 15.52
O6 NAG P . -72.00 44.37 16.22
O7 NAG P . -79.72 41.98 15.57
C1 NAG P . -74.25 44.71 20.09
C2 NAG P . -73.45 45.65 21.00
C3 NAG P . -72.91 44.89 22.21
C4 NAG P . -74.04 44.16 22.93
C5 NAG P . -74.82 43.28 21.95
C6 NAG P . -76.03 42.63 22.58
C7 NAG P . -72.41 47.55 19.84
C8 NAG P . -71.21 48.04 19.10
N2 NAG P . -72.37 46.28 20.26
O3 NAG P . -72.27 45.80 23.09
O4 NAG P . -73.50 43.35 23.97
O5 NAG P . -75.30 44.08 20.86
O6 NAG P . -77.23 43.26 22.17
O7 NAG P . -73.38 48.27 20.05
C1 NAG Q . -69.20 47.90 -17.18
C2 NAG Q . -69.96 49.14 -17.65
C3 NAG Q . -69.65 49.44 -19.11
C4 NAG Q . -68.14 49.54 -19.33
C5 NAG Q . -67.46 48.27 -18.83
C6 NAG Q . -65.96 48.33 -18.92
C7 NAG Q . -72.05 49.51 -16.41
C8 NAG Q . -73.52 49.25 -16.36
N2 NAG Q . -71.39 48.98 -17.44
O3 NAG Q . -70.29 50.65 -19.49
O4 NAG Q . -67.87 49.73 -20.71
O5 NAG Q . -67.78 48.07 -17.45
O6 NAG Q . -65.35 47.70 -17.80
O7 NAG Q . -71.48 50.18 -15.55
C1 NAG Q . -67.34 51.06 -20.92
C2 NAG Q . -66.74 51.14 -22.33
C3 NAG Q . -66.21 52.54 -22.60
C4 NAG Q . -67.29 53.58 -22.35
C5 NAG Q . -67.87 53.41 -20.94
C6 NAG Q . -69.04 54.33 -20.66
C7 NAG Q . -65.72 49.17 -23.41
C8 NAG Q . -66.95 49.11 -24.29
N2 NAG Q . -65.68 50.15 -22.51
O3 NAG Q . -65.76 52.63 -23.95
O4 NAG Q . -66.75 54.90 -22.47
O5 NAG Q . -68.36 52.06 -20.77
O6 NAG Q . -70.28 53.67 -20.85
O7 NAG Q . -64.81 48.35 -23.53
C1 NAG R . -60.27 40.40 -35.13
C2 NAG R . -60.82 40.45 -36.55
C3 NAG R . -59.71 40.85 -37.53
C4 NAG R . -59.02 42.13 -37.09
C5 NAG R . -58.57 42.03 -35.63
C6 NAG R . -58.03 43.33 -35.07
C7 NAG R . -62.64 39.04 -37.40
C8 NAG R . -63.07 37.65 -37.75
N2 NAG R . -61.39 39.17 -36.94
O3 NAG R . -60.29 41.04 -38.82
O4 NAG R . -57.93 42.46 -37.94
O5 NAG R . -59.67 41.66 -34.79
O6 NAG R . -57.64 44.21 -36.12
O7 NAG R . -63.39 40.00 -37.54
C1 NAG R . -56.86 41.48 -38.05
C2 NAG R . -56.32 41.48 -39.48
C3 NAG R . -55.12 40.54 -39.62
C4 NAG R . -54.07 40.84 -38.55
C5 NAG R . -54.71 40.80 -37.17
C6 NAG R . -53.76 41.18 -36.07
C7 NAG R . -58.03 40.03 -40.61
C8 NAG R . -59.02 39.99 -41.72
N2 NAG R . -57.34 41.18 -40.48
O3 NAG R . -54.54 40.68 -40.92
O4 NAG R . -53.03 39.87 -38.61
O5 NAG R . -55.79 41.75 -37.12
O6 NAG R . -53.85 42.55 -35.73
O7 NAG R . -57.87 39.08 -39.85
C1 NAG S . -70.46 52.16 1.31
C2 NAG S . -70.69 52.06 2.81
C3 NAG S . -69.39 52.35 3.56
C4 NAG S . -68.24 51.50 3.01
C5 NAG S . -68.20 51.46 1.48
C6 NAG S . -67.27 50.40 0.95
C7 NAG S . -72.91 52.54 3.73
C8 NAG S . -73.88 53.61 4.13
N2 NAG S . -71.74 52.96 3.24
O3 NAG S . -69.60 52.10 4.94
O4 NAG S . -67.00 52.08 3.43
O5 NAG S . -69.49 51.19 0.92
O6 NAG S . -67.24 49.25 1.79
O7 NAG S . -73.17 51.34 3.86
C1 NAG S . -66.45 51.51 4.63
C2 NAG S . -64.93 51.53 4.53
C3 NAG S . -64.31 51.03 5.84
C4 NAG S . -64.85 51.81 7.03
C5 NAG S . -66.38 51.77 7.03
C6 NAG S . -66.99 52.62 8.11
C7 NAG S . -63.96 51.27 2.29
C8 NAG S . -63.53 50.30 1.24
N2 NAG S . -64.46 50.74 3.41
O3 NAG S . -62.90 51.17 5.78
O4 NAG S . -64.36 51.27 8.24
O5 NAG S . -66.87 52.26 5.78
O6 NAG S . -68.39 52.79 7.91
O7 NAG S . -63.87 52.49 2.14
C1 NAG T . -84.13 53.06 -4.18
C2 NAG T . -84.32 54.56 -4.27
C3 NAG T . -85.77 54.89 -4.64
C4 NAG T . -86.17 54.16 -5.92
C5 NAG T . -85.84 52.66 -5.82
C6 NAG T . -86.04 51.93 -7.13
C7 NAG T . -82.93 56.06 -2.90
C8 NAG T . -82.70 56.63 -1.54
N2 NAG T . -83.96 55.21 -3.01
O3 NAG T . -85.90 56.29 -4.83
O4 NAG T . -87.57 54.29 -6.12
O5 NAG T . -84.48 52.47 -5.45
O6 NAG T . -84.81 51.76 -7.83
O7 NAG T . -82.23 56.35 -3.86
C1 NAG T . -87.87 55.11 -7.28
C2 NAG T . -89.38 55.21 -7.42
C3 NAG T . -89.75 56.10 -8.61
C4 NAG T . -89.05 57.45 -8.51
C5 NAG T . -87.54 57.26 -8.32
C6 NAG T . -86.81 58.56 -8.08
C7 NAG T . -90.94 53.44 -6.73
C8 NAG T . -91.45 52.07 -7.01
N2 NAG T . -89.99 53.90 -7.54
O3 NAG T . -91.15 56.27 -8.65
O4 NAG T . -89.29 58.21 -9.68
O5 NAG T . -87.30 56.43 -7.18
O6 NAG T . -87.70 59.68 -8.09
O7 NAG T . -91.37 54.12 -5.79
C1 NAG U . -93.84 45.20 12.81
C2 NAG U . -93.13 45.97 13.94
C3 NAG U . -93.43 45.33 15.29
C4 NAG U . -94.93 45.20 15.50
C5 NAG U . -95.57 44.46 14.33
C6 NAG U . -97.08 44.38 14.41
C7 NAG U . -91.07 47.14 13.29
C8 NAG U . -89.59 47.02 13.10
N2 NAG U . -91.70 46.03 13.70
O3 NAG U . -92.84 46.13 16.32
O4 NAG U . -95.19 44.50 16.71
O5 NAG U . -95.25 45.12 13.10
O6 NAG U . -97.62 43.71 13.29
O7 NAG U . -91.67 48.19 13.09
C1 NAG U . -95.75 45.41 17.69
C2 NAG U . -96.46 44.61 18.79
C3 NAG U . -97.00 45.54 19.85
C4 NAG U . -95.92 46.45 20.39
C5 NAG U . -95.24 47.19 19.23
C6 NAG U . -94.07 48.03 19.67
C7 NAG U . -97.35 42.49 17.90
C8 NAG U . -98.54 41.80 17.34
N2 NAG U . -97.51 43.78 18.22
O3 NAG U . -97.56 44.77 20.92
O4 NAG U . -96.48 47.40 21.29
O5 NAG U . -94.73 46.25 18.27
O6 NAG U . -93.27 47.35 20.64
O7 NAG U . -96.27 41.92 18.06
C1 NAG V . 2.44 19.79 35.21
C2 NAG V . 1.50 19.47 36.37
C3 NAG V . 0.64 20.69 36.70
C4 NAG V . 1.53 21.90 36.97
C5 NAG V . 2.49 22.12 35.79
C6 NAG V . 3.49 23.23 36.04
C7 NAG V . 0.87 17.10 36.52
C8 NAG V . -0.10 16.04 36.09
N2 NAG V . 0.65 18.33 36.05
O3 NAG V . -0.16 20.41 37.84
O4 NAG V . 0.73 23.06 37.14
O5 NAG V . 3.24 20.93 35.55
O6 NAG V . 2.87 24.51 36.02
O7 NAG V . 1.82 16.85 37.26
C1 NAG V . 0.75 23.49 38.52
C2 NAG V . 0.29 24.95 38.61
C3 NAG V . 0.26 25.41 40.06
C4 NAG V . -0.58 24.45 40.90
C5 NAG V . -0.08 23.02 40.74
C6 NAG V . -0.95 22.01 41.45
C7 NAG V . 0.68 26.86 37.11
C8 NAG V . 1.70 27.64 36.35
N2 NAG V . 1.14 25.82 37.81
O3 NAG V . -0.30 26.72 40.12
O4 NAG V . -0.50 24.83 42.28
O5 NAG V . -0.08 22.67 39.34
O6 NAG V . -1.63 22.60 42.55
O7 NAG V . -0.51 27.15 37.09
C1 NAG W . -85.42 3.57 -27.18
C2 NAG W . -86.77 3.28 -27.82
C3 NAG W . -87.32 1.96 -27.30
C4 NAG W . -86.32 0.84 -27.50
C5 NAG W . -84.98 1.22 -26.88
C6 NAG W . -83.88 0.21 -27.14
C7 NAG W . -88.00 5.30 -28.49
C8 NAG W . -89.00 6.33 -28.07
N2 NAG W . -87.71 4.37 -27.58
O3 NAG W . -88.54 1.67 -27.99
O4 NAG W . -86.78 -0.36 -26.89
O5 NAG W . -84.52 2.48 -27.41
O6 NAG W . -83.99 -0.32 -28.46
O7 NAG W . -87.50 5.29 -29.61
C1 NAG W . -87.21 -1.31 -27.90
C2 NAG W . -86.81 -2.71 -27.47
C3 NAG W . -87.31 -3.74 -28.49
C4 NAG W . -88.81 -3.57 -28.72
C5 NAG W . -89.13 -2.14 -29.10
C6 NAG W . -90.62 -1.86 -29.22
C7 NAG W . -84.80 -3.46 -26.27
C8 NAG W . -83.31 -3.47 -26.25
N2 NAG W . -85.37 -2.83 -27.29
O3 NAG W . -87.04 -5.05 -28.02
O4 NAG W . -89.24 -4.45 -29.76
O5 NAG W . -88.63 -1.23 -28.09
O6 NAG W . -91.31 -2.19 -28.03
O7 NAG W . -85.47 -3.99 -25.39
C1 NAG X . -80.87 -12.31 -12.70
C2 NAG X . -81.97 -13.37 -12.61
C3 NAG X . -81.34 -14.76 -12.46
C4 NAG X . -80.33 -15.01 -13.59
C5 NAG X . -79.32 -13.87 -13.65
C6 NAG X . -78.37 -13.99 -14.82
C7 NAG X . -84.09 -12.58 -11.66
C8 NAG X . -84.89 -12.37 -10.40
N2 NAG X . -82.87 -13.11 -11.50
O3 NAG X . -82.37 -15.73 -12.47
O4 NAG X . -79.65 -16.24 -13.37
O5 NAG X . -79.99 -12.61 -13.79
O6 NAG X . -79.02 -14.49 -15.97
O7 NAG X . -84.52 -12.27 -12.77
C1 NAG X . -80.13 -17.25 -14.26
C2 NAG X . -78.96 -18.10 -14.78
C3 NAG X . -79.47 -19.23 -15.66
C4 NAG X . -80.52 -20.05 -14.93
C5 NAG X . -81.64 -19.13 -14.42
C6 NAG X . -82.65 -19.87 -13.57
C7 NAG X . -76.70 -17.20 -15.20
C8 NAG X . -76.23 -18.03 -14.06
N2 NAG X . -78.01 -17.27 -15.50
O3 NAG X . -78.38 -20.06 -16.04
O4 NAG X . -81.09 -21.02 -15.81
O5 NAG X . -81.07 -18.11 -13.58
O6 NAG X . -82.10 -20.28 -12.34
O7 NAG X . -75.93 -16.49 -15.85
C1 NAG Y . -94.87 20.10 -34.11
C2 NAG Y . -95.86 19.92 -35.25
C3 NAG Y . -97.25 20.37 -34.81
C4 NAG Y . -97.66 19.67 -33.52
C5 NAG Y . -96.58 19.79 -32.46
C6 NAG Y . -96.84 18.96 -31.22
C7 NAG Y . -94.87 20.08 -37.49
C8 NAG Y . -94.48 21.00 -38.62
N2 NAG Y . -95.44 20.67 -36.43
O3 NAG Y . -98.18 20.08 -35.85
O4 NAG Y . -98.86 20.27 -33.02
O5 NAG Y . -95.31 19.35 -32.98
O6 NAG Y . -97.41 17.71 -31.56
O7 NAG Y . -94.66 18.87 -37.54
C1 NAG Y . -99.97 19.35 -33.13
C2 NAG Y . -100.89 19.59 -31.94
C3 NAG Y . -102.09 18.65 -32.01
C4 NAG Y . -102.80 18.79 -33.36
C5 NAG Y . -101.80 18.63 -34.50
C6 NAG Y . -102.41 18.91 -35.85
C7 NAG Y . -99.98 20.41 -29.81
C8 NAG Y . -99.23 20.06 -28.56
N2 NAG Y . -100.18 19.42 -30.67
O3 NAG Y . -102.98 18.95 -30.94
O4 NAG Y . -103.80 17.79 -33.48
O5 NAG Y . -100.70 19.53 -34.35
O6 NAG Y . -102.45 20.30 -36.13
O7 NAG Y . -100.39 21.56 -30.02
C1 BMA Y . -105.12 18.36 -33.32
C2 BMA Y . -106.10 17.58 -34.22
C3 BMA Y . -107.55 17.98 -33.91
C4 BMA Y . -107.84 17.94 -32.39
C5 BMA Y . -106.81 18.83 -31.66
C6 BMA Y . -107.01 18.84 -30.15
O2 BMA Y . -105.99 16.19 -34.00
O3 BMA Y . -108.48 17.14 -34.59
O4 BMA Y . -109.15 18.42 -32.13
O5 BMA Y . -105.51 18.31 -31.94
O6 BMA Y . -108.40 18.94 -29.88
C1 NAG Z . -93.20 41.17 -33.58
C2 NAG Z . -92.23 41.59 -34.70
C3 NAG Z . -91.89 43.08 -34.58
C4 NAG Z . -93.17 43.90 -34.55
C5 NAG Z . -94.09 43.42 -33.43
C6 NAG Z . -95.42 44.12 -33.39
C7 NAG Z . -90.79 39.77 -35.49
C8 NAG Z . -89.48 39.06 -35.31
N2 NAG Z . -91.02 40.79 -34.66
O3 NAG Z . -91.08 43.46 -35.68
O4 NAG Z . -92.86 45.28 -34.35
O5 NAG Z . -94.36 42.01 -33.61
O6 NAG Z . -96.48 43.26 -33.83
O7 NAG Z . -91.60 39.44 -36.35
C1 NAG Z . -93.16 46.03 -35.55
C2 NAG Z . -92.87 47.51 -35.29
C3 NAG Z . -93.13 48.33 -36.54
C4 NAG Z . -92.36 47.77 -37.73
C5 NAG Z . -92.67 46.29 -37.89
C6 NAG Z . -91.84 45.63 -38.98
C7 NAG Z . -93.20 48.11 -32.93
C8 NAG Z . -94.16 48.65 -31.90
N2 NAG Z . -93.67 48.01 -34.17
O3 NAG Z . -92.75 49.69 -36.31
O4 NAG Z . -92.71 48.46 -38.91
O5 NAG Z . -92.38 45.58 -36.67
O6 NAG Z . -91.09 44.53 -38.46
O7 NAG Z . -92.04 47.79 -32.63
C1 NAG AA . -24.56 16.76 38.65
C2 NAG AA . -25.09 16.18 39.96
C3 NAG AA . -25.97 17.22 40.69
C4 NAG AA . -25.21 18.52 40.87
C5 NAG AA . -24.69 19.02 39.52
C6 NAG AA . -23.82 20.25 39.64
C7 NAG AA . -25.33 13.74 39.95
C8 NAG AA . -26.24 12.58 39.65
N2 NAG AA . -25.83 14.96 39.74
O3 NAG AA . -26.35 16.70 41.95
O4 NAG AA . -26.07 19.51 41.42
O5 NAG AA . -23.86 18.00 38.92
O6 NAG AA . -24.49 21.40 39.13
O7 NAG AA . -24.18 13.58 40.36
C1 NAG BA . -16.54 -48.45 -2.28
C2 NAG BA . -16.55 -49.21 -3.61
C3 NAG BA . -17.98 -49.31 -4.15
C4 NAG BA . -18.91 -49.90 -3.09
C5 NAG BA . -18.81 -49.11 -1.80
C6 NAG BA . -19.61 -49.71 -0.67
C7 NAG BA . -15.00 -49.27 -5.52
C8 NAG BA . -14.15 -48.46 -6.44
N2 NAG BA . -15.68 -48.59 -4.59
O3 NAG BA . -18.00 -50.12 -5.31
O4 NAG BA . -20.25 -49.87 -3.56
O5 NAG BA . -17.44 -49.07 -1.35
O6 NAG BA . -20.98 -49.86 -1.03
O7 NAG BA . -15.07 -50.49 -5.60
C1 NAG CA . -47.76 5.39 30.31
C2 NAG CA . -48.50 5.31 31.65
C3 NAG CA . -48.70 6.71 32.23
C4 NAG CA . -47.38 7.46 32.30
C5 NAG CA . -46.70 7.47 30.94
C6 NAG CA . -45.33 8.10 30.96
C7 NAG CA . -50.17 3.60 32.30
C8 NAG CA . -49.20 3.17 33.36
N2 NAG CA . -49.78 4.62 31.52
O3 NAG CA . -49.28 6.61 33.53
O4 NAG CA . -47.60 8.80 32.73
O5 NAG CA . -46.52 6.12 30.47
O6 NAG CA . -45.03 8.74 29.72
O7 NAG CA . -51.25 3.05 32.15
C1 NAG DA . -46.56 -27.89 8.69
C2 NAG DA . -47.66 -27.56 7.68
C3 NAG DA . -48.86 -28.49 7.89
C4 NAG DA . -48.42 -29.95 7.87
C5 NAG DA . -47.29 -30.18 8.88
C6 NAG DA . -46.71 -31.58 8.81
C7 NAG DA . -47.62 -25.23 6.94
C8 NAG DA . -48.15 -23.84 7.17
N2 NAG DA . -48.07 -26.18 7.77
O3 NAG DA . -49.83 -28.26 6.88
O4 NAG DA . -49.51 -30.80 8.20
O5 NAG DA . -46.20 -29.28 8.61
O6 NAG DA . -46.83 -32.25 10.06
O7 NAG DA . -46.84 -25.48 6.03
C1 NAG EA . -63.03 -21.83 18.48
C2 NAG EA . -63.65 -22.54 17.27
C3 NAG EA . -63.00 -23.90 17.07
C4 NAG EA . -61.49 -23.77 16.98
C5 NAG EA . -60.95 -23.02 18.19
C6 NAG EA . -59.46 -22.73 18.11
C7 NAG EA . -65.98 -22.08 16.64
C8 NAG EA . -67.42 -22.33 16.95
N2 NAG EA . -65.09 -22.68 17.44
O3 NAG EA . -63.50 -24.50 15.88
O4 NAG EA . -60.88 -25.06 16.92
O5 NAG EA . -61.61 -21.74 18.30
O6 NAG EA . -58.73 -23.92 17.86
O7 NAG EA . -65.63 -21.35 15.71
C1 NAG FA . -92.41 -5.71 -3.20
C2 NAG FA . -92.70 -6.66 -2.03
C3 NAG FA . -92.50 -8.11 -2.46
C4 NAG FA . -93.30 -8.42 -3.72
C5 NAG FA . -92.98 -7.41 -4.82
C6 NAG FA . -93.84 -7.58 -6.05
C7 NAG FA . -92.34 -5.83 0.27
C8 NAG FA . -93.82 -5.58 0.32
N2 NAG FA . -91.87 -6.34 -0.88
O3 NAG FA . -92.88 -8.98 -1.40
O4 NAG FA . -92.99 -9.73 -4.18
O5 NAG FA . -93.21 -6.07 -4.34
O6 NAG FA . -95.13 -8.08 -5.72
O7 NAG FA . -91.60 -5.58 1.22
C1 NAG GA . -25.09 -22.73 36.59
C2 NAG GA . -23.66 -23.26 36.77
C3 NAG GA . -23.45 -24.52 35.94
C4 NAG GA . -24.51 -25.56 36.27
C5 NAG GA . -25.90 -24.96 36.09
C6 NAG GA . -27.01 -25.90 36.50
C7 NAG GA . -21.70 -21.84 37.23
C8 NAG GA . -20.79 -20.79 36.68
N2 NAG GA . -22.68 -22.24 36.41
O3 NAG GA . -22.15 -25.06 36.21
O4 NAG GA . -24.38 -26.69 35.40
O5 NAG GA . -26.03 -23.79 36.91
O6 NAG GA . -27.17 -25.93 37.92
O7 NAG GA . -21.56 -22.31 38.35
C1 NAG HA . 1.07 -16.67 24.86
C2 NAG HA . 0.00 -17.59 24.25
C3 NAG HA . 0.00 -17.47 22.73
C4 NAG HA . -0.14 -16.01 22.31
C5 NAG HA . 0.93 -15.15 22.98
C6 NAG HA . 0.77 -13.68 22.70
C7 NAG HA . -0.80 -19.80 24.97
C8 NAG HA . -0.40 -21.19 25.36
N2 NAG HA . 0.21 -18.97 24.65
O3 NAG HA . -1.07 -18.25 22.19
O4 NAG HA . -0.02 -15.90 20.90
O5 NAG HA . 0.85 -15.31 24.41
O6 NAG HA . 1.07 -13.38 21.34
O7 NAG HA . -1.96 -19.45 24.94
C1 NAG IA . 0.14 49.83 -7.81
C2 NAG IA . -1.19 50.59 -7.72
C3 NAG IA . -0.96 51.97 -7.09
C4 NAG IA . -0.23 51.85 -5.75
C5 NAG IA . 1.05 51.04 -5.93
C6 NAG IA . 1.76 50.77 -4.62
C7 NAG IA . -3.13 50.68 -9.21
C8 NAG IA . -3.60 50.82 -10.62
N2 NAG IA . -1.81 50.72 -9.03
O3 NAG IA . -2.21 52.63 -6.91
O4 NAG IA . 0.07 53.14 -5.24
O5 NAG IA . 0.76 49.76 -6.50
O6 NAG IA . 1.97 49.39 -4.42
O7 NAG IA . -3.91 50.53 -8.27
C1 NAG JA . 16.80 29.21 -8.54
C2 NAG JA . 16.40 28.24 -7.43
C3 NAG JA . 15.91 29.01 -6.20
C4 NAG JA . 16.96 30.03 -5.76
C5 NAG JA . 17.35 30.93 -6.93
C6 NAG JA . 18.49 31.87 -6.61
C7 NAG JA . 15.57 26.01 -8.05
C8 NAG JA . 14.39 25.22 -8.52
N2 NAG JA . 15.36 27.32 -7.89
O3 NAG JA . 15.64 28.11 -5.14
O4 NAG JA . 16.46 30.84 -4.70
O5 NAG JA . 17.80 30.13 -8.04
O6 NAG JA . 18.57 32.12 -5.21
O7 NAG JA . 16.65 25.49 -7.81
C1 NAG KA . -14.11 34.85 -39.81
C2 NAG KA . -14.74 36.22 -39.54
C3 NAG KA . -15.22 36.84 -40.86
C4 NAG KA . -14.09 36.87 -41.88
C5 NAG KA . -13.48 35.48 -42.05
C6 NAG KA . -12.27 35.48 -42.95
C7 NAG KA . -15.72 36.43 -37.31
C8 NAG KA . -16.96 36.27 -36.48
N2 NAG KA . -15.84 36.12 -38.60
O3 NAG KA . -15.70 38.15 -40.62
O4 NAG KA . -14.59 37.32 -43.13
O5 NAG KA . -13.04 34.99 -40.77
O6 NAG KA . -11.25 36.34 -42.47
O7 NAG KA . -14.66 36.83 -36.83
C1 NAG LA . -22.94 37.24 16.46
C2 NAG LA . -23.68 36.69 17.68
C3 NAG LA . -24.12 37.85 18.58
C4 NAG LA . -22.92 38.74 18.93
C5 NAG LA . -22.22 39.19 17.66
C6 NAG LA . -20.95 39.97 17.95
C7 NAG LA . -25.21 34.78 17.93
C8 NAG LA . -26.40 34.08 17.38
N2 NAG LA . -24.82 35.90 17.28
O3 NAG LA . -24.70 37.33 19.77
O4 NAG LA . -23.37 39.87 19.66
O5 NAG LA . -21.83 38.05 16.88
O6 NAG LA . -20.01 39.19 18.67
O7 NAG LA . -24.60 34.37 18.92
C1 NAG MA . 27.15 14.27 38.00
C2 NAG MA . 26.65 15.46 37.19
C3 NAG MA . 27.37 16.72 37.65
C4 NAG MA . 27.16 16.89 39.15
C5 NAG MA . 27.64 15.64 39.89
C6 NAG MA . 27.39 15.79 41.38
C7 NAG MA . 27.88 14.55 35.26
C8 NAG MA . 29.22 15.25 35.28
N2 NAG MA . 26.86 15.24 35.77
O3 NAG MA . 26.84 17.85 36.96
O4 NAG MA . 27.88 18.03 39.61
O5 NAG MA . 26.97 14.49 39.39
O6 NAG MA . 25.98 15.83 41.62
O7 NAG MA . 27.74 13.43 34.81
C1 NAG NA . 8.67 14.66 -45.28
C2 NAG NA . 9.28 14.94 -46.66
C3 NAG NA . 9.18 16.43 -46.99
C4 NAG NA . 7.73 16.90 -46.86
C5 NAG NA . 7.19 16.55 -45.47
C6 NAG NA . 5.72 16.88 -45.32
C7 NAG NA . 11.19 13.86 -47.76
C8 NAG NA . 12.64 13.48 -47.64
N2 NAG NA . 10.67 14.50 -46.71
O3 NAG NA . 9.64 16.65 -48.31
O4 NAG NA . 7.66 18.31 -47.04
O5 NAG NA . 7.32 15.14 -45.25
O6 NAG NA . 5.30 17.87 -46.25
O7 NAG NA . 10.52 13.58 -48.75
C1 NAG OA . -24.18 -24.25 -49.20
C2 NAG OA . -25.72 -24.15 -49.23
C3 NAG OA . -26.16 -23.14 -50.31
C4 NAG OA . -25.46 -21.80 -50.08
C5 NAG OA . -23.95 -21.99 -50.02
C6 NAG OA . -23.21 -20.72 -49.69
C7 NAG OA . -27.07 -26.10 -48.59
C8 NAG OA . -27.27 -25.42 -47.26
N2 NAG OA . -26.32 -25.44 -49.48
O3 NAG OA . -27.56 -22.98 -50.24
O4 NAG OA . -25.77 -20.92 -51.16
O5 NAG OA . -23.62 -22.94 -49.00
O6 NAG OA . -23.82 -19.58 -50.30
O7 NAG OA . -27.56 -27.20 -48.84
C1 NAG PA . -12.63 -56.59 -31.09
C2 NAG PA . -12.32 -58.09 -31.12
C3 NAG PA . -11.73 -58.53 -29.77
C4 NAG PA . -10.53 -57.67 -29.41
C5 NAG PA . -10.90 -56.19 -29.47
C6 NAG PA . -9.71 -55.27 -29.24
C7 NAG PA . -13.60 -59.65 -32.51
C8 NAG PA . -14.91 -60.37 -32.68
N2 NAG PA . -13.51 -58.86 -31.44
O3 NAG PA . -11.36 -59.90 -29.85
O4 NAG PA . -10.07 -58.00 -28.11
O5 NAG PA . -11.44 -55.86 -30.75
O6 NAG PA . -8.64 -55.95 -28.58
O7 NAG PA . -12.69 -59.77 -33.31
C1 NAG QA . -1.29 -28.33 -32.98
C2 NAG QA . -0.83 -29.03 -34.25
C3 NAG QA . 0.59 -28.60 -34.60
C4 NAG QA . 0.65 -27.09 -34.71
C5 NAG QA . 0.14 -26.46 -33.41
C6 NAG QA . 0.11 -24.94 -33.54
C7 NAG QA . -0.48 -31.13 -33.02
C8 NAG QA . 0.98 -31.46 -32.95
N2 NAG QA . -0.90 -30.48 -34.11
O3 NAG QA . 1.00 -29.18 -35.85
O4 NAG QA . 1.99 -26.67 -34.94
O5 NAG QA . -1.18 -26.92 -33.13
O6 NAG QA . -0.28 -24.38 -32.28
O7 NAG QA . -1.26 -31.47 -32.14
C1 NAG RA . -30.67 10.29 -46.07
C2 NAG RA . -31.23 11.64 -45.61
C3 NAG RA . -32.05 12.29 -46.73
C4 NAG RA . -31.21 12.37 -48.01
C5 NAG RA . -30.64 11.01 -48.37
C6 NAG RA . -29.70 11.05 -49.55
C7 NAG RA . -31.97 12.31 -43.36
C8 NAG RA . -32.89 12.00 -42.22
N2 NAG RA . -32.05 11.49 -44.42
O3 NAG RA . -32.46 13.58 -46.34
O4 NAG RA . -32.01 12.86 -49.08
O5 NAG RA . -29.89 10.48 -47.26
O6 NAG RA . -28.64 10.12 -49.40
O7 NAG RA . -31.20 13.25 -43.34
C1 NAG SA . -50.65 7.39 -52.06
C2 NAG SA . -50.10 6.56 -53.22
C3 NAG SA . -49.04 7.35 -53.97
C4 NAG SA . -49.58 8.71 -54.40
C5 NAG SA . -50.15 9.45 -53.20
C6 NAG SA . -50.82 10.75 -53.57
C7 NAG SA . -50.23 4.15 -52.80
C8 NAG SA . -49.52 2.94 -52.27
N2 NAG SA . -49.56 5.29 -52.75
O3 NAG SA . -48.61 6.61 -55.12
O4 NAG SA . -48.54 9.48 -54.98
O5 NAG SA . -51.15 8.64 -52.56
O6 NAG SA . -49.95 11.58 -54.34
O7 NAG SA . -51.37 4.08 -53.26
C1 NAG TA . -76.58 33.63 -39.88
C2 NAG TA . -76.47 35.16 -39.67
C3 NAG TA . -75.58 35.79 -40.75
C4 NAG TA . -74.24 35.07 -40.81
C5 NAG TA . -74.44 33.57 -41.00
C6 NAG TA . -73.15 32.79 -40.97
C7 NAG TA . -78.70 35.85 -40.59
C8 NAG TA . -79.96 36.60 -40.26
N2 NAG TA . -77.78 35.81 -39.62
O3 NAG TA . -75.38 37.17 -40.45
O4 NAG TA . -73.47 35.57 -41.90
O5 NAG TA . -75.27 33.05 -39.94
O6 NAG TA . -73.08 31.93 -39.83
O7 NAG TA . -78.54 35.32 -41.68
C1 NAG UA . -79.25 18.52 -39.39
C2 NAG UA . -79.06 17.05 -39.81
C3 NAG UA . -77.64 16.83 -40.32
C4 NAG UA . -77.30 17.83 -41.43
C5 NAG UA . -77.54 19.25 -40.95
C6 NAG UA . -77.35 20.28 -42.03
C7 NAG UA . -80.51 15.48 -38.61
C8 NAG UA . -80.65 14.58 -37.42
N2 NAG UA . -79.36 16.15 -38.71
O3 NAG UA . -77.52 15.50 -40.82
O4 NAG UA . -75.94 17.68 -41.82
O5 NAG UA . -78.89 19.39 -40.48
O6 NAG UA . -77.82 19.82 -43.29
O7 NAG UA . -81.40 15.58 -39.46
C1 NAG VA . 30.40 0.64 -27.82
C2 NAG VA . 30.39 0.22 -29.30
C3 NAG VA . 31.71 -0.44 -29.69
C4 NAG VA . 32.89 0.44 -29.30
C5 NAG VA . 32.80 0.81 -27.82
C6 NAG VA . 33.90 1.78 -27.40
C7 NAG VA . 28.96 -1.81 -29.14
C8 NAG VA . 27.71 -2.46 -29.67
N2 NAG VA . 29.24 -0.60 -29.65
O3 NAG VA . 31.73 -0.69 -31.09
O4 NAG VA . 34.11 -0.26 -29.54
O5 NAG VA . 31.56 1.47 -27.56
O6 NAG VA . 33.75 3.04 -28.03
O7 NAG VA . 29.66 -2.37 -28.29
C1 NAG WA . -41.22 -38.09 -18.46
C2 NAG WA . -42.42 -37.30 -18.98
C3 NAG WA . -43.71 -38.05 -18.69
C4 NAG WA . -43.65 -39.47 -19.24
C5 NAG WA . -42.40 -40.18 -18.70
C6 NAG WA . -42.20 -41.56 -19.30
C7 NAG WA . -42.50 -34.85 -19.13
C8 NAG WA . -42.53 -33.56 -18.37
N2 NAG WA . -42.46 -35.97 -18.41
O3 NAG WA . -44.81 -37.36 -19.29
O4 NAG WA . -44.81 -40.20 -18.84
O5 NAG WA . -41.23 -39.41 -19.02
O6 NAG WA . -43.14 -41.83 -20.32
O7 NAG WA . -42.49 -34.88 -20.36
C1 NAG XA . -52.62 -15.37 -30.61
C2 NAG XA . -53.99 -15.49 -31.25
C3 NAG XA . -54.80 -14.22 -31.05
C4 NAG XA . -54.87 -13.86 -29.57
C5 NAG XA . -53.47 -13.80 -28.98
C6 NAG XA . -53.45 -13.57 -27.48
C7 NAG XA . -54.01 -17.02 -33.18
C8 NAG XA . -53.86 -17.15 -34.66
N2 NAG XA . -53.87 -15.79 -32.68
O3 NAG XA . -56.11 -14.38 -31.56
O4 NAG XA . -55.50 -12.60 -29.40
O5 NAG XA . -52.78 -15.04 -29.21
O6 NAG XA . -54.63 -14.10 -26.87
O7 NAG XA . -54.27 -17.99 -32.47
#